data_6OPO
#
_entry.id   6OPO
#
loop_
_entity.id
_entity.type
_entity.pdbx_description
1 polymer 'Envelope glycoprotein gp160'
2 polymer '17b Fab light chain'
3 polymer 'Envelope glycoprotein gp41'
4 polymer 'T-cell surface glycoprotein CD4'
5 polymer '17b Fab heavy chain'
6 branched 2-acetamido-2-deoxy-beta-D-glucopyranose-(1-4)-2-acetamido-2-deoxy-beta-D-glucopyranose
7 branched alpha-D-mannopyranose-(1-2)-alpha-D-mannopyranose-(1-3)-beta-D-mannopyranose-(1-4)-2-acetamido-2-deoxy-beta-D-glucopyranose-(1-4)-2-acetamido-2-deoxy-beta-D-glucopyranose
8 branched beta-D-mannopyranose-(1-4)-2-acetamido-2-deoxy-beta-D-glucopyranose-(1-4)-2-acetamido-2-deoxy-beta-D-glucopyranose
9 non-polymer 2-acetamido-2-deoxy-beta-D-glucopyranose
10 non-polymer DODECYL-BETA-D-MALTOSIDE
#
loop_
_entity_poly.entity_id
_entity_poly.type
_entity_poly.pdbx_seq_one_letter_code
_entity_poly.pdbx_strand_id
1 'polypeptide(L)'
;MDAMKRGLCCVLLLCGAVFVSPSQEIHARFRRGARAAKKWVTVYYGVPVWKEATTTLFCASDAKAYDTEVHNVWATHACV
PTDPNPQEIVLGNVTENFNMWKNNMVEQMHEDIISLWDQSLKPCVKLTPLCVTLNCNNVNTNNTNNSTNATISDWEKMET
GEMKNCSFNVTTSIRDKIKKEYALFYKLDVVPLENKNNINNTNITNYRLINCNTSVITQACPKVSFEPIPIHYCAPAGFA
ILKCNSKTFNGSGPCTNVSTVQCTHGIRPVVSTQLLLNGSLAEEEIVIRSENITDNAKTIIVQLNEAVEINCTRPNNNTR
KSIHIGPGRAFYATGDIIGNIRQAHCNISKARWNETLGQIVAKLEEQFPNKTIIFNHSSGGDPEIVTHSFNCGGEFFYCN
TTPLFNSTWNNTRTDDYPTGGEQNITLQCRIKQIINMWQGVGKAMYAPPIRGQIRCSSNITGLLLTRDGGRDQNGTETFR
PGGGNMRDNWRSELYKYKVVKIEPLGIAPTACKRRVVQRRRRRR
;
A,D,J
2 'polypeptide(L)'
;ELELTQSPATLSVSPGERATLSCRASESVSSDLAWYQQKPGQAPRLLIYGASTRATGVPARFSGSGSGAEFTLTISSLQS
EDFAVYYCQQYNNWPPRYTFGQGTRLEIKRTVAAPSVFIFPPSDEQLKSGTASVVCLLNNFYPREAKVQWKVDNALQSGN
SQESVTEQDSKDSTYSLSSTLTLSKADYEKHKVYACEVTHQGLSSPVTKSFNRG
;
L,E,K
3 'polypeptide(L)'
;AVGLGAFILGFLGAAGSTMGAASMALTVQARLLLSGIVQQQNNLLRAPEAQQHMLQLTVWGIKQLQARVLAVERYLRDQQ
LLGIWGCSGKIICCTNVPWNDSWSNKTINEIWDNMTWMQWEKEIDNYTQHIYTLLEVSQIQQEKNEQELLELD
;
B,F,M
4 'polypeptide(L)'
;METDTLLLWVLLLWVPGSTGKKVVLGKKGDTVELTCTASQKKSIQFHWKNSNQIKILGNQGSFLTKGPSKLNDRADSRRS
LWDQGNFPLIIKNLKIEDSDTYICEVEDQKEEVQLLVFGLTANSDTHLLQGQSLTLTLESPPGSSPSVQCRSPRGKNIQG
GKTLSVSQLELQDSGTWTCTVLQNQKKVEFKIDIVVLAGGSGHHHHHH
;
C,G,N
5 'polypeptide(L)'
;QVQLLESGAEVKKPGSSVKVSCKASGDTFIRYSFTWVRQAPGQGLEWMGRIITILDVAHYAPHLQGRVTITADKSTSTVY
LELRNLRSDDTAVYFCAGVYEGEADEGEYDNNGFLKHWGQGTLVTVTSASTKGPSVFPLAPSSKSTSGGTAALGCLVKDY
FPEPVTVSWNSGALTSGVHTFPAVLQSSGLYSLSSVVTVPSSSLGTQTYICNVNHKPSNTKVDKKVEPK
;
H,I,O
#
# COMPACT_ATOMS: atom_id res chain seq x y z
N ALA A 37 -32.98 -40.18 38.02
CA ALA A 37 -33.51 -41.07 36.98
C ALA A 37 -34.41 -40.28 36.06
N LYS A 38 -34.63 -39.05 36.42
CA LYS A 38 -35.44 -38.16 35.62
C LYS A 38 -34.57 -37.52 34.58
N LYS A 39 -35.15 -37.17 33.45
CA LYS A 39 -34.42 -36.46 32.45
C LYS A 39 -34.59 -34.97 32.75
N TRP A 40 -33.49 -34.22 32.73
CA TRP A 40 -33.47 -32.78 33.03
C TRP A 40 -32.96 -31.98 31.84
N VAL A 41 -33.37 -30.73 31.71
CA VAL A 41 -32.91 -29.91 30.60
C VAL A 41 -31.50 -29.33 30.79
N THR A 42 -30.61 -29.55 29.83
CA THR A 42 -29.28 -28.97 29.90
C THR A 42 -28.92 -28.07 28.76
N VAL A 43 -28.45 -26.90 29.13
CA VAL A 43 -28.02 -25.90 28.18
C VAL A 43 -26.53 -26.07 27.86
N TYR A 44 -26.22 -26.17 26.57
CA TYR A 44 -24.85 -26.32 26.10
C TYR A 44 -24.45 -25.20 25.18
N TYR A 45 -23.24 -24.68 25.34
CA TYR A 45 -22.81 -23.63 24.45
C TYR A 45 -21.58 -24.06 23.68
N GLY A 46 -21.59 -23.86 22.37
CA GLY A 46 -20.47 -24.26 21.53
C GLY A 46 -20.83 -25.49 20.73
N VAL A 47 -22.13 -25.70 20.59
CA VAL A 47 -22.69 -26.81 19.86
C VAL A 47 -22.45 -26.64 18.37
N PRO A 48 -21.86 -27.60 17.65
CA PRO A 48 -21.50 -27.50 16.24
C PRO A 48 -22.68 -27.63 15.29
N VAL A 49 -23.58 -26.69 15.36
CA VAL A 49 -24.79 -26.63 14.57
C VAL A 49 -24.92 -25.36 13.78
N TRP A 50 -25.28 -25.51 12.51
CA TRP A 50 -25.47 -24.39 11.64
C TRP A 50 -26.81 -24.41 10.95
N LYS A 51 -27.23 -23.22 10.55
CA LYS A 51 -28.47 -22.99 9.85
C LYS A 51 -28.25 -22.17 8.60
N GLU A 52 -29.16 -22.29 7.66
CA GLU A 52 -29.09 -21.50 6.45
C GLU A 52 -29.18 -20.03 6.75
N ALA A 53 -28.42 -19.24 6.05
CA ALA A 53 -28.50 -17.82 6.29
C ALA A 53 -28.24 -17.03 5.05
N THR A 54 -28.78 -15.82 5.01
CA THR A 54 -28.51 -14.96 3.89
C THR A 54 -27.79 -13.73 4.35
N THR A 55 -26.64 -13.52 3.79
CA THR A 55 -25.86 -12.35 4.12
C THR A 55 -25.33 -11.80 2.85
N THR A 56 -24.69 -10.66 2.94
CA THR A 56 -24.07 -10.06 1.76
C THR A 56 -22.65 -10.56 1.66
N LEU A 57 -22.32 -11.10 0.52
CA LEU A 57 -20.99 -11.62 0.29
C LEU A 57 -20.12 -10.56 -0.31
N PHE A 58 -18.83 -10.67 -0.12
CA PHE A 58 -17.95 -9.72 -0.74
C PHE A 58 -17.23 -10.49 -1.78
N CYS A 59 -16.36 -9.85 -2.52
CA CYS A 59 -15.71 -10.60 -3.57
C CYS A 59 -14.25 -10.27 -3.66
N ALA A 60 -13.53 -11.16 -4.33
CA ALA A 60 -12.14 -11.01 -4.57
C ALA A 60 -11.79 -11.43 -5.98
N SER A 61 -10.79 -10.80 -6.56
CA SER A 61 -10.38 -11.21 -7.88
C SER A 61 -8.96 -10.81 -8.20
N ASP A 62 -8.35 -11.50 -9.15
CA ASP A 62 -7.01 -11.13 -9.59
C ASP A 62 -7.07 -10.05 -10.66
N ALA A 63 -7.50 -8.87 -10.25
CA ALA A 63 -7.58 -7.74 -11.14
C ALA A 63 -6.23 -7.08 -11.21
N LYS A 64 -5.92 -6.46 -12.33
CA LYS A 64 -4.64 -5.76 -12.44
C LYS A 64 -4.82 -4.27 -12.22
N ALA A 65 -6.01 -3.78 -12.56
CA ALA A 65 -6.44 -2.40 -12.42
C ALA A 65 -5.73 -1.35 -13.27
N TYR A 66 -4.89 -1.75 -14.20
CA TYR A 66 -4.23 -0.79 -15.08
C TYR A 66 -4.45 -1.10 -16.55
N ASP A 67 -5.27 -2.10 -16.84
CA ASP A 67 -5.48 -2.51 -18.22
C ASP A 67 -6.55 -1.75 -18.96
N THR A 68 -7.30 -0.89 -18.26
CA THR A 68 -8.41 -0.04 -18.76
C THR A 68 -9.67 -0.83 -19.16
N GLU A 69 -9.52 -2.12 -19.27
CA GLU A 69 -10.55 -3.08 -19.59
C GLU A 69 -11.61 -3.01 -18.51
N VAL A 70 -12.87 -3.16 -18.92
CA VAL A 70 -13.97 -3.01 -18.00
C VAL A 70 -13.98 -3.85 -16.75
N HIS A 71 -13.66 -5.13 -16.84
CA HIS A 71 -13.76 -5.91 -15.65
C HIS A 71 -12.63 -5.57 -14.70
N ASN A 72 -11.46 -5.25 -15.24
CA ASN A 72 -10.37 -4.86 -14.34
C ASN A 72 -10.68 -3.55 -13.67
N VAL A 73 -11.34 -2.64 -14.39
CA VAL A 73 -11.68 -1.37 -13.79
C VAL A 73 -12.76 -1.55 -12.74
N TRP A 74 -13.78 -2.33 -13.03
CA TRP A 74 -14.82 -2.57 -12.06
C TRP A 74 -14.27 -3.25 -10.84
N ALA A 75 -13.51 -4.32 -11.05
CA ALA A 75 -12.97 -5.11 -9.97
C ALA A 75 -12.10 -4.28 -9.08
N THR A 76 -11.37 -3.32 -9.65
CA THR A 76 -10.49 -2.47 -8.87
C THR A 76 -11.19 -1.87 -7.66
N HIS A 77 -12.45 -1.45 -7.81
CA HIS A 77 -13.14 -0.80 -6.73
C HIS A 77 -14.35 -1.60 -6.26
N ALA A 78 -14.37 -2.89 -6.57
CA ALA A 78 -15.46 -3.75 -6.17
C ALA A 78 -14.97 -4.92 -5.34
N CYS A 79 -13.89 -5.55 -5.79
CA CYS A 79 -13.36 -6.75 -5.21
C CYS A 79 -12.00 -6.53 -4.60
N VAL A 80 -11.64 -7.37 -3.65
CA VAL A 80 -10.34 -7.29 -3.00
C VAL A 80 -9.41 -8.29 -3.70
N PRO A 81 -8.09 -8.29 -3.45
CA PRO A 81 -7.16 -9.28 -3.93
C PRO A 81 -7.58 -10.62 -3.38
N THR A 82 -7.27 -11.71 -4.05
CA THR A 82 -7.68 -13.01 -3.55
C THR A 82 -6.85 -13.46 -2.38
N ASP A 83 -7.36 -14.45 -1.67
CA ASP A 83 -6.71 -15.01 -0.49
C ASP A 83 -5.42 -15.70 -0.90
N PRO A 84 -4.25 -15.27 -0.41
CA PRO A 84 -2.94 -15.81 -0.76
C PRO A 84 -2.75 -17.24 -0.26
N ASN A 85 -3.57 -17.68 0.69
CA ASN A 85 -3.45 -19.01 1.25
C ASN A 85 -4.79 -19.54 1.73
N PRO A 86 -5.70 -19.89 0.82
CA PRO A 86 -7.05 -20.31 1.12
C PRO A 86 -6.97 -21.66 1.77
N GLN A 87 -7.96 -22.00 2.58
CA GLN A 87 -8.02 -23.30 3.23
C GLN A 87 -9.40 -23.92 3.10
N GLU A 88 -9.42 -25.24 3.10
CA GLU A 88 -10.65 -26.00 3.03
C GLU A 88 -10.66 -27.13 4.03
N ILE A 89 -11.72 -27.23 4.80
CA ILE A 89 -11.79 -28.30 5.79
C ILE A 89 -12.91 -29.28 5.54
N VAL A 90 -12.55 -30.55 5.40
CA VAL A 90 -13.56 -31.56 5.13
C VAL A 90 -14.24 -31.97 6.42
N LEU A 91 -15.57 -32.01 6.41
CA LEU A 91 -16.30 -32.40 7.60
C LEU A 91 -16.65 -33.88 7.51
N GLY A 92 -16.10 -34.68 8.39
CA GLY A 92 -16.38 -36.09 8.22
C GLY A 92 -17.81 -36.43 8.57
N ASN A 93 -18.39 -37.35 7.82
CA ASN A 93 -19.73 -37.87 8.06
C ASN A 93 -20.79 -36.79 8.25
N VAL A 94 -20.77 -35.77 7.40
CA VAL A 94 -21.78 -34.74 7.43
C VAL A 94 -22.62 -34.78 6.19
N THR A 95 -23.92 -34.90 6.36
CA THR A 95 -24.83 -34.90 5.23
C THR A 95 -25.55 -33.58 5.25
N GLU A 96 -25.54 -32.89 4.12
CA GLU A 96 -26.15 -31.58 4.02
C GLU A 96 -27.07 -31.45 2.82
N ASN A 97 -28.24 -30.90 3.01
CA ASN A 97 -29.16 -30.71 1.89
C ASN A 97 -28.90 -29.43 1.12
N PHE A 98 -28.54 -29.60 -0.13
CA PHE A 98 -28.23 -28.45 -0.97
C PHE A 98 -29.34 -28.28 -1.98
N ASN A 99 -29.64 -27.05 -2.36
CA ASN A 99 -30.65 -26.82 -3.39
C ASN A 99 -30.24 -25.65 -4.23
N MET A 100 -29.76 -25.94 -5.44
CA MET A 100 -29.22 -24.91 -6.29
C MET A 100 -30.27 -23.96 -6.81
N TRP A 101 -31.54 -24.34 -6.74
CA TRP A 101 -32.57 -23.48 -7.29
C TRP A 101 -33.16 -22.54 -6.26
N LYS A 102 -32.68 -22.62 -5.02
CA LYS A 102 -33.14 -21.78 -3.92
C LYS A 102 -31.95 -21.07 -3.29
N ASN A 103 -30.86 -21.02 -4.03
CA ASN A 103 -29.61 -20.48 -3.55
C ASN A 103 -29.51 -18.97 -3.72
N ASN A 104 -29.51 -18.22 -2.62
CA ASN A 104 -29.52 -16.75 -2.68
C ASN A 104 -28.20 -16.15 -3.14
N MET A 105 -27.16 -16.95 -3.26
CA MET A 105 -25.87 -16.45 -3.71
C MET A 105 -26.01 -16.00 -5.16
N VAL A 106 -27.01 -16.56 -5.83
CA VAL A 106 -27.32 -16.27 -7.19
C VAL A 106 -27.82 -14.87 -7.32
N GLU A 107 -28.64 -14.42 -6.38
CA GLU A 107 -29.22 -13.11 -6.50
C GLU A 107 -28.15 -12.09 -6.36
N GLN A 108 -27.19 -12.34 -5.48
CA GLN A 108 -26.16 -11.35 -5.34
C GLN A 108 -25.29 -11.32 -6.56
N MET A 109 -24.98 -12.47 -7.16
CA MET A 109 -24.15 -12.38 -8.32
C MET A 109 -24.89 -11.69 -9.45
N HIS A 110 -26.20 -11.93 -9.55
CA HIS A 110 -27.00 -11.32 -10.58
C HIS A 110 -26.94 -9.81 -10.44
N GLU A 111 -27.13 -9.31 -9.23
CA GLU A 111 -27.09 -7.87 -9.06
C GLU A 111 -25.71 -7.28 -9.29
N ASP A 112 -24.64 -7.97 -8.89
CA ASP A 112 -23.33 -7.40 -9.10
C ASP A 112 -23.01 -7.27 -10.58
N ILE A 113 -23.41 -8.26 -11.37
CA ILE A 113 -23.13 -8.22 -12.78
C ILE A 113 -23.97 -7.17 -13.45
N ILE A 114 -25.22 -7.00 -13.06
CA ILE A 114 -25.96 -5.95 -13.70
C ILE A 114 -25.28 -4.62 -13.46
N SER A 115 -24.83 -4.35 -12.23
CA SER A 115 -24.17 -3.08 -12.01
C SER A 115 -22.90 -2.97 -12.84
N LEU A 116 -22.15 -4.06 -12.96
CA LEU A 116 -20.92 -4.04 -13.74
C LEU A 116 -21.22 -3.61 -15.15
N TRP A 117 -22.25 -4.20 -15.75
CA TRP A 117 -22.61 -3.84 -17.11
C TRP A 117 -23.13 -2.41 -17.24
N ASP A 118 -23.98 -1.97 -16.33
CA ASP A 118 -24.55 -0.62 -16.46
C ASP A 118 -23.52 0.48 -16.28
N GLN A 119 -22.45 0.18 -15.54
CA GLN A 119 -21.35 1.11 -15.31
C GLN A 119 -20.30 1.08 -16.41
N SER A 120 -20.50 0.22 -17.41
CA SER A 120 -19.51 0.01 -18.45
C SER A 120 -20.04 0.04 -19.87
N LEU A 121 -20.78 -0.99 -20.24
CA LEU A 121 -21.25 -1.09 -21.62
C LEU A 121 -22.51 -0.28 -21.78
N LYS A 122 -22.31 1.01 -21.79
CA LYS A 122 -23.40 1.95 -21.87
C LYS A 122 -23.90 2.08 -23.30
N PRO A 123 -25.20 1.94 -23.54
CA PRO A 123 -25.85 2.10 -24.82
C PRO A 123 -25.95 3.55 -25.13
N CYS A 124 -26.06 3.85 -26.39
CA CYS A 124 -26.29 5.21 -26.84
C CYS A 124 -27.70 5.64 -26.53
N VAL A 125 -28.64 4.74 -26.78
CA VAL A 125 -30.03 5.00 -26.45
C VAL A 125 -30.58 3.88 -25.60
N LYS A 126 -31.08 4.20 -24.42
CA LYS A 126 -31.66 3.18 -23.56
C LYS A 126 -33.13 3.49 -23.40
N LEU A 127 -33.97 2.61 -23.90
CA LEU A 127 -35.40 2.84 -23.89
C LEU A 127 -36.12 1.79 -23.07
N THR A 128 -36.76 2.21 -21.96
CA THR A 128 -37.46 1.25 -21.11
C THR A 128 -38.88 1.71 -20.84
N PRO A 129 -39.85 0.82 -20.59
CA PRO A 129 -41.20 1.16 -20.22
C PRO A 129 -41.26 1.67 -18.81
N LEU A 130 -42.24 2.53 -18.55
CA LEU A 130 -42.55 3.01 -17.22
C LEU A 130 -44.05 3.04 -17.00
N CYS A 131 -44.53 2.15 -16.14
CA CYS A 131 -45.96 2.00 -15.92
C CYS A 131 -46.35 2.48 -14.55
N CYS A 212 -48.10 3.15 -19.15
CA CYS A 212 -46.88 2.55 -19.68
C CYS A 212 -46.27 3.40 -20.77
N ASN A 213 -45.57 4.44 -20.34
CA ASN A 213 -44.90 5.39 -21.20
C ASN A 213 -43.45 4.95 -21.33
N THR A 214 -42.64 5.65 -22.08
CA THR A 214 -41.25 5.24 -22.14
C THR A 214 -40.31 6.26 -21.57
N SER A 215 -39.30 5.75 -20.89
CA SER A 215 -38.24 6.54 -20.31
C SER A 215 -37.01 6.39 -21.18
N VAL A 216 -36.49 7.49 -21.69
CA VAL A 216 -35.36 7.40 -22.60
C VAL A 216 -34.12 8.17 -22.18
N ILE A 217 -33.01 7.45 -22.18
CA ILE A 217 -31.72 8.01 -21.87
C ILE A 217 -30.82 8.07 -23.08
N THR A 218 -30.28 9.25 -23.37
CA THR A 218 -29.34 9.38 -24.48
C THR A 218 -27.97 9.71 -23.89
N GLN A 219 -26.97 8.94 -24.24
CA GLN A 219 -25.63 9.13 -23.70
C GLN A 219 -24.58 8.59 -24.65
N ALA A 220 -23.30 8.93 -24.46
CA ALA A 220 -22.21 8.45 -25.31
C ALA A 220 -21.93 6.96 -25.21
N CYS A 221 -21.47 6.40 -26.34
CA CYS A 221 -21.01 5.02 -26.44
C CYS A 221 -19.53 4.90 -26.76
N PRO A 222 -18.61 5.12 -25.83
CA PRO A 222 -17.21 4.95 -26.11
C PRO A 222 -17.04 3.47 -26.27
N LYS A 223 -16.09 3.03 -27.06
CA LYS A 223 -15.86 1.61 -27.11
C LYS A 223 -14.88 1.27 -26.03
N VAL A 224 -15.08 0.14 -25.39
CA VAL A 224 -14.18 -0.27 -24.34
C VAL A 224 -13.75 -1.70 -24.54
N SER A 225 -12.62 -2.07 -23.98
CA SER A 225 -12.22 -3.46 -24.00
C SER A 225 -13.13 -4.19 -23.03
N PHE A 226 -13.54 -5.41 -23.39
CA PHE A 226 -14.44 -6.13 -22.50
C PHE A 226 -14.20 -7.63 -22.53
N GLU A 227 -13.62 -8.11 -21.43
CA GLU A 227 -13.24 -9.50 -21.20
C GLU A 227 -13.39 -9.87 -19.71
N PRO A 228 -14.07 -10.96 -19.33
CA PRO A 228 -14.31 -11.35 -17.94
C PRO A 228 -13.09 -11.80 -17.14
N ILE A 229 -13.16 -11.55 -15.83
CA ILE A 229 -12.19 -11.95 -14.82
C ILE A 229 -12.93 -12.86 -13.88
N PRO A 230 -12.44 -14.04 -13.52
CA PRO A 230 -13.14 -14.88 -12.61
C PRO A 230 -13.26 -14.19 -11.27
N ILE A 231 -14.46 -14.14 -10.73
CA ILE A 231 -14.70 -13.49 -9.44
C ILE A 231 -14.99 -14.50 -8.35
N HIS A 232 -14.31 -14.38 -7.23
CA HIS A 232 -14.52 -15.29 -6.11
C HIS A 232 -15.46 -14.66 -5.12
N TYR A 233 -16.49 -15.36 -4.66
CA TYR A 233 -17.34 -14.78 -3.64
C TYR A 233 -16.90 -15.27 -2.30
N CYS A 234 -16.83 -14.36 -1.34
CA CYS A 234 -16.32 -14.72 -0.02
C CYS A 234 -17.27 -14.37 1.12
N ALA A 235 -17.35 -15.27 2.10
CA ALA A 235 -18.18 -15.01 3.26
C ALA A 235 -17.59 -13.93 4.17
N PRO A 236 -18.42 -13.03 4.71
CA PRO A 236 -18.07 -12.01 5.67
C PRO A 236 -17.88 -12.66 7.02
N ALA A 237 -17.25 -11.95 7.94
CA ALA A 237 -17.08 -12.48 9.28
C ALA A 237 -18.40 -12.90 9.87
N GLY A 238 -18.40 -14.07 10.50
CA GLY A 238 -19.57 -14.64 11.14
C GLY A 238 -20.25 -15.68 10.25
N PHE A 239 -19.86 -15.76 8.99
CA PHE A 239 -20.45 -16.70 8.05
C PHE A 239 -19.45 -17.63 7.41
N ALA A 240 -19.95 -18.76 6.93
CA ALA A 240 -19.10 -19.73 6.25
C ALA A 240 -19.82 -20.33 5.07
N ILE A 241 -19.06 -20.82 4.10
CA ILE A 241 -19.67 -21.45 2.95
C ILE A 241 -19.42 -22.93 2.90
N LEU A 242 -20.48 -23.70 2.78
CA LEU A 242 -20.31 -25.11 2.68
C LEU A 242 -20.29 -25.48 1.22
N LYS A 243 -19.38 -26.36 0.88
CA LYS A 243 -19.23 -26.80 -0.48
C LYS A 243 -19.52 -28.27 -0.64
N CYS A 244 -20.33 -28.61 -1.63
CA CYS A 244 -20.62 -30.00 -1.89
C CYS A 244 -19.58 -30.57 -2.83
N ASN A 245 -18.87 -31.60 -2.37
CA ASN A 245 -17.80 -32.15 -3.16
C ASN A 245 -18.15 -33.43 -3.90
N SER A 246 -19.40 -33.81 -3.89
CA SER A 246 -19.79 -34.99 -4.63
C SER A 246 -19.65 -34.71 -6.11
N LYS A 247 -19.20 -35.69 -6.87
CA LYS A 247 -19.01 -35.52 -8.31
C LYS A 247 -20.27 -35.80 -9.10
N THR A 248 -21.28 -36.30 -8.40
CA THR A 248 -22.55 -36.67 -9.00
C THR A 248 -23.70 -35.85 -8.45
N PHE A 249 -23.39 -34.78 -7.75
CA PHE A 249 -24.46 -33.98 -7.15
C PHE A 249 -25.36 -33.41 -8.22
N ASN A 250 -26.68 -33.64 -8.05
CA ASN A 250 -27.67 -33.29 -9.04
C ASN A 250 -28.36 -31.95 -8.82
N GLY A 251 -27.95 -31.20 -7.82
CA GLY A 251 -28.54 -29.90 -7.57
C GLY A 251 -29.60 -29.83 -6.49
N SER A 252 -30.20 -30.94 -6.06
CA SER A 252 -31.20 -30.80 -4.98
C SER A 252 -31.17 -31.89 -3.91
N GLY A 253 -30.35 -32.91 -4.10
CA GLY A 253 -30.32 -33.98 -3.11
C GLY A 253 -29.38 -33.64 -1.96
N PRO A 254 -29.18 -34.58 -1.04
CA PRO A 254 -28.27 -34.49 0.05
C PRO A 254 -26.89 -34.63 -0.53
N CYS A 255 -25.92 -34.03 0.09
CA CYS A 255 -24.54 -34.19 -0.29
C CYS A 255 -23.83 -34.83 0.87
N THR A 256 -23.12 -35.92 0.62
CA THR A 256 -22.48 -36.66 1.71
C THR A 256 -21.00 -36.37 1.90
N ASN A 257 -20.47 -35.47 1.10
CA ASN A 257 -19.08 -35.07 1.22
C ASN A 257 -19.04 -33.55 1.21
N VAL A 258 -18.99 -32.96 2.38
CA VAL A 258 -19.11 -31.53 2.52
C VAL A 258 -17.92 -30.92 3.20
N SER A 259 -17.39 -29.88 2.60
CA SER A 259 -16.25 -29.17 3.17
C SER A 259 -16.57 -27.71 3.40
N THR A 260 -15.83 -27.06 4.29
CA THR A 260 -16.04 -25.65 4.57
C THR A 260 -14.95 -24.76 4.01
N VAL A 261 -15.37 -23.72 3.30
CA VAL A 261 -14.46 -22.74 2.70
C VAL A 261 -14.90 -21.30 3.01
N GLN A 262 -13.99 -20.34 2.84
CA GLN A 262 -14.44 -18.95 2.93
C GLN A 262 -14.83 -18.42 1.56
N CYS A 263 -14.10 -18.83 0.53
CA CYS A 263 -14.34 -18.31 -0.81
C CYS A 263 -14.67 -19.39 -1.82
N THR A 264 -15.47 -19.03 -2.81
CA THR A 264 -15.84 -19.90 -3.91
C THR A 264 -14.73 -19.90 -4.92
N HIS A 265 -14.81 -20.79 -5.90
CA HIS A 265 -13.86 -20.77 -6.99
C HIS A 265 -14.17 -19.52 -7.77
N GLY A 266 -13.25 -19.08 -8.60
CA GLY A 266 -13.60 -17.87 -9.32
C GLY A 266 -14.53 -18.20 -10.46
N ILE A 267 -15.56 -17.38 -10.62
CA ILE A 267 -16.51 -17.55 -11.70
C ILE A 267 -16.45 -16.41 -12.68
N ARG A 268 -16.18 -16.70 -13.94
CA ARG A 268 -16.22 -15.65 -14.94
C ARG A 268 -17.67 -15.37 -15.28
N PRO A 269 -18.13 -14.11 -15.20
CA PRO A 269 -19.49 -13.72 -15.47
C PRO A 269 -19.77 -13.65 -16.94
N VAL A 270 -19.74 -14.76 -17.59
CA VAL A 270 -20.01 -14.75 -19.00
C VAL A 270 -21.50 -14.72 -19.19
N VAL A 271 -21.97 -13.80 -20.00
CA VAL A 271 -23.37 -13.66 -20.27
C VAL A 271 -23.67 -14.18 -21.66
N SER A 272 -24.44 -15.26 -21.74
CA SER A 272 -24.77 -15.91 -23.00
C SER A 272 -26.11 -16.63 -22.87
N THR A 273 -26.63 -17.07 -24.00
CA THR A 273 -27.85 -17.86 -24.07
C THR A 273 -27.54 -19.12 -24.84
N GLN A 274 -28.38 -20.16 -24.73
CA GLN A 274 -28.24 -21.45 -25.43
C GLN A 274 -27.02 -22.29 -25.01
N LEU A 275 -25.82 -21.76 -25.18
CA LEU A 275 -24.60 -22.45 -24.81
C LEU A 275 -23.85 -21.63 -23.78
N LEU A 276 -23.50 -22.30 -22.69
CA LEU A 276 -22.74 -21.68 -21.62
C LEU A 276 -21.31 -21.73 -22.01
N LEU A 277 -20.63 -20.61 -21.88
CA LEU A 277 -19.24 -20.55 -22.24
C LEU A 277 -18.36 -20.33 -21.04
N ASN A 278 -17.17 -20.88 -21.13
CA ASN A 278 -16.12 -20.80 -20.12
C ASN A 278 -16.63 -21.30 -18.77
N GLY A 279 -16.47 -20.57 -17.69
CA GLY A 279 -16.95 -21.16 -16.43
C GLY A 279 -16.19 -22.46 -16.14
N SER A 280 -16.90 -23.55 -15.79
CA SER A 280 -16.19 -24.80 -15.50
C SER A 280 -16.89 -26.09 -15.94
N LEU A 281 -16.07 -27.15 -16.01
CA LEU A 281 -16.45 -28.51 -16.40
C LEU A 281 -16.66 -29.45 -15.25
N ALA A 282 -17.49 -30.47 -15.50
CA ALA A 282 -17.79 -31.56 -14.57
C ALA A 282 -16.57 -32.44 -14.42
N GLU A 283 -16.42 -33.07 -13.25
CA GLU A 283 -15.25 -33.92 -12.99
C GLU A 283 -15.15 -35.23 -13.77
N GLU A 284 -16.26 -35.93 -13.95
CA GLU A 284 -16.20 -37.23 -14.61
C GLU A 284 -17.13 -37.45 -15.79
N GLU A 285 -18.38 -37.05 -15.63
CA GLU A 285 -19.43 -37.37 -16.58
C GLU A 285 -20.30 -36.18 -16.85
N ILE A 286 -21.04 -36.21 -17.93
CA ILE A 286 -21.96 -35.12 -18.15
C ILE A 286 -23.08 -35.25 -17.15
N VAL A 287 -23.36 -34.16 -16.44
CA VAL A 287 -24.40 -34.21 -15.44
C VAL A 287 -25.54 -33.31 -15.83
N ILE A 288 -26.73 -33.88 -15.86
CA ILE A 288 -27.89 -33.11 -16.24
C ILE A 288 -28.70 -32.74 -15.02
N ARG A 289 -28.86 -31.44 -14.78
CA ARG A 289 -29.54 -30.96 -13.59
C ARG A 289 -30.80 -30.17 -13.90
N SER A 290 -31.89 -30.51 -13.25
CA SER A 290 -33.15 -29.80 -13.42
C SER A 290 -34.00 -29.86 -12.18
N GLU A 291 -34.61 -28.74 -11.81
CA GLU A 291 -35.44 -28.68 -10.60
C GLU A 291 -36.52 -29.74 -10.66
N ASN A 292 -37.12 -29.88 -11.83
CA ASN A 292 -38.11 -30.90 -12.10
C ASN A 292 -37.93 -31.35 -13.54
N ILE A 293 -37.23 -32.46 -13.71
CA ILE A 293 -36.85 -32.94 -15.02
C ILE A 293 -38.06 -33.30 -15.88
N THR A 294 -39.24 -33.44 -15.26
CA THR A 294 -40.43 -33.77 -16.01
C THR A 294 -41.49 -32.65 -16.18
N ASP A 295 -41.29 -31.39 -15.73
CA ASP A 295 -42.46 -30.47 -15.91
C ASP A 295 -42.51 -29.62 -17.18
N ASN A 296 -41.51 -29.74 -18.04
CA ASN A 296 -41.42 -29.02 -19.31
C ASN A 296 -41.34 -27.50 -19.13
N ALA A 297 -41.05 -27.01 -17.93
CA ALA A 297 -40.99 -25.57 -17.71
C ALA A 297 -39.77 -25.17 -16.93
N LYS A 298 -38.73 -25.94 -17.04
CA LYS A 298 -37.49 -25.65 -16.37
C LYS A 298 -36.37 -25.77 -17.32
N THR A 299 -35.35 -24.96 -17.13
CA THR A 299 -34.17 -25.06 -17.93
C THR A 299 -33.38 -26.22 -17.42
N ILE A 300 -32.95 -27.07 -18.32
CA ILE A 300 -32.14 -28.20 -17.98
C ILE A 300 -30.71 -27.78 -18.19
N ILE A 301 -29.91 -27.86 -17.15
CA ILE A 301 -28.56 -27.44 -17.30
C ILE A 301 -27.68 -28.64 -17.47
N VAL A 302 -27.01 -28.70 -18.60
CA VAL A 302 -26.16 -29.83 -18.90
C VAL A 302 -24.73 -29.41 -18.73
N GLN A 303 -24.04 -29.98 -17.76
CA GLN A 303 -22.65 -29.61 -17.55
C GLN A 303 -21.76 -30.64 -18.18
N LEU A 304 -20.88 -30.19 -19.06
CA LEU A 304 -20.03 -31.12 -19.78
C LEU A 304 -18.80 -31.43 -18.97
N ASN A 305 -18.22 -32.60 -19.19
CA ASN A 305 -16.97 -33.03 -18.58
C ASN A 305 -15.76 -32.82 -19.50
N GLU A 306 -16.00 -32.18 -20.64
CA GLU A 306 -15.00 -31.85 -21.64
C GLU A 306 -15.50 -30.61 -22.36
N ALA A 307 -14.63 -29.64 -22.62
CA ALA A 307 -15.06 -28.45 -23.33
C ALA A 307 -15.01 -28.66 -24.82
N VAL A 308 -15.88 -27.96 -25.53
CA VAL A 308 -15.83 -27.96 -26.99
C VAL A 308 -15.43 -26.58 -27.46
N GLU A 309 -14.32 -26.45 -28.14
CA GLU A 309 -13.89 -25.12 -28.55
C GLU A 309 -14.75 -24.54 -29.63
N ILE A 310 -15.05 -23.25 -29.48
CA ILE A 310 -15.77 -22.47 -30.47
C ILE A 310 -14.95 -21.21 -30.79
N ASN A 311 -14.58 -21.06 -32.06
CA ASN A 311 -13.73 -19.94 -32.47
C ASN A 311 -14.49 -18.97 -33.36
N CYS A 312 -14.77 -17.78 -32.85
CA CYS A 312 -15.60 -16.82 -33.57
C CYS A 312 -14.79 -15.62 -34.05
N THR A 313 -15.01 -15.25 -35.30
CA THR A 313 -14.27 -14.11 -35.80
C THR A 313 -14.84 -13.38 -37.00
N ARG A 314 -14.41 -12.13 -37.10
CA ARG A 314 -14.63 -11.23 -38.21
C ARG A 314 -13.25 -10.67 -38.63
N PRO A 315 -12.51 -11.34 -39.53
CA PRO A 315 -11.09 -11.14 -39.79
C PRO A 315 -10.62 -9.95 -40.62
N ASN A 316 -11.07 -8.75 -40.27
CA ASN A 316 -10.57 -7.52 -40.91
C ASN A 316 -10.59 -7.51 -42.43
N ASN A 317 -11.66 -7.93 -43.06
CA ASN A 317 -11.67 -7.95 -44.51
C ASN A 317 -13.05 -7.63 -45.02
N ASN A 318 -13.78 -6.93 -44.20
CA ASN A 318 -15.15 -6.65 -44.45
C ASN A 318 -15.46 -5.34 -45.16
N THR A 319 -16.59 -5.33 -45.84
CA THR A 319 -17.15 -4.19 -46.55
C THR A 319 -18.46 -3.74 -45.95
N ARG A 320 -19.09 -2.78 -46.60
CA ARG A 320 -20.37 -2.27 -46.14
C ARG A 320 -21.41 -2.46 -47.22
N LYS A 321 -22.65 -2.68 -46.81
CA LYS A 321 -23.73 -2.84 -47.78
C LYS A 321 -24.82 -1.83 -47.51
N SER A 322 -25.40 -1.31 -48.58
CA SER A 322 -26.48 -0.34 -48.47
C SER A 322 -27.30 -0.30 -49.73
N ILE A 323 -28.44 0.39 -49.64
CA ILE A 323 -29.37 0.60 -50.74
C ILE A 323 -30.39 1.65 -50.32
N ASN A 340 -20.73 -7.96 -45.74
CA ASN A 340 -20.89 -6.74 -44.93
C ASN A 340 -19.95 -6.78 -43.75
N ILE A 341 -19.97 -5.71 -42.95
CA ILE A 341 -19.22 -5.62 -41.70
C ILE A 341 -19.92 -6.40 -40.64
N ARG A 342 -21.23 -6.41 -40.65
CA ARG A 342 -21.98 -7.14 -39.66
C ARG A 342 -22.15 -8.57 -40.14
N GLN A 343 -21.04 -9.26 -40.20
CA GLN A 343 -20.97 -10.62 -40.65
C GLN A 343 -19.75 -11.27 -40.06
N ALA A 344 -19.98 -12.36 -39.38
CA ALA A 344 -18.92 -13.09 -38.70
C ALA A 344 -19.27 -14.55 -38.70
N HIS A 345 -18.30 -15.39 -38.38
CA HIS A 345 -18.60 -16.80 -38.32
C HIS A 345 -17.94 -17.48 -37.15
N CYS A 346 -18.51 -18.61 -36.73
CA CYS A 346 -17.91 -19.40 -35.66
C CYS A 346 -17.66 -20.84 -36.06
N ASN A 347 -16.46 -21.32 -35.78
CA ASN A 347 -16.08 -22.69 -36.10
C ASN A 347 -16.05 -23.58 -34.88
N ILE A 348 -16.81 -24.67 -34.97
CA ILE A 348 -16.96 -25.68 -33.93
C ILE A 348 -16.41 -27.00 -34.39
N SER A 349 -15.57 -27.64 -33.58
CA SER A 349 -15.04 -28.92 -34.02
C SER A 349 -16.18 -29.89 -34.22
N LYS A 350 -16.27 -30.48 -35.42
CA LYS A 350 -17.38 -31.38 -35.66
C LYS A 350 -17.27 -32.62 -34.84
N ALA A 351 -16.07 -33.15 -34.76
CA ALA A 351 -15.92 -34.39 -34.03
C ALA A 351 -16.26 -34.20 -32.58
N ARG A 352 -15.84 -33.08 -31.99
CA ARG A 352 -16.13 -32.98 -30.59
C ARG A 352 -17.61 -32.76 -30.37
N TRP A 353 -18.26 -31.97 -31.23
CA TRP A 353 -19.66 -31.71 -31.03
C TRP A 353 -20.48 -32.99 -31.12
N ASN A 354 -20.20 -33.83 -32.12
CA ASN A 354 -21.01 -35.03 -32.26
C ASN A 354 -20.74 -35.99 -31.11
N GLU A 355 -19.49 -36.07 -30.64
CA GLU A 355 -19.21 -36.95 -29.52
C GLU A 355 -19.93 -36.47 -28.28
N THR A 356 -19.96 -35.14 -28.12
CA THR A 356 -20.60 -34.51 -26.99
C THR A 356 -22.07 -34.82 -26.98
N LEU A 357 -22.73 -34.73 -28.13
CA LEU A 357 -24.14 -35.05 -28.14
C LEU A 357 -24.32 -36.52 -27.84
N GLY A 358 -23.48 -37.40 -28.35
CA GLY A 358 -23.71 -38.80 -28.06
C GLY A 358 -23.70 -39.07 -26.56
N GLN A 359 -22.80 -38.42 -25.82
CA GLN A 359 -22.76 -38.59 -24.38
C GLN A 359 -24.00 -37.99 -23.70
N ILE A 360 -24.48 -36.84 -24.19
CA ILE A 360 -25.66 -36.20 -23.63
C ILE A 360 -26.85 -37.10 -23.85
N VAL A 361 -26.93 -37.66 -25.05
CA VAL A 361 -28.01 -38.54 -25.39
C VAL A 361 -28.00 -39.74 -24.51
N ALA A 362 -26.84 -40.32 -24.24
CA ALA A 362 -26.84 -41.48 -23.37
C ALA A 362 -27.47 -41.14 -22.01
N LYS A 363 -27.17 -39.95 -21.47
CA LYS A 363 -27.79 -39.62 -20.20
C LYS A 363 -29.29 -39.34 -20.35
N LEU A 364 -29.68 -38.71 -21.45
CA LEU A 364 -31.09 -38.44 -21.64
C LEU A 364 -31.84 -39.75 -21.84
N GLU A 365 -31.22 -40.71 -22.52
CA GLU A 365 -31.83 -42.01 -22.76
C GLU A 365 -32.10 -42.66 -21.42
N GLU A 366 -31.18 -42.57 -20.48
CA GLU A 366 -31.43 -43.20 -19.19
C GLU A 366 -32.65 -42.59 -18.53
N GLN A 367 -32.78 -41.26 -18.62
CA GLN A 367 -33.94 -40.58 -18.06
C GLN A 367 -35.25 -40.87 -18.80
N PHE A 368 -35.16 -41.04 -20.12
CA PHE A 368 -36.31 -41.28 -20.98
C PHE A 368 -36.07 -42.55 -21.83
N PRO A 369 -36.06 -43.75 -21.21
CA PRO A 369 -35.61 -45.03 -21.77
C PRO A 369 -36.37 -45.62 -22.94
N ASN A 370 -37.60 -45.20 -23.16
CA ASN A 370 -38.34 -45.78 -24.27
C ASN A 370 -38.58 -44.76 -25.37
N LYS A 371 -37.85 -43.65 -25.35
CA LYS A 371 -38.12 -42.63 -26.35
C LYS A 371 -36.92 -42.21 -27.18
N THR A 372 -37.25 -41.68 -28.35
CA THR A 372 -36.28 -41.14 -29.31
C THR A 372 -35.81 -39.78 -28.82
N ILE A 373 -34.50 -39.51 -28.90
CA ILE A 373 -34.04 -38.19 -28.48
C ILE A 373 -33.79 -37.31 -29.69
N ILE A 374 -34.51 -36.21 -29.77
CA ILE A 374 -34.39 -35.31 -30.91
C ILE A 374 -33.85 -33.96 -30.52
N PHE A 375 -32.81 -33.52 -31.19
CA PHE A 375 -32.31 -32.19 -30.95
C PHE A 375 -32.77 -31.33 -32.08
N ASN A 376 -33.46 -30.26 -31.73
CA ASN A 376 -34.02 -29.39 -32.74
C ASN A 376 -33.58 -27.95 -32.52
N HIS A 377 -33.90 -27.11 -33.47
CA HIS A 377 -33.60 -25.69 -33.38
C HIS A 377 -34.56 -25.05 -32.40
N SER A 378 -34.35 -23.79 -32.11
CA SER A 378 -35.17 -23.08 -31.14
C SER A 378 -36.59 -22.85 -31.65
N SER A 379 -37.54 -22.60 -30.73
CA SER A 379 -38.95 -22.47 -31.09
C SER A 379 -39.49 -21.10 -31.49
N GLY A 380 -38.76 -20.03 -31.21
CA GLY A 380 -39.27 -18.71 -31.53
C GLY A 380 -39.17 -17.78 -30.33
N GLY A 381 -39.42 -16.50 -30.58
CA GLY A 381 -39.32 -15.50 -29.53
C GLY A 381 -38.23 -14.51 -29.88
N ASP A 382 -37.85 -13.74 -28.89
CA ASP A 382 -36.87 -12.69 -29.05
C ASP A 382 -35.56 -13.29 -29.59
N PRO A 383 -34.83 -12.61 -30.49
CA PRO A 383 -33.59 -13.05 -31.10
C PRO A 383 -32.53 -13.54 -30.11
N GLU A 384 -32.49 -12.98 -28.92
CA GLU A 384 -31.52 -13.39 -27.91
C GLU A 384 -31.74 -14.82 -27.42
N ILE A 385 -32.92 -15.34 -27.64
CA ILE A 385 -33.27 -16.68 -27.25
C ILE A 385 -33.16 -17.58 -28.45
N VAL A 386 -33.65 -17.09 -29.57
CA VAL A 386 -33.70 -17.87 -30.79
C VAL A 386 -32.32 -18.22 -31.29
N THR A 387 -31.39 -17.26 -31.27
CA THR A 387 -30.01 -17.48 -31.69
C THR A 387 -29.13 -17.52 -30.47
N HIS A 388 -27.88 -17.90 -30.63
CA HIS A 388 -26.99 -17.84 -29.50
C HIS A 388 -26.65 -16.38 -29.38
N SER A 389 -25.89 -15.98 -28.37
CA SER A 389 -25.49 -14.58 -28.21
C SER A 389 -24.32 -14.53 -27.27
N PHE A 390 -23.45 -13.56 -27.44
CA PHE A 390 -22.33 -13.40 -26.50
C PHE A 390 -21.72 -12.06 -26.73
N ASN A 391 -20.82 -11.61 -25.88
CA ASN A 391 -20.24 -10.31 -26.15
C ASN A 391 -18.73 -10.23 -26.01
N CYS A 392 -18.09 -9.85 -27.10
CA CYS A 392 -16.64 -9.64 -27.15
C CYS A 392 -16.38 -8.16 -27.35
N GLY A 393 -15.77 -7.48 -26.40
CA GLY A 393 -15.71 -6.04 -26.64
C GLY A 393 -17.18 -5.59 -26.67
N GLY A 394 -17.59 -4.89 -27.72
CA GLY A 394 -18.96 -4.41 -27.87
C GLY A 394 -19.71 -5.18 -28.97
N GLU A 395 -19.17 -6.29 -29.41
CA GLU A 395 -19.72 -7.09 -30.49
C GLU A 395 -20.62 -8.18 -29.93
N PHE A 396 -21.91 -8.19 -30.28
CA PHE A 396 -22.85 -9.11 -29.63
C PHE A 396 -23.14 -10.49 -30.29
N PHE A 397 -22.53 -10.74 -31.43
CA PHE A 397 -22.62 -12.05 -32.08
C PHE A 397 -23.90 -12.87 -31.99
N TYR A 398 -24.91 -12.53 -32.73
CA TYR A 398 -26.10 -13.37 -32.70
C TYR A 398 -25.83 -14.49 -33.67
N CYS A 399 -25.79 -15.73 -33.19
CA CYS A 399 -25.38 -16.84 -34.06
C CYS A 399 -26.44 -17.90 -34.25
N ASN A 400 -26.57 -18.35 -35.47
CA ASN A 400 -27.54 -19.38 -35.82
C ASN A 400 -27.00 -20.77 -35.50
N THR A 401 -27.58 -21.41 -34.49
CA THR A 401 -27.16 -22.70 -33.95
C THR A 401 -27.91 -23.87 -34.54
N THR A 402 -28.71 -23.60 -35.55
CA THR A 402 -29.42 -24.68 -36.21
C THR A 402 -28.46 -25.81 -36.57
N PRO A 403 -27.24 -25.58 -37.15
CA PRO A 403 -26.27 -26.59 -37.53
C PRO A 403 -25.83 -27.50 -36.39
N LEU A 404 -26.06 -27.08 -35.15
CA LEU A 404 -25.66 -27.89 -34.03
C LEU A 404 -26.78 -28.78 -33.53
N PHE A 405 -28.03 -28.35 -33.73
CA PHE A 405 -29.17 -29.06 -33.18
C PHE A 405 -30.20 -29.39 -34.25
N ASN A 406 -29.89 -30.37 -35.08
CA ASN A 406 -30.77 -30.79 -36.15
C ASN A 406 -30.67 -32.29 -36.35
N SER A 407 -30.97 -33.07 -35.30
CA SER A 407 -30.75 -34.51 -35.43
C SER A 407 -31.61 -35.43 -34.58
N THR A 408 -31.83 -36.64 -35.10
CA THR A 408 -32.60 -37.64 -34.36
C THR A 408 -31.76 -38.82 -33.90
N TRP A 409 -31.73 -39.05 -32.60
CA TRP A 409 -30.89 -40.08 -32.03
C TRP A 409 -31.59 -41.37 -31.63
N ASN A 410 -31.08 -42.45 -32.20
CA ASN A 410 -31.51 -43.80 -31.94
C ASN A 410 -30.59 -44.42 -30.92
N ASN A 411 -31.08 -44.61 -29.71
CA ASN A 411 -30.23 -45.07 -28.64
C ASN A 411 -29.13 -44.01 -28.55
N THR A 412 -27.86 -44.36 -28.73
CA THR A 412 -26.80 -43.37 -28.62
C THR A 412 -26.05 -43.08 -29.92
N ARG A 413 -26.56 -43.55 -31.05
CA ARG A 413 -25.86 -43.31 -32.31
C ARG A 413 -26.80 -42.98 -33.44
N THR A 414 -26.41 -42.01 -34.25
CA THR A 414 -27.22 -41.65 -35.41
C THR A 414 -26.42 -41.02 -36.50
N ASP A 415 -27.13 -40.44 -37.44
CA ASP A 415 -26.57 -39.75 -38.57
C ASP A 415 -27.01 -38.28 -38.45
N ASP A 416 -27.41 -37.66 -39.55
CA ASP A 416 -27.80 -36.24 -39.62
C ASP A 416 -26.63 -35.27 -39.41
N TYR A 417 -25.42 -35.80 -39.31
CA TYR A 417 -24.18 -35.04 -39.28
C TYR A 417 -23.21 -35.81 -40.18
N PRO A 418 -23.42 -35.84 -41.52
CA PRO A 418 -22.76 -36.72 -42.47
C PRO A 418 -21.27 -36.61 -42.39
N THR A 419 -20.57 -37.73 -42.56
CA THR A 419 -19.12 -37.77 -42.50
C THR A 419 -18.48 -37.30 -43.80
N GLY A 420 -18.66 -36.02 -44.10
CA GLY A 420 -18.16 -35.38 -45.33
C GLY A 420 -16.65 -35.13 -45.32
N GLY A 421 -16.05 -35.13 -44.12
CA GLY A 421 -14.62 -34.88 -43.95
C GLY A 421 -14.24 -33.44 -43.63
N GLU A 422 -15.17 -32.49 -43.68
CA GLU A 422 -14.85 -31.09 -43.38
C GLU A 422 -14.38 -30.89 -41.95
N GLN A 423 -15.01 -31.61 -41.02
CA GLN A 423 -14.71 -31.57 -39.59
C GLN A 423 -14.91 -30.21 -38.92
N ASN A 424 -15.65 -29.33 -39.57
CA ASN A 424 -15.94 -28.00 -39.04
C ASN A 424 -17.39 -27.62 -39.20
N ILE A 425 -18.07 -27.44 -38.09
CA ILE A 425 -19.45 -27.00 -38.16
C ILE A 425 -19.33 -25.50 -38.10
N THR A 426 -19.95 -24.80 -39.03
CA THR A 426 -19.81 -23.37 -38.98
C THR A 426 -21.12 -22.69 -38.73
N LEU A 427 -21.09 -21.67 -37.89
CA LEU A 427 -22.28 -20.92 -37.61
C LEU A 427 -22.20 -19.57 -38.28
N GLN A 428 -23.31 -19.07 -38.76
CA GLN A 428 -23.36 -17.72 -39.30
C GLN A 428 -23.76 -16.75 -38.21
N CYS A 429 -22.97 -15.71 -38.01
CA CYS A 429 -23.23 -14.74 -36.96
C CYS A 429 -23.40 -13.31 -37.45
N ARG A 430 -24.22 -12.55 -36.74
CA ARG A 430 -24.37 -11.14 -37.05
C ARG A 430 -24.11 -10.27 -35.86
N ILE A 431 -23.67 -9.09 -36.12
CA ILE A 431 -23.47 -8.14 -35.07
C ILE A 431 -24.63 -7.21 -35.10
N LYS A 432 -25.30 -7.03 -33.99
CA LYS A 432 -26.45 -6.16 -33.98
C LYS A 432 -26.19 -4.93 -33.14
N GLN A 433 -26.89 -3.85 -33.46
CA GLN A 433 -26.78 -2.64 -32.68
C GLN A 433 -27.96 -2.43 -31.77
N ILE A 434 -29.14 -2.91 -32.15
CA ILE A 434 -30.30 -2.72 -31.28
C ILE A 434 -30.67 -4.04 -30.68
N ILE A 435 -30.55 -4.13 -29.37
CA ILE A 435 -30.74 -5.40 -28.72
C ILE A 435 -31.74 -5.33 -27.58
N ASN A 436 -32.30 -6.47 -27.20
CA ASN A 436 -33.16 -6.52 -26.03
C ASN A 436 -32.24 -6.71 -24.84
N MET A 437 -32.47 -5.98 -23.78
CA MET A 437 -31.61 -6.10 -22.62
C MET A 437 -31.92 -7.32 -21.79
N TRP A 438 -30.89 -7.95 -21.20
CA TRP A 438 -31.12 -9.09 -20.33
C TRP A 438 -31.40 -8.71 -18.89
N GLN A 439 -31.03 -7.50 -18.51
CA GLN A 439 -31.17 -7.03 -17.14
C GLN A 439 -32.53 -6.44 -16.79
N GLY A 440 -33.43 -6.37 -17.75
CA GLY A 440 -34.76 -5.81 -17.52
C GLY A 440 -35.49 -5.67 -18.83
N VAL A 441 -36.76 -5.30 -18.79
CA VAL A 441 -37.48 -5.15 -20.03
C VAL A 441 -37.09 -3.83 -20.65
N GLY A 442 -36.76 -3.85 -21.93
CA GLY A 442 -36.38 -2.64 -22.64
C GLY A 442 -35.41 -2.94 -23.77
N LYS A 443 -35.17 -1.93 -24.58
CA LYS A 443 -34.28 -2.04 -25.73
C LYS A 443 -33.16 -1.08 -25.62
N ALA A 444 -32.06 -1.40 -26.25
CA ALA A 444 -30.99 -0.45 -26.22
C ALA A 444 -30.18 -0.45 -27.50
N MET A 445 -29.72 0.72 -27.88
CA MET A 445 -28.88 0.85 -29.06
C MET A 445 -27.45 1.09 -28.70
N TYR A 446 -26.57 0.35 -29.35
CA TYR A 446 -25.14 0.49 -29.23
C TYR A 446 -24.54 0.99 -30.52
N ALA A 447 -23.43 1.67 -30.43
CA ALA A 447 -22.74 2.18 -31.59
C ALA A 447 -22.31 1.03 -32.52
N PRO A 448 -22.21 1.26 -33.86
CA PRO A 448 -21.79 0.33 -34.90
C PRO A 448 -20.40 -0.28 -34.64
N PRO A 449 -20.07 -1.43 -35.29
CA PRO A 449 -18.88 -2.28 -35.16
C PRO A 449 -17.54 -1.66 -35.48
N ILE A 450 -16.51 -2.26 -34.88
CA ILE A 450 -15.09 -1.97 -35.07
C ILE A 450 -14.63 -2.46 -36.45
N ARG A 451 -13.88 -1.63 -37.18
CA ARG A 451 -13.45 -1.94 -38.54
C ARG A 451 -12.31 -2.96 -38.72
N GLY A 452 -11.63 -3.33 -37.66
CA GLY A 452 -10.49 -4.25 -37.72
C GLY A 452 -10.93 -5.67 -37.42
N GLN A 453 -10.05 -6.48 -36.84
CA GLN A 453 -10.39 -7.87 -36.54
C GLN A 453 -10.92 -8.09 -35.16
N ILE A 454 -11.99 -8.86 -35.09
CA ILE A 454 -12.57 -9.31 -33.83
C ILE A 454 -12.37 -10.80 -33.71
N ARG A 455 -11.77 -11.21 -32.59
CA ARG A 455 -11.52 -12.62 -32.34
C ARG A 455 -11.96 -13.03 -30.95
N CYS A 456 -12.70 -14.13 -30.88
CA CYS A 456 -13.14 -14.67 -29.61
C CYS A 456 -12.79 -16.17 -29.62
N SER A 457 -12.27 -16.68 -28.52
CA SER A 457 -11.96 -18.11 -28.41
C SER A 457 -12.56 -18.63 -27.15
N SER A 458 -13.66 -19.35 -27.25
CA SER A 458 -14.37 -19.76 -26.05
C SER A 458 -14.52 -21.26 -25.90
N ASN A 459 -14.75 -21.67 -24.66
CA ASN A 459 -14.98 -23.07 -24.33
C ASN A 459 -16.45 -23.37 -24.10
N ILE A 460 -17.07 -24.21 -24.91
CA ILE A 460 -18.46 -24.51 -24.58
C ILE A 460 -18.34 -25.47 -23.44
N THR A 461 -18.93 -25.13 -22.30
CA THR A 461 -18.82 -25.97 -21.12
C THR A 461 -20.14 -26.54 -20.70
N GLY A 462 -21.23 -26.02 -21.26
CA GLY A 462 -22.52 -26.56 -20.92
C GLY A 462 -23.60 -26.06 -21.82
N LEU A 463 -24.72 -26.72 -21.77
CA LEU A 463 -25.87 -26.38 -22.59
C LEU A 463 -27.09 -26.05 -21.77
N LEU A 464 -27.93 -25.18 -22.29
CA LEU A 464 -29.20 -24.91 -21.65
C LEU A 464 -30.28 -25.42 -22.53
N LEU A 465 -30.93 -26.49 -22.11
CA LEU A 465 -31.96 -27.12 -22.93
C LEU A 465 -33.33 -27.07 -22.31
N THR A 466 -34.35 -27.08 -23.12
CA THR A 466 -35.69 -27.22 -22.59
C THR A 466 -36.36 -28.36 -23.29
N ARG A 467 -37.38 -28.93 -22.66
CA ARG A 467 -38.14 -30.00 -23.30
C ARG A 467 -39.45 -29.61 -23.89
N ASP A 468 -39.72 -30.29 -24.98
CA ASP A 468 -40.97 -30.31 -25.69
C ASP A 468 -41.67 -31.59 -25.30
N GLY A 469 -42.66 -31.46 -24.41
CA GLY A 469 -43.42 -32.56 -23.87
C GLY A 469 -44.82 -32.48 -24.42
N GLY A 470 -45.81 -32.93 -23.66
CA GLY A 470 -47.17 -32.90 -24.18
C GLY A 470 -47.83 -34.25 -24.28
N ARG A 471 -49.16 -34.22 -24.33
CA ARG A 471 -49.96 -35.44 -24.39
C ARG A 471 -49.82 -36.25 -25.68
N ASP A 472 -49.39 -35.62 -26.77
CA ASP A 472 -49.22 -36.31 -28.04
C ASP A 472 -47.78 -36.72 -28.37
N GLN A 473 -46.88 -36.72 -27.39
CA GLN A 473 -45.51 -37.10 -27.70
C GLN A 473 -45.38 -38.60 -27.72
N ASN A 474 -45.79 -39.18 -28.83
CA ASN A 474 -45.88 -40.61 -28.96
C ASN A 474 -44.58 -41.32 -29.29
N GLY A 475 -43.74 -41.43 -28.27
CA GLY A 475 -42.45 -42.11 -28.35
C GLY A 475 -41.22 -41.26 -28.61
N THR A 476 -41.36 -39.93 -28.59
CA THR A 476 -40.21 -39.07 -28.81
C THR A 476 -40.16 -37.97 -27.78
N GLU A 477 -38.97 -37.42 -27.57
CA GLU A 477 -38.78 -36.24 -26.73
C GLU A 477 -37.98 -35.23 -27.52
N THR A 478 -38.38 -33.96 -27.52
CA THR A 478 -37.56 -33.01 -28.28
C THR A 478 -36.92 -31.99 -27.38
N PHE A 479 -35.63 -31.83 -27.58
CA PHE A 479 -34.83 -30.90 -26.83
C PHE A 479 -34.44 -29.74 -27.68
N ARG A 480 -34.63 -28.56 -27.15
CA ARG A 480 -34.27 -27.36 -27.88
C ARG A 480 -33.42 -26.47 -27.01
N PRO A 481 -32.52 -25.67 -27.57
CA PRO A 481 -31.76 -24.67 -26.88
C PRO A 481 -32.67 -23.66 -26.23
N GLY A 482 -32.32 -23.24 -25.02
CA GLY A 482 -33.05 -22.24 -24.25
C GLY A 482 -32.12 -21.23 -23.60
N GLY A 483 -32.43 -20.87 -22.37
CA GLY A 483 -31.67 -19.85 -21.67
C GLY A 483 -32.35 -18.51 -21.81
N GLY A 484 -31.63 -17.45 -21.48
CA GLY A 484 -32.17 -16.10 -21.44
C GLY A 484 -32.35 -15.62 -20.02
N ASN A 485 -32.39 -16.57 -19.10
CA ASN A 485 -32.51 -16.21 -17.71
C ASN A 485 -31.11 -16.30 -17.17
N MET A 486 -30.51 -15.15 -16.92
CA MET A 486 -29.11 -15.15 -16.55
C MET A 486 -28.90 -15.82 -15.19
N ARG A 487 -29.96 -15.99 -14.43
CA ARG A 487 -29.81 -16.67 -13.17
C ARG A 487 -29.47 -18.12 -13.42
N ASP A 488 -29.90 -18.71 -14.54
CA ASP A 488 -29.59 -20.10 -14.80
C ASP A 488 -28.13 -20.20 -15.09
N ASN A 489 -27.60 -19.17 -15.75
CA ASN A 489 -26.20 -19.25 -16.06
C ASN A 489 -25.40 -19.25 -14.78
N TRP A 490 -25.81 -18.45 -13.82
CA TRP A 490 -25.06 -18.40 -12.58
C TRP A 490 -25.29 -19.60 -11.67
N ARG A 491 -26.48 -20.20 -11.71
CA ARG A 491 -26.70 -21.41 -10.92
C ARG A 491 -25.78 -22.52 -11.37
N SER A 492 -25.45 -22.55 -12.65
CA SER A 492 -24.61 -23.62 -13.18
C SER A 492 -23.22 -23.62 -12.55
N GLU A 493 -22.81 -22.51 -11.94
CA GLU A 493 -21.51 -22.47 -11.27
C GLU A 493 -21.65 -22.48 -9.73
N LEU A 494 -22.72 -21.85 -9.21
CA LEU A 494 -22.90 -21.73 -7.77
C LEU A 494 -23.64 -22.88 -7.10
N TYR A 495 -24.07 -23.86 -7.87
CA TYR A 495 -24.81 -25.01 -7.35
C TYR A 495 -24.12 -25.79 -6.23
N LYS A 496 -22.81 -25.70 -6.13
CA LYS A 496 -22.11 -26.43 -5.09
C LYS A 496 -22.01 -25.67 -3.78
N TYR A 497 -22.44 -24.42 -3.72
CA TYR A 497 -22.21 -23.67 -2.51
C TYR A 497 -23.43 -23.25 -1.72
N LYS A 498 -23.30 -23.30 -0.40
CA LYS A 498 -24.36 -22.87 0.50
C LYS A 498 -23.82 -21.96 1.61
N VAL A 499 -24.54 -20.89 1.96
CA VAL A 499 -24.07 -20.00 3.03
C VAL A 499 -24.78 -20.32 4.34
N VAL A 500 -23.99 -20.54 5.38
CA VAL A 500 -24.57 -20.86 6.68
C VAL A 500 -24.03 -19.99 7.81
N LYS A 501 -24.78 -19.97 8.90
CA LYS A 501 -24.39 -19.25 10.11
C LYS A 501 -24.32 -20.26 11.24
N ILE A 502 -23.59 -19.94 12.28
CA ILE A 502 -23.46 -20.85 13.41
C ILE A 502 -24.36 -20.44 14.56
N GLU A 503 -25.09 -21.43 15.10
CA GLU A 503 -25.97 -21.25 16.24
C GLU A 503 -25.55 -22.18 17.38
N PRO A 504 -24.57 -21.78 18.20
CA PRO A 504 -23.88 -22.58 19.19
C PRO A 504 -24.67 -22.91 20.44
N LEU A 505 -25.84 -22.33 20.63
CA LEU A 505 -26.55 -22.59 21.86
C LEU A 505 -27.58 -23.66 21.67
N GLY A 506 -27.42 -24.80 22.34
CA GLY A 506 -28.36 -25.90 22.15
C GLY A 506 -28.83 -26.49 23.47
N ILE A 507 -29.86 -27.31 23.38
CA ILE A 507 -30.43 -28.01 24.52
C ILE A 507 -30.57 -29.48 24.32
N ALA A 508 -30.22 -30.25 25.33
CA ALA A 508 -30.38 -31.70 25.28
C ALA A 508 -30.72 -32.17 26.67
N PRO A 509 -31.42 -33.29 26.86
CA PRO A 509 -31.70 -33.86 28.15
C PRO A 509 -30.46 -34.46 28.76
N THR A 510 -30.40 -34.41 30.07
CA THR A 510 -29.34 -34.98 30.90
C THR A 510 -29.82 -35.74 32.08
N ALA A 511 -28.87 -36.29 32.82
CA ALA A 511 -29.18 -36.99 34.05
C ALA A 511 -28.79 -36.18 35.30
N CYS A 512 -28.20 -34.99 35.13
CA CYS A 512 -27.80 -34.18 36.29
C CYS A 512 -28.89 -33.23 36.70
N LYS A 513 -28.82 -32.78 37.95
CA LYS A 513 -29.73 -31.76 38.43
C LYS A 513 -28.98 -30.59 39.04
N ARG A 514 -29.52 -29.38 38.86
CA ARG A 514 -28.95 -28.20 39.50
C ARG A 514 -29.27 -28.18 40.99
N ARG A 515 -28.29 -27.87 41.83
CA ARG A 515 -28.60 -27.71 43.24
C ARG A 515 -29.32 -26.41 43.49
N VAL A 516 -30.43 -26.47 44.21
CA VAL A 516 -31.20 -25.27 44.52
C VAL A 516 -31.54 -25.25 46.00
N GLU B 1 -23.11 22.82 -29.68
CA GLU B 1 -22.91 22.71 -31.12
C GLU B 1 -21.52 23.14 -31.55
N LEU B 2 -21.07 22.59 -32.67
CA LEU B 2 -19.74 22.87 -33.17
C LEU B 2 -19.78 23.60 -34.51
N GLU B 3 -19.17 24.78 -34.55
CA GLU B 3 -19.16 25.59 -35.75
C GLU B 3 -18.25 25.08 -36.84
N LEU B 4 -18.69 25.30 -38.08
CA LEU B 4 -17.93 24.98 -39.29
C LEU B 4 -17.71 26.19 -40.17
N THR B 5 -16.45 26.53 -40.41
CA THR B 5 -16.07 27.70 -41.20
C THR B 5 -15.51 27.31 -42.57
N GLN B 6 -16.00 27.94 -43.62
CA GLN B 6 -15.51 27.61 -44.95
C GLN B 6 -14.70 28.76 -45.51
N SER B 7 -14.18 28.57 -46.71
CA SER B 7 -13.41 29.58 -47.42
C SER B 7 -14.44 30.63 -47.82
N PRO B 8 -14.05 31.81 -48.32
CA PRO B 8 -14.98 32.84 -48.75
C PRO B 8 -15.89 32.33 -49.84
N ALA B 9 -17.14 32.74 -49.81
CA ALA B 9 -18.06 32.38 -50.87
C ALA B 9 -17.76 33.23 -52.08
N THR B 10 -18.14 32.72 -53.25
CA THR B 10 -17.97 33.34 -54.55
C THR B 10 -16.53 33.15 -54.96
N LEU B 11 -16.20 31.91 -55.25
CA LEU B 11 -14.88 31.57 -55.70
C LEU B 11 -14.96 31.54 -57.19
N SER B 12 -14.32 32.48 -57.85
CA SER B 12 -14.46 32.51 -59.28
C SER B 12 -13.50 31.53 -59.88
N VAL B 13 -14.05 30.47 -60.46
CA VAL B 13 -13.26 29.40 -61.04
C VAL B 13 -13.78 29.21 -62.45
N SER B 14 -12.94 29.31 -63.45
CA SER B 14 -13.46 29.19 -64.79
C SER B 14 -13.86 27.75 -65.07
N PRO B 15 -14.90 27.48 -65.85
CA PRO B 15 -15.23 26.14 -66.25
C PRO B 15 -13.99 25.52 -66.89
N GLY B 16 -13.71 24.29 -66.53
CA GLY B 16 -12.56 23.52 -66.99
C GLY B 16 -11.41 23.55 -65.98
N GLU B 17 -11.46 24.48 -65.02
CA GLU B 17 -10.44 24.60 -63.99
C GLU B 17 -10.77 23.73 -62.79
N ARG B 18 -9.77 23.46 -61.97
CA ARG B 18 -10.02 22.69 -60.77
C ARG B 18 -10.35 23.61 -59.60
N ALA B 19 -11.56 23.47 -59.05
CA ALA B 19 -11.99 24.33 -57.94
C ALA B 19 -11.49 23.75 -56.63
N THR B 20 -11.14 24.62 -55.68
CA THR B 20 -10.78 24.13 -54.34
C THR B 20 -11.67 24.79 -53.32
N LEU B 21 -12.31 23.97 -52.51
CA LEU B 21 -13.23 24.33 -51.46
C LEU B 21 -12.72 23.74 -50.16
N SER B 22 -13.04 24.34 -49.03
CA SER B 22 -12.53 23.78 -47.77
C SER B 22 -13.44 24.03 -46.60
N CYS B 23 -13.19 23.31 -45.51
CA CYS B 23 -13.97 23.45 -44.28
C CYS B 23 -13.14 23.19 -43.03
N ARG B 24 -13.26 24.11 -42.08
CA ARG B 24 -12.60 24.06 -40.80
C ARG B 24 -13.57 23.90 -39.65
N ALA B 25 -13.36 22.88 -38.85
CA ALA B 25 -14.23 22.68 -37.71
C ALA B 25 -13.64 23.31 -36.47
N SER B 26 -14.50 23.73 -35.56
CA SER B 26 -14.06 24.27 -34.28
C SER B 26 -13.47 23.18 -33.36
N GLU B 27 -13.77 21.94 -33.71
CA GLU B 27 -13.36 20.75 -32.98
C GLU B 27 -13.13 19.61 -33.95
N SER B 28 -12.32 18.64 -33.56
CA SER B 28 -12.02 17.50 -34.40
C SER B 28 -13.23 16.66 -34.75
N VAL B 29 -13.18 16.14 -35.98
CA VAL B 29 -14.15 15.28 -36.61
C VAL B 29 -13.46 14.00 -37.08
N SER B 30 -13.94 12.83 -36.67
CA SER B 30 -13.29 11.57 -37.06
C SER B 30 -13.72 11.10 -38.44
N SER B 31 -13.37 11.90 -39.44
CA SER B 31 -13.73 11.71 -40.84
C SER B 31 -15.25 11.56 -41.01
N ASP B 32 -15.96 12.34 -40.21
CA ASP B 32 -17.42 12.46 -40.05
C ASP B 32 -18.04 13.72 -40.64
N LEU B 33 -17.45 14.29 -41.69
CA LEU B 33 -18.08 15.41 -42.36
C LEU B 33 -18.84 14.97 -43.58
N ALA B 34 -19.66 15.85 -44.12
CA ALA B 34 -20.31 15.59 -45.38
C ALA B 34 -20.41 16.83 -46.21
N TRP B 35 -20.40 16.65 -47.53
CA TRP B 35 -20.58 17.78 -48.44
C TRP B 35 -21.87 17.68 -49.20
N TYR B 36 -22.55 18.82 -49.33
CA TYR B 36 -23.83 18.88 -50.06
C TYR B 36 -23.88 19.98 -51.14
N GLN B 37 -24.55 19.73 -52.27
CA GLN B 37 -24.68 20.73 -53.35
C GLN B 37 -26.03 21.39 -53.44
N GLN B 38 -26.10 22.68 -53.19
CA GLN B 38 -27.40 23.33 -53.27
C GLN B 38 -27.51 24.32 -54.42
N LYS B 39 -28.59 24.18 -55.17
CA LYS B 39 -28.91 25.09 -56.25
C LYS B 39 -30.25 25.70 -55.87
N PRO B 40 -30.60 26.92 -56.31
CA PRO B 40 -31.87 27.52 -55.99
C PRO B 40 -33.01 26.63 -56.44
N GLY B 41 -33.95 26.38 -55.54
CA GLY B 41 -35.12 25.57 -55.85
C GLY B 41 -34.85 24.07 -55.83
N GLN B 42 -33.62 23.67 -55.51
CA GLN B 42 -33.25 22.27 -55.53
C GLN B 42 -32.91 21.73 -54.15
N ALA B 43 -33.00 20.42 -53.99
CA ALA B 43 -32.58 19.79 -52.76
C ALA B 43 -31.06 19.87 -52.65
N PRO B 44 -30.50 20.02 -51.45
CA PRO B 44 -29.09 20.05 -51.16
C PRO B 44 -28.50 18.66 -51.17
N ARG B 45 -28.37 18.08 -52.35
CA ARG B 45 -27.90 16.72 -52.58
C ARG B 45 -26.57 16.36 -51.94
N LEU B 46 -26.48 15.16 -51.35
CA LEU B 46 -25.22 14.68 -50.76
C LEU B 46 -24.26 14.30 -51.83
N LEU B 47 -23.05 14.80 -51.69
CA LEU B 47 -22.02 14.56 -52.67
C LEU B 47 -20.96 13.66 -52.07
N ILE B 48 -20.55 14.00 -50.85
CA ILE B 48 -19.52 13.20 -50.21
C ILE B 48 -19.99 12.75 -48.85
N TYR B 49 -19.89 11.45 -48.65
CA TYR B 49 -20.28 10.73 -47.46
C TYR B 49 -19.04 10.49 -46.59
N GLY B 50 -19.04 11.08 -45.43
CA GLY B 50 -17.90 10.99 -44.55
C GLY B 50 -16.87 11.90 -45.16
N ALA B 51 -15.66 11.87 -44.68
CA ALA B 51 -14.70 12.77 -45.29
C ALA B 51 -14.47 12.51 -46.78
N SER B 52 -14.51 11.26 -47.24
CA SER B 52 -14.16 10.99 -48.65
C SER B 52 -14.99 10.04 -49.52
N THR B 53 -16.11 9.49 -49.08
CA THR B 53 -16.78 8.53 -49.97
C THR B 53 -17.73 9.20 -50.94
N ARG B 54 -17.64 8.89 -52.22
CA ARG B 54 -18.59 9.54 -53.12
C ARG B 54 -19.97 8.98 -52.89
N ALA B 55 -20.95 9.87 -52.81
CA ALA B 55 -22.34 9.49 -52.63
C ALA B 55 -22.86 8.91 -53.94
N THR B 56 -23.94 8.16 -53.87
CA THR B 56 -24.47 7.56 -55.08
C THR B 56 -24.77 8.58 -56.16
N GLY B 57 -24.28 8.28 -57.37
CA GLY B 57 -24.50 9.10 -58.54
C GLY B 57 -23.52 10.26 -58.68
N VAL B 58 -22.55 10.35 -57.79
CA VAL B 58 -21.58 11.42 -57.80
C VAL B 58 -20.42 11.06 -58.74
N PRO B 59 -20.08 11.93 -59.71
CA PRO B 59 -19.05 11.73 -60.71
C PRO B 59 -17.69 11.79 -60.08
N ALA B 60 -16.70 11.18 -60.75
CA ALA B 60 -15.30 11.12 -60.31
C ALA B 60 -14.71 12.51 -60.09
N ARG B 61 -15.24 13.47 -60.81
CA ARG B 61 -14.84 14.85 -60.80
C ARG B 61 -14.95 15.48 -59.43
N PHE B 62 -15.90 15.01 -58.63
CA PHE B 62 -16.14 15.63 -57.35
C PHE B 62 -15.62 14.76 -56.20
N SER B 63 -14.57 15.20 -55.51
CA SER B 63 -14.00 14.35 -54.46
C SER B 63 -13.24 15.15 -53.42
N GLY B 64 -12.88 14.52 -52.31
CA GLY B 64 -12.13 15.21 -51.27
C GLY B 64 -11.75 14.29 -50.12
N SER B 65 -11.05 14.84 -49.14
CA SER B 65 -10.57 14.11 -47.98
C SER B 65 -10.14 15.05 -46.85
N GLY B 66 -9.89 14.49 -45.67
CA GLY B 66 -9.38 15.30 -44.57
C GLY B 66 -9.39 14.55 -43.26
N SER B 67 -9.00 15.25 -42.21
CA SER B 67 -8.94 14.65 -40.87
C SER B 67 -8.92 15.73 -39.80
N GLY B 68 -9.12 15.33 -38.55
CA GLY B 68 -9.01 16.33 -37.49
C GLY B 68 -10.06 17.38 -37.71
N ALA B 69 -9.67 18.63 -37.79
CA ALA B 69 -10.65 19.68 -38.01
C ALA B 69 -10.43 20.35 -39.38
N GLU B 70 -9.54 19.78 -40.21
CA GLU B 70 -9.20 20.39 -41.51
C GLU B 70 -9.53 19.52 -42.71
N PHE B 71 -10.55 19.92 -43.48
CA PHE B 71 -10.99 19.13 -44.61
C PHE B 71 -10.96 19.89 -45.93
N THR B 72 -10.63 19.17 -47.02
CA THR B 72 -10.55 19.77 -48.37
C THR B 72 -11.37 19.04 -49.42
N LEU B 73 -12.05 19.84 -50.23
CA LEU B 73 -12.85 19.40 -51.36
C LEU B 73 -12.38 19.99 -52.69
N THR B 74 -12.20 19.14 -53.70
CA THR B 74 -11.84 19.71 -54.99
C THR B 74 -12.76 19.21 -56.09
N ILE B 75 -12.90 20.05 -57.12
CA ILE B 75 -13.70 19.64 -58.25
C ILE B 75 -12.87 19.68 -59.51
N SER B 76 -12.63 18.53 -60.13
CA SER B 76 -11.80 18.47 -61.33
C SER B 76 -12.62 18.82 -62.53
N SER B 77 -12.01 19.49 -63.51
CA SER B 77 -12.73 19.79 -64.75
C SER B 77 -14.08 20.40 -64.46
N LEU B 78 -14.09 21.48 -63.68
CA LEU B 78 -15.34 22.08 -63.24
C LEU B 78 -16.27 22.38 -64.40
N GLN B 79 -17.51 21.93 -64.26
CA GLN B 79 -18.54 22.08 -65.27
C GLN B 79 -19.50 23.20 -64.94
N SER B 80 -20.26 23.69 -65.93
CA SER B 80 -21.26 24.73 -65.66
C SER B 80 -22.33 24.19 -64.71
N GLU B 81 -22.44 22.88 -64.68
CA GLU B 81 -23.37 22.11 -63.89
C GLU B 81 -23.01 22.15 -62.41
N ASP B 82 -21.77 22.50 -62.11
CA ASP B 82 -21.28 22.48 -60.76
C ASP B 82 -21.37 23.83 -60.07
N PHE B 83 -21.93 24.84 -60.73
CA PHE B 83 -21.94 26.13 -60.05
C PHE B 83 -23.14 26.24 -59.12
N ALA B 84 -22.82 25.87 -57.89
CA ALA B 84 -23.71 25.70 -56.74
C ALA B 84 -22.98 26.07 -55.47
N VAL B 85 -23.71 26.11 -54.35
CA VAL B 85 -23.06 26.37 -53.07
C VAL B 85 -22.86 25.08 -52.35
N TYR B 86 -21.63 24.86 -51.94
CA TYR B 86 -21.27 23.63 -51.27
C TYR B 86 -21.19 23.75 -49.77
N TYR B 87 -22.04 23.00 -49.09
CA TYR B 87 -22.14 23.04 -47.65
C TYR B 87 -21.39 21.94 -46.97
N CYS B 88 -20.81 22.31 -45.84
CA CYS B 88 -20.09 21.41 -44.96
C CYS B 88 -20.95 21.04 -43.75
N GLN B 89 -21.08 19.73 -43.45
CA GLN B 89 -21.85 19.25 -42.29
C GLN B 89 -21.07 18.31 -41.39
N GLN B 90 -21.18 18.49 -40.07
CA GLN B 90 -20.49 17.68 -39.05
C GLN B 90 -21.38 16.75 -38.22
N TYR B 91 -21.00 15.45 -38.17
CA TYR B 91 -21.80 14.46 -37.44
C TYR B 91 -21.24 13.83 -36.18
N ASN B 92 -20.06 14.20 -35.69
CA ASN B 92 -19.57 13.49 -34.50
C ASN B 92 -20.12 14.11 -33.23
N ASN B 93 -21.41 13.97 -33.09
CA ASN B 93 -22.18 14.56 -32.03
C ASN B 93 -23.16 13.57 -31.46
N TRP B 94 -23.02 13.31 -30.18
CA TRP B 94 -23.93 12.41 -29.54
C TRP B 94 -24.14 12.87 -28.09
N PRO B 95 -25.36 13.28 -27.71
CA PRO B 95 -26.62 13.32 -28.43
C PRO B 95 -26.47 14.18 -29.67
N PRO B 96 -27.23 13.93 -30.73
CA PRO B 96 -27.18 14.68 -31.95
C PRO B 96 -27.39 16.15 -31.70
N ARG B 97 -26.54 16.92 -32.32
CA ARG B 97 -26.50 18.36 -32.32
C ARG B 97 -25.69 18.67 -33.56
N TYR B 98 -26.18 18.18 -34.68
CA TYR B 98 -25.44 18.23 -35.92
C TYR B 98 -25.43 19.62 -36.43
N THR B 99 -24.33 20.00 -37.07
CA THR B 99 -24.24 21.35 -37.57
C THR B 99 -23.82 21.48 -39.02
N PHE B 100 -24.22 22.60 -39.59
CA PHE B 100 -23.83 22.99 -40.92
C PHE B 100 -23.14 24.32 -40.90
N GLY B 101 -22.27 24.51 -41.88
CA GLY B 101 -21.59 25.78 -42.10
C GLY B 101 -22.41 26.63 -43.05
N GLN B 102 -21.80 27.65 -43.67
CA GLN B 102 -22.57 28.53 -44.54
C GLN B 102 -22.41 28.13 -46.00
N GLY B 103 -21.30 27.51 -46.30
CA GLY B 103 -21.00 27.01 -47.63
C GLY B 103 -20.38 28.03 -48.55
N THR B 104 -19.73 27.54 -49.59
CA THR B 104 -19.16 28.46 -50.57
C THR B 104 -19.69 28.22 -51.94
N ARG B 105 -20.10 29.30 -52.55
CA ARG B 105 -20.62 29.33 -53.91
C ARG B 105 -19.51 29.51 -54.91
N LEU B 106 -19.60 28.78 -56.01
CA LEU B 106 -18.65 28.97 -57.09
C LEU B 106 -19.26 29.97 -58.06
N GLU B 107 -18.41 30.73 -58.74
CA GLU B 107 -18.85 31.74 -59.70
C GLU B 107 -18.04 31.74 -60.99
N ILE B 108 -18.64 32.25 -62.06
CA ILE B 108 -17.92 32.36 -63.33
C ILE B 108 -17.48 33.80 -63.53
N LYS B 109 -16.18 34.01 -63.66
CA LYS B 109 -15.68 35.37 -63.76
C LYS B 109 -16.15 36.13 -64.99
N ARG B 110 -16.64 37.34 -64.71
CA ARG B 110 -17.10 38.32 -65.67
C ARG B 110 -16.70 39.69 -65.12
N ALA C 1 -10.55 -28.23 22.58
CA ALA C 1 -9.94 -27.04 22.00
C ALA C 1 -11.02 -26.10 21.53
N VAL C 2 -10.66 -25.18 20.62
CA VAL C 2 -11.63 -24.25 20.09
C VAL C 2 -11.87 -24.40 18.59
N GLY C 3 -11.04 -25.19 17.90
CA GLY C 3 -11.16 -25.36 16.45
C GLY C 3 -12.01 -26.56 16.07
N LEU C 4 -12.60 -27.20 17.06
CA LEU C 4 -13.37 -28.38 16.81
C LEU C 4 -14.59 -27.95 16.02
N GLY C 5 -15.02 -28.82 15.12
CA GLY C 5 -16.20 -28.52 14.34
C GLY C 5 -15.81 -27.77 13.09
N ALA C 6 -14.52 -27.43 12.97
CA ALA C 6 -13.94 -26.64 11.89
C ALA C 6 -14.39 -25.19 11.94
N PHE C 7 -14.85 -24.73 13.11
CA PHE C 7 -15.21 -23.34 13.25
C PHE C 7 -15.21 -22.84 14.68
N ILE C 8 -15.08 -21.54 14.83
CA ILE C 8 -15.14 -20.98 16.16
C ILE C 8 -16.59 -21.11 16.54
N LEU C 9 -16.84 -21.52 17.78
CA LEU C 9 -18.15 -21.77 18.37
C LEU C 9 -18.66 -23.16 17.96
N GLY C 10 -17.73 -23.99 17.47
CA GLY C 10 -17.88 -25.43 17.18
C GLY C 10 -17.12 -26.22 18.24
N PHE C 11 -16.88 -25.54 19.36
CA PHE C 11 -16.06 -25.95 20.48
C PHE C 11 -16.33 -27.32 21.01
N LEU C 12 -17.58 -27.73 21.07
CA LEU C 12 -17.87 -29.00 21.69
C LEU C 12 -17.61 -30.22 20.80
N GLY C 13 -17.24 -30.05 19.54
CA GLY C 13 -16.97 -31.26 18.75
C GLY C 13 -17.06 -31.16 17.25
N ALA C 14 -16.64 -32.23 16.59
CA ALA C 14 -16.68 -32.31 15.14
C ALA C 14 -18.10 -32.44 14.68
N ALA C 15 -18.43 -31.81 13.58
CA ALA C 15 -19.74 -32.05 13.05
C ALA C 15 -19.70 -33.47 12.55
N GLY C 16 -20.77 -34.20 12.74
CA GLY C 16 -20.85 -35.57 12.25
C GLY C 16 -20.57 -36.58 13.37
N SER C 17 -19.99 -36.14 14.48
CA SER C 17 -19.74 -37.04 15.59
C SER C 17 -21.03 -37.19 16.36
N THR C 18 -21.19 -38.25 17.13
CA THR C 18 -22.39 -38.28 17.91
C THR C 18 -22.19 -37.37 19.08
N MET C 19 -23.27 -37.00 19.73
CA MET C 19 -23.23 -36.12 20.86
C MET C 19 -22.36 -36.69 21.97
N GLY C 20 -22.53 -37.98 22.23
CA GLY C 20 -21.79 -38.70 23.24
C GLY C 20 -20.32 -38.76 22.90
N ALA C 21 -20.00 -39.16 21.67
CA ALA C 21 -18.61 -39.26 21.28
C ALA C 21 -17.91 -37.93 21.35
N ALA C 22 -18.60 -36.87 20.97
CA ALA C 22 -18.00 -35.56 21.00
C ALA C 22 -17.62 -35.16 22.41
N SER C 23 -18.49 -35.47 23.38
CA SER C 23 -18.21 -35.12 24.76
C SER C 23 -16.97 -35.85 25.27
N MET C 24 -16.87 -37.13 24.95
CA MET C 24 -15.71 -37.87 25.40
C MET C 24 -14.43 -37.36 24.78
N ALA C 25 -14.49 -37.02 23.49
CA ALA C 25 -13.32 -36.51 22.80
C ALA C 25 -12.87 -35.19 23.38
N LEU C 26 -13.84 -34.36 23.76
CA LEU C 26 -13.56 -33.07 24.33
C LEU C 26 -12.79 -33.22 25.63
N THR C 27 -13.21 -34.16 26.47
CA THR C 27 -12.52 -34.37 27.74
C THR C 27 -11.08 -34.78 27.53
N VAL C 28 -10.85 -35.68 26.58
CA VAL C 28 -9.48 -36.10 26.35
C VAL C 28 -8.64 -34.96 25.86
N GLN C 29 -9.16 -34.18 24.92
CA GLN C 29 -8.37 -33.11 24.42
C GLN C 29 -8.10 -32.08 25.50
N ALA C 30 -9.07 -31.83 26.38
CA ALA C 30 -8.84 -30.88 27.44
C ALA C 30 -7.70 -31.31 28.33
N ARG C 31 -7.60 -32.61 28.62
CA ARG C 31 -6.49 -33.05 29.44
C ARG C 31 -5.17 -32.81 28.76
N LEU C 32 -5.10 -33.06 27.47
CA LEU C 32 -3.85 -32.88 26.75
C LEU C 32 -3.45 -31.41 26.69
N LEU C 33 -4.42 -30.54 26.50
CA LEU C 33 -4.09 -29.12 26.41
C LEU C 33 -3.56 -28.59 27.72
N LEU C 34 -4.12 -29.03 28.85
CA LEU C 34 -3.62 -28.57 30.14
C LEU C 34 -2.32 -29.26 30.53
N SER C 35 -2.10 -30.52 30.13
CA SER C 35 -0.84 -31.17 30.50
C SER C 35 0.30 -30.42 29.85
N GLY C 36 0.00 -29.84 28.68
CA GLY C 36 0.91 -29.01 27.92
C GLY C 36 1.80 -29.81 27.00
N ILE C 37 1.65 -31.11 27.01
CA ILE C 37 2.48 -31.97 26.21
C ILE C 37 1.95 -32.03 24.78
N GLN C 52 6.57 -14.05 -0.69
CA GLN C 52 5.64 -14.46 0.35
C GLN C 52 5.02 -13.24 0.98
N HIS C 53 5.36 -12.09 0.43
CA HIS C 53 4.83 -10.81 0.87
C HIS C 53 4.35 -10.02 -0.32
N MET C 54 3.06 -9.72 -0.26
CA MET C 54 2.28 -9.03 -1.29
C MET C 54 1.18 -8.26 -0.56
N LEU C 55 0.53 -7.30 -1.23
CA LEU C 55 -0.57 -6.55 -0.59
C LEU C 55 -1.66 -7.41 0.01
N GLN C 56 -2.01 -8.51 -0.65
CA GLN C 56 -3.11 -9.34 -0.17
C GLN C 56 -2.85 -9.93 1.20
N LEU C 57 -1.61 -9.89 1.68
CA LEU C 57 -1.36 -10.42 2.99
C LEU C 57 -1.94 -9.44 4.02
N THR C 58 -1.93 -8.14 3.71
CA THR C 58 -2.45 -7.11 4.59
C THR C 58 -3.95 -7.19 4.61
N VAL C 59 -4.51 -7.34 3.42
CA VAL C 59 -5.95 -7.35 3.30
C VAL C 59 -6.55 -8.54 3.98
N TRP C 60 -5.99 -9.71 3.74
CA TRP C 60 -6.54 -10.88 4.36
C TRP C 60 -6.16 -10.96 5.83
N GLY C 61 -5.04 -10.38 6.24
CA GLY C 61 -4.72 -10.38 7.65
C GLY C 61 -5.83 -9.65 8.41
N ILE C 62 -6.30 -8.54 7.86
CA ILE C 62 -7.38 -7.80 8.50
C ILE C 62 -8.65 -8.61 8.49
N LYS C 63 -8.99 -9.26 7.37
CA LYS C 63 -10.22 -10.03 7.34
C LYS C 63 -10.19 -11.15 8.38
N GLN C 64 -9.04 -11.79 8.55
CA GLN C 64 -8.93 -12.86 9.52
C GLN C 64 -9.08 -12.34 10.93
N LEU C 65 -8.48 -11.18 11.21
CA LEU C 65 -8.63 -10.64 12.54
C LEU C 65 -10.06 -10.25 12.80
N GLN C 66 -10.76 -9.70 11.81
CA GLN C 66 -12.13 -9.32 12.07
C GLN C 66 -12.95 -10.54 12.43
N ALA C 67 -12.72 -11.66 11.76
CA ALA C 67 -13.48 -12.86 12.09
C ALA C 67 -13.19 -13.34 13.51
N ARG C 68 -11.95 -13.25 13.93
CA ARG C 68 -11.56 -13.73 15.24
C ARG C 68 -12.05 -12.81 16.35
N VAL C 69 -11.97 -11.51 16.12
CA VAL C 69 -12.41 -10.56 17.12
C VAL C 69 -13.90 -10.69 17.30
N LEU C 70 -14.63 -10.82 16.20
CA LEU C 70 -16.06 -10.95 16.28
C LEU C 70 -16.45 -12.19 17.04
N ALA C 71 -15.79 -13.32 16.77
CA ALA C 71 -16.16 -14.51 17.50
C ALA C 71 -15.94 -14.34 18.99
N VAL C 72 -14.87 -13.65 19.38
CA VAL C 72 -14.64 -13.43 20.79
C VAL C 72 -15.70 -12.54 21.39
N GLU C 73 -16.07 -11.47 20.71
CA GLU C 73 -17.09 -10.59 21.24
C GLU C 73 -18.42 -11.33 21.40
N ARG C 74 -18.78 -12.18 20.44
CA ARG C 74 -20.01 -12.92 20.53
C ARG C 74 -19.94 -13.91 21.67
N TYR C 75 -18.81 -14.57 21.80
CA TYR C 75 -18.65 -15.52 22.88
C TYR C 75 -18.87 -14.87 24.22
N LEU C 76 -18.19 -13.74 24.45
CA LEU C 76 -18.30 -13.13 25.74
C LEU C 76 -19.70 -12.62 25.98
N ARG C 77 -20.34 -12.07 24.96
CA ARG C 77 -21.68 -11.59 25.15
C ARG C 77 -22.59 -12.71 25.58
N ASP C 78 -22.52 -13.85 24.89
CA ASP C 78 -23.43 -14.92 25.22
C ASP C 78 -23.14 -15.49 26.59
N GLN C 79 -21.88 -15.51 27.00
CA GLN C 79 -21.58 -16.01 28.31
C GLN C 79 -22.25 -15.18 29.39
N GLN C 80 -22.43 -13.88 29.16
CA GLN C 80 -23.14 -13.09 30.15
C GLN C 80 -24.66 -13.17 29.95
N LEU C 81 -25.13 -13.28 28.72
CA LEU C 81 -26.57 -13.31 28.48
C LEU C 81 -27.22 -14.50 29.11
N LEU C 82 -26.51 -15.61 29.14
CA LEU C 82 -27.02 -16.85 29.68
C LEU C 82 -27.26 -16.78 31.17
N GLY C 83 -26.83 -15.72 31.82
CA GLY C 83 -27.10 -15.57 33.23
C GLY C 83 -28.59 -15.45 33.46
N ILE C 84 -29.35 -15.08 32.45
CA ILE C 84 -30.79 -14.95 32.57
C ILE C 84 -31.45 -16.29 32.94
N TRP C 85 -30.79 -17.42 32.65
CA TRP C 85 -31.29 -18.76 32.97
C TRP C 85 -30.50 -19.38 34.14
N GLY C 86 -29.60 -18.59 34.70
CA GLY C 86 -28.70 -19.06 35.75
C GLY C 86 -27.50 -19.83 35.21
N CYS C 87 -27.15 -19.63 33.93
CA CYS C 87 -26.05 -20.36 33.33
C CYS C 87 -24.92 -19.44 32.89
N SER C 88 -24.71 -18.32 33.56
CA SER C 88 -23.62 -17.46 33.08
C SER C 88 -22.28 -18.08 33.32
N GLY C 89 -21.36 -17.75 32.42
CA GLY C 89 -19.98 -18.19 32.56
C GLY C 89 -19.78 -19.68 32.29
N LYS C 90 -20.69 -20.30 31.55
CA LYS C 90 -20.56 -21.72 31.36
C LYS C 90 -20.69 -22.18 29.94
N ILE C 91 -19.98 -23.26 29.69
CA ILE C 91 -20.06 -24.02 28.48
C ILE C 91 -21.11 -25.10 28.67
N ILE C 92 -21.08 -25.78 29.80
CA ILE C 92 -22.08 -26.80 30.07
C ILE C 92 -22.77 -26.42 31.35
N CYS C 93 -24.06 -26.28 31.31
CA CYS C 93 -24.81 -25.88 32.47
C CYS C 93 -25.59 -27.08 32.97
N CYS C 94 -26.46 -26.87 33.93
CA CYS C 94 -27.31 -27.91 34.45
C CYS C 94 -28.46 -27.11 35.04
N THR C 95 -29.70 -27.53 34.82
CA THR C 95 -30.85 -26.76 35.29
C THR C 95 -31.75 -27.64 36.13
N ASN C 96 -32.85 -27.06 36.62
CA ASN C 96 -33.80 -27.84 37.39
C ASN C 96 -35.12 -27.94 36.66
N VAL C 97 -35.12 -27.79 35.34
CA VAL C 97 -36.34 -27.92 34.56
C VAL C 97 -36.46 -29.34 34.03
N PRO C 98 -37.52 -30.09 34.33
CA PRO C 98 -37.74 -31.45 33.88
C PRO C 98 -37.84 -31.49 32.38
N TRP C 99 -37.43 -32.61 31.80
CA TRP C 99 -37.51 -32.81 30.36
C TRP C 99 -38.92 -32.82 29.78
N ASN C 100 -39.93 -33.17 30.55
CA ASN C 100 -41.32 -33.11 30.07
C ASN C 100 -41.71 -34.15 29.03
N ASP C 101 -40.85 -35.10 28.71
CA ASP C 101 -41.11 -36.25 27.82
C ASP C 101 -41.57 -35.98 26.38
N SER C 102 -42.66 -35.25 26.21
CA SER C 102 -43.27 -35.00 24.91
C SER C 102 -42.35 -34.29 23.93
N TRP C 103 -41.43 -33.50 24.44
CA TRP C 103 -40.51 -32.79 23.58
C TRP C 103 -39.67 -33.81 22.79
N SER C 104 -39.34 -34.93 23.42
CA SER C 104 -38.59 -36.00 22.80
C SER C 104 -38.80 -37.26 23.57
N ASN C 105 -39.14 -38.30 22.86
CA ASN C 105 -39.46 -39.60 23.43
C ASN C 105 -38.24 -40.52 23.49
N LYS C 106 -37.07 -39.99 23.19
CA LYS C 106 -35.87 -40.81 23.21
C LYS C 106 -35.23 -40.81 24.59
N THR C 107 -34.51 -41.87 24.91
CA THR C 107 -33.83 -41.98 26.19
C THR C 107 -32.50 -41.27 26.16
N ILE C 108 -31.87 -41.12 27.32
CA ILE C 108 -30.60 -40.44 27.36
C ILE C 108 -29.59 -41.16 26.51
N ASN C 109 -29.55 -42.48 26.58
CA ASN C 109 -28.56 -43.17 25.81
C ASN C 109 -28.90 -43.13 24.33
N GLU C 110 -30.16 -43.21 23.98
CA GLU C 110 -30.46 -43.18 22.56
C GLU C 110 -30.02 -41.88 21.91
N ILE C 111 -30.22 -40.78 22.60
CA ILE C 111 -29.86 -39.50 22.04
C ILE C 111 -28.38 -39.30 22.02
N TRP C 112 -27.74 -39.54 23.15
CA TRP C 112 -26.34 -39.27 23.21
C TRP C 112 -25.47 -40.25 22.44
N ASP C 113 -25.88 -41.51 22.35
CA ASP C 113 -25.06 -42.46 21.64
C ASP C 113 -25.22 -42.43 20.14
N ASN C 114 -26.44 -42.24 19.62
CA ASN C 114 -26.63 -42.34 18.18
C ASN C 114 -26.82 -41.05 17.39
N MET C 115 -27.20 -39.95 18.01
CA MET C 115 -27.49 -38.77 17.23
C MET C 115 -26.35 -37.78 17.25
N THR C 116 -26.24 -36.99 16.20
CA THR C 116 -25.30 -35.88 16.20
C THR C 116 -26.04 -34.64 16.64
N TRP C 117 -25.33 -33.54 16.74
CA TRP C 117 -26.01 -32.37 17.27
C TRP C 117 -27.00 -31.75 16.33
N MET C 118 -26.76 -31.82 15.03
CA MET C 118 -27.70 -31.21 14.12
C MET C 118 -28.98 -31.99 14.10
N GLN C 119 -28.87 -33.32 14.15
CA GLN C 119 -30.05 -34.15 14.11
C GLN C 119 -30.85 -33.91 15.35
N TRP C 120 -30.18 -33.75 16.46
CA TRP C 120 -30.90 -33.49 17.66
C TRP C 120 -31.65 -32.18 17.58
N GLU C 121 -31.02 -31.13 17.09
CA GLU C 121 -31.73 -29.87 17.05
C GLU C 121 -32.95 -29.99 16.15
N LYS C 122 -32.84 -30.75 15.06
CA LYS C 122 -33.98 -30.95 14.16
C LYS C 122 -35.11 -31.70 14.87
N GLU C 123 -34.75 -32.61 15.78
CA GLU C 123 -35.72 -33.41 16.50
C GLU C 123 -36.57 -32.56 17.43
N ILE C 124 -35.96 -31.53 18.03
CA ILE C 124 -36.69 -30.69 18.98
C ILE C 124 -36.82 -29.21 18.64
N ASP C 125 -36.72 -28.77 17.39
CA ASP C 125 -36.76 -27.32 17.20
C ASP C 125 -38.15 -26.72 17.24
N ASN C 126 -39.15 -27.55 17.49
CA ASN C 126 -40.50 -27.04 17.64
C ASN C 126 -40.75 -26.72 19.10
N TYR C 127 -39.78 -27.02 19.95
CA TYR C 127 -39.95 -26.79 21.36
C TYR C 127 -38.96 -25.84 21.99
N THR C 128 -37.96 -25.35 21.25
CA THR C 128 -36.94 -24.59 21.95
C THR C 128 -37.40 -23.24 22.41
N GLN C 129 -38.41 -22.64 21.79
CA GLN C 129 -38.81 -21.35 22.28
C GLN C 129 -39.59 -21.55 23.56
N HIS C 130 -40.28 -22.69 23.65
CA HIS C 130 -41.03 -23.02 24.84
C HIS C 130 -40.08 -23.32 25.97
N ILE C 131 -39.03 -24.09 25.68
CA ILE C 131 -38.08 -24.48 26.70
C ILE C 131 -37.36 -23.24 27.19
N TYR C 132 -36.95 -22.35 26.29
CA TYR C 132 -36.25 -21.16 26.74
C TYR C 132 -37.13 -20.39 27.72
N THR C 133 -38.43 -20.30 27.44
CA THR C 133 -39.31 -19.62 28.37
C THR C 133 -39.32 -20.33 29.72
N LEU C 134 -39.38 -21.65 29.72
CA LEU C 134 -39.40 -22.35 31.00
C LEU C 134 -38.13 -22.13 31.78
N LEU C 135 -36.99 -22.08 31.10
CA LEU C 135 -35.75 -21.87 31.80
C LEU C 135 -35.72 -20.52 32.48
N GLU C 136 -36.22 -19.49 31.81
CA GLU C 136 -36.25 -18.17 32.42
C GLU C 136 -37.13 -18.16 33.65
N VAL C 137 -38.28 -18.80 33.56
CA VAL C 137 -39.17 -18.80 34.69
C VAL C 137 -38.55 -19.49 35.88
N SER C 138 -37.88 -20.61 35.66
CA SER C 138 -37.25 -21.29 36.78
C SER C 138 -36.23 -20.39 37.43
N GLN C 139 -35.41 -19.68 36.66
CA GLN C 139 -34.41 -18.84 37.29
C GLN C 139 -35.01 -17.74 38.10
N ILE C 140 -36.13 -17.18 37.65
CA ILE C 140 -36.74 -16.13 38.42
C ILE C 140 -37.21 -16.67 39.75
N GLN C 141 -37.84 -17.84 39.74
CA GLN C 141 -38.30 -18.39 40.99
C GLN C 141 -37.14 -18.72 41.91
N GLN C 142 -36.02 -19.19 41.37
CA GLN C 142 -34.88 -19.51 42.22
C GLN C 142 -34.33 -18.28 42.90
N GLU C 143 -34.25 -17.16 42.18
CA GLU C 143 -33.75 -15.93 42.77
C GLU C 143 -34.66 -15.43 43.86
N LYS C 144 -35.96 -15.53 43.61
CA LYS C 144 -36.93 -15.07 44.56
C LYS C 144 -36.81 -15.88 45.83
N ASN C 145 -36.68 -17.20 45.69
CA ASN C 145 -36.63 -18.02 46.87
C ASN C 145 -35.39 -17.72 47.69
N GLU C 146 -34.25 -17.49 47.03
CA GLU C 146 -33.06 -17.25 47.80
C GLU C 146 -33.14 -15.97 48.59
N GLN C 147 -33.68 -14.91 47.99
CA GLN C 147 -33.76 -13.66 48.73
C GLN C 147 -34.76 -13.74 49.86
N GLU C 148 -35.81 -14.55 49.72
CA GLU C 148 -36.76 -14.74 50.81
C GLU C 148 -36.11 -15.47 51.97
N LEU C 149 -35.24 -16.43 51.67
CA LEU C 149 -34.54 -17.19 52.71
C LEU C 149 -33.56 -16.30 53.47
N LEU C 150 -32.95 -15.34 52.77
CA LEU C 150 -31.97 -14.46 53.39
C LEU C 150 -32.60 -13.30 54.16
N GLU C 151 -33.28 -13.64 55.25
CA GLU C 151 -33.94 -12.67 56.11
C GLU C 151 -34.19 -13.25 57.51
N LYS D 21 -63.54 -22.48 -13.87
CA LYS D 21 -62.65 -21.73 -14.74
C LYS D 21 -63.22 -20.40 -15.13
N LYS D 22 -62.35 -19.43 -15.35
CA LYS D 22 -62.83 -18.16 -15.87
C LYS D 22 -63.17 -18.46 -17.30
N VAL D 23 -64.29 -17.97 -17.83
CA VAL D 23 -64.56 -18.28 -19.23
C VAL D 23 -64.66 -17.00 -20.03
N VAL D 24 -63.89 -16.94 -21.10
CA VAL D 24 -63.85 -15.81 -22.01
C VAL D 24 -64.25 -16.23 -23.40
N LEU D 25 -65.22 -15.56 -24.00
CA LEU D 25 -65.60 -15.92 -25.34
C LEU D 25 -65.28 -14.80 -26.32
N GLY D 26 -64.61 -15.18 -27.39
CA GLY D 26 -64.26 -14.27 -28.47
C GLY D 26 -64.94 -14.75 -29.73
N LYS D 27 -64.62 -14.14 -30.85
CA LYS D 27 -65.24 -14.55 -32.11
C LYS D 27 -64.18 -14.65 -33.17
N LYS D 28 -64.43 -15.48 -34.17
CA LYS D 28 -63.44 -15.63 -35.22
C LYS D 28 -63.04 -14.28 -35.80
N GLY D 29 -61.73 -14.07 -35.86
CA GLY D 29 -61.11 -12.86 -36.38
C GLY D 29 -60.73 -11.82 -35.31
N ASP D 30 -61.23 -11.99 -34.08
CA ASP D 30 -60.94 -11.05 -33.01
C ASP D 30 -59.63 -11.30 -32.28
N THR D 31 -59.34 -10.44 -31.32
CA THR D 31 -58.16 -10.58 -30.50
C THR D 31 -58.59 -10.68 -29.05
N VAL D 32 -58.05 -11.66 -28.34
CA VAL D 32 -58.40 -11.83 -26.94
C VAL D 32 -57.20 -11.78 -26.03
N GLU D 33 -57.35 -11.08 -24.92
CA GLU D 33 -56.31 -11.04 -23.93
C GLU D 33 -56.69 -11.89 -22.73
N LEU D 34 -55.92 -12.93 -22.47
CA LEU D 34 -56.16 -13.81 -21.34
C LEU D 34 -55.09 -13.44 -20.32
N THR D 35 -55.36 -13.47 -19.02
CA THR D 35 -54.28 -13.06 -18.12
C THR D 35 -53.97 -13.93 -16.95
N CYS D 36 -52.70 -13.86 -16.54
CA CYS D 36 -52.24 -14.44 -15.29
C CYS D 36 -51.78 -13.30 -14.40
N THR D 37 -51.89 -13.42 -13.08
CA THR D 37 -51.36 -12.33 -12.23
C THR D 37 -50.51 -12.79 -11.05
N ALA D 38 -49.84 -11.83 -10.41
CA ALA D 38 -49.05 -12.14 -9.22
C ALA D 38 -49.14 -11.02 -8.19
N SER D 39 -48.95 -11.38 -6.91
CA SER D 39 -48.92 -10.37 -5.85
C SER D 39 -47.61 -9.59 -5.85
N GLN D 40 -46.56 -10.24 -6.34
CA GLN D 40 -45.27 -9.63 -6.52
C GLN D 40 -45.31 -8.98 -7.87
N LYS D 41 -44.76 -7.80 -7.99
CA LYS D 41 -44.85 -7.13 -9.27
C LYS D 41 -43.74 -7.40 -10.27
N LYS D 42 -42.50 -7.59 -9.81
CA LYS D 42 -41.40 -7.68 -10.78
C LYS D 42 -40.56 -8.94 -10.76
N SER D 43 -39.86 -9.17 -11.89
CA SER D 43 -38.93 -10.28 -12.09
C SER D 43 -39.54 -11.66 -11.84
N ILE D 44 -40.71 -11.86 -12.43
CA ILE D 44 -41.45 -13.09 -12.29
C ILE D 44 -41.48 -13.93 -13.55
N GLN D 45 -41.11 -15.18 -13.39
CA GLN D 45 -41.17 -16.15 -14.46
C GLN D 45 -42.54 -16.76 -14.52
N PHE D 46 -43.06 -16.86 -15.72
CA PHE D 46 -44.35 -17.46 -15.95
C PHE D 46 -44.36 -18.17 -17.27
N HIS D 47 -45.32 -19.07 -17.40
CA HIS D 47 -45.56 -19.79 -18.63
C HIS D 47 -47.04 -19.94 -18.95
N TRP D 48 -47.36 -20.00 -20.23
CA TRP D 48 -48.69 -20.36 -20.66
C TRP D 48 -48.65 -21.63 -21.45
N LYS D 49 -49.52 -22.56 -21.07
CA LYS D 49 -49.68 -23.85 -21.75
C LYS D 49 -51.11 -24.16 -22.10
N ASN D 50 -51.30 -24.97 -23.11
CA ASN D 50 -52.65 -25.41 -23.40
C ASN D 50 -53.00 -26.65 -22.58
N SER D 51 -54.18 -27.19 -22.81
CA SER D 51 -54.73 -28.33 -22.08
C SER D 51 -54.02 -29.66 -22.35
N ASN D 52 -53.18 -29.69 -23.39
CA ASN D 52 -52.41 -30.86 -23.78
C ASN D 52 -50.97 -30.67 -23.37
N GLN D 53 -50.77 -29.67 -22.51
CA GLN D 53 -49.49 -29.27 -21.96
C GLN D 53 -48.45 -28.83 -22.98
N ILE D 54 -48.89 -28.12 -24.02
CA ILE D 54 -47.96 -27.60 -24.99
C ILE D 54 -47.72 -26.14 -24.68
N LYS D 55 -46.46 -25.75 -24.58
CA LYS D 55 -46.13 -24.35 -24.30
C LYS D 55 -46.49 -23.45 -25.42
N ILE D 56 -47.00 -22.29 -25.08
CA ILE D 56 -47.32 -21.30 -26.05
C ILE D 56 -46.34 -20.14 -25.90
N LEU D 57 -46.35 -19.54 -24.71
CA LEU D 57 -45.55 -18.37 -24.37
C LEU D 57 -44.83 -18.53 -23.05
N GLY D 58 -43.73 -17.82 -22.87
CA GLY D 58 -43.13 -17.77 -21.53
C GLY D 58 -42.05 -16.72 -21.37
N ASN D 59 -41.72 -16.47 -20.12
CA ASN D 59 -40.72 -15.47 -19.76
C ASN D 59 -39.38 -15.98 -19.28
N GLN D 60 -38.36 -15.77 -20.06
CA GLN D 60 -37.03 -16.20 -19.68
C GLN D 60 -36.20 -14.99 -19.34
N GLY D 61 -36.00 -14.70 -18.07
CA GLY D 61 -35.32 -13.45 -17.79
C GLY D 61 -36.24 -12.32 -18.19
N SER D 62 -35.81 -11.50 -19.13
CA SER D 62 -36.56 -10.36 -19.63
C SER D 62 -37.12 -10.62 -21.03
N PHE D 63 -36.90 -11.83 -21.55
CA PHE D 63 -37.23 -12.13 -22.94
C PHE D 63 -38.49 -12.94 -23.10
N LEU D 64 -39.20 -12.72 -24.19
CA LEU D 64 -40.37 -13.52 -24.48
C LEU D 64 -40.00 -14.68 -25.36
N THR D 65 -40.40 -15.87 -24.97
CA THR D 65 -40.13 -17.05 -25.75
C THR D 65 -41.41 -17.65 -26.22
N LYS D 66 -41.33 -18.47 -27.24
CA LYS D 66 -42.49 -19.19 -27.71
C LYS D 66 -42.26 -20.67 -27.67
N GLY D 67 -43.33 -21.42 -27.49
CA GLY D 67 -43.22 -22.87 -27.49
C GLY D 67 -43.56 -23.43 -28.86
N PRO D 68 -43.54 -24.73 -29.03
CA PRO D 68 -43.84 -25.44 -30.27
C PRO D 68 -45.34 -25.58 -30.45
N SER D 69 -46.01 -24.45 -30.57
CA SER D 69 -47.46 -24.41 -30.66
C SER D 69 -48.04 -23.84 -31.93
N LYS D 70 -49.29 -24.21 -32.16
CA LYS D 70 -50.09 -23.75 -33.31
C LYS D 70 -50.33 -22.25 -33.27
N LEU D 71 -50.13 -21.67 -32.09
CA LEU D 71 -50.34 -20.25 -31.89
C LEU D 71 -49.06 -19.42 -32.01
N ASN D 72 -47.93 -19.99 -32.43
CA ASN D 72 -46.75 -19.12 -32.42
C ASN D 72 -46.85 -17.87 -33.28
N ASP D 73 -47.58 -17.89 -34.37
CA ASP D 73 -47.66 -16.72 -35.20
C ASP D 73 -48.83 -15.81 -34.86
N ARG D 74 -49.54 -16.12 -33.79
CA ARG D 74 -50.66 -15.31 -33.35
C ARG D 74 -50.55 -14.87 -31.89
N ALA D 75 -49.88 -15.66 -31.05
CA ALA D 75 -49.75 -15.36 -29.64
C ALA D 75 -48.67 -14.31 -29.40
N ASP D 76 -48.93 -13.40 -28.46
CA ASP D 76 -47.99 -12.36 -28.05
C ASP D 76 -48.18 -11.94 -26.59
N SER D 77 -47.36 -11.01 -26.09
CA SER D 77 -47.51 -10.55 -24.70
C SER D 77 -47.04 -9.11 -24.51
N ARG D 78 -47.72 -8.35 -23.67
CA ARG D 78 -47.31 -6.99 -23.41
C ARG D 78 -46.22 -6.94 -22.37
N ARG D 79 -44.99 -6.96 -22.86
CA ARG D 79 -43.78 -7.08 -22.04
C ARG D 79 -43.68 -5.98 -20.98
N SER D 80 -44.18 -4.80 -21.29
CA SER D 80 -44.12 -3.68 -20.37
C SER D 80 -44.91 -3.91 -19.08
N LEU D 81 -45.84 -4.85 -19.09
CA LEU D 81 -46.66 -5.11 -17.92
C LEU D 81 -46.10 -6.19 -17.05
N TRP D 82 -45.01 -6.81 -17.46
CA TRP D 82 -44.53 -7.92 -16.68
C TRP D 82 -44.05 -7.45 -15.32
N ASP D 83 -43.61 -6.21 -15.22
CA ASP D 83 -43.11 -5.72 -13.95
C ASP D 83 -44.22 -5.09 -13.12
N GLN D 84 -45.46 -5.27 -13.58
CA GLN D 84 -46.63 -4.84 -12.87
C GLN D 84 -47.35 -6.05 -12.29
N GLY D 85 -46.74 -7.25 -12.41
CA GLY D 85 -47.37 -8.46 -11.94
C GLY D 85 -48.50 -8.92 -12.86
N ASN D 86 -48.45 -8.55 -14.13
CA ASN D 86 -49.51 -8.88 -15.07
C ASN D 86 -48.87 -9.53 -16.28
N PHE D 87 -49.23 -10.78 -16.54
CA PHE D 87 -48.57 -11.54 -17.58
C PHE D 87 -49.59 -12.05 -18.61
N PRO D 88 -50.10 -11.19 -19.50
CA PRO D 88 -51.10 -11.51 -20.48
C PRO D 88 -50.61 -12.36 -21.62
N LEU D 89 -51.54 -13.10 -22.18
CA LEU D 89 -51.37 -13.83 -23.43
C LEU D 89 -52.37 -13.28 -24.38
N ILE D 90 -51.90 -12.85 -25.52
CA ILE D 90 -52.79 -12.25 -26.47
C ILE D 90 -52.87 -13.06 -27.72
N ILE D 91 -54.07 -13.51 -28.08
CA ILE D 91 -54.16 -14.28 -29.32
C ILE D 91 -54.83 -13.45 -30.36
N LYS D 92 -54.07 -13.11 -31.40
CA LYS D 92 -54.54 -12.28 -32.47
C LYS D 92 -55.21 -13.14 -33.51
N ASN D 93 -56.20 -12.61 -34.23
CA ASN D 93 -56.82 -13.38 -35.29
C ASN D 93 -57.32 -14.76 -34.86
N LEU D 94 -58.21 -14.78 -33.88
CA LEU D 94 -58.77 -16.02 -33.34
C LEU D 94 -59.53 -16.86 -34.33
N LYS D 95 -59.38 -18.17 -34.17
CA LYS D 95 -60.05 -19.18 -34.97
C LYS D 95 -60.86 -20.13 -34.07
N ILE D 96 -61.82 -20.85 -34.63
CA ILE D 96 -62.59 -21.77 -33.81
C ILE D 96 -61.73 -22.86 -33.19
N GLU D 97 -60.65 -23.22 -33.89
CA GLU D 97 -59.68 -24.22 -33.46
C GLU D 97 -58.90 -23.81 -32.21
N ASP D 98 -58.98 -22.55 -31.80
CA ASP D 98 -58.28 -22.06 -30.64
C ASP D 98 -59.09 -22.25 -29.38
N SER D 99 -60.35 -22.70 -29.50
CA SER D 99 -61.12 -22.84 -28.28
C SER D 99 -60.40 -23.91 -27.46
N ASP D 100 -60.10 -23.62 -26.21
CA ASP D 100 -59.37 -24.55 -25.35
C ASP D 100 -59.31 -24.07 -23.91
N THR D 101 -58.69 -24.87 -23.06
CA THR D 101 -58.39 -24.39 -21.71
C THR D 101 -56.94 -23.95 -21.67
N TYR D 102 -56.73 -22.72 -21.26
CA TYR D 102 -55.39 -22.16 -21.20
C TYR D 102 -54.94 -22.10 -19.76
N ILE D 103 -53.75 -22.58 -19.53
CA ILE D 103 -53.22 -22.71 -18.20
C ILE D 103 -52.09 -21.77 -17.90
N CYS D 104 -52.25 -21.02 -16.83
CA CYS D 104 -51.19 -20.14 -16.37
C CYS D 104 -50.36 -20.83 -15.35
N GLU D 105 -49.07 -20.64 -15.44
CA GLU D 105 -48.19 -21.07 -14.38
C GLU D 105 -47.37 -19.88 -13.98
N VAL D 106 -47.62 -19.35 -12.80
CA VAL D 106 -46.90 -18.16 -12.36
C VAL D 106 -46.28 -18.48 -11.06
N GLU D 107 -44.98 -18.32 -10.91
CA GLU D 107 -44.42 -18.67 -9.61
C GLU D 107 -44.88 -20.10 -9.26
N ASP D 108 -45.53 -20.27 -8.09
CA ASP D 108 -45.99 -21.58 -7.64
C ASP D 108 -47.44 -21.93 -8.00
N GLN D 109 -48.28 -20.91 -8.15
CA GLN D 109 -49.71 -21.08 -8.38
C GLN D 109 -50.11 -21.27 -9.83
N LYS D 110 -51.25 -21.92 -10.03
CA LYS D 110 -51.75 -22.08 -11.38
C LYS D 110 -53.12 -21.45 -11.51
N GLU D 111 -53.45 -21.04 -12.73
CA GLU D 111 -54.77 -20.46 -12.98
C GLU D 111 -55.34 -21.03 -14.28
N GLU D 112 -56.66 -21.19 -14.36
CA GLU D 112 -57.21 -21.66 -15.63
C GLU D 112 -58.31 -20.79 -16.16
N VAL D 113 -58.18 -20.50 -17.44
CA VAL D 113 -59.17 -19.75 -18.18
C VAL D 113 -59.55 -20.50 -19.43
N GLN D 114 -60.83 -20.58 -19.68
CA GLN D 114 -61.31 -21.24 -20.86
C GLN D 114 -61.59 -20.23 -21.92
N LEU D 115 -61.10 -20.49 -23.11
CA LEU D 115 -61.34 -19.62 -24.23
C LEU D 115 -62.25 -20.28 -25.22
N LEU D 116 -63.33 -19.59 -25.54
CA LEU D 116 -64.25 -20.09 -26.52
C LEU D 116 -64.21 -19.16 -27.70
N VAL D 117 -64.36 -19.68 -28.91
CA VAL D 117 -64.40 -18.81 -30.07
C VAL D 117 -65.62 -19.16 -30.92
N GLN E 1 -34.02 4.39 -51.27
CA GLN E 1 -34.89 4.19 -52.43
C GLN E 1 -36.14 5.01 -52.24
N VAL E 2 -36.12 5.76 -51.17
CA VAL E 2 -37.23 6.60 -50.72
C VAL E 2 -37.36 7.98 -51.30
N GLN E 3 -38.57 8.27 -51.71
CA GLN E 3 -38.98 9.55 -52.21
C GLN E 3 -39.66 10.30 -51.08
N LEU E 4 -39.34 11.56 -50.89
CA LEU E 4 -40.00 12.30 -49.83
C LEU E 4 -40.88 13.39 -50.39
N LEU E 5 -42.15 13.33 -50.03
CA LEU E 5 -43.10 14.29 -50.52
C LEU E 5 -43.53 15.26 -49.44
N GLU E 6 -43.24 16.52 -49.65
CA GLU E 6 -43.57 17.56 -48.69
C GLU E 6 -45.05 17.93 -48.78
N SER E 7 -45.56 18.52 -47.72
CA SER E 7 -46.94 18.99 -47.67
C SER E 7 -47.03 20.41 -48.21
N GLY E 8 -48.16 21.06 -47.97
CA GLY E 8 -48.39 22.40 -48.52
C GLY E 8 -47.72 23.49 -47.71
N ALA E 9 -47.70 24.69 -48.30
CA ALA E 9 -47.12 25.88 -47.68
C ALA E 9 -48.05 26.42 -46.62
N GLU E 10 -47.49 27.15 -45.66
CA GLU E 10 -48.27 27.76 -44.57
C GLU E 10 -47.85 29.17 -44.24
N VAL E 11 -48.81 29.94 -43.74
CA VAL E 11 -48.52 31.28 -43.24
C VAL E 11 -49.15 31.40 -41.86
N LYS E 12 -48.37 31.72 -40.84
CA LYS E 12 -48.94 31.78 -39.49
C LYS E 12 -48.68 33.07 -38.73
N LYS E 13 -49.60 33.48 -37.90
CA LYS E 13 -49.32 34.63 -37.06
C LYS E 13 -48.31 34.18 -36.00
N PRO E 14 -47.35 35.02 -35.59
CA PRO E 14 -46.39 34.71 -34.56
C PRO E 14 -47.10 34.28 -33.29
N GLY E 15 -46.52 33.27 -32.65
CA GLY E 15 -47.03 32.66 -31.43
C GLY E 15 -47.76 31.35 -31.73
N SER E 16 -48.19 31.16 -32.97
CA SER E 16 -48.90 29.96 -33.39
C SER E 16 -47.93 28.84 -33.69
N SER E 17 -48.44 27.61 -33.85
CA SER E 17 -47.57 26.52 -34.26
C SER E 17 -47.91 26.08 -35.67
N VAL E 18 -46.93 25.48 -36.33
CA VAL E 18 -47.15 24.96 -37.66
C VAL E 18 -46.84 23.48 -37.71
N LYS E 19 -47.73 22.73 -38.34
CA LYS E 19 -47.52 21.31 -38.52
C LYS E 19 -47.11 21.06 -39.96
N VAL E 20 -45.93 20.52 -40.14
CA VAL E 20 -45.36 20.27 -41.45
C VAL E 20 -45.12 18.77 -41.55
N SER E 21 -45.43 18.17 -42.68
CA SER E 21 -45.20 16.73 -42.77
C SER E 21 -44.65 16.30 -44.09
N CYS E 22 -44.05 15.11 -44.09
CA CYS E 22 -43.53 14.51 -45.29
C CYS E 22 -43.96 13.07 -45.44
N LYS E 23 -44.41 12.70 -46.63
CA LYS E 23 -44.75 11.32 -46.84
C LYS E 23 -43.58 10.59 -47.45
N ALA E 24 -43.17 9.50 -46.84
CA ALA E 24 -42.07 8.72 -47.36
C ALA E 24 -42.61 7.56 -48.15
N SER E 25 -42.11 7.35 -49.35
CA SER E 25 -42.61 6.21 -50.09
C SER E 25 -41.54 5.53 -50.95
N GLY E 26 -41.84 4.28 -51.33
CA GLY E 26 -40.95 3.48 -52.18
C GLY E 26 -40.15 2.41 -51.44
N ASP E 27 -40.12 2.48 -50.12
CA ASP E 27 -39.40 1.51 -49.30
C ASP E 27 -40.00 1.44 -47.90
N THR E 28 -39.45 0.57 -47.08
CA THR E 28 -39.89 0.41 -45.70
C THR E 28 -39.60 1.65 -44.89
N PHE E 29 -40.62 2.18 -44.24
CA PHE E 29 -40.49 3.40 -43.46
C PHE E 29 -39.49 3.26 -42.33
N ILE E 30 -39.58 2.14 -41.65
CA ILE E 30 -38.77 1.84 -40.47
C ILE E 30 -37.28 1.76 -40.77
N ARG E 31 -36.90 1.58 -42.01
CA ARG E 31 -35.50 1.47 -42.29
C ARG E 31 -34.88 2.83 -42.58
N TYR E 32 -35.67 3.89 -42.50
CA TYR E 32 -35.08 5.20 -42.76
C TYR E 32 -35.14 6.08 -41.55
N SER E 33 -34.05 6.80 -41.33
CA SER E 33 -34.01 7.78 -40.25
C SER E 33 -34.32 9.09 -40.87
N PHE E 34 -34.98 9.98 -40.14
CA PHE E 34 -35.31 11.25 -40.78
C PHE E 34 -34.91 12.47 -39.99
N THR E 35 -34.56 13.50 -40.72
CA THR E 35 -34.20 14.78 -40.16
C THR E 35 -34.98 15.90 -40.75
N TRP E 36 -34.97 17.01 -40.03
CA TRP E 36 -35.55 18.23 -40.55
C TRP E 36 -34.52 19.34 -40.61
N VAL E 37 -34.62 20.08 -41.72
CA VAL E 37 -33.79 21.23 -42.08
C VAL E 37 -34.62 22.48 -42.36
N ARG E 38 -34.15 23.61 -41.83
CA ARG E 38 -34.78 24.91 -41.99
C ARG E 38 -34.00 25.86 -42.89
N GLN E 39 -34.43 26.02 -44.13
CA GLN E 39 -33.71 26.89 -45.03
C GLN E 39 -34.26 28.30 -44.96
N ALA E 40 -33.88 29.01 -43.91
CA ALA E 40 -34.32 30.38 -43.74
C ALA E 40 -33.71 31.20 -44.88
N PRO E 41 -34.37 32.21 -45.45
CA PRO E 41 -33.81 33.01 -46.51
C PRO E 41 -32.52 33.63 -46.08
N GLY E 42 -31.50 33.54 -46.92
CA GLY E 42 -30.20 34.14 -46.65
C GLY E 42 -29.31 33.30 -45.73
N GLN E 43 -29.81 32.17 -45.27
CA GLN E 43 -29.09 31.30 -44.35
C GLN E 43 -28.65 30.01 -44.97
N GLY E 44 -27.95 29.18 -44.18
CA GLY E 44 -27.53 27.87 -44.64
C GLY E 44 -28.57 26.83 -44.22
N LEU E 45 -28.19 25.57 -44.25
CA LEU E 45 -29.12 24.49 -43.97
C LEU E 45 -29.26 24.22 -42.49
N GLU E 46 -29.90 25.12 -41.76
CA GLU E 46 -29.97 24.91 -40.31
C GLU E 46 -30.60 23.56 -39.96
N TRP E 47 -29.92 22.78 -39.11
CA TRP E 47 -30.45 21.49 -38.69
C TRP E 47 -31.39 21.70 -37.53
N MET E 48 -32.57 21.08 -37.57
CA MET E 48 -33.50 21.25 -36.46
C MET E 48 -33.48 20.05 -35.54
N GLY E 49 -33.38 18.88 -36.15
CA GLY E 49 -33.46 17.65 -35.36
C GLY E 49 -33.56 16.38 -36.19
N ARG E 50 -33.51 15.24 -35.48
CA ARG E 50 -33.60 13.91 -36.07
C ARG E 50 -34.48 12.96 -35.29
N ILE E 51 -35.21 12.10 -36.01
CA ILE E 51 -36.02 11.05 -35.43
C ILE E 51 -35.58 9.66 -35.86
N ILE E 52 -35.53 8.78 -34.88
CA ILE E 52 -35.18 7.39 -35.08
C ILE E 52 -36.49 6.64 -35.04
N THR E 53 -36.75 5.85 -36.06
CA THR E 53 -38.04 5.18 -36.18
C THR E 53 -38.19 3.81 -35.49
N ILE E 54 -37.11 3.16 -35.08
CA ILE E 54 -37.27 1.91 -34.35
C ILE E 54 -37.41 2.22 -32.89
N LEU E 55 -36.49 2.99 -32.40
CA LEU E 55 -36.58 3.45 -31.05
C LEU E 55 -37.18 4.77 -31.28
N ASP E 56 -38.42 4.96 -30.90
CA ASP E 56 -39.07 6.19 -31.30
C ASP E 56 -38.63 7.31 -30.41
N VAL E 57 -37.49 7.86 -30.79
CA VAL E 57 -36.85 8.89 -30.04
C VAL E 57 -36.46 9.99 -30.99
N ALA E 58 -36.24 11.18 -30.48
CA ALA E 58 -35.79 12.24 -31.35
C ALA E 58 -34.89 13.16 -30.58
N HIS E 59 -34.03 13.82 -31.31
CA HIS E 59 -33.12 14.75 -30.72
C HIS E 59 -33.20 16.05 -31.47
N TYR E 60 -33.06 17.15 -30.73
CA TYR E 60 -33.23 18.45 -31.36
C TYR E 60 -32.09 19.40 -31.08
N ALA E 61 -31.89 20.33 -31.99
CA ALA E 61 -30.90 21.36 -31.77
C ALA E 61 -31.29 22.10 -30.50
N PRO E 62 -30.37 22.41 -29.56
CA PRO E 62 -30.64 23.03 -28.27
C PRO E 62 -31.55 24.25 -28.24
N HIS E 63 -31.45 25.13 -29.23
CA HIS E 63 -32.30 26.31 -29.18
C HIS E 63 -33.76 26.07 -29.50
N LEU E 64 -34.06 24.90 -30.03
CA LEU E 64 -35.42 24.57 -30.35
C LEU E 64 -35.97 23.52 -29.40
N GLN E 65 -35.24 23.13 -28.35
CA GLN E 65 -35.77 22.02 -27.56
C GLN E 65 -37.12 22.30 -26.91
N GLY E 66 -37.40 23.55 -26.56
CA GLY E 66 -38.70 23.85 -25.97
C GLY E 66 -39.73 24.23 -27.04
N ARG E 67 -39.32 24.21 -28.31
CA ARG E 67 -40.17 24.62 -29.42
C ARG E 67 -40.51 23.55 -30.46
N VAL E 68 -39.63 22.57 -30.67
CA VAL E 68 -39.89 21.64 -31.75
C VAL E 68 -40.10 20.20 -31.31
N THR E 69 -41.11 19.58 -31.92
CA THR E 69 -41.38 18.17 -31.74
C THR E 69 -41.33 17.45 -33.08
N ILE E 70 -40.58 16.36 -33.14
CA ILE E 70 -40.53 15.55 -34.34
C ILE E 70 -41.10 14.19 -34.01
N THR E 71 -42.11 13.80 -34.77
CA THR E 71 -42.77 12.52 -34.57
C THR E 71 -43.03 11.83 -35.88
N ALA E 72 -43.67 10.68 -35.83
CA ALA E 72 -43.97 9.95 -37.05
C ALA E 72 -45.17 9.04 -36.88
N ASP E 73 -45.83 8.78 -38.00
CA ASP E 73 -46.93 7.83 -38.04
C ASP E 73 -46.50 6.65 -38.89
N LYS E 74 -46.19 5.56 -38.21
CA LYS E 74 -45.64 4.38 -38.82
C LYS E 74 -46.61 3.71 -39.78
N SER E 75 -47.91 3.99 -39.65
CA SER E 75 -48.89 3.34 -40.50
C SER E 75 -49.12 4.08 -41.81
N THR E 76 -48.68 5.34 -41.90
CA THR E 76 -48.91 6.16 -43.09
C THR E 76 -47.60 6.62 -43.68
N SER E 77 -46.51 6.06 -43.17
CA SER E 77 -45.14 6.38 -43.55
C SER E 77 -44.94 7.88 -43.55
N THR E 78 -45.42 8.54 -42.53
CA THR E 78 -45.33 10.00 -42.52
C THR E 78 -44.55 10.57 -41.36
N VAL E 79 -43.66 11.49 -41.70
CA VAL E 79 -42.83 12.18 -40.73
C VAL E 79 -43.46 13.51 -40.41
N TYR E 80 -43.58 13.85 -39.14
CA TYR E 80 -44.20 15.11 -38.79
C TYR E 80 -43.33 16.02 -37.95
N LEU E 81 -43.45 17.30 -38.22
CA LEU E 81 -42.79 18.35 -37.49
C LEU E 81 -43.76 19.34 -36.92
N GLU E 82 -43.69 19.60 -35.63
CA GLU E 82 -44.51 20.68 -35.12
C GLU E 82 -43.61 21.69 -34.46
N LEU E 83 -43.68 22.91 -34.95
CA LEU E 83 -42.87 23.97 -34.39
C LEU E 83 -43.79 25.00 -33.78
N ARG E 84 -43.58 25.28 -32.49
CA ARG E 84 -44.45 26.23 -31.78
C ARG E 84 -43.76 27.54 -31.47
N ASN E 85 -44.58 28.51 -31.02
CA ASN E 85 -44.10 29.84 -30.70
C ASN E 85 -43.39 30.47 -31.89
N LEU E 86 -44.02 30.43 -33.05
CA LEU E 86 -43.41 30.95 -34.26
C LEU E 86 -43.11 32.42 -34.19
N ARG E 87 -41.99 32.76 -34.82
CA ARG E 87 -41.46 34.11 -34.94
C ARG E 87 -41.13 34.36 -36.40
N SER E 88 -40.93 35.60 -36.81
CA SER E 88 -40.56 35.87 -38.22
C SER E 88 -39.20 35.30 -38.57
N ASP E 89 -38.41 35.02 -37.54
CA ASP E 89 -37.07 34.44 -37.63
C ASP E 89 -37.14 33.01 -38.15
N ASP E 90 -38.33 32.42 -38.09
CA ASP E 90 -38.55 31.06 -38.48
C ASP E 90 -39.03 30.98 -39.92
N THR E 91 -39.07 32.12 -40.63
CA THR E 91 -39.48 32.03 -42.00
C THR E 91 -38.46 31.17 -42.68
N ALA E 92 -38.90 30.12 -43.34
CA ALA E 92 -37.97 29.22 -43.98
C ALA E 92 -38.65 28.24 -44.85
N VAL E 93 -37.87 27.61 -45.70
CA VAL E 93 -38.39 26.47 -46.38
C VAL E 93 -37.99 25.26 -45.54
N TYR E 94 -38.97 24.52 -45.08
CA TYR E 94 -38.70 23.40 -44.22
C TYR E 94 -38.75 22.11 -44.97
N PHE E 95 -37.89 21.19 -44.61
CA PHE E 95 -37.96 19.91 -45.28
C PHE E 95 -37.37 18.73 -44.59
N CYS E 96 -37.89 17.60 -45.03
CA CYS E 96 -37.42 16.32 -44.56
C CYS E 96 -36.30 15.81 -45.37
N ALA E 97 -35.50 15.02 -44.71
CA ALA E 97 -34.44 14.33 -45.36
C ALA E 97 -34.16 13.05 -44.63
N GLY E 98 -33.56 12.08 -45.29
CA GLY E 98 -33.22 10.88 -44.54
C GLY E 98 -32.18 9.96 -45.14
N VAL E 99 -31.94 8.88 -44.41
CA VAL E 99 -30.96 7.87 -44.78
C VAL E 99 -31.45 6.44 -44.67
N TYR E 100 -30.83 5.54 -45.41
CA TYR E 100 -31.14 4.12 -45.31
C TYR E 100 -30.27 3.42 -44.30
N GLU E 101 -30.91 2.75 -43.35
CA GLU E 101 -30.29 2.00 -42.28
C GLU E 101 -30.35 0.51 -42.59
N GLY E 102 -29.19 -0.11 -42.79
CA GLY E 102 -29.19 -1.49 -43.24
C GLY E 102 -29.85 -2.43 -42.28
N GLU E 103 -30.90 -3.11 -42.76
CA GLU E 103 -31.62 -4.10 -41.98
C GLU E 103 -31.94 -3.59 -40.59
N ALA E 104 -32.37 -2.34 -40.51
CA ALA E 104 -32.70 -1.76 -39.22
C ALA E 104 -33.78 -2.57 -38.51
N ASP E 105 -34.69 -3.15 -39.26
CA ASP E 105 -35.81 -3.93 -38.73
C ASP E 105 -35.35 -5.10 -37.86
N GLU E 106 -34.17 -5.63 -38.18
CA GLU E 106 -33.63 -6.80 -37.52
C GLU E 106 -32.62 -6.43 -36.45
N GLY E 107 -32.49 -5.12 -36.17
CA GLY E 107 -31.55 -4.64 -35.18
C GLY E 107 -30.17 -4.27 -35.71
N GLU E 108 -30.01 -4.11 -37.02
CA GLU E 108 -28.72 -3.76 -37.62
C GLU E 108 -28.53 -2.27 -37.90
N TYR E 109 -29.40 -1.44 -37.37
CA TYR E 109 -29.41 0.00 -37.58
C TYR E 109 -28.00 0.64 -37.46
N ASP E 110 -27.61 1.46 -38.50
CA ASP E 110 -26.29 2.12 -38.66
C ASP E 110 -26.16 3.47 -37.96
N ASN E 111 -27.28 4.17 -37.82
CA ASN E 111 -27.39 5.51 -37.23
C ASN E 111 -26.65 6.62 -38.00
N ASN E 112 -26.84 6.65 -39.32
CA ASN E 112 -26.19 7.66 -40.18
C ASN E 112 -26.84 9.04 -40.20
N GLY E 113 -26.02 10.09 -40.28
CA GLY E 113 -26.55 11.46 -40.43
C GLY E 113 -26.30 12.02 -41.84
N PHE E 114 -25.82 11.18 -42.74
CA PHE E 114 -25.42 11.58 -44.08
C PHE E 114 -26.61 11.51 -45.01
N LEU E 115 -27.29 12.62 -45.19
CA LEU E 115 -28.61 12.63 -45.82
C LEU E 115 -28.62 12.49 -47.32
N LYS E 116 -29.35 11.49 -47.81
CA LYS E 116 -29.40 11.19 -49.23
C LYS E 116 -30.73 11.50 -49.87
N HIS E 117 -31.78 11.33 -49.10
CA HIS E 117 -33.12 11.49 -49.62
C HIS E 117 -33.66 12.79 -49.12
N TRP E 118 -34.05 13.68 -50.02
CA TRP E 118 -34.54 15.00 -49.62
C TRP E 118 -35.87 15.34 -50.26
N GLY E 119 -36.73 16.05 -49.53
CA GLY E 119 -38.00 16.51 -50.10
C GLY E 119 -37.78 17.80 -50.89
N GLN E 120 -38.83 18.31 -51.54
CA GLN E 120 -38.71 19.52 -52.36
C GLN E 120 -38.73 20.86 -51.60
N GLY E 121 -39.11 20.86 -50.35
CA GLY E 121 -39.20 22.08 -49.55
C GLY E 121 -40.61 22.65 -49.33
N THR E 122 -40.97 22.89 -48.06
CA THR E 122 -42.26 23.46 -47.67
C THR E 122 -42.06 24.88 -47.18
N LEU E 123 -42.66 25.84 -47.84
CA LEU E 123 -42.44 27.20 -47.35
C LEU E 123 -43.40 27.59 -46.25
N VAL E 124 -42.83 28.03 -45.13
CA VAL E 124 -43.59 28.51 -44.01
C VAL E 124 -43.16 29.93 -43.69
N THR E 125 -44.14 30.82 -43.64
CA THR E 125 -43.89 32.24 -43.37
C THR E 125 -44.79 32.70 -42.24
N VAL E 126 -44.67 33.95 -41.84
CA VAL E 126 -45.53 34.45 -40.80
C VAL E 126 -46.28 35.70 -41.25
N THR E 127 -47.34 36.04 -40.52
CA THR E 127 -48.14 37.22 -40.84
C THR E 127 -48.78 37.88 -39.61
N ALA F 37 -35.41 -5.10 53.55
CA ALA F 37 -35.96 -3.75 53.57
C ALA F 37 -34.84 -2.76 53.72
N LYS F 38 -33.66 -3.28 53.91
CA LYS F 38 -32.47 -2.46 54.04
C LYS F 38 -31.93 -2.18 52.67
N LYS F 39 -31.27 -1.04 52.51
CA LYS F 39 -30.64 -0.77 51.26
C LYS F 39 -29.22 -1.32 51.35
N TRP F 40 -28.80 -2.03 50.31
CA TRP F 40 -27.47 -2.68 50.24
C TRP F 40 -26.67 -2.15 49.06
N VAL F 41 -25.35 -2.17 49.16
CA VAL F 41 -24.52 -1.68 48.06
C VAL F 41 -24.37 -2.67 46.90
N THR F 42 -24.66 -2.25 45.69
CA THR F 42 -24.46 -3.11 44.52
C THR F 42 -23.53 -2.58 43.49
N VAL F 43 -22.59 -3.41 43.12
CA VAL F 43 -21.62 -3.09 42.11
C VAL F 43 -22.11 -3.50 40.72
N TYR F 44 -22.10 -2.55 39.79
CA TYR F 44 -22.53 -2.77 38.42
C TYR F 44 -21.42 -2.50 37.44
N TYR F 45 -21.27 -3.36 36.44
CA TYR F 45 -20.24 -3.10 35.45
C TYR F 45 -20.88 -2.93 34.08
N GLY F 46 -20.48 -1.89 33.37
CA GLY F 46 -21.02 -1.62 32.04
C GLY F 46 -21.97 -0.45 32.11
N VAL F 47 -21.82 0.35 33.14
CA VAL F 47 -22.61 1.51 33.38
C VAL F 47 -22.28 2.61 32.38
N PRO F 48 -23.25 3.17 31.64
CA PRO F 48 -23.02 4.15 30.58
C PRO F 48 -22.70 5.55 31.07
N VAL F 49 -21.57 5.66 31.73
CA VAL F 49 -21.07 6.90 32.32
C VAL F 49 -19.71 7.29 31.82
N TRP F 50 -19.57 8.55 31.47
CA TRP F 50 -18.32 9.08 31.00
C TRP F 50 -17.88 10.31 31.76
N LYS F 51 -16.58 10.51 31.73
CA LYS F 51 -15.92 11.64 32.36
C LYS F 51 -15.00 12.36 31.39
N GLU F 52 -14.74 13.61 31.67
CA GLU F 52 -13.82 14.38 30.86
C GLU F 52 -12.45 13.78 30.88
N ALA F 53 -11.78 13.78 29.76
CA ALA F 53 -10.44 13.25 29.75
C ALA F 53 -9.57 13.94 28.75
N THR F 54 -8.27 13.92 29.01
CA THR F 54 -7.36 14.50 28.06
C THR F 54 -6.44 13.43 27.53
N THR F 55 -6.45 13.29 26.24
CA THR F 55 -5.60 12.32 25.58
C THR F 55 -5.02 12.98 24.40
N THR F 56 -4.11 12.30 23.74
CA THR F 56 -3.53 12.82 22.52
C THR F 56 -4.35 12.36 21.36
N LEU F 57 -4.79 13.28 20.54
CA LEU F 57 -5.61 12.98 19.38
C LEU F 57 -4.72 12.78 18.20
N PHE F 58 -5.20 12.03 17.24
CA PHE F 58 -4.43 11.85 16.02
C PHE F 58 -5.19 12.59 14.98
N CYS F 59 -4.70 12.62 13.77
CA CYS F 59 -5.43 13.38 12.78
C CYS F 59 -5.49 12.66 11.46
N ALA F 60 -6.41 13.13 10.64
CA ALA F 60 -6.60 12.60 9.33
C ALA F 60 -6.88 13.72 8.35
N SER F 61 -6.45 13.55 7.12
CA SER F 61 -6.76 14.57 6.13
C SER F 61 -6.70 14.04 4.72
N ASP F 62 -7.37 14.73 3.80
CA ASP F 62 -7.29 14.35 2.40
C ASP F 62 -6.09 14.99 1.73
N ALA F 63 -4.91 14.53 2.13
CA ALA F 63 -3.67 15.01 1.57
C ALA F 63 -3.39 14.25 0.30
N LYS F 64 -2.71 14.87 -0.64
CA LYS F 64 -2.37 14.16 -1.87
C LYS F 64 -0.94 13.66 -1.82
N ALA F 65 -0.11 14.39 -1.08
CA ALA F 65 1.30 14.11 -0.84
C ALA F 65 2.24 14.20 -2.04
N TYR F 66 1.78 14.67 -3.18
CA TYR F 66 2.66 14.83 -4.34
C TYR F 66 2.66 16.25 -4.88
N ASP F 67 1.95 17.15 -4.21
CA ASP F 67 1.82 18.52 -4.71
C ASP F 67 2.95 19.44 -4.30
N THR F 68 3.85 19.00 -3.43
CA THR F 68 5.04 19.73 -2.89
C THR F 68 4.68 20.87 -1.94
N GLU F 69 3.42 21.24 -1.94
CA GLU F 69 2.82 22.26 -1.11
C GLU F 69 3.01 21.85 0.34
N VAL F 70 3.26 22.83 1.20
CA VAL F 70 3.55 22.56 2.58
C VAL F 70 2.56 21.75 3.37
N HIS F 71 1.27 22.01 3.24
CA HIS F 71 0.37 21.27 4.07
C HIS F 71 0.26 19.85 3.59
N ASN F 72 0.33 19.64 2.27
CA ASN F 72 0.28 18.26 1.78
C ASN F 72 1.52 17.50 2.20
N VAL F 73 2.66 18.17 2.24
CA VAL F 73 3.87 17.51 2.66
C VAL F 73 3.82 17.19 4.14
N TRP F 74 3.39 18.14 4.95
CA TRP F 74 3.28 17.90 6.38
C TRP F 74 2.30 16.79 6.66
N ALA F 75 1.12 16.89 6.07
CA ALA F 75 0.06 15.95 6.30
C ALA F 75 0.49 14.55 5.93
N THR F 76 1.30 14.42 4.88
CA THR F 76 1.76 13.12 4.44
C THR F 76 2.34 12.29 5.57
N HIS F 77 3.09 12.91 6.48
CA HIS F 77 3.71 12.16 7.54
C HIS F 77 3.20 12.57 8.91
N ALA F 78 2.03 13.17 8.95
CA ALA F 78 1.43 13.60 10.20
C ALA F 78 0.06 12.99 10.40
N CYS F 79 -0.74 13.01 9.35
CA CYS F 79 -2.13 12.59 9.39
C CYS F 79 -2.36 11.37 8.54
N VAL F 80 -3.39 10.62 8.87
CA VAL F 80 -3.76 9.44 8.12
C VAL F 80 -4.86 9.84 7.11
N PRO F 81 -5.24 8.99 6.15
CA PRO F 81 -6.36 9.20 5.25
C PRO F 81 -7.61 9.31 6.09
N THR F 82 -8.63 10.01 5.63
CA THR F 82 -9.83 10.14 6.43
C THR F 82 -10.65 8.87 6.43
N ASP F 83 -11.58 8.80 7.37
CA ASP F 83 -12.46 7.66 7.54
C ASP F 83 -13.40 7.55 6.34
N PRO F 84 -13.37 6.46 5.55
CA PRO F 84 -14.17 6.26 4.36
C PRO F 84 -15.66 6.13 4.67
N ASN F 85 -16.00 5.87 5.93
CA ASN F 85 -17.40 5.69 6.31
C ASN F 85 -17.63 6.08 7.76
N PRO F 86 -17.57 7.37 8.10
CA PRO F 86 -17.67 7.88 9.44
C PRO F 86 -19.08 7.66 9.92
N GLN F 87 -19.26 7.55 11.22
CA GLN F 87 -20.58 7.38 11.81
C GLN F 87 -20.79 8.32 12.98
N GLU F 88 -22.05 8.69 13.19
CA GLU F 88 -22.44 9.54 14.29
C GLU F 88 -23.66 9.01 15.00
N ILE F 89 -23.60 8.91 16.31
CA ILE F 89 -24.74 8.39 17.05
C ILE F 89 -25.36 9.40 17.98
N VAL F 90 -26.63 9.70 17.80
CA VAL F 90 -27.28 10.68 18.65
C VAL F 90 -27.69 10.03 19.96
N LEU F 91 -27.38 10.69 21.07
CA LEU F 91 -27.74 10.16 22.37
C LEU F 91 -29.05 10.80 22.83
N GLY F 92 -30.09 10.01 22.95
CA GLY F 92 -31.34 10.67 23.30
C GLY F 92 -31.33 11.15 24.73
N ASN F 93 -31.94 12.31 24.96
CA ASN F 93 -32.12 12.88 26.27
C ASN F 93 -30.85 12.96 27.11
N VAL F 94 -29.75 13.38 26.49
CA VAL F 94 -28.50 13.56 27.20
C VAL F 94 -28.14 15.02 27.25
N THR F 95 -27.93 15.54 28.45
CA THR F 95 -27.52 16.92 28.60
C THR F 95 -26.08 16.91 29.03
N GLU F 96 -25.24 17.65 28.32
CA GLU F 96 -23.82 17.67 28.58
C GLU F 96 -23.28 19.09 28.69
N ASN F 97 -22.47 19.35 29.70
CA ASN F 97 -21.88 20.67 29.84
C ASN F 97 -20.62 20.85 29.04
N PHE F 98 -20.67 21.77 28.09
CA PHE F 98 -19.54 22.02 27.23
C PHE F 98 -18.93 23.34 27.59
N ASN F 99 -17.61 23.47 27.47
CA ASN F 99 -16.97 24.76 27.73
C ASN F 99 -15.84 24.95 26.76
N MET F 100 -16.06 25.80 25.77
CA MET F 100 -15.09 25.99 24.72
C MET F 100 -13.84 26.68 25.19
N TRP F 101 -13.87 27.33 26.34
CA TRP F 101 -12.70 28.05 26.78
C TRP F 101 -11.80 27.23 27.69
N LYS F 102 -12.20 25.98 27.95
CA LYS F 102 -11.44 25.06 28.79
C LYS F 102 -11.17 23.77 28.03
N ASN F 103 -11.30 23.85 26.72
CA ASN F 103 -11.19 22.70 25.85
C ASN F 103 -9.75 22.39 25.45
N ASN F 104 -9.21 21.28 25.93
CA ASN F 104 -7.80 20.94 25.69
C ASN F 104 -7.49 20.53 24.26
N MET F 105 -8.51 20.34 23.44
CA MET F 105 -8.31 19.96 22.05
C MET F 105 -7.62 21.12 21.34
N VAL F 106 -7.79 22.30 21.90
CA VAL F 106 -7.22 23.51 21.39
C VAL F 106 -5.74 23.50 21.54
N GLU F 107 -5.23 22.97 22.66
CA GLU F 107 -3.82 23.02 22.89
C GLU F 107 -3.15 22.10 21.92
N GLN F 108 -3.77 20.98 21.63
CA GLN F 108 -3.13 20.11 20.68
C GLN F 108 -3.14 20.70 19.31
N MET F 109 -4.22 21.34 18.90
CA MET F 109 -4.19 21.89 17.57
C MET F 109 -3.15 23.00 17.50
N HIS F 110 -3.02 23.79 18.58
CA HIS F 110 -2.07 24.87 18.61
C HIS F 110 -0.68 24.32 18.41
N GLU F 111 -0.33 23.27 19.14
CA GLU F 111 1.01 22.73 18.99
C GLU F 111 1.24 22.09 17.63
N ASP F 112 0.24 21.42 17.05
CA ASP F 112 0.47 20.82 15.75
C ASP F 112 0.75 21.87 14.69
N ILE F 113 0.01 22.98 14.75
CA ILE F 113 0.19 24.02 13.76
C ILE F 113 1.51 24.69 13.95
N ILE F 114 1.95 24.93 15.18
CA ILE F 114 3.25 25.53 15.31
C ILE F 114 4.29 24.66 14.67
N SER F 115 4.24 23.34 14.91
CA SER F 115 5.24 22.50 14.29
C SER F 115 5.14 22.55 12.77
N LEU F 116 3.93 22.58 12.24
CA LEU F 116 3.75 22.63 10.80
C LEU F 116 4.45 23.84 10.24
N TRP F 117 4.26 24.99 10.86
CA TRP F 117 4.89 26.21 10.40
C TRP F 117 6.40 26.19 10.54
N ASP F 118 6.92 25.72 11.68
CA ASP F 118 8.37 25.75 11.89
C ASP F 118 9.12 24.79 10.97
N GLN F 119 8.45 23.74 10.51
CA GLN F 119 9.01 22.78 9.58
C GLN F 119 8.87 23.20 8.12
N SER F 120 8.25 24.34 7.87
CA SER F 120 7.95 24.80 6.54
C SER F 120 8.34 26.24 6.22
N LEU F 121 7.61 27.18 6.79
CA LEU F 121 7.85 28.58 6.47
C LEU F 121 8.96 29.11 7.32
N LYS F 122 10.15 28.68 6.96
CA LYS F 122 11.34 29.01 7.69
C LYS F 122 11.82 30.41 7.33
N PRO F 123 12.07 31.28 8.31
CA PRO F 123 12.58 32.61 8.15
C PRO F 123 14.04 32.54 7.86
N CYS F 124 14.55 33.56 7.24
CA CYS F 124 15.96 33.69 6.99
C CYS F 124 16.70 34.00 8.28
N VAL F 125 16.13 34.89 9.06
CA VAL F 125 16.70 35.22 10.37
C VAL F 125 15.64 35.07 11.43
N LYS F 126 15.90 34.25 12.43
CA LYS F 126 14.94 34.09 13.51
C LYS F 126 15.60 34.57 14.78
N LEU F 127 15.06 35.64 15.36
CA LEU F 127 15.66 36.25 16.52
C LEU F 127 14.72 36.19 17.71
N THR F 128 15.11 35.47 18.77
CA THR F 128 14.26 35.35 19.94
C THR F 128 15.03 35.68 21.21
N PRO F 129 14.40 36.18 22.28
CA PRO F 129 15.02 36.43 23.55
C PRO F 129 15.31 35.15 24.27
N LEU F 130 16.34 35.18 25.11
CA LEU F 130 16.68 34.09 26.00
C LEU F 130 17.06 34.63 27.36
N CYS F 131 16.22 34.36 28.35
CA CYS F 131 16.40 34.91 29.68
C CYS F 131 16.76 33.82 30.67
N CYS F 212 18.56 38.34 29.60
CA CYS F 212 17.76 38.36 28.39
C CYS F 212 18.58 38.73 27.17
N ASN F 213 19.31 37.76 26.67
CA ASN F 213 20.17 37.90 25.50
C ASN F 213 19.38 37.43 24.30
N THR F 214 19.97 37.47 23.11
CA THR F 214 19.21 36.97 21.98
C THR F 214 19.85 35.77 21.35
N SER F 215 19.00 34.85 20.94
CA SER F 215 19.38 33.65 20.25
C SER F 215 19.04 33.81 18.78
N VAL F 216 20.04 33.69 17.92
CA VAL F 216 19.80 33.92 16.50
C VAL F 216 20.13 32.79 15.58
N ILE F 217 19.16 32.44 14.75
CA ILE F 217 19.31 31.41 13.75
C ILE F 217 19.31 31.96 12.35
N THR F 218 20.34 31.63 11.58
CA THR F 218 20.39 32.08 10.19
C THR F 218 20.25 30.83 9.31
N GLN F 219 19.30 30.85 8.39
CA GLN F 219 19.05 29.70 7.53
C GLN F 219 18.41 30.13 6.23
N ALA F 220 18.37 29.27 5.22
CA ALA F 220 17.74 29.58 3.93
C ALA F 220 16.24 29.75 3.96
N CYS F 221 15.76 30.62 3.06
CA CYS F 221 14.33 30.85 2.82
C CYS F 221 13.88 30.45 1.43
N PRO F 222 13.70 29.17 1.12
CA PRO F 222 13.23 28.77 -0.16
C PRO F 222 11.79 29.22 -0.18
N LYS F 223 11.25 29.53 -1.33
CA LYS F 223 9.83 29.84 -1.34
C LYS F 223 9.10 28.55 -1.53
N VAL F 224 7.97 28.42 -0.86
CA VAL F 224 7.18 27.22 -1.00
C VAL F 224 5.74 27.56 -1.25
N SER F 225 5.00 26.64 -1.85
CA SER F 225 3.58 26.84 -1.99
C SER F 225 2.97 26.68 -0.61
N PHE F 226 1.98 27.49 -0.28
CA PHE F 226 1.38 27.37 1.05
C PHE F 226 -0.10 27.69 1.05
N GLU F 227 -0.88 26.61 1.21
CA GLU F 227 -2.34 26.61 1.22
C GLU F 227 -2.88 25.53 2.19
N PRO F 228 -3.79 25.84 3.12
CA PRO F 228 -4.32 24.90 4.11
C PRO F 228 -5.19 23.76 3.58
N ILE F 229 -5.13 22.64 4.30
CA ILE F 229 -5.92 21.43 4.08
C ILE F 229 -6.73 21.25 5.33
N PRO F 230 -8.04 21.03 5.29
CA PRO F 230 -8.80 20.83 6.47
C PRO F 230 -8.32 19.59 7.18
N ILE F 231 -8.04 19.69 8.46
CA ILE F 231 -7.55 18.57 9.25
C ILE F 231 -8.60 18.07 10.22
N HIS F 232 -8.83 16.78 10.23
CA HIS F 232 -9.82 16.18 11.13
C HIS F 232 -9.13 15.63 12.34
N TYR F 233 -9.59 15.94 13.55
CA TYR F 233 -8.97 15.34 14.72
C TYR F 233 -9.76 14.14 15.13
N CYS F 234 -9.05 13.06 15.45
CA CYS F 234 -9.73 11.82 15.78
C CYS F 234 -9.32 11.22 17.11
N ALA F 235 -10.31 10.68 17.83
CA ALA F 235 -10.03 10.05 19.10
C ALA F 235 -9.28 8.72 18.94
N PRO F 236 -8.29 8.42 19.79
CA PRO F 236 -7.56 7.19 19.85
C PRO F 236 -8.43 6.14 20.50
N ALA F 237 -8.06 4.88 20.36
CA ALA F 237 -8.82 3.82 21.00
C ALA F 237 -8.96 4.07 22.48
N GLY F 238 -10.17 3.86 22.98
CA GLY F 238 -10.50 4.05 24.39
C GLY F 238 -11.18 5.40 24.64
N PHE F 239 -11.17 6.28 23.65
CA PHE F 239 -11.76 7.60 23.78
C PHE F 239 -12.82 7.89 22.75
N ALA F 240 -13.68 8.85 23.08
CA ALA F 240 -14.73 9.26 22.14
C ALA F 240 -14.93 10.74 22.21
N ILE F 241 -15.46 11.32 21.14
CA ILE F 241 -15.71 12.75 21.12
C ILE F 241 -17.19 13.06 21.11
N LEU F 242 -17.61 13.88 22.04
CA LEU F 242 -19.00 14.27 22.06
C LEU F 242 -19.13 15.55 21.31
N LYS F 243 -20.15 15.64 20.50
CA LYS F 243 -20.41 16.83 19.72
C LYS F 243 -21.70 17.48 20.09
N CYS F 244 -21.66 18.79 20.30
CA CYS F 244 -22.88 19.52 20.61
C CYS F 244 -23.55 19.96 19.33
N ASN F 245 -24.78 19.50 19.12
CA ASN F 245 -25.48 19.79 17.89
C ASN F 245 -26.48 20.92 17.98
N SER F 246 -26.51 21.62 19.09
CA SER F 246 -27.43 22.74 19.18
C SER F 246 -26.97 23.83 18.25
N LYS F 247 -27.91 24.51 17.61
CA LYS F 247 -27.57 25.57 16.66
C LYS F 247 -27.39 26.91 17.34
N THR F 248 -27.71 26.95 18.63
CA THR F 248 -27.64 28.16 19.42
C THR F 248 -26.64 28.03 20.55
N PHE F 249 -25.80 27.02 20.52
CA PHE F 249 -24.86 26.83 21.60
C PHE F 249 -23.90 28.00 21.71
N ASN F 250 -23.81 28.55 22.94
CA ASN F 250 -23.06 29.77 23.19
C ASN F 250 -21.63 29.56 23.69
N GLY F 251 -21.18 28.33 23.77
CA GLY F 251 -19.83 28.06 24.20
C GLY F 251 -19.65 27.65 25.65
N SER F 252 -20.61 27.87 26.54
CA SER F 252 -20.38 27.41 27.93
C SER F 252 -21.59 26.80 28.63
N GLY F 253 -22.75 26.83 27.99
CA GLY F 253 -23.93 26.28 28.64
C GLY F 253 -24.03 24.78 28.41
N PRO F 254 -25.11 24.16 28.88
CA PRO F 254 -25.44 22.79 28.67
C PRO F 254 -25.86 22.65 27.23
N CYS F 255 -25.62 21.49 26.66
CA CYS F 255 -26.08 21.20 25.34
C CYS F 255 -27.05 20.05 25.45
N THR F 256 -28.24 20.21 24.88
CA THR F 256 -29.27 19.19 25.03
C THR F 256 -29.42 18.24 23.86
N ASN F 257 -28.58 18.41 22.86
CA ASN F 257 -28.57 17.53 21.71
C ASN F 257 -27.14 17.12 21.44
N VAL F 258 -26.76 15.97 21.94
CA VAL F 258 -25.40 15.53 21.90
C VAL F 258 -25.23 14.22 21.18
N SER F 259 -24.29 14.18 20.26
CA SER F 259 -24.00 12.97 19.51
C SER F 259 -22.56 12.54 19.68
N THR F 260 -22.29 11.28 19.44
CA THR F 260 -20.92 10.77 19.57
C THR F 260 -20.27 10.47 18.22
N VAL F 261 -19.06 10.99 18.05
CA VAL F 261 -18.27 10.78 16.83
C VAL F 261 -16.84 10.35 17.15
N GLN F 262 -16.13 9.80 16.16
CA GLN F 262 -14.71 9.58 16.38
C GLN F 262 -13.89 10.76 15.90
N CYS F 263 -14.31 11.37 14.80
CA CYS F 263 -13.55 12.47 14.22
C CYS F 263 -14.34 13.76 14.12
N THR F 264 -13.63 14.87 14.22
CA THR F 264 -14.20 16.20 14.07
C THR F 264 -14.33 16.52 12.61
N HIS F 265 -15.02 17.61 12.28
CA HIS F 265 -15.08 18.06 10.91
C HIS F 265 -13.69 18.52 10.57
N GLY F 266 -13.38 18.66 9.30
CA GLY F 266 -12.03 19.10 9.03
C GLY F 266 -11.92 20.59 9.26
N ILE F 267 -10.84 21.00 9.91
CA ILE F 267 -10.59 22.40 10.15
C ILE F 267 -9.37 22.89 9.43
N ARG F 268 -9.53 23.89 8.57
CA ARG F 268 -8.37 24.46 7.92
C ARG F 268 -7.67 25.37 8.92
N PRO F 269 -6.36 25.20 9.16
CA PRO F 269 -5.58 25.97 10.09
C PRO F 269 -5.22 27.31 9.54
N VAL F 270 -6.19 28.14 9.33
CA VAL F 270 -5.89 29.43 8.81
C VAL F 270 -5.44 30.31 9.96
N VAL F 271 -4.31 30.95 9.78
CA VAL F 271 -3.77 31.83 10.79
C VAL F 271 -3.98 33.27 10.38
N SER F 272 -4.80 34.00 11.13
CA SER F 272 -5.14 35.39 10.85
C SER F 272 -5.49 36.11 12.13
N THR F 273 -5.61 37.42 12.03
CA THR F 273 -6.02 38.28 13.12
C THR F 273 -7.19 39.11 12.64
N GLN F 274 -7.97 39.70 13.55
CA GLN F 274 -9.14 40.56 13.26
C GLN F 274 -10.31 39.85 12.58
N LEU F 275 -10.10 39.27 11.42
CA LEU F 275 -11.14 38.55 10.69
C LEU F 275 -10.72 37.12 10.49
N LEU F 276 -11.60 36.20 10.87
CA LEU F 276 -11.37 34.79 10.72
C LEU F 276 -11.74 34.43 9.32
N LEU F 277 -10.88 33.71 8.66
CA LEU F 277 -11.12 33.31 7.30
C LEU F 277 -11.33 31.83 7.16
N ASN F 278 -12.16 31.48 6.20
CA ASN F 278 -12.51 30.12 5.85
C ASN F 278 -13.06 29.36 7.06
N GLY F 279 -12.57 28.19 7.40
CA GLY F 279 -13.19 27.53 8.55
C GLY F 279 -14.68 27.27 8.25
N SER F 280 -15.59 27.61 9.19
CA SER F 280 -17.00 27.35 8.94
C SER F 280 -17.99 28.41 9.48
N LEU F 281 -19.20 28.35 8.91
CA LEU F 281 -20.33 29.22 9.22
C LEU F 281 -21.35 28.61 10.15
N ALA F 282 -22.06 29.49 10.85
CA ALA F 282 -23.16 29.16 11.76
C ALA F 282 -24.36 28.68 10.94
N GLU F 283 -25.18 27.80 11.52
CA GLU F 283 -26.32 27.24 10.81
C GLU F 283 -27.48 28.19 10.50
N GLU F 284 -27.83 29.06 11.44
CA GLU F 284 -28.99 29.94 11.23
C GLU F 284 -28.77 31.42 11.41
N GLU F 285 -28.08 31.79 12.48
CA GLU F 285 -27.97 33.17 12.90
C GLU F 285 -26.56 33.49 13.31
N ILE F 286 -26.23 34.77 13.36
CA ILE F 286 -24.92 35.10 13.85
C ILE F 286 -24.89 34.84 15.34
N VAL F 287 -23.90 34.09 15.79
CA VAL F 287 -23.82 33.77 17.20
C VAL F 287 -22.61 34.41 17.82
N ILE F 288 -22.83 35.15 18.88
CA ILE F 288 -21.74 35.83 19.53
C ILE F 288 -21.35 35.11 20.81
N ARG F 289 -20.11 34.63 20.87
CA ARG F 289 -19.65 33.84 22.00
C ARG F 289 -18.53 34.50 22.78
N SER F 290 -18.67 34.57 24.08
CA SER F 290 -17.62 35.13 24.94
C SER F 290 -17.65 34.52 26.31
N GLU F 291 -16.47 34.21 26.86
CA GLU F 291 -16.39 33.58 28.18
C GLU F 291 -17.10 34.44 29.21
N ASN F 292 -16.91 35.74 29.10
CA ASN F 292 -17.58 36.72 29.94
C ASN F 292 -17.83 37.95 29.10
N ILE F 293 -19.05 38.05 28.59
CA ILE F 293 -19.41 39.10 27.65
C ILE F 293 -19.29 40.48 28.25
N THR F 294 -19.22 40.57 29.58
CA THR F 294 -19.10 41.87 30.23
C THR F 294 -17.74 42.22 30.86
N ASP F 295 -16.65 41.42 30.75
CA ASP F 295 -15.44 41.88 31.50
C ASP F 295 -14.43 42.74 30.74
N ASN F 296 -14.67 43.01 29.47
CA ASN F 296 -13.81 43.82 28.62
C ASN F 296 -12.41 43.23 28.42
N ALA F 297 -12.21 41.96 28.74
CA ALA F 297 -10.88 41.37 28.61
C ALA F 297 -10.94 40.02 27.94
N LYS F 298 -11.94 39.81 27.12
CA LYS F 298 -12.08 38.58 26.40
C LYS F 298 -12.35 38.87 24.97
N THR F 299 -11.88 38.00 24.11
CA THR F 299 -12.15 38.12 22.71
C THR F 299 -13.55 37.64 22.50
N ILE F 300 -14.33 38.40 21.78
CA ILE F 300 -15.67 38.02 21.44
C ILE F 300 -15.61 37.40 20.09
N ILE F 301 -16.06 36.17 19.98
CA ILE F 301 -15.99 35.52 18.70
C ILE F 301 -17.34 35.56 18.06
N VAL F 302 -17.41 36.19 16.90
CA VAL F 302 -18.66 36.34 16.20
C VAL F 302 -18.66 35.41 15.03
N GLN F 303 -19.53 34.41 15.06
CA GLN F 303 -19.58 33.46 13.95
C GLN F 303 -20.69 33.83 13.02
N LEU F 304 -20.37 34.03 11.76
CA LEU F 304 -21.37 34.46 10.80
C LEU F 304 -22.10 33.28 10.24
N ASN F 305 -23.34 33.50 9.82
CA ASN F 305 -24.17 32.49 9.15
C ASN F 305 -24.16 32.62 7.63
N GLU F 306 -23.30 33.52 7.14
CA GLU F 306 -23.09 33.78 5.72
C GLU F 306 -21.68 34.29 5.57
N ALA F 307 -20.94 33.83 4.57
CA ALA F 307 -19.59 34.32 4.38
C ALA F 307 -19.57 35.60 3.58
N VAL F 308 -18.57 36.42 3.83
CA VAL F 308 -18.36 37.61 3.01
C VAL F 308 -17.07 37.44 2.23
N GLU F 309 -17.14 37.44 0.91
CA GLU F 309 -15.93 37.22 0.15
C GLU F 309 -14.98 38.39 0.21
N ILE F 310 -13.70 38.07 0.36
CA ILE F 310 -12.61 39.02 0.32
C ILE F 310 -11.58 38.57 -0.72
N ASN F 311 -11.34 39.40 -1.73
CA ASN F 311 -10.43 39.05 -2.81
C ASN F 311 -9.18 39.89 -2.80
N CYS F 312 -8.04 39.28 -2.46
CA CYS F 312 -6.80 40.02 -2.29
C CYS F 312 -5.80 39.72 -3.40
N THR F 313 -5.20 40.76 -3.93
CA THR F 313 -4.22 40.52 -4.97
C THR F 313 -3.20 41.60 -5.24
N ARG F 314 -2.12 41.14 -5.84
CA ARG F 314 -1.02 41.92 -6.38
C ARG F 314 -0.79 41.47 -7.83
N PRO F 315 -1.49 42.05 -8.82
CA PRO F 315 -1.62 41.52 -10.17
C PRO F 315 -0.49 41.68 -11.19
N ASN F 316 0.72 41.28 -10.80
CA ASN F 316 1.86 41.24 -11.73
C ASN F 316 2.10 42.51 -12.53
N ASN F 317 2.07 43.68 -11.90
CA ASN F 317 2.28 44.90 -12.66
C ASN F 317 3.02 45.90 -11.82
N ASN F 318 3.77 45.37 -10.89
CA ASN F 318 4.43 46.17 -9.91
C ASN F 318 5.87 46.56 -10.22
N THR F 319 6.28 47.67 -9.64
CA THR F 319 7.62 48.23 -9.70
C THR F 319 8.31 48.24 -8.36
N ARG F 320 9.48 48.84 -8.31
CA ARG F 320 10.24 48.92 -7.08
C ARG F 320 10.49 50.38 -6.76
N LYS F 321 10.54 50.70 -5.47
CA LYS F 321 10.82 52.08 -5.06
C LYS F 321 12.03 52.10 -4.15
N SER F 322 12.84 53.14 -4.30
CA SER F 322 14.03 53.30 -3.49
C SER F 322 14.48 54.75 -3.47
N ILE F 323 15.41 55.04 -2.58
CA ILE F 323 16.03 56.34 -2.42
C ILE F 323 17.23 56.20 -1.50
N ASN F 340 4.85 50.29 -5.73
CA ASN F 340 5.92 49.37 -5.35
C ASN F 340 5.46 47.93 -5.51
N ILE F 341 6.37 46.99 -5.22
CA ILE F 341 6.07 45.57 -5.20
C ILE F 341 5.34 45.23 -3.94
N ARG F 342 5.68 45.86 -2.85
CA ARG F 342 5.03 45.60 -1.59
C ARG F 342 3.79 46.46 -1.50
N GLN F 343 2.84 46.16 -2.36
CA GLN F 343 1.60 46.86 -2.45
C GLN F 343 0.57 45.95 -3.07
N ALA F 344 -0.52 45.79 -2.36
CA ALA F 344 -1.59 44.91 -2.77
C ALA F 344 -2.90 45.46 -2.27
N HIS F 345 -4.00 44.95 -2.79
CA HIS F 345 -5.27 45.42 -2.30
C HIS F 345 -6.27 44.31 -2.14
N CYS F 346 -7.26 44.54 -1.27
CA CYS F 346 -8.34 43.57 -1.09
C CYS F 346 -9.71 44.16 -1.30
N ASN F 347 -10.53 43.48 -2.09
CA ASN F 347 -11.89 43.93 -2.38
C ASN F 347 -12.92 43.14 -1.61
N ILE F 348 -13.75 43.87 -0.88
CA ILE F 348 -14.82 43.34 -0.05
C ILE F 348 -16.17 43.82 -0.56
N SER F 349 -17.11 42.90 -0.74
CA SER F 349 -18.41 43.36 -1.23
C SER F 349 -19.01 44.33 -0.25
N LYS F 350 -19.36 45.53 -0.71
CA LYS F 350 -19.89 46.52 0.21
C LYS F 350 -21.23 46.11 0.74
N ALA F 351 -22.06 45.59 -0.15
CA ALA F 351 -23.39 45.24 0.30
C ALA F 351 -23.34 44.14 1.31
N ARG F 352 -22.47 43.16 1.12
CA ARG F 352 -22.51 42.09 2.09
C ARG F 352 -21.94 42.57 3.41
N TRP F 353 -20.90 43.39 3.38
CA TRP F 353 -20.31 43.83 4.62
C TRP F 353 -21.29 44.64 5.44
N ASN F 354 -22.01 45.57 4.80
CA ASN F 354 -22.92 46.39 5.58
C ASN F 354 -24.10 45.56 6.10
N GLU F 355 -24.57 44.59 5.32
CA GLU F 355 -25.65 43.75 5.80
C GLU F 355 -25.19 42.94 7.00
N THR F 356 -23.94 42.46 6.91
CA THR F 356 -23.34 41.66 7.95
C THR F 356 -23.26 42.44 9.23
N LEU F 357 -22.82 43.69 9.16
CA LEU F 357 -22.76 44.47 10.38
C LEU F 357 -24.15 44.70 10.91
N GLY F 358 -25.13 44.96 10.06
CA GLY F 358 -26.45 45.20 10.61
C GLY F 358 -26.94 44.01 11.44
N GLN F 359 -26.66 42.79 10.98
CA GLN F 359 -27.07 41.62 11.74
C GLN F 359 -26.27 41.48 13.04
N ILE F 360 -24.97 41.82 13.02
CA ILE F 360 -24.14 41.75 14.21
C ILE F 360 -24.65 42.74 15.22
N VAL F 361 -24.97 43.93 14.73
CA VAL F 361 -25.48 44.97 15.58
C VAL F 361 -26.77 44.55 16.21
N ALA F 362 -27.67 43.93 15.47
CA ALA F 362 -28.89 43.50 16.10
C ALA F 362 -28.62 42.59 17.29
N LYS F 363 -27.64 41.68 17.16
CA LYS F 363 -27.36 40.82 18.30
C LYS F 363 -26.67 41.59 19.43
N LEU F 364 -25.80 42.53 19.09
CA LEU F 364 -25.15 43.31 20.12
C LEU F 364 -26.16 44.18 20.84
N GLU F 365 -27.14 44.71 20.10
CA GLU F 365 -28.18 45.54 20.67
C GLU F 365 -28.94 44.74 21.70
N GLU F 366 -29.24 43.47 21.41
CA GLU F 366 -29.97 42.69 22.40
C GLU F 366 -29.16 42.57 23.68
N GLN F 367 -27.85 42.36 23.55
CA GLN F 367 -26.98 42.26 24.72
C GLN F 367 -26.81 43.59 25.46
N PHE F 368 -26.78 44.69 24.71
CA PHE F 368 -26.58 46.02 25.25
C PHE F 368 -27.72 46.96 24.79
N PRO F 369 -28.97 46.76 25.28
CA PRO F 369 -30.22 47.36 24.80
C PRO F 369 -30.40 48.85 24.90
N ASN F 370 -29.64 49.52 25.75
CA ASN F 370 -29.83 50.96 25.86
C ASN F 370 -28.64 51.72 25.32
N LYS F 371 -27.77 51.05 24.57
CA LYS F 371 -26.57 51.73 24.11
C LYS F 371 -26.35 51.74 22.62
N THR F 372 -25.59 52.74 22.19
CA THR F 372 -25.18 52.93 20.80
C THR F 372 -24.09 51.92 20.46
N ILE F 373 -24.16 51.29 19.29
CA ILE F 373 -23.09 50.37 18.93
C ILE F 373 -22.12 51.01 17.95
N ILE F 374 -20.88 51.14 18.36
CA ILE F 374 -19.88 51.79 17.51
C ILE F 374 -18.80 50.84 17.08
N PHE F 375 -18.55 50.80 15.80
CA PHE F 375 -17.45 49.99 15.30
C PHE F 375 -16.33 50.93 14.97
N ASN F 376 -15.20 50.68 15.57
CA ASN F 376 -14.07 51.56 15.38
C ASN F 376 -12.84 50.79 14.91
N HIS F 377 -11.81 51.51 14.56
CA HIS F 377 -10.55 50.91 14.15
C HIS F 377 -9.85 50.38 15.37
N SER F 378 -8.74 49.70 15.17
CA SER F 378 -8.00 49.10 16.27
C SER F 378 -7.32 50.15 17.15
N SER F 379 -6.98 49.77 18.39
CA SER F 379 -6.42 50.73 19.36
C SER F 379 -4.92 50.94 19.41
N GLY F 380 -4.14 50.08 18.79
CA GLY F 380 -2.69 50.23 18.84
C GLY F 380 -2.02 48.95 19.27
N GLY F 381 -0.70 48.93 19.16
CA GLY F 381 0.07 47.74 19.48
C GLY F 381 0.79 47.24 18.24
N ASP F 382 1.27 46.03 18.33
CA ASP F 382 2.04 45.40 17.28
C ASP F 382 1.20 45.39 15.99
N PRO F 383 1.79 45.61 14.80
CA PRO F 383 1.14 45.62 13.50
C PRO F 383 0.25 44.43 13.22
N GLU F 384 0.59 43.27 13.73
CA GLU F 384 -0.21 42.06 13.51
C GLU F 384 -1.59 42.14 14.16
N ILE F 385 -1.74 43.04 15.11
CA ILE F 385 -2.99 43.24 15.81
C ILE F 385 -3.69 44.42 15.21
N VAL F 386 -2.92 45.46 14.95
CA VAL F 386 -3.47 46.71 14.46
C VAL F 386 -4.09 46.55 13.09
N THR F 387 -3.43 45.84 12.18
CA THR F 387 -3.93 45.58 10.84
C THR F 387 -4.38 44.15 10.76
N HIS F 388 -5.05 43.77 9.69
CA HIS F 388 -5.40 42.39 9.54
C HIS F 388 -4.12 41.73 9.10
N SER F 389 -4.08 40.42 8.94
CA SER F 389 -2.90 39.73 8.49
C SER F 389 -3.30 38.36 8.00
N PHE F 390 -2.58 37.81 7.03
CA PHE F 390 -2.85 36.45 6.58
C PHE F 390 -1.70 35.99 5.76
N ASN F 391 -1.64 34.73 5.38
CA ASN F 391 -0.51 34.33 4.57
C ASN F 391 -0.86 33.46 3.38
N CYS F 392 -0.49 33.97 2.20
CA CYS F 392 -0.67 33.25 0.94
C CYS F 392 0.70 32.90 0.39
N GLY F 393 1.05 31.63 0.29
CA GLY F 393 2.44 31.41 -0.10
C GLY F 393 3.26 32.02 1.04
N GLY F 394 4.18 32.91 0.73
CA GLY F 394 5.03 33.58 1.73
C GLY F 394 4.67 35.06 1.89
N GLU F 395 3.53 35.46 1.36
CA GLU F 395 3.07 36.84 1.37
C GLU F 395 2.19 37.10 2.57
N PHE F 396 2.59 38.01 3.48
CA PHE F 396 1.85 38.17 4.73
C PHE F 396 0.72 39.22 4.82
N PHE F 397 0.48 39.95 3.75
CA PHE F 397 -0.64 40.89 3.68
C PHE F 397 -1.10 41.65 4.91
N TYR F 398 -0.40 42.67 5.31
CA TYR F 398 -0.89 43.43 6.44
C TYR F 398 -1.88 44.41 5.86
N CYS F 399 -3.14 44.33 6.27
CA CYS F 399 -4.17 45.15 5.62
C CYS F 399 -4.88 46.10 6.57
N ASN F 400 -5.09 47.31 6.10
CA ASN F 400 -5.76 48.33 6.87
C ASN F 400 -7.28 48.18 6.79
N THR F 401 -7.88 47.78 7.91
CA THR F 401 -9.31 47.48 8.03
C THR F 401 -10.13 48.65 8.52
N THR F 402 -9.51 49.81 8.61
CA THR F 402 -10.26 50.99 9.01
C THR F 402 -11.53 51.12 8.18
N PRO F 403 -11.54 50.96 6.82
CA PRO F 403 -12.70 51.08 5.96
C PRO F 403 -13.85 50.15 6.33
N LEU F 404 -13.59 49.12 7.11
CA LEU F 404 -14.64 48.21 7.49
C LEU F 404 -15.27 48.57 8.82
N PHE F 405 -14.50 49.23 9.69
CA PHE F 405 -14.95 49.51 11.04
C PHE F 405 -14.84 50.98 11.39
N ASN F 406 -15.72 51.79 10.83
CA ASN F 406 -15.72 53.22 11.06
C ASN F 406 -17.16 53.73 11.09
N SER F 407 -17.98 53.21 12.00
CA SER F 407 -19.40 53.60 11.97
C SER F 407 -20.16 53.56 13.27
N THR F 408 -21.18 54.41 13.36
CA THR F 408 -22.04 54.43 14.54
C THR F 408 -23.46 53.97 14.25
N TRP F 409 -23.89 52.92 14.94
CA TRP F 409 -25.18 52.32 14.69
C TRP F 409 -26.28 52.66 15.68
N ASN F 410 -27.36 53.18 15.11
CA ASN F 410 -28.58 53.53 15.80
C ASN F 410 -29.57 52.40 15.67
N ASN F 411 -29.81 51.68 16.74
CA ASN F 411 -30.62 50.49 16.67
C ASN F 411 -29.91 49.61 15.64
N THR F 412 -30.55 49.24 14.53
CA THR F 412 -29.91 48.37 13.56
C THR F 412 -29.62 49.02 12.21
N ARG F 413 -29.77 50.34 12.10
CA ARG F 413 -29.53 50.98 10.82
C ARG F 413 -28.80 52.29 10.95
N THR F 414 -27.86 52.53 10.05
CA THR F 414 -27.12 53.78 10.06
C THR F 414 -26.57 54.14 8.73
N ASP F 415 -25.68 55.11 8.74
CA ASP F 415 -25.00 55.61 7.58
C ASP F 415 -23.50 55.32 7.79
N ASP F 416 -22.63 56.27 7.45
CA ASP F 416 -21.17 56.13 7.53
C ASP F 416 -20.59 55.14 6.53
N TYR F 417 -21.43 54.61 5.65
CA TYR F 417 -21.04 53.79 4.52
C TYR F 417 -21.88 54.28 3.34
N PRO F 418 -21.65 55.50 2.82
CA PRO F 418 -22.52 56.21 1.89
C PRO F 418 -22.82 55.40 0.66
N THR F 419 -24.04 55.50 0.16
CA THR F 419 -24.48 54.76 -1.02
C THR F 419 -24.00 55.40 -2.32
N GLY F 420 -22.68 55.40 -2.51
CA GLY F 420 -22.01 56.01 -3.67
C GLY F 420 -22.18 55.21 -4.97
N GLY F 421 -22.52 53.93 -4.83
CA GLY F 421 -22.69 53.03 -5.97
C GLY F 421 -21.46 52.19 -6.34
N GLU F 422 -20.30 52.43 -5.71
CA GLU F 422 -19.10 51.65 -6.03
C GLU F 422 -19.25 50.18 -5.69
N GLN F 423 -19.91 49.90 -4.57
CA GLN F 423 -20.17 48.55 -4.07
C GLN F 423 -18.93 47.72 -3.75
N ASN F 424 -17.79 48.39 -3.60
CA ASN F 424 -16.53 47.72 -3.27
C ASN F 424 -15.75 48.46 -2.20
N ILE F 425 -15.58 47.82 -1.07
CA ILE F 425 -14.79 48.42 -0.02
C ILE F 425 -13.40 47.92 -0.30
N THR F 426 -12.43 48.80 -0.38
CA THR F 426 -11.11 48.31 -0.68
C THR F 426 -10.15 48.55 0.45
N LEU F 427 -9.32 47.57 0.72
CA LEU F 427 -8.33 47.71 1.75
C LEU F 427 -6.97 47.86 1.13
N GLN F 428 -6.12 48.67 1.74
CA GLN F 428 -4.74 48.78 1.30
C GLN F 428 -3.88 47.81 2.07
N CYS F 429 -3.13 46.98 1.36
CA CYS F 429 -2.30 45.98 1.99
C CYS F 429 -0.82 46.09 1.67
N ARG F 430 0.02 45.69 2.61
CA ARG F 430 1.45 45.64 2.38
C ARG F 430 2.02 44.29 2.66
N ILE F 431 3.08 43.97 1.97
CA ILE F 431 3.76 42.75 2.23
C ILE F 431 4.95 43.09 3.05
N LYS F 432 5.14 42.44 4.17
CA LYS F 432 6.27 42.75 5.01
C LYS F 432 7.24 41.60 5.05
N GLN F 433 8.50 41.91 5.31
CA GLN F 433 9.51 40.89 5.45
C GLN F 433 9.88 40.65 6.90
N ILE F 434 9.80 41.66 7.76
CA ILE F 434 10.15 41.44 9.16
C ILE F 434 8.89 41.47 9.97
N ILE F 435 8.57 40.34 10.57
CA ILE F 435 7.31 40.23 11.27
C ILE F 435 7.48 39.75 12.70
N ASN F 436 6.48 39.99 13.53
CA ASN F 436 6.48 39.44 14.87
C ASN F 436 5.88 38.06 14.77
N MET F 437 6.47 37.10 15.42
CA MET F 437 5.95 35.75 15.32
C MET F 437 4.74 35.52 16.20
N TRP F 438 3.78 34.71 15.75
CA TRP F 438 2.62 34.40 16.57
C TRP F 438 2.84 33.22 17.50
N GLN F 439 3.84 32.40 17.22
CA GLN F 439 4.11 31.20 18.00
C GLN F 439 4.97 31.41 19.24
N GLY F 440 5.43 32.62 19.46
CA GLY F 440 6.27 32.93 20.62
C GLY F 440 6.80 34.34 20.52
N VAL F 441 7.48 34.81 21.54
CA VAL F 441 8.00 36.16 21.47
C VAL F 441 9.25 36.14 20.62
N GLY F 442 9.34 37.05 19.67
CA GLY F 442 10.50 37.15 18.80
C GLY F 442 10.14 37.69 17.43
N LYS F 443 11.16 37.99 16.66
CA LYS F 443 10.99 38.55 15.32
C LYS F 443 11.60 37.66 14.30
N ALA F 444 11.10 37.73 13.09
CA ALA F 444 11.72 36.94 12.07
C ALA F 444 11.70 37.62 10.73
N MET F 445 12.75 37.41 9.96
CA MET F 445 12.83 37.96 8.62
C MET F 445 12.62 36.89 7.58
N TYR F 446 11.79 37.21 6.61
CA TYR F 446 11.53 36.38 5.46
C TYR F 446 12.05 37.04 4.20
N ALA F 447 12.40 36.23 3.22
CA ALA F 447 12.88 36.75 1.96
C ALA F 447 11.80 37.62 1.27
N PRO F 448 12.20 38.63 0.44
CA PRO F 448 11.36 39.55 -0.32
C PRO F 448 10.38 38.82 -1.26
N PRO F 449 9.30 39.51 -1.70
CA PRO F 449 8.16 39.04 -2.51
C PRO F 449 8.44 38.50 -3.90
N ILE F 450 7.51 37.67 -4.34
CA ILE F 450 7.45 37.07 -5.67
C ILE F 450 7.07 38.12 -6.72
N ARG F 451 7.77 38.15 -7.85
CA ARG F 451 7.57 39.17 -8.89
C ARG F 451 6.32 39.04 -9.79
N GLY F 452 5.64 37.91 -9.74
CA GLY F 452 4.48 37.66 -10.58
C GLY F 452 3.18 38.02 -9.85
N GLN F 453 2.09 37.31 -10.17
CA GLN F 453 0.81 37.60 -9.52
C GLN F 453 0.53 36.76 -8.32
N ILE F 454 0.07 37.43 -7.27
CA ILE F 454 -0.40 36.78 -6.05
C ILE F 454 -1.89 36.97 -5.94
N ARG F 455 -2.61 35.87 -5.78
CA ARG F 455 -4.06 35.90 -5.67
C ARG F 455 -4.54 35.07 -4.50
N CYS F 456 -5.41 35.66 -3.68
CA CYS F 456 -6.01 34.96 -2.56
C CYS F 456 -7.52 35.20 -2.64
N SER F 457 -8.32 34.16 -2.42
CA SER F 457 -9.78 34.31 -2.41
C SER F 457 -10.31 33.67 -1.17
N SER F 458 -10.69 34.49 -0.19
CA SER F 458 -11.08 33.94 1.10
C SER F 458 -12.48 34.29 1.52
N ASN F 459 -13.01 33.47 2.43
CA ASN F 459 -14.33 33.68 3.00
C ASN F 459 -14.26 34.28 4.39
N ILE F 460 -14.78 35.48 4.61
CA ILE F 460 -14.75 35.95 5.98
C ILE F 460 -15.87 35.19 6.63
N THR F 461 -15.56 34.45 7.67
CA THR F 461 -16.57 33.63 8.33
C THR F 461 -16.83 34.07 9.74
N GLY F 462 -15.97 34.91 10.27
CA GLY F 462 -16.19 35.40 11.61
C GLY F 462 -15.29 36.53 11.96
N LEU F 463 -15.64 37.22 13.02
CA LEU F 463 -14.89 38.36 13.50
C LEU F 463 -14.37 38.17 14.91
N LEU F 464 -13.24 38.79 15.21
CA LEU F 464 -12.75 38.78 16.57
C LEU F 464 -12.82 40.19 17.09
N LEU F 465 -13.73 40.43 18.00
CA LEU F 465 -13.94 41.78 18.52
C LEU F 465 -13.63 41.90 19.98
N THR F 466 -13.25 43.08 20.40
CA THR F 466 -13.11 43.31 21.82
C THR F 466 -13.91 44.54 22.19
N ARG F 467 -14.28 44.65 23.45
CA ARG F 467 -15.00 45.83 23.90
C ARG F 467 -14.20 46.86 24.63
N ASP F 468 -14.61 48.08 24.38
CA ASP F 468 -14.18 49.28 25.05
C ASP F 468 -15.28 49.64 26.03
N GLY F 469 -15.03 49.33 27.30
CA GLY F 469 -15.96 49.53 28.39
C GLY F 469 -15.43 50.66 29.26
N GLY F 470 -15.72 50.62 30.55
CA GLY F 470 -15.25 51.69 31.41
C GLY F 470 -16.35 52.46 32.10
N ARG F 471 -15.97 53.14 33.18
CA ARG F 471 -16.90 53.89 34.01
C ARG F 471 -17.51 55.12 33.32
N ASP F 472 -16.88 55.66 32.29
CA ASP F 472 -17.38 56.82 31.57
C ASP F 472 -18.09 56.52 30.26
N GLN F 473 -18.48 55.25 30.03
CA GLN F 473 -19.15 54.95 28.77
C GLN F 473 -20.63 55.31 28.86
N ASN F 474 -20.89 56.59 28.71
CA ASN F 474 -22.22 57.13 28.93
C ASN F 474 -23.17 56.97 27.77
N GLY F 475 -23.66 55.73 27.62
CA GLY F 475 -24.64 55.36 26.60
C GLY F 475 -24.10 54.75 25.31
N THR F 476 -22.81 54.45 25.24
CA THR F 476 -22.26 53.85 24.04
C THR F 476 -21.37 52.67 24.38
N GLU F 477 -21.20 51.78 23.42
CA GLU F 477 -20.25 50.67 23.54
C GLU F 477 -19.39 50.67 22.30
N THR F 478 -18.07 50.53 22.46
CA THR F 478 -17.27 50.51 21.23
C THR F 478 -16.59 49.19 21.02
N PHE F 479 -16.74 48.69 19.81
CA PHE F 479 -16.20 47.43 19.40
C PHE F 479 -15.06 47.64 18.46
N ARG F 480 -13.97 46.97 18.72
CA ARG F 480 -12.80 47.08 17.86
C ARG F 480 -12.32 45.71 17.48
N PRO F 481 -11.71 45.54 16.32
CA PRO F 481 -11.06 44.33 15.90
C PRO F 481 -9.95 43.96 16.86
N GLY F 482 -9.84 42.66 17.14
CA GLY F 482 -8.80 42.11 18.02
C GLY F 482 -8.18 40.85 17.44
N GLY F 483 -7.95 39.87 18.29
CA GLY F 483 -7.28 38.65 17.89
C GLY F 483 -5.80 38.73 18.19
N GLY F 484 -5.04 37.83 17.60
CA GLY F 484 -3.61 37.69 17.87
C GLY F 484 -3.33 36.47 18.71
N ASN F 485 -4.35 35.97 19.37
CA ASN F 485 -4.20 34.78 20.16
C ASN F 485 -4.73 33.68 19.28
N MET F 486 -3.83 32.87 18.75
CA MET F 486 -4.26 31.89 17.77
C MET F 486 -5.16 30.83 18.41
N ARG F 487 -5.16 30.75 19.73
CA ARG F 487 -6.03 29.81 20.37
C ARG F 487 -7.47 30.24 20.17
N ASP F 488 -7.74 31.54 20.01
CA ASP F 488 -9.11 31.98 19.82
C ASP F 488 -9.55 31.54 18.46
N ASN F 489 -8.61 31.57 17.52
CA ASN F 489 -9.01 31.18 16.19
C ASN F 489 -9.41 29.71 16.21
N TRP F 490 -8.68 28.89 16.94
CA TRP F 490 -9.03 27.49 16.96
C TRP F 490 -10.24 27.16 17.81
N ARG F 491 -10.50 27.92 18.86
CA ARG F 491 -11.71 27.69 19.65
C ARG F 491 -12.94 27.92 18.80
N SER F 492 -12.86 28.85 17.86
CA SER F 492 -14.02 29.17 17.03
C SER F 492 -14.49 27.97 16.20
N GLU F 493 -13.63 26.96 16.02
CA GLU F 493 -14.03 25.77 15.29
C GLU F 493 -14.24 24.56 16.22
N LEU F 494 -13.44 24.47 17.29
CA LEU F 494 -13.50 23.32 18.19
C LEU F 494 -14.50 23.43 19.33
N TYR F 495 -15.21 24.54 19.42
CA TYR F 495 -16.19 24.77 20.48
C TYR F 495 -17.27 23.71 20.62
N LYS F 496 -17.55 22.96 19.57
CA LYS F 496 -18.59 21.96 19.64
C LYS F 496 -18.10 20.61 20.13
N TYR F 497 -16.80 20.45 20.34
CA TYR F 497 -16.33 19.11 20.68
C TYR F 497 -15.72 18.94 22.06
N LYS F 498 -16.01 17.79 22.66
CA LYS F 498 -15.45 17.43 23.96
C LYS F 498 -14.91 16.00 23.96
N VAL F 499 -13.75 15.78 24.59
CA VAL F 499 -13.19 14.42 24.64
C VAL F 499 -13.51 13.75 25.96
N VAL F 500 -14.08 12.55 25.89
CA VAL F 500 -14.44 11.84 27.11
C VAL F 500 -13.92 10.41 27.13
N LYS F 501 -13.87 9.85 28.33
CA LYS F 501 -13.47 8.46 28.54
C LYS F 501 -14.62 7.76 29.23
N ILE F 502 -14.67 6.45 29.13
CA ILE F 502 -15.74 5.69 29.75
C ILE F 502 -15.29 5.05 31.05
N GLU F 503 -16.12 5.22 32.09
CA GLU F 503 -15.89 4.64 33.40
C GLU F 503 -17.07 3.73 33.78
N PRO F 504 -17.07 2.47 33.35
CA PRO F 504 -18.15 1.53 33.42
C PRO F 504 -18.46 0.95 34.78
N LEU F 505 -17.63 1.21 35.77
CA LEU F 505 -17.88 0.58 37.05
C LEU F 505 -18.60 1.53 37.97
N GLY F 506 -19.83 1.19 38.36
CA GLY F 506 -20.59 2.10 39.20
C GLY F 506 -21.24 1.38 40.38
N ILE F 507 -21.73 2.18 41.31
CA ILE F 507 -22.42 1.68 42.50
C ILE F 507 -23.76 2.31 42.72
N ALA F 508 -24.74 1.50 43.07
CA ALA F 508 -26.08 2.01 43.40
C ALA F 508 -26.65 1.14 44.48
N PRO F 509 -27.56 1.61 45.33
CA PRO F 509 -28.23 0.83 46.33
C PRO F 509 -29.21 -0.12 45.71
N THR F 510 -29.38 -1.26 46.34
CA THR F 510 -30.33 -2.30 45.98
C THR F 510 -31.11 -2.85 47.12
N ALA F 511 -31.99 -3.79 46.79
CA ALA F 511 -32.76 -4.48 47.80
C ALA F 511 -32.29 -5.93 48.02
N CYS F 512 -31.29 -6.39 47.27
CA CYS F 512 -30.80 -7.76 47.43
C CYS F 512 -29.66 -7.84 48.42
N LYS F 513 -29.45 -9.02 48.96
CA LYS F 513 -28.31 -9.26 49.83
C LYS F 513 -27.48 -10.45 49.35
N ARG F 514 -26.16 -10.36 49.53
CA ARG F 514 -25.29 -11.48 49.22
C ARG F 514 -25.41 -12.58 50.27
N ARG F 515 -25.49 -13.83 49.85
CA ARG F 515 -25.48 -14.90 50.83
C ARG F 515 -24.09 -15.10 51.38
N VAL F 516 -23.96 -15.16 52.70
CA VAL F 516 -22.67 -15.36 53.33
C VAL F 516 -22.78 -16.44 54.40
N GLU G 1 32.34 29.82 0.27
CA GLU G 1 32.41 30.97 -0.64
C GLU G 1 32.52 30.54 -2.09
N LEU G 2 32.05 31.40 -2.98
CA LEU G 2 32.04 31.10 -4.40
C LEU G 2 32.94 32.04 -5.19
N GLU G 3 33.91 31.46 -5.89
CA GLU G 3 34.88 32.25 -6.64
C GLU G 3 34.31 32.86 -7.92
N LEU G 4 34.82 34.04 -8.24
CA LEU G 4 34.50 34.77 -9.46
C LEU G 4 35.74 35.07 -10.29
N THR G 5 35.77 34.57 -11.52
CA THR G 5 36.90 34.74 -12.43
C THR G 5 36.59 35.71 -13.56
N GLN G 6 37.48 36.66 -13.79
CA GLN G 6 37.23 37.63 -14.87
C GLN G 6 38.20 37.39 -16.01
N SER G 7 38.07 38.20 -17.05
CA SER G 7 38.94 38.15 -18.22
C SER G 7 40.27 38.70 -17.73
N PRO G 8 41.36 38.62 -18.48
CA PRO G 8 42.66 39.14 -18.08
C PRO G 8 42.58 40.62 -17.83
N ALA G 9 43.30 41.09 -16.82
CA ALA G 9 43.35 42.52 -16.56
C ALA G 9 44.27 43.16 -17.58
N THR G 10 44.07 44.46 -17.81
CA THR G 10 44.81 45.30 -18.73
C THR G 10 44.31 44.99 -20.13
N LEU G 11 43.09 45.42 -20.37
CA LEU G 11 42.49 45.23 -21.66
C LEU G 11 42.71 46.53 -22.37
N SER G 12 43.53 46.51 -23.40
CA SER G 12 43.82 47.77 -24.04
C SER G 12 42.73 48.07 -25.02
N VAL G 13 41.95 49.10 -24.71
CA VAL G 13 40.81 49.49 -25.52
C VAL G 13 40.97 50.97 -25.81
N SER G 14 41.01 51.37 -27.06
CA SER G 14 41.24 52.77 -27.32
C SER G 14 40.00 53.58 -26.92
N PRO G 15 40.14 54.81 -26.42
CA PRO G 15 39.01 55.66 -26.16
C PRO G 15 38.20 55.76 -27.45
N GLY G 16 36.89 55.66 -27.31
CA GLY G 16 35.93 55.68 -28.40
C GLY G 16 35.50 54.27 -28.84
N GLU G 17 36.25 53.25 -28.42
CA GLU G 17 35.95 51.87 -28.74
C GLU G 17 35.02 51.26 -27.71
N ARG G 18 34.37 50.16 -28.08
CA ARG G 18 33.51 49.49 -27.12
C ARG G 18 34.30 48.43 -26.35
N ALA G 19 34.40 48.59 -25.03
CA ALA G 19 35.16 47.65 -24.21
C ALA G 19 34.30 46.46 -23.85
N THR G 20 34.88 45.27 -23.76
CA THR G 20 34.11 44.12 -23.28
C THR G 20 34.82 43.50 -22.10
N LEU G 21 34.08 43.36 -21.02
CA LEU G 21 34.51 42.84 -19.74
C LEU G 21 33.62 41.65 -19.39
N SER G 22 34.09 40.71 -18.61
CA SER G 22 33.24 39.57 -18.29
C SER G 22 33.54 38.96 -16.94
N CYS G 23 32.62 38.12 -16.47
CA CYS G 23 32.77 37.44 -15.19
C CYS G 23 32.11 36.07 -15.18
N ARG G 24 32.88 35.08 -14.71
CA ARG G 24 32.46 33.70 -14.58
C ARG G 24 32.39 33.25 -13.14
N ALA G 25 31.24 32.76 -12.74
CA ALA G 25 31.10 32.28 -11.39
C ALA G 25 31.36 30.79 -11.31
N SER G 26 31.85 30.34 -10.17
CA SER G 26 32.05 28.90 -9.94
C SER G 26 30.72 28.15 -9.79
N GLU G 27 29.66 28.92 -9.54
CA GLU G 27 28.31 28.43 -9.32
C GLU G 27 27.31 29.44 -9.86
N SER G 28 26.12 28.97 -10.19
CA SER G 28 25.08 29.83 -10.72
C SER G 28 24.65 30.94 -9.77
N VAL G 29 24.33 32.07 -10.39
CA VAL G 29 23.86 33.30 -9.79
C VAL G 29 22.53 33.71 -10.43
N SER G 30 21.48 33.90 -9.64
CA SER G 30 20.17 34.25 -10.20
C SER G 30 20.04 35.74 -10.51
N SER G 31 20.87 36.18 -11.45
CA SER G 31 20.99 37.58 -11.86
C SER G 31 21.28 38.49 -10.66
N ASP G 32 22.10 37.95 -9.75
CA ASP G 32 22.55 38.49 -8.47
C ASP G 32 24.01 38.95 -8.45
N LEU G 33 24.55 39.40 -9.57
CA LEU G 33 25.90 39.96 -9.56
C LEU G 33 25.86 41.46 -9.52
N ALA G 34 26.99 42.07 -9.24
CA ALA G 34 27.11 43.51 -9.33
C ALA G 34 28.45 43.92 -9.87
N TRP G 35 28.47 45.06 -10.55
CA TRP G 35 29.74 45.60 -11.05
C TRP G 35 30.10 46.89 -10.36
N TYR G 36 31.39 47.02 -10.02
CA TYR G 36 31.89 48.24 -9.35
C TYR G 36 33.12 48.85 -10.04
N GLN G 37 33.22 50.20 -10.03
CA GLN G 37 34.37 50.90 -10.64
C GLN G 37 35.37 51.45 -9.66
N GLN G 38 36.58 50.92 -9.66
CA GLN G 38 37.55 51.45 -8.71
C GLN G 38 38.70 52.20 -9.37
N LYS G 39 38.97 53.38 -8.85
CA LYS G 39 40.09 54.18 -9.28
C LYS G 39 40.96 54.35 -8.05
N PRO G 40 42.28 54.57 -8.17
CA PRO G 40 43.14 54.76 -7.03
C PRO G 40 42.66 55.91 -6.19
N GLY G 41 42.53 55.68 -4.88
CA GLY G 41 42.12 56.72 -3.95
C GLY G 41 40.61 56.97 -3.95
N GLN G 42 39.86 56.23 -4.75
CA GLN G 42 38.42 56.43 -4.86
C GLN G 42 37.62 55.27 -4.34
N ALA G 43 36.37 55.53 -3.98
CA ALA G 43 35.47 54.46 -3.60
C ALA G 43 35.12 53.62 -4.82
N PRO G 44 34.95 52.30 -4.67
CA PRO G 44 34.55 51.37 -5.71
C PRO G 44 33.07 51.46 -6.00
N ARG G 45 32.68 52.54 -6.65
CA ARG G 45 31.28 52.87 -6.96
C ARG G 45 30.49 51.80 -7.69
N LEU G 46 29.24 51.57 -7.27
CA LEU G 46 28.36 50.61 -7.94
C LEU G 46 27.91 51.14 -9.26
N LEU G 47 28.06 50.30 -10.27
CA LEU G 47 27.70 50.68 -11.61
C LEU G 47 26.47 49.91 -12.05
N ILE G 48 26.50 48.61 -11.79
CA ILE G 48 25.37 47.79 -12.20
C ILE G 48 24.85 47.01 -11.02
N TYR G 49 23.55 47.13 -10.81
CA TYR G 49 22.79 46.52 -9.75
C TYR G 49 22.11 45.26 -10.28
N GLY G 50 22.50 44.14 -9.76
CA GLY G 50 21.97 42.87 -10.24
C GLY G 50 22.66 42.65 -11.55
N ALA G 51 22.23 41.67 -12.30
CA ALA G 51 22.94 41.48 -13.56
C ALA G 51 22.87 42.68 -14.50
N SER G 52 21.75 43.42 -14.53
CA SER G 52 21.61 44.48 -15.54
C SER G 52 21.06 45.88 -15.16
N THR G 53 20.75 46.20 -13.92
CA THR G 53 20.16 47.52 -13.68
C THR G 53 21.20 48.61 -13.49
N ARG G 54 21.08 49.71 -14.21
CA ARG G 54 22.08 50.75 -13.99
C ARG G 54 21.88 51.38 -12.62
N ALA G 55 22.97 51.54 -11.89
CA ALA G 55 22.95 52.16 -10.58
C ALA G 55 22.73 53.65 -10.76
N THR G 56 22.28 54.32 -9.72
CA THR G 56 22.03 55.75 -9.82
C THR G 56 23.25 56.52 -10.29
N GLY G 57 23.02 57.36 -11.30
CA GLY G 57 24.04 58.24 -11.85
C GLY G 57 24.91 57.57 -12.91
N VAL G 58 24.60 56.34 -13.27
CA VAL G 58 25.37 55.60 -14.24
C VAL G 58 24.87 55.92 -15.65
N PRO G 59 25.76 56.33 -16.58
CA PRO G 59 25.45 56.72 -17.94
C PRO G 59 25.04 55.52 -18.75
N ALA G 60 24.31 55.78 -19.84
CA ALA G 60 23.82 54.74 -20.77
C ALA G 60 24.95 53.90 -21.36
N ARG G 61 26.11 54.51 -21.42
CA ARG G 61 27.33 53.94 -21.97
C ARG G 61 27.75 52.68 -21.23
N PHE G 62 27.42 52.59 -19.95
CA PHE G 62 27.89 51.47 -19.16
C PHE G 62 26.74 50.50 -18.85
N SER G 63 26.77 49.30 -19.43
CA SER G 63 25.66 48.37 -19.23
C SER G 63 26.07 46.92 -19.43
N GLY G 64 25.21 45.98 -19.05
CA GLY G 64 25.50 44.57 -19.23
C GLY G 64 24.34 43.68 -18.81
N SER G 65 24.55 42.37 -18.95
CA SER G 65 23.54 41.37 -18.63
C SER G 65 24.15 39.98 -18.53
N GLY G 66 23.38 39.01 -18.03
CA GLY G 66 23.85 37.64 -17.99
C GLY G 66 22.93 36.75 -17.17
N SER G 67 23.33 35.50 -17.05
CA SER G 67 22.55 34.51 -16.30
C SER G 67 23.40 33.32 -15.91
N GLY G 68 22.89 32.48 -15.03
CA GLY G 68 23.64 31.28 -14.71
C GLY G 68 24.95 31.69 -14.10
N ALA G 69 26.06 31.23 -14.64
CA ALA G 69 27.35 31.60 -14.10
C ALA G 69 28.14 32.46 -15.10
N GLU G 70 27.50 32.89 -16.19
CA GLU G 70 28.18 33.64 -17.26
C GLU G 70 27.62 35.03 -17.49
N PHE G 71 28.39 36.05 -17.11
CA PHE G 71 27.92 37.42 -17.22
C PHE G 71 28.83 38.31 -18.06
N THR G 72 28.23 39.26 -18.81
CA THR G 72 28.98 40.18 -19.67
C THR G 72 28.67 41.65 -19.44
N LEU G 73 29.73 42.44 -19.42
CA LEU G 73 29.71 43.88 -19.28
C LEU G 73 30.34 44.61 -20.47
N THR G 74 29.64 45.59 -21.04
CA THR G 74 30.28 46.34 -22.09
C THR G 74 30.22 47.83 -21.84
N ILE G 75 31.21 48.54 -22.39
CA ILE G 75 31.20 49.99 -22.26
C ILE G 75 31.20 50.62 -23.63
N SER G 76 30.15 51.32 -23.99
CA SER G 76 30.05 51.94 -25.31
C SER G 76 30.80 53.25 -25.31
N SER G 77 31.42 53.59 -26.44
CA SER G 77 32.07 54.89 -26.54
C SER G 77 32.97 55.13 -25.35
N LEU G 78 33.88 54.20 -25.07
CA LEU G 78 34.72 54.27 -23.89
C LEU G 78 35.42 55.62 -23.77
N GLN G 79 35.30 56.21 -22.60
CA GLN G 79 35.87 57.52 -22.28
C GLN G 79 37.14 57.41 -21.48
N SER G 80 37.95 58.47 -21.44
CA SER G 80 39.17 58.46 -20.61
C SER G 80 38.80 58.31 -19.13
N GLU G 81 37.57 58.70 -18.83
CA GLU G 81 36.95 58.68 -17.53
C GLU G 81 36.67 57.27 -17.05
N ASP G 82 36.63 56.32 -17.98
CA ASP G 82 36.28 54.96 -17.67
C ASP G 82 37.49 54.08 -17.43
N PHE G 83 38.69 54.63 -17.45
CA PHE G 83 39.82 53.73 -17.27
C PHE G 83 40.10 53.50 -15.80
N ALA G 84 39.48 52.42 -15.35
CA ALA G 84 39.38 51.93 -13.98
C ALA G 84 39.34 50.42 -13.97
N VAL G 85 39.40 49.83 -12.77
CA VAL G 85 39.29 48.37 -12.67
C VAL G 85 37.89 48.02 -12.27
N TYR G 86 37.29 47.14 -13.05
CA TYR G 86 35.92 46.75 -12.82
C TYR G 86 35.80 45.41 -12.11
N TYR G 87 35.19 45.47 -10.93
CA TYR G 87 35.04 44.30 -10.09
C TYR G 87 33.70 43.66 -10.19
N CYS G 88 33.72 42.34 -10.13
CA CYS G 88 32.54 41.48 -10.14
C CYS G 88 32.23 41.00 -8.72
N GLN G 89 30.97 41.16 -8.27
CA GLN G 89 30.54 40.69 -6.94
C GLN G 89 29.29 39.81 -6.98
N GLN G 90 29.30 38.72 -6.22
CA GLN G 90 28.19 37.75 -6.13
C GLN G 90 27.42 37.74 -4.81
N TYR G 91 26.07 37.86 -4.91
CA TYR G 91 25.21 37.90 -3.71
C TYR G 91 24.28 36.73 -3.42
N ASN G 92 24.25 35.66 -4.20
CA ASN G 92 23.26 34.62 -3.88
C ASN G 92 23.80 33.67 -2.84
N ASN G 93 23.99 34.21 -1.66
CA ASN G 93 24.59 33.54 -0.55
C ASN G 93 23.83 33.80 0.72
N TRP G 94 23.34 32.73 1.31
CA TRP G 94 22.62 32.87 2.55
C TRP G 94 22.89 31.65 3.42
N PRO G 95 23.54 31.81 4.58
CA PRO G 95 24.02 33.01 5.25
C PRO G 95 24.99 33.74 4.34
N PRO G 96 25.12 35.06 4.45
CA PRO G 96 26.00 35.85 3.65
C PRO G 96 27.42 35.35 3.75
N ARG G 97 28.03 35.26 2.60
CA ARG G 97 29.39 34.85 2.36
C ARG G 97 29.66 35.41 0.98
N TYR G 98 29.49 36.72 0.87
CA TYR G 98 29.53 37.38 -0.42
C TYR G 98 30.94 37.43 -0.90
N THR G 99 31.10 37.33 -2.21
CA THR G 99 32.44 37.35 -2.75
C THR G 99 32.67 38.32 -3.88
N PHE G 100 33.94 38.68 -4.02
CA PHE G 100 34.41 39.51 -5.10
C PHE G 100 35.50 38.81 -5.87
N GLY G 101 35.59 39.15 -7.14
CA GLY G 101 36.65 38.66 -8.01
C GLY G 101 37.83 39.63 -7.95
N GLN G 102 38.73 39.57 -8.94
CA GLN G 102 39.91 40.45 -8.88
C GLN G 102 39.71 41.69 -9.73
N GLY G 103 38.87 41.57 -10.73
CA GLY G 103 38.52 42.67 -11.61
C GLY G 103 39.47 42.87 -12.76
N THR G 104 38.99 43.55 -13.79
CA THR G 104 39.87 43.84 -14.91
C THR G 104 39.98 45.31 -15.16
N ARG G 105 41.22 45.73 -15.30
CA ARG G 105 41.59 47.10 -15.59
C ARG G 105 41.62 47.36 -17.07
N LEU G 106 41.11 48.52 -17.48
CA LEU G 106 41.22 48.91 -18.87
C LEU G 106 42.47 49.74 -19.02
N GLU G 107 43.07 49.69 -20.20
CA GLU G 107 44.30 50.44 -20.49
C GLU G 107 44.28 51.13 -21.84
N ILE G 108 45.09 52.17 -21.99
CA ILE G 108 45.20 52.86 -23.27
C ILE G 108 46.49 52.42 -23.96
N LYS G 109 46.36 51.85 -25.15
CA LYS G 109 47.54 51.33 -25.82
C LYS G 109 48.58 52.38 -26.19
N ARG G 110 49.82 52.06 -25.80
CA ARG G 110 51.03 52.82 -26.07
C ARG G 110 52.14 51.81 -26.32
N ALA H 1 -27.56 -6.23 24.88
CA ALA H 1 -26.51 -6.35 23.89
C ALA H 1 -25.25 -5.69 24.41
N VAL H 2 -24.34 -5.36 23.49
CA VAL H 2 -23.11 -4.69 23.89
C VAL H 2 -22.96 -3.28 23.32
N GLY H 3 -23.83 -2.90 22.37
CA GLY H 3 -23.73 -1.58 21.74
C GLY H 3 -24.60 -0.53 22.43
N LEU H 4 -25.20 -0.91 23.52
CA LEU H 4 -26.09 -0.01 24.22
C LEU H 4 -25.25 1.12 24.75
N GLY H 5 -25.82 2.31 24.76
CA GLY H 5 -25.09 3.46 25.29
C GLY H 5 -24.29 4.12 24.20
N ALA H 6 -24.29 3.49 23.00
CA ALA H 6 -23.54 3.90 21.82
C ALA H 6 -22.04 3.69 22.02
N PHE H 7 -21.67 2.82 22.95
CA PHE H 7 -20.26 2.50 23.13
C PHE H 7 -20.00 1.17 23.81
N ILE H 8 -18.82 0.64 23.60
CA ILE H 8 -18.47 -0.59 24.26
C ILE H 8 -18.28 -0.17 25.70
N LEU H 9 -18.78 -0.98 26.62
CA LEU H 9 -18.78 -0.77 28.07
C LEU H 9 -19.89 0.20 28.48
N GLY H 10 -20.86 0.37 27.57
CA GLY H 10 -22.14 1.07 27.75
C GLY H 10 -23.26 0.03 27.79
N PHE H 11 -22.85 -1.20 28.08
CA PHE H 11 -23.62 -2.43 28.05
C PHE H 11 -24.94 -2.36 28.75
N LEU H 12 -25.01 -1.71 29.89
CA LEU H 12 -26.24 -1.74 30.65
C LEU H 12 -27.33 -0.80 30.14
N GLY H 13 -27.08 0.03 29.13
CA GLY H 13 -28.18 0.87 28.67
C GLY H 13 -27.84 2.15 27.93
N ALA H 14 -28.87 2.78 27.39
CA ALA H 14 -28.71 4.03 26.67
C ALA H 14 -28.38 5.13 27.63
N ALA H 15 -27.53 6.04 27.23
CA ALA H 15 -27.33 7.18 28.08
C ALA H 15 -28.62 7.95 27.99
N GLY H 16 -29.07 8.50 29.09
CA GLY H 16 -30.28 9.31 29.09
C GLY H 16 -31.48 8.52 29.60
N SER H 17 -31.39 7.19 29.64
CA SER H 17 -32.48 6.39 30.16
C SER H 17 -32.39 6.41 31.66
N THR H 18 -33.48 6.12 32.35
CA THR H 18 -33.32 6.06 33.78
C THR H 18 -32.68 4.75 34.10
N MET H 19 -32.15 4.63 35.29
CA MET H 19 -31.48 3.42 35.72
C MET H 19 -32.43 2.24 35.67
N GLY H 20 -33.65 2.44 36.13
CA GLY H 20 -34.69 1.43 36.15
C GLY H 20 -35.09 1.02 34.75
N ALA H 21 -35.36 2.01 33.90
CA ALA H 21 -35.76 1.69 32.54
C ALA H 21 -34.69 0.93 31.80
N ALA H 22 -33.43 1.30 32.02
CA ALA H 22 -32.35 0.64 31.34
C ALA H 22 -32.28 -0.83 31.72
N SER H 23 -32.50 -1.13 33.00
CA SER H 23 -32.45 -2.50 33.45
C SER H 23 -33.54 -3.33 32.80
N MET H 24 -34.75 -2.78 32.72
CA MET H 24 -35.82 -3.53 32.10
C MET H 24 -35.57 -3.76 30.63
N ALA H 25 -35.04 -2.75 29.94
CA ALA H 25 -34.76 -2.86 28.52
C ALA H 25 -33.71 -3.92 28.27
N LEU H 26 -32.73 -3.99 29.15
CA LEU H 26 -31.65 -4.95 29.03
C LEU H 26 -32.19 -6.36 29.10
N THR H 27 -33.11 -6.61 30.03
CA THR H 27 -33.69 -7.94 30.17
C THR H 27 -34.43 -8.35 28.91
N VAL H 28 -35.19 -7.44 28.33
CA VAL H 28 -35.93 -7.79 27.14
C VAL H 28 -34.98 -8.09 26.02
N GLN H 29 -33.96 -7.26 25.84
CA GLN H 29 -33.07 -7.52 24.75
C GLN H 29 -32.33 -8.82 24.95
N ALA H 30 -31.97 -9.15 26.19
CA ALA H 30 -31.28 -10.40 26.42
C ALA H 30 -32.13 -11.57 26.00
N ARG H 31 -33.43 -11.52 26.25
CA ARG H 31 -34.27 -12.62 25.83
C ARG H 31 -34.29 -12.76 24.33
N LEU H 32 -34.34 -11.64 23.63
CA LEU H 32 -34.39 -11.70 22.18
C LEU H 32 -33.09 -12.23 21.59
N LEU H 33 -31.97 -11.84 22.17
CA LEU H 33 -30.70 -12.30 21.65
C LEU H 33 -30.52 -13.80 21.83
N LEU H 34 -30.98 -14.35 22.95
CA LEU H 34 -30.87 -15.79 23.15
C LEU H 34 -31.92 -16.56 22.37
N SER H 35 -33.13 -15.99 22.15
CA SER H 35 -34.14 -16.73 21.40
C SER H 35 -33.62 -16.94 19.99
N GLY H 36 -32.80 -15.97 19.54
CA GLY H 36 -32.13 -16.00 18.25
C GLY H 36 -32.99 -15.46 17.13
N ILE H 37 -34.20 -15.03 17.46
CA ILE H 37 -35.11 -14.54 16.47
C ILE H 37 -34.81 -13.07 16.17
N GLN H 52 -15.01 1.15 -3.80
CA GLN H 52 -15.31 0.84 -2.42
C GLN H 52 -14.08 0.29 -1.74
N HIS H 53 -12.99 0.28 -2.49
CA HIS H 53 -11.70 -0.18 -2.00
C HIS H 53 -10.64 0.84 -2.34
N MET H 54 -10.03 1.34 -1.28
CA MET H 54 -9.01 2.38 -1.27
C MET H 54 -8.10 2.10 -0.08
N LEU H 55 -6.91 2.72 -0.03
CA LEU H 55 -6.01 2.52 1.11
C LEU H 55 -6.63 2.78 2.47
N GLN H 56 -7.48 3.78 2.58
CA GLN H 56 -8.05 4.13 3.87
C GLN H 56 -8.89 3.02 4.46
N LEU H 57 -9.26 2.01 3.67
CA LEU H 57 -10.02 0.94 4.24
C LEU H 57 -9.10 0.11 5.12
N THR H 58 -7.82 0.01 4.76
CA THR H 58 -6.83 -0.75 5.52
C THR H 58 -6.51 -0.02 6.79
N VAL H 59 -6.33 1.28 6.65
CA VAL H 59 -5.94 2.07 7.79
C VAL H 59 -7.03 2.12 8.82
N TRP H 60 -8.25 2.35 8.40
CA TRP H 60 -9.31 2.41 9.36
C TRP H 60 -9.71 1.04 9.84
N GLY H 61 -9.52 -0.02 9.03
CA GLY H 61 -9.82 -1.34 9.51
C GLY H 61 -8.95 -1.64 10.73
N ILE H 62 -7.67 -1.24 10.67
CA ILE H 62 -6.79 -1.44 11.80
C ILE H 62 -7.22 -0.61 12.99
N LYS H 63 -7.58 0.66 12.76
CA LYS H 63 -7.99 1.47 13.89
C LYS H 63 -9.22 0.90 14.58
N GLN H 64 -10.16 0.37 13.80
CA GLN H 64 -11.36 -0.21 14.38
C GLN H 64 -11.04 -1.45 15.17
N LEU H 65 -10.13 -2.29 14.66
CA LEU H 65 -9.78 -3.47 15.41
C LEU H 65 -9.07 -3.09 16.67
N GLN H 66 -8.22 -2.08 16.66
CA GLN H 66 -7.54 -1.73 17.89
C GLN H 66 -8.53 -1.32 18.95
N ALA H 67 -9.56 -0.57 18.56
CA ALA H 67 -10.55 -0.16 19.55
C ALA H 67 -11.30 -1.35 20.12
N ARG H 68 -11.61 -2.33 19.29
CA ARG H 68 -12.37 -3.48 19.73
C ARG H 68 -11.54 -4.42 20.59
N VAL H 69 -10.27 -4.61 20.22
CA VAL H 69 -9.40 -5.48 20.98
C VAL H 69 -9.16 -4.89 22.33
N LEU H 70 -8.93 -3.58 22.38
CA LEU H 70 -8.69 -2.92 23.64
C LEU H 70 -9.89 -3.03 24.54
N ALA H 71 -11.10 -2.83 24.02
CA ALA H 71 -12.25 -2.94 24.89
C ALA H 71 -12.37 -4.33 25.46
N VAL H 72 -12.05 -5.36 24.68
CA VAL H 72 -12.11 -6.71 25.20
C VAL H 72 -11.09 -6.93 26.27
N GLU H 73 -9.87 -6.47 26.07
CA GLU H 73 -8.84 -6.65 27.08
C GLU H 73 -9.21 -5.96 28.37
N ARG H 74 -9.79 -4.76 28.28
CA ARG H 74 -10.17 -4.04 29.48
C ARG H 74 -11.31 -4.76 30.17
N TYR H 75 -12.26 -5.24 29.39
CA TYR H 75 -13.37 -5.96 29.96
C TYR H 75 -12.90 -7.14 30.76
N LEU H 76 -12.04 -7.96 30.15
CA LEU H 76 -11.62 -9.16 30.84
C LEU H 76 -10.80 -8.83 32.05
N ARG H 77 -9.97 -7.80 31.98
CA ARG H 77 -9.18 -7.44 33.13
C ARG H 77 -10.08 -7.06 34.28
N ASP H 78 -11.06 -6.22 34.02
CA ASP H 78 -11.91 -5.76 35.11
C ASP H 78 -12.73 -6.90 35.68
N GLN H 79 -13.14 -7.83 34.84
CA GLN H 79 -13.91 -8.95 35.36
C GLN H 79 -13.10 -9.74 36.37
N GLN H 80 -11.78 -9.82 36.21
CA GLN H 80 -10.99 -10.50 37.21
C GLN H 80 -10.63 -9.59 38.39
N LEU H 81 -10.43 -8.30 38.15
CA LEU H 81 -10.04 -7.41 39.23
C LEU H 81 -11.10 -7.31 40.27
N LEU H 82 -12.35 -7.37 39.86
CA LEU H 82 -13.48 -7.25 40.75
C LEU H 82 -13.58 -8.39 41.73
N GLY H 83 -12.78 -9.42 41.56
CA GLY H 83 -12.77 -10.50 42.51
C GLY H 83 -12.31 -10.02 43.86
N ILE H 84 -11.60 -8.90 43.91
CA ILE H 84 -11.12 -8.34 45.16
C ILE H 84 -12.28 -7.97 46.10
N TRP H 85 -13.48 -7.74 45.56
CA TRP H 85 -14.68 -7.42 46.35
C TRP H 85 -15.65 -8.61 46.39
N GLY H 86 -15.23 -9.74 45.82
CA GLY H 86 -16.07 -10.91 45.70
C GLY H 86 -17.03 -10.84 44.51
N CYS H 87 -16.75 -9.98 43.52
CA CYS H 87 -17.64 -9.82 42.38
C CYS H 87 -17.00 -10.24 41.07
N SER H 88 -16.08 -11.21 41.08
CA SER H 88 -15.48 -11.55 39.80
C SER H 88 -16.45 -12.24 38.89
N GLY H 89 -16.25 -12.01 37.60
CA GLY H 89 -17.04 -12.68 36.59
C GLY H 89 -18.47 -12.16 36.50
N LYS H 90 -18.71 -10.94 36.95
CA LYS H 90 -20.07 -10.46 36.95
C LYS H 90 -20.27 -9.09 36.38
N ILE H 91 -21.43 -8.94 35.80
CA ILE H 91 -21.96 -7.67 35.34
C ILE H 91 -22.74 -7.04 36.48
N ILE H 92 -23.58 -7.83 37.15
CA ILE H 92 -24.31 -7.30 38.28
C ILE H 92 -23.96 -8.13 39.48
N CYS H 93 -23.49 -7.50 40.52
CA CYS H 93 -23.09 -8.23 41.70
C CYS H 93 -24.11 -7.95 42.79
N CYS H 94 -23.83 -8.39 43.99
CA CYS H 94 -24.67 -8.14 45.14
C CYS H 94 -23.69 -8.29 46.29
N THR H 95 -23.73 -7.39 47.27
CA THR H 95 -22.77 -7.44 48.37
C THR H 95 -23.49 -7.47 49.70
N ASN H 96 -22.74 -7.50 50.78
CA ASN H 96 -23.35 -7.48 52.09
C ASN H 96 -22.98 -6.20 52.84
N VAL H 97 -22.64 -5.13 52.11
CA VAL H 97 -22.32 -3.87 52.74
C VAL H 97 -23.56 -2.98 52.77
N PRO H 98 -24.04 -2.53 53.92
CA PRO H 98 -25.21 -1.69 54.07
C PRO H 98 -25.00 -0.37 53.35
N TRP H 99 -26.09 0.21 52.87
CA TRP H 99 -26.03 1.51 52.20
C TRP H 99 -25.58 2.67 53.08
N ASN H 100 -25.77 2.61 54.38
CA ASN H 100 -25.28 3.67 55.28
C ASN H 100 -26.00 5.01 55.21
N ASP H 101 -27.08 5.10 54.46
CA ASP H 101 -27.97 6.27 54.37
C ASP H 101 -27.37 7.63 53.96
N SER H 102 -26.37 8.11 54.67
CA SER H 102 -25.77 9.42 54.45
C SER H 102 -25.19 9.60 53.07
N TRP H 103 -24.76 8.52 52.44
CA TRP H 103 -24.19 8.61 51.11
C TRP H 103 -25.26 9.13 50.15
N SER H 104 -26.51 8.74 50.36
CA SER H 104 -27.63 9.19 49.57
C SER H 104 -28.89 8.97 50.34
N ASN H 105 -29.69 10.02 50.40
CA ASN H 105 -30.94 10.04 51.15
C ASN H 105 -32.13 9.64 50.31
N LYS H 106 -31.89 9.20 49.09
CA LYS H 106 -33.00 8.82 48.22
C LYS H 106 -33.37 7.36 48.42
N THR H 107 -34.62 7.03 48.13
CA THR H 107 -35.10 5.65 48.26
C THR H 107 -34.76 4.85 47.03
N ILE H 108 -34.97 3.55 47.09
CA ILE H 108 -34.65 2.71 45.95
C ILE H 108 -35.48 3.13 44.76
N ASN H 109 -36.76 3.40 44.97
CA ASN H 109 -37.56 3.75 43.82
C ASN H 109 -37.21 5.13 43.32
N GLU H 110 -36.89 6.06 44.21
CA GLU H 110 -36.57 7.38 43.69
C GLU H 110 -35.35 7.37 42.79
N ILE H 111 -34.36 6.59 43.16
CA ILE H 111 -33.14 6.55 42.38
C ILE H 111 -33.35 5.79 41.11
N TRP H 112 -33.91 4.60 41.20
CA TRP H 112 -34.03 3.79 40.02
C TRP H 112 -35.08 4.30 39.03
N ASP H 113 -36.15 4.90 39.52
CA ASP H 113 -37.16 5.35 38.59
C ASP H 113 -36.86 6.67 37.93
N ASN H 114 -36.28 7.65 38.65
CA ASN H 114 -36.11 8.95 38.05
C ASN H 114 -34.71 9.37 37.60
N MET H 115 -33.65 8.74 38.09
CA MET H 115 -32.34 9.22 37.74
C MET H 115 -31.70 8.38 36.66
N THR H 116 -30.82 9.00 35.90
CA THR H 116 -30.00 8.25 34.95
C THR H 116 -28.71 7.91 35.61
N TRP H 117 -27.85 7.19 34.92
CA TRP H 117 -26.64 6.76 35.59
C TRP H 117 -25.65 7.86 35.84
N MET H 118 -25.57 8.85 34.96
CA MET H 118 -24.60 9.89 35.17
C MET H 118 -25.01 10.75 36.35
N GLN H 119 -26.31 11.00 36.47
CA GLN H 119 -26.79 11.82 37.56
C GLN H 119 -26.54 11.12 38.86
N TRP H 120 -26.73 9.82 38.86
CA TRP H 120 -26.48 9.10 40.06
C TRP H 120 -25.03 9.17 40.44
N GLU H 121 -24.12 9.00 39.51
CA GLU H 121 -22.73 9.04 39.89
C GLU H 121 -22.37 10.40 40.46
N LYS H 122 -22.95 11.47 39.90
CA LYS H 122 -22.72 12.82 40.41
C LYS H 122 -23.24 12.98 41.83
N GLU H 123 -24.34 12.29 42.15
CA GLU H 123 -24.97 12.37 43.46
C GLU H 123 -24.06 11.77 44.53
N ILE H 124 -23.34 10.71 44.20
CA ILE H 124 -22.49 10.04 45.19
C ILE H 124 -21.00 9.99 44.89
N ASP H 125 -20.42 10.87 44.09
CA ASP H 125 -18.99 10.66 43.81
C ASP H 125 -18.06 11.14 44.91
N ASN H 126 -18.62 11.64 46.00
CA ASN H 126 -17.81 12.02 47.12
C ASN H 126 -17.66 10.84 48.07
N TYR H 127 -18.33 9.74 47.74
CA TYR H 127 -18.27 8.58 48.61
C TYR H 127 -17.74 7.32 47.96
N THR H 128 -17.42 7.33 46.67
CA THR H 128 -17.06 6.06 46.08
C THR H 128 -15.72 5.53 46.51
N GLN H 129 -14.80 6.39 46.93
CA GLN H 129 -13.54 5.82 47.34
C GLN H 129 -13.71 5.18 48.70
N HIS H 130 -14.63 5.74 49.50
CA HIS H 130 -14.94 5.21 50.79
C HIS H 130 -15.64 3.86 50.64
N ILE H 131 -16.61 3.82 49.73
CA ILE H 131 -17.38 2.61 49.52
C ILE H 131 -16.46 1.53 49.00
N TYR H 132 -15.59 1.84 48.05
CA TYR H 132 -14.71 0.81 47.54
C TYR H 132 -13.90 0.21 48.68
N THR H 133 -13.42 1.05 49.60
CA THR H 133 -12.68 0.51 50.73
C THR H 133 -13.57 -0.42 51.56
N LEU H 134 -14.81 -0.04 51.81
CA LEU H 134 -15.66 -0.90 52.60
C LEU H 134 -15.91 -2.24 51.92
N LEU H 135 -16.05 -2.22 50.60
CA LEU H 135 -16.29 -3.47 49.91
C LEU H 135 -15.12 -4.41 50.04
N GLU H 136 -13.89 -3.88 49.96
CA GLU H 136 -12.73 -4.73 50.11
C GLU H 136 -12.67 -5.33 51.49
N VAL H 137 -12.98 -4.53 52.50
CA VAL H 137 -12.91 -5.04 53.85
C VAL H 137 -13.91 -6.16 54.05
N SER H 138 -15.13 -5.99 53.55
CA SER H 138 -16.10 -7.05 53.71
C SER H 138 -15.62 -8.33 53.07
N GLN H 139 -15.04 -8.26 51.87
CA GLN H 139 -14.60 -9.50 51.24
C GLN H 139 -13.51 -10.18 52.02
N ILE H 140 -12.61 -9.42 52.63
CA ILE H 140 -11.56 -10.04 53.40
C ILE H 140 -12.16 -10.78 54.57
N GLN H 141 -13.11 -10.15 55.26
CA GLN H 141 -13.71 -10.83 56.39
C GLN H 141 -14.47 -12.07 55.96
N GLN H 142 -15.13 -12.04 54.80
CA GLN H 142 -15.86 -13.20 54.35
C GLN H 142 -14.93 -14.37 54.07
N GLU H 143 -13.78 -14.10 53.46
CA GLU H 143 -12.83 -15.17 53.17
C GLU H 143 -12.28 -15.77 54.43
N LYS H 144 -12.00 -14.91 55.40
CA LYS H 144 -11.45 -15.36 56.65
C LYS H 144 -12.44 -16.27 57.34
N ASN H 145 -13.71 -15.86 57.35
CA ASN H 145 -14.69 -16.64 58.05
C ASN H 145 -14.86 -18.01 57.41
N GLU H 146 -14.84 -18.06 56.08
CA GLU H 146 -15.04 -19.35 55.45
C GLU H 146 -13.91 -20.31 55.75
N GLN H 147 -12.67 -19.83 55.73
CA GLN H 147 -11.57 -20.73 56.01
C GLN H 147 -11.56 -21.17 57.46
N GLU H 148 -12.04 -20.34 58.37
CA GLU H 148 -12.13 -20.74 59.77
C GLU H 148 -13.18 -21.83 59.95
N LEU H 149 -14.28 -21.74 59.20
CA LEU H 149 -15.33 -22.75 59.28
C LEU H 149 -14.86 -24.09 58.74
N LEU H 150 -14.02 -24.05 57.71
CA LEU H 150 -13.51 -25.29 57.10
C LEU H 150 -12.37 -25.92 57.87
N GLU H 151 -12.67 -26.42 59.06
CA GLU H 151 -11.72 -27.08 59.92
C GLU H 151 -12.41 -27.96 60.95
N LYS I 21 -2.60 48.22 49.03
CA LYS I 21 -1.99 48.32 47.72
C LYS I 21 -0.51 48.55 47.79
N LYS I 22 0.22 48.06 46.81
CA LYS I 22 1.63 48.38 46.75
C LYS I 22 1.66 49.83 46.33
N VAL I 23 2.50 50.68 46.90
CA VAL I 23 2.48 52.05 46.43
C VAL I 23 3.86 52.43 45.91
N VAL I 24 3.88 52.94 44.69
CA VAL I 24 5.08 53.37 44.01
C VAL I 24 4.99 54.84 43.66
N LEU I 25 5.98 55.63 44.06
CA LEU I 25 5.93 57.03 43.72
C LEU I 25 7.07 57.39 42.77
N GLY I 26 6.70 58.06 41.70
CA GLY I 26 7.64 58.54 40.70
C GLY I 26 7.55 60.06 40.68
N LYS I 27 8.22 60.68 39.73
CA LYS I 27 8.19 62.13 39.64
C LYS I 27 7.96 62.54 38.20
N LYS I 28 7.40 63.71 38.00
CA LYS I 28 7.15 64.16 36.65
C LYS I 28 8.42 64.09 35.81
N GLY I 29 8.30 63.45 34.65
CA GLY I 29 9.37 63.26 33.68
C GLY I 29 10.09 61.91 33.78
N ASP I 30 9.87 61.16 34.87
CA ASP I 30 10.53 59.88 35.06
C ASP I 30 9.83 58.71 34.38
N THR I 31 10.44 57.54 34.53
CA THR I 31 9.86 56.31 33.99
C THR I 31 9.66 55.34 35.14
N VAL I 32 8.48 54.75 35.20
CA VAL I 32 8.19 53.78 36.26
C VAL I 32 7.79 52.44 35.74
N GLU I 33 8.32 51.41 36.35
CA GLU I 33 7.93 50.06 35.99
C GLU I 33 7.04 49.47 37.07
N LEU I 34 5.81 49.16 36.72
CA LEU I 34 4.86 48.57 37.65
C LEU I 34 4.78 47.12 37.24
N THR I 35 4.62 46.17 38.16
CA THR I 35 4.58 44.78 37.67
C THR I 35 3.50 43.88 38.15
N CYS I 36 3.16 42.92 37.30
CA CYS I 36 2.31 41.80 37.66
C CYS I 36 3.14 40.54 37.58
N THR I 37 2.85 39.52 38.40
CA THR I 37 3.63 38.27 38.25
C THR I 37 2.78 36.99 38.22
N ALA I 38 3.41 35.88 37.86
CA ALA I 38 2.74 34.58 37.87
C ALA I 38 3.66 33.47 38.33
N SER I 39 3.08 32.40 38.91
CA SER I 39 3.88 31.23 39.29
C SER I 39 4.27 30.41 38.08
N GLN I 40 3.45 30.48 37.05
CA GLN I 40 3.71 29.84 35.78
C GLN I 40 4.55 30.81 35.01
N LYS I 41 5.55 30.33 34.31
CA LYS I 41 6.41 31.26 33.61
C LYS I 41 6.01 31.63 32.19
N LYS I 42 5.43 30.71 31.42
CA LYS I 42 5.20 31.01 30.00
C LYS I 42 3.78 30.91 29.50
N SER I 43 3.56 31.58 28.35
CA SER I 43 2.28 31.60 27.63
C SER I 43 1.09 32.06 28.48
N ILE I 44 1.30 33.16 29.17
CA ILE I 44 0.30 33.74 30.04
C ILE I 44 -0.30 35.02 29.52
N GLN I 45 -1.62 35.05 29.48
CA GLN I 45 -2.36 36.22 29.10
C GLN I 45 -2.57 37.10 30.31
N PHE I 46 -2.35 38.38 30.12
CA PHE I 46 -2.54 39.35 31.17
C PHE I 46 -3.01 40.66 30.59
N HIS I 47 -3.60 41.46 31.44
CA HIS I 47 -4.03 42.80 31.10
C HIS I 47 -3.75 43.81 32.18
N TRP I 48 -3.52 45.04 31.78
CA TRP I 48 -3.44 46.15 32.72
C TRP I 48 -4.55 47.13 32.45
N LYS I 49 -5.25 47.48 33.52
CA LYS I 49 -6.34 48.46 33.47
C LYS I 49 -6.21 49.53 34.53
N ASN I 50 -6.78 50.68 34.27
CA ASN I 50 -6.79 51.69 35.31
C ASN I 50 -8.02 51.51 36.22
N SER I 51 -8.19 52.42 37.16
CA SER I 51 -9.25 52.38 38.17
C SER I 51 -10.65 52.61 37.63
N ASN I 52 -10.74 53.07 36.38
CA ASN I 52 -11.99 53.35 35.71
C ASN I 52 -12.26 52.27 34.69
N GLN I 53 -11.49 51.18 34.83
CA GLN I 53 -11.53 50.00 34.00
C GLN I 53 -11.22 50.23 32.53
N ILE I 54 -10.28 51.11 32.23
CA ILE I 54 -9.87 51.34 30.87
C ILE I 54 -8.60 50.58 30.62
N LYS I 55 -8.56 49.78 29.56
CA LYS I 55 -7.37 49.01 29.23
C LYS I 55 -6.24 49.88 28.80
N ILE I 56 -5.05 49.53 29.24
CA ILE I 56 -3.88 50.24 28.85
C ILE I 56 -3.06 49.33 27.95
N LEU I 57 -2.67 48.18 28.50
CA LEU I 57 -1.81 47.19 27.84
C LEU I 57 -2.36 45.79 27.96
N GLY I 58 -1.99 44.92 27.03
CA GLY I 58 -2.31 43.51 27.23
C GLY I 58 -1.62 42.57 26.26
N ASN I 59 -1.65 41.30 26.61
CA ASN I 59 -1.02 40.25 25.82
C ASN I 59 -1.93 39.34 25.03
N GLN I 60 -1.88 39.45 23.73
CA GLN I 60 -2.70 38.59 22.88
C GLN I 60 -1.80 37.60 22.20
N GLY I 61 -1.79 36.37 22.65
CA GLY I 61 -0.82 35.47 22.05
C GLY I 61 0.57 35.95 22.45
N SER I 62 1.39 36.30 21.47
CA SER I 62 2.74 36.78 21.67
C SER I 62 2.84 38.28 21.43
N PHE I 63 1.72 38.93 21.15
CA PHE I 63 1.73 40.33 20.73
C PHE I 63 1.31 41.29 21.82
N LEU I 64 1.88 42.48 21.80
CA LEU I 64 1.46 43.51 22.74
C LEU I 64 0.39 44.37 22.13
N THR I 65 -0.70 44.55 22.85
CA THR I 65 -1.77 45.39 22.39
C THR I 65 -1.93 46.56 23.29
N LYS I 66 -2.58 47.59 22.81
CA LYS I 66 -2.88 48.73 23.64
C LYS I 66 -4.36 48.98 23.68
N GLY I 67 -4.82 49.55 24.77
CA GLY I 67 -6.24 49.88 24.89
C GLY I 67 -6.46 51.33 24.53
N PRO I 68 -7.69 51.83 24.61
CA PRO I 68 -8.09 53.18 24.32
C PRO I 68 -7.80 54.09 25.50
N SER I 69 -6.54 54.22 25.83
CA SER I 69 -6.10 54.98 26.99
C SER I 69 -5.22 56.17 26.71
N LYS I 70 -5.19 57.07 27.69
CA LYS I 70 -4.38 58.28 27.68
C LYS I 70 -2.90 57.97 27.69
N LEU I 71 -2.56 56.74 28.06
CA LEU I 71 -1.19 56.28 28.13
C LEU I 71 -0.73 55.55 26.88
N ASN I 72 -1.49 55.50 25.80
CA ASN I 72 -0.98 54.70 24.69
C ASN I 72 0.37 55.12 24.13
N ASP I 73 0.71 56.40 24.17
CA ASP I 73 1.98 56.81 23.62
C ASP I 73 3.09 56.85 24.65
N ARG I 74 2.82 56.38 25.85
CA ARG I 74 3.81 56.35 26.90
C ARG I 74 3.99 54.95 27.52
N ALA I 75 2.92 54.14 27.52
CA ALA I 75 2.97 52.83 28.12
C ALA I 75 3.64 51.82 27.19
N ASP I 76 4.44 50.93 27.78
CA ASP I 76 5.12 49.85 27.06
C ASP I 76 5.35 48.61 27.93
N SER I 77 5.94 47.55 27.37
CA SER I 77 6.21 46.34 28.16
C SER I 77 7.42 45.55 27.65
N ARG I 78 8.20 45.00 28.57
CA ARG I 78 9.35 44.21 28.15
C ARG I 78 8.96 42.81 27.79
N ARG I 79 8.68 42.62 26.51
CA ARG I 79 8.14 41.38 25.95
C ARG I 79 8.99 40.17 26.26
N SER I 80 10.29 40.35 26.34
CA SER I 80 11.20 39.25 26.62
C SER I 80 10.99 38.62 27.99
N LEU I 81 10.34 39.34 28.90
CA LEU I 81 10.14 38.82 30.25
C LEU I 81 8.81 38.11 30.40
N TRP I 82 8.01 38.09 29.36
CA TRP I 82 6.70 37.50 29.53
C TRP I 82 6.82 36.02 29.79
N ASP I 83 7.87 35.38 29.29
CA ASP I 83 8.02 33.95 29.47
C ASP I 83 8.78 33.63 30.75
N GLN I 84 9.01 34.66 31.56
CA GLN I 84 9.61 34.52 32.86
C GLN I 84 8.55 34.70 33.94
N GLY I 85 7.27 34.83 33.54
CA GLY I 85 6.20 35.06 34.49
C GLY I 85 6.22 36.50 35.02
N ASN I 86 6.75 37.43 34.25
CA ASN I 86 6.85 38.82 34.68
C ASN I 86 6.25 39.69 33.60
N PHE I 87 5.19 40.42 33.95
CA PHE I 87 4.45 41.17 32.96
C PHE I 87 4.39 42.65 33.34
N PRO I 88 5.48 43.42 33.17
CA PRO I 88 5.59 44.80 33.54
C PRO I 88 4.82 45.73 32.64
N LEU I 89 4.45 46.86 33.23
CA LEU I 89 3.90 48.01 32.54
C LEU I 89 4.84 49.15 32.79
N ILE I 90 5.30 49.75 31.73
CA ILE I 90 6.25 50.82 31.89
C ILE I 90 5.68 52.12 31.41
N ILE I 91 5.63 53.11 32.28
CA ILE I 91 5.11 54.39 31.82
C ILE I 91 6.23 55.36 31.70
N LYS I 92 6.51 55.77 30.47
CA LYS I 92 7.59 56.67 30.18
C LYS I 92 7.10 58.10 30.31
N ASN I 93 7.98 59.03 30.67
CA ASN I 93 7.58 60.43 30.75
C ASN I 93 6.33 60.66 31.59
N LEU I 94 6.39 60.28 32.86
CA LEU I 94 5.27 60.43 33.80
C LEU I 94 4.82 61.85 34.03
N LYS I 95 3.51 61.99 34.18
CA LYS I 95 2.84 63.25 34.46
C LYS I 95 2.02 63.15 35.75
N ILE I 96 1.67 64.27 36.36
CA ILE I 96 0.87 64.21 37.58
C ILE I 96 -0.50 63.56 37.33
N GLU I 97 -1.01 63.72 36.13
CA GLU I 97 -2.28 63.16 35.69
C GLU I 97 -2.30 61.63 35.64
N ASP I 98 -1.12 61.00 35.74
CA ASP I 98 -1.01 59.55 35.70
C ASP I 98 -1.18 58.94 37.07
N SER I 99 -1.26 59.77 38.12
CA SER I 99 -1.38 59.15 39.42
C SER I 99 -2.71 58.43 39.43
N ASP I 100 -2.71 57.15 39.79
CA ASP I 100 -3.92 56.33 39.77
C ASP I 100 -3.69 54.97 40.42
N THR I 101 -4.74 54.17 40.46
CA THR I 101 -4.58 52.78 40.86
C THR I 101 -4.54 51.94 39.60
N TYR I 102 -3.49 51.16 39.46
CA TYR I 102 -3.32 50.31 38.29
C TYR I 102 -3.59 48.88 38.67
N ILE I 103 -4.41 48.25 37.87
CA ILE I 103 -4.88 46.91 38.15
C ILE I 103 -4.32 45.85 37.22
N CYS I 104 -3.73 44.85 37.81
CA CYS I 104 -3.24 43.72 37.05
C CYS I 104 -4.28 42.65 36.99
N GLU I 105 -4.42 42.06 35.84
CA GLU I 105 -5.22 40.85 35.73
C GLU I 105 -4.35 39.81 35.08
N VAL I 106 -3.97 38.80 35.83
CA VAL I 106 -3.09 37.78 35.30
C VAL I 106 -3.74 36.47 35.52
N GLU I 107 -3.97 35.69 34.48
CA GLU I 107 -4.64 34.42 34.75
C GLU I 107 -5.94 34.72 35.53
N ASP I 108 -6.11 34.12 36.71
CA ASP I 108 -7.31 34.30 37.53
C ASP I 108 -7.20 35.40 38.60
N GLN I 109 -5.98 35.66 39.08
CA GLN I 109 -5.73 36.59 40.18
C GLN I 109 -5.60 38.04 39.77
N LYS I 110 -5.88 38.93 40.71
CA LYS I 110 -5.69 40.34 40.44
C LYS I 110 -4.72 40.95 41.42
N GLU I 111 -4.06 42.01 41.00
CA GLU I 111 -3.12 42.71 41.88
C GLU I 111 -3.31 44.21 41.75
N GLU I 112 -3.10 44.96 42.83
CA GLU I 112 -3.21 46.40 42.68
C GLU I 112 -2.01 47.15 43.21
N VAL I 113 -1.57 48.08 42.37
CA VAL I 113 -0.49 48.97 42.70
C VAL I 113 -0.91 50.39 42.47
N GLN I 114 -0.62 51.24 43.41
CA GLN I 114 -0.94 52.64 43.28
C GLN I 114 0.26 53.39 42.81
N LEU I 115 0.07 54.21 41.81
CA LEU I 115 1.12 55.03 41.28
C LEU I 115 0.90 56.46 41.63
N LEU I 116 1.88 57.07 42.25
CA LEU I 116 1.79 58.47 42.58
C LEU I 116 2.85 59.19 41.78
N VAL I 117 2.58 60.41 41.34
CA VAL I 117 3.60 61.17 40.64
C VAL I 117 3.71 62.57 41.26
N GLN J 1 20.94 58.02 0.64
CA GLN J 1 21.16 59.46 0.77
C GLN J 1 22.24 59.68 1.81
N VAL J 2 22.79 58.58 2.25
CA VAL J 2 23.80 58.52 3.29
C VAL J 2 25.26 58.69 2.90
N GLN J 3 25.91 59.54 3.65
CA GLN J 3 27.31 59.81 3.54
C GLN J 3 28.02 59.01 4.59
N LEU J 4 29.12 58.35 4.24
CA LEU J 4 29.83 57.59 5.24
C LEU J 4 31.18 58.20 5.53
N LEU J 5 31.41 58.52 6.79
CA LEU J 5 32.65 59.13 7.19
C LEU J 5 33.52 58.18 7.97
N GLU J 6 34.68 57.87 7.43
CA GLU J 6 35.62 56.96 8.07
C GLU J 6 36.36 57.65 9.20
N SER J 7 36.90 56.85 10.10
CA SER J 7 37.70 57.35 11.21
C SER J 7 39.17 57.47 10.80
N GLY J 8 40.05 57.64 11.78
CA GLY J 8 41.46 57.86 11.49
C GLY J 8 42.20 56.56 11.19
N ALA J 9 43.43 56.72 10.68
CA ALA J 9 44.32 55.60 10.36
C ALA J 9 44.92 55.03 11.62
N GLU J 10 45.32 53.76 11.55
CA GLU J 10 45.93 53.06 12.69
C GLU J 10 47.12 52.21 12.31
N VAL J 11 48.03 52.05 13.26
CA VAL J 11 49.15 51.15 13.09
C VAL J 11 49.23 50.26 14.33
N LYS J 12 49.16 48.94 14.17
CA LYS J 12 49.17 48.08 15.36
C LYS J 12 50.20 46.97 15.35
N LYS J 13 50.73 46.62 16.51
CA LYS J 13 51.61 45.47 16.54
C LYS J 13 50.76 44.22 16.32
N PRO J 14 51.24 43.19 15.62
CA PRO J 14 50.53 41.95 15.41
C PRO J 14 50.12 41.35 16.74
N GLY J 15 48.91 40.81 16.74
CA GLY J 15 48.27 40.19 17.89
C GLY J 15 47.27 41.15 18.55
N SER J 16 47.39 42.44 18.27
CA SER J 16 46.48 43.46 18.82
C SER J 16 45.21 43.54 18.01
N SER J 17 44.20 44.24 18.53
CA SER J 17 43.00 44.46 17.75
C SER J 17 42.89 45.92 17.35
N VAL J 18 42.15 46.15 16.27
CA VAL J 18 41.91 47.51 15.82
C VAL J 18 40.44 47.80 15.75
N LYS J 19 40.05 48.95 16.27
CA LYS J 19 38.67 49.37 16.21
C LYS J 19 38.54 50.44 15.13
N VAL J 20 37.74 50.16 14.13
CA VAL J 20 37.56 51.05 13.00
C VAL J 20 36.09 51.42 12.96
N SER J 21 35.76 52.67 12.71
CA SER J 21 34.35 53.02 12.68
C SER J 21 34.00 53.98 11.60
N CYS J 22 32.71 54.00 11.26
CA CYS J 22 32.17 54.91 10.27
C CYS J 22 30.94 55.63 10.77
N LYS J 23 30.89 56.93 10.57
CA LYS J 23 29.69 57.65 10.95
C LYS J 23 28.78 57.79 9.75
N ALA J 24 27.54 57.37 9.88
CA ALA J 24 26.59 57.48 8.80
C ALA J 24 25.75 58.71 9.01
N SER J 25 25.60 59.52 7.98
CA SER J 25 24.75 60.69 8.17
C SER J 25 23.96 61.08 6.93
N GLY J 26 22.91 61.87 7.16
CA GLY J 26 22.04 62.37 6.08
C GLY J 26 20.70 61.64 5.96
N ASP J 27 20.56 60.50 6.62
CA ASP J 27 19.31 59.73 6.60
C ASP J 27 19.19 58.88 7.85
N THR J 28 18.10 58.15 7.96
CA THR J 28 17.85 57.27 9.08
C THR J 28 18.83 56.11 9.08
N PHE J 29 19.50 55.92 10.20
CA PHE J 29 20.52 54.88 10.32
C PHE J 29 19.95 53.50 10.12
N ILE J 30 18.80 53.26 10.71
CA ILE J 30 18.13 51.98 10.71
C ILE J 30 17.69 51.53 9.31
N ARG J 31 17.61 52.43 8.37
CA ARG J 31 17.19 52.01 7.06
C ARG J 31 18.36 51.60 6.19
N TYR J 32 19.57 51.62 6.73
CA TYR J 32 20.69 51.21 5.92
C TYR J 32 21.38 49.99 6.47
N SER J 33 21.73 49.09 5.58
CA SER J 33 22.49 47.91 5.97
C SER J 33 23.92 48.23 5.71
N PHE J 34 24.84 47.70 6.53
CA PHE J 34 26.22 48.06 6.28
C PHE J 34 27.16 46.88 6.18
N THR J 35 28.16 47.05 5.35
CA THR J 35 29.19 46.06 5.16
C THR J 35 30.56 46.63 5.34
N TRP J 36 31.51 45.73 5.55
CA TRP J 36 32.90 46.12 5.58
C TRP J 36 33.69 45.39 4.52
N VAL J 37 34.59 46.16 3.91
CA VAL J 37 35.53 45.75 2.86
C VAL J 37 36.98 46.05 3.22
N ARG J 38 37.85 45.07 2.94
CA ARG J 38 39.28 45.17 3.20
C ARG J 38 40.12 45.29 1.94
N GLN J 39 40.56 46.49 1.61
CA GLN J 39 41.34 46.66 0.40
C GLN J 39 42.82 46.50 0.69
N ALA J 40 43.24 45.24 0.83
CA ALA J 40 44.64 44.94 1.09
C ALA J 40 45.43 45.38 -0.15
N PRO J 41 46.66 45.91 -0.04
CA PRO J 41 47.44 46.32 -1.18
C PRO J 41 47.62 45.15 -2.13
N GLY J 42 47.39 45.41 -3.41
CA GLY J 42 47.58 44.39 -4.45
C GLY J 42 46.41 43.42 -4.58
N GLN J 43 45.39 43.58 -3.75
CA GLN J 43 44.24 42.69 -3.73
C GLN J 43 42.98 43.34 -4.25
N GLY J 44 41.89 42.57 -4.29
CA GLY J 44 40.60 43.09 -4.69
C GLY J 44 39.82 43.52 -3.46
N LEU J 45 38.52 43.70 -3.61
CA LEU J 45 37.69 44.20 -2.53
C LEU J 45 37.26 43.10 -1.58
N GLU J 46 38.16 42.56 -0.79
CA GLU J 46 37.76 41.44 0.07
C GLU J 46 36.59 41.82 0.98
N TRP J 47 35.53 41.00 0.97
CA TRP J 47 34.38 41.24 1.83
C TRP J 47 34.65 40.67 3.20
N MET J 48 34.38 41.43 4.25
CA MET J 48 34.61 40.91 5.59
C MET J 48 33.33 40.46 6.24
N GLY J 49 32.28 41.23 6.01
CA GLY J 49 31.01 40.93 6.67
C GLY J 49 29.95 42.02 6.49
N ARG J 50 28.75 41.70 7.00
CA ARG J 50 27.58 42.60 6.95
C ARG J 50 26.80 42.62 8.24
N ILE J 51 26.27 43.80 8.58
CA ILE J 51 25.40 44.00 9.73
C ILE J 51 24.02 44.50 9.33
N ILE J 52 23.02 43.89 9.94
CA ILE J 52 21.64 44.26 9.74
C ILE J 52 21.27 45.07 10.97
N THR J 53 20.73 46.26 10.77
CA THR J 53 20.45 47.16 11.88
C THR J 53 19.08 47.01 12.56
N ILE J 54 18.12 46.33 11.97
CA ILE J 54 16.86 46.12 12.68
C ILE J 54 16.96 44.90 13.52
N LEU J 55 17.39 43.84 12.91
CA LEU J 55 17.63 42.64 13.62
C LEU J 55 19.09 42.76 13.82
N ASP J 56 19.53 43.00 15.02
CA ASP J 56 20.94 43.32 15.18
C ASP J 56 21.76 42.06 15.11
N VAL J 57 22.04 41.68 13.88
CA VAL J 57 22.74 40.47 13.60
C VAL J 57 23.83 40.78 12.60
N ALA J 58 24.82 39.93 12.52
CA ALA J 58 25.85 40.15 11.52
C ALA J 58 26.37 38.84 11.05
N HIS J 59 26.88 38.85 9.84
CA HIS J 59 27.44 37.67 9.26
C HIS J 59 28.83 37.98 8.74
N TYR J 60 29.72 37.01 8.85
CA TYR J 60 31.09 37.27 8.48
C TYR J 60 31.66 36.24 7.53
N ALA J 61 32.63 36.65 6.75
CA ALA J 61 33.32 35.73 5.88
C ALA J 61 33.93 34.65 6.78
N PRO J 62 33.84 33.34 6.46
CA PRO J 62 34.31 32.22 7.28
C PRO J 62 35.70 32.31 7.87
N HIS J 63 36.67 32.86 7.15
CA HIS J 63 38.01 32.90 7.70
C HIS J 63 38.21 33.94 8.79
N LEU J 64 37.25 34.84 8.93
CA LEU J 64 37.35 35.85 9.95
C LEU J 64 36.34 35.61 11.06
N GLN J 65 35.62 34.49 11.07
CA GLN J 65 34.59 34.38 12.10
C GLN J 65 35.11 34.41 13.52
N GLY J 66 36.32 33.92 13.76
CA GLY J 66 36.86 33.97 15.12
C GLY J 66 37.66 35.26 15.35
N ARG J 67 37.72 36.13 14.34
CA ARG J 67 38.50 37.35 14.40
C ARG J 67 37.74 38.67 14.30
N VAL J 68 36.61 38.68 13.59
CA VAL J 68 35.94 39.96 13.36
C VAL J 68 34.56 40.09 13.99
N THR J 69 34.34 41.23 14.60
CA THR J 69 33.03 41.60 15.13
C THR J 69 32.53 42.88 14.48
N ILE J 70 31.31 42.85 13.98
CA ILE J 70 30.71 44.06 13.42
C ILE J 70 29.52 44.42 14.27
N THR J 71 29.52 45.63 14.77
CA THR J 71 28.45 46.13 15.61
C THR J 71 28.06 47.54 15.24
N ALA J 72 27.12 48.10 15.96
CA ALA J 72 26.68 49.47 15.68
C ALA J 72 26.11 50.15 16.90
N ASP J 73 26.22 51.47 16.91
CA ASP J 73 25.60 52.28 17.93
C ASP J 73 24.49 53.11 17.30
N LYS J 74 23.28 52.67 17.56
CA LYS J 74 22.09 53.24 16.95
C LYS J 74 21.86 54.69 17.35
N SER J 75 22.44 55.13 18.46
CA SER J 75 22.21 56.48 18.92
C SER J 75 23.18 57.49 18.31
N THR J 76 24.28 57.02 17.72
CA THR J 76 25.30 57.90 17.16
C THR J 76 25.48 57.64 15.68
N SER J 77 24.59 56.83 15.13
CA SER J 77 24.59 56.41 13.73
C SER J 77 25.96 55.92 13.35
N THR J 78 26.57 55.11 14.19
CA THR J 78 27.92 54.68 13.91
C THR J 78 28.09 53.18 13.79
N VAL J 79 28.78 52.79 12.73
CA VAL J 79 29.07 51.40 12.45
C VAL J 79 30.46 51.08 12.95
N TYR J 80 30.62 49.98 13.68
CA TYR J 80 31.93 49.65 14.19
C TYR J 80 32.44 48.29 13.78
N LEU J 81 33.73 48.24 13.55
CA LEU J 81 34.45 47.02 13.23
C LEU J 81 35.56 46.75 14.21
N GLU J 82 35.59 45.57 14.79
CA GLU J 82 36.75 45.26 15.59
C GLU J 82 37.38 44.00 15.04
N LEU J 83 38.63 44.12 14.66
CA LEU J 83 39.35 42.97 14.12
C LEU J 83 40.48 42.64 15.06
N ARG J 84 40.50 41.38 15.53
CA ARG J 84 41.52 40.96 16.49
C ARG J 84 42.54 40.02 15.89
N ASN J 85 43.61 39.78 16.67
CA ASN J 85 44.70 38.93 16.25
C ASN J 85 45.30 39.41 14.93
N LEU J 86 45.60 40.69 14.85
CA LEU J 86 46.12 41.27 13.62
C LEU J 86 47.44 40.68 13.20
N ARG J 87 47.57 40.56 11.88
CA ARG J 87 48.73 40.05 11.18
C ARG J 87 49.10 41.05 10.09
N SER J 88 50.30 40.96 9.53
CA SER J 88 50.67 41.88 8.43
C SER J 88 49.82 41.67 7.19
N ASP J 89 49.18 40.51 7.11
CA ASP J 89 48.30 40.10 6.03
C ASP J 89 47.03 40.95 6.02
N ASP J 90 46.77 41.62 7.14
CA ASP J 90 45.59 42.42 7.31
C ASP J 90 45.87 43.87 6.96
N THR J 91 47.06 44.17 6.45
CA THR J 91 47.30 45.54 6.08
C THR J 91 46.31 45.85 4.99
N ALA J 92 45.54 46.89 5.17
CA ALA J 92 44.53 47.23 4.19
C ALA J 92 43.90 48.54 4.43
N VAL J 93 43.23 49.03 3.42
CA VAL J 93 42.39 50.16 3.67
C VAL J 93 41.00 49.59 3.95
N TYR J 94 40.47 49.87 5.12
CA TYR J 94 39.20 49.32 5.52
C TYR J 94 38.11 50.32 5.35
N PHE J 95 36.95 49.85 4.95
CA PHE J 95 35.85 50.78 4.84
C PHE J 95 34.47 50.24 4.89
N CYS J 96 33.59 51.15 5.25
CA CYS J 96 32.18 50.88 5.31
C CYS J 96 31.52 51.15 4.01
N ALA J 97 30.47 50.42 3.80
CA ALA J 97 29.63 50.65 2.67
C ALA J 97 28.22 50.23 3.01
N GLY J 98 27.24 50.76 2.31
CA GLY J 98 25.89 50.30 2.60
C GLY J 98 24.83 50.54 1.54
N VAL J 99 23.62 50.09 1.88
CA VAL J 99 22.47 50.19 1.01
C VAL J 99 21.23 50.72 1.69
N TYR J 100 20.31 51.29 0.91
CA TYR J 100 19.02 51.73 1.43
C TYR J 100 17.97 50.65 1.34
N GLU J 101 17.36 50.35 2.48
CA GLU J 101 16.32 49.35 2.63
C GLU J 101 14.97 50.04 2.74
N GLY J 102 14.10 49.81 1.75
CA GLY J 102 12.85 50.56 1.71
C GLY J 102 11.98 50.33 2.91
N GLU J 103 11.68 51.40 3.63
CA GLU J 103 10.82 51.38 4.80
C GLU J 103 11.17 50.23 5.72
N ALA J 104 12.46 50.04 5.94
CA ALA J 104 12.90 48.97 6.81
C ALA J 104 12.30 49.11 8.21
N ASP J 105 12.10 50.34 8.66
CA ASP J 105 11.57 50.64 9.99
C ASP J 105 10.21 50.00 10.24
N GLU J 106 9.45 49.83 9.16
CA GLU J 106 8.09 49.33 9.22
C GLU J 106 8.01 47.86 8.90
N GLY J 107 9.18 47.22 8.74
CA GLY J 107 9.25 45.80 8.42
C GLY J 107 9.31 45.48 6.92
N GLU J 108 9.63 46.46 6.07
CA GLU J 108 9.71 46.24 4.63
C GLU J 108 11.12 46.00 4.11
N TYR J 109 12.06 45.74 4.99
CA TYR J 109 13.47 45.53 4.67
C TYR J 109 13.69 44.59 3.46
N ASP J 110 14.51 45.06 2.48
CA ASP J 110 14.83 44.38 1.19
C ASP J 110 15.98 43.37 1.25
N ASN J 111 16.91 43.60 2.16
CA ASN J 111 18.14 42.81 2.37
C ASN J 111 19.11 42.79 1.18
N ASN J 112 19.40 43.98 0.64
CA ASN J 112 20.31 44.12 -0.51
C ASN J 112 21.80 44.08 -0.18
N GLY J 113 22.60 43.47 -1.05
CA GLY J 113 24.06 43.49 -0.90
C GLY J 113 24.75 44.39 -1.93
N PHE J 114 23.96 45.13 -2.68
CA PHE J 114 24.44 45.96 -3.79
C PHE J 114 24.82 47.33 -3.28
N LEU J 115 26.10 47.50 -2.96
CA LEU J 115 26.54 48.66 -2.20
C LEU J 115 26.64 49.96 -2.96
N LYS J 116 25.97 50.98 -2.46
CA LYS J 116 25.91 52.27 -3.13
C LYS J 116 26.64 53.36 -2.41
N HIS J 117 26.64 53.28 -1.09
CA HIS J 117 27.22 54.31 -0.27
C HIS J 117 28.52 53.81 0.25
N TRP J 118 29.61 54.51 -0.03
CA TRP J 118 30.94 54.06 0.40
C TRP J 118 31.71 55.16 1.12
N GLY J 119 32.50 54.77 2.13
CA GLY J 119 33.36 55.72 2.82
C GLY J 119 34.65 55.94 2.03
N GLN J 120 35.52 56.85 2.50
CA GLN J 120 36.76 57.15 1.78
C GLN J 120 37.93 56.18 2.00
N GLY J 121 37.84 55.31 2.99
CA GLY J 121 38.90 54.37 3.31
C GLY J 121 39.78 54.71 4.52
N THR J 122 39.91 53.75 5.46
CA THR J 122 40.73 53.90 6.65
C THR J 122 41.96 53.02 6.54
N LEU J 123 43.13 53.59 6.55
CA LEU J 123 44.29 52.73 6.43
C LEU J 123 44.76 52.16 7.76
N VAL J 124 44.84 50.84 7.80
CA VAL J 124 45.33 50.15 8.97
C VAL J 124 46.52 49.29 8.57
N THR J 125 47.63 49.48 9.29
CA THR J 125 48.86 48.75 9.01
C THR J 125 49.36 48.13 10.29
N VAL J 126 50.46 47.40 10.22
CA VAL J 126 51.01 46.82 11.43
C VAL J 126 52.47 47.22 11.63
N THR J 127 52.95 47.04 12.85
CA THR J 127 54.35 47.36 13.18
C THR J 127 54.96 46.47 14.27
N ALA K 37 -3.72 -26.25 58.70
CA ALA K 37 -2.29 -26.36 58.97
C ALA K 37 -1.66 -27.29 57.96
N LYS K 38 -2.50 -27.88 57.15
CA LYS K 38 -2.05 -28.78 56.11
C LYS K 38 -1.72 -27.97 54.89
N LYS K 39 -0.79 -28.45 54.10
CA LYS K 39 -0.50 -27.80 52.85
C LYS K 39 -1.41 -28.40 51.81
N TRP K 40 -2.04 -27.55 51.00
CA TRP K 40 -2.99 -27.96 49.95
C TRP K 40 -2.53 -27.52 48.58
N VAL K 41 -2.91 -28.21 47.53
CA VAL K 41 -2.49 -27.84 46.18
C VAL K 41 -3.30 -26.68 45.59
N THR K 42 -2.63 -25.63 45.13
CA THR K 42 -3.33 -24.52 44.47
C THR K 42 -2.90 -24.25 43.07
N VAL K 43 -3.89 -24.17 42.21
CA VAL K 43 -3.69 -23.88 40.81
C VAL K 43 -3.73 -22.39 40.55
N TYR K 44 -2.69 -21.87 39.91
CA TYR K 44 -2.58 -20.46 39.57
C TYR K 44 -2.46 -20.24 38.09
N TYR K 45 -3.17 -19.26 37.56
CA TYR K 45 -3.03 -18.99 36.14
C TYR K 45 -2.51 -17.59 35.92
N GLY K 46 -1.51 -17.47 35.06
CA GLY K 46 -0.90 -16.17 34.77
C GLY K 46 0.45 -16.07 35.43
N VAL K 47 1.01 -17.23 35.72
CA VAL K 47 2.30 -17.36 36.35
C VAL K 47 3.40 -16.97 35.38
N PRO K 48 4.31 -16.04 35.72
CA PRO K 48 5.33 -15.52 34.83
C PRO K 48 6.51 -16.46 34.61
N VAL K 49 6.22 -17.59 34.00
CA VAL K 49 7.18 -18.64 33.72
C VAL K 49 7.27 -18.98 32.26
N TRP K 50 8.49 -19.11 31.77
CA TRP K 50 8.73 -19.46 30.40
C TRP K 50 9.66 -20.63 30.25
N LYS K 51 9.53 -21.29 29.12
CA LYS K 51 10.33 -22.43 28.74
C LYS K 51 10.93 -22.25 27.36
N GLU K 52 12.01 -22.96 27.10
CA GLU K 52 12.62 -22.92 25.79
C GLU K 52 11.68 -23.45 24.74
N ALA K 53 11.69 -22.82 23.60
CA ALA K 53 10.83 -23.32 22.55
C ALA K 53 11.41 -23.10 21.19
N THR K 54 11.01 -23.93 20.25
CA THR K 54 11.46 -23.73 18.90
C THR K 54 10.29 -23.45 18.00
N THR K 55 10.35 -22.33 17.35
CA THR K 55 9.31 -21.94 16.43
C THR K 55 9.97 -21.40 15.22
N THR K 56 9.17 -21.11 14.21
CA THR K 56 9.71 -20.51 13.00
C THR K 56 9.66 -19.01 13.15
N LEU K 57 10.79 -18.37 12.94
CA LEU K 57 10.88 -16.93 13.06
C LEU K 57 10.64 -16.32 11.72
N PHE K 58 10.20 -15.08 11.72
CA PHE K 58 10.02 -14.39 10.46
C PHE K 58 11.08 -13.36 10.44
N CYS K 59 11.16 -12.58 9.38
CA CYS K 59 12.23 -11.61 9.36
C CYS K 59 11.76 -10.30 8.80
N ALA K 60 12.57 -9.29 9.08
CA ALA K 60 12.31 -7.95 8.62
C ALA K 60 13.60 -7.32 8.17
N SER K 61 13.52 -6.44 7.19
CA SER K 61 14.72 -5.74 6.77
C SER K 61 14.43 -4.45 6.05
N ASP K 62 15.39 -3.55 6.02
CA ASP K 62 15.22 -2.31 5.28
C ASP K 62 15.62 -2.50 3.82
N ALA K 63 14.81 -3.28 3.12
CA ALA K 63 15.03 -3.55 1.71
C ALA K 63 14.41 -2.41 0.92
N LYS K 64 14.97 -2.12 -0.24
CA LYS K 64 14.39 -1.08 -1.07
C LYS K 64 13.54 -1.67 -2.17
N ALA K 65 13.90 -2.88 -2.58
CA ALA K 65 13.23 -3.69 -3.59
C ALA K 65 13.24 -3.17 -5.02
N TYR K 66 14.00 -2.12 -5.31
CA TYR K 66 14.09 -1.62 -6.68
C TYR K 66 15.53 -1.55 -7.17
N ASP K 67 16.48 -2.00 -6.36
CA ASP K 67 17.88 -1.88 -6.72
C ASP K 67 18.41 -3.02 -7.58
N THR K 68 17.60 -4.06 -7.81
CA THR K 68 17.92 -5.27 -8.61
C THR K 68 18.95 -6.20 -7.98
N GLU K 69 19.63 -5.70 -6.98
CA GLU K 69 20.64 -6.37 -6.19
C GLU K 69 19.98 -7.56 -5.52
N VAL K 70 20.71 -8.66 -5.42
CA VAL K 70 20.17 -9.89 -4.89
C VAL K 70 19.53 -9.85 -3.52
N HIS K 71 20.13 -9.19 -2.56
CA HIS K 71 19.55 -9.25 -1.25
C HIS K 71 18.30 -8.41 -1.21
N ASN K 72 18.28 -7.29 -1.94
CA ASN K 72 17.06 -6.49 -1.95
C ASN K 72 15.94 -7.24 -2.65
N VAL K 73 16.27 -8.00 -3.68
CA VAL K 73 15.25 -8.76 -4.38
C VAL K 73 14.74 -9.88 -3.50
N TRP K 74 15.64 -10.61 -2.85
CA TRP K 74 15.22 -11.68 -1.97
C TRP K 74 14.38 -11.15 -0.85
N ALA K 75 14.87 -10.10 -0.18
CA ALA K 75 14.21 -9.54 0.97
C ALA K 75 12.83 -9.07 0.61
N THR K 76 12.65 -8.55 -0.60
CA THR K 76 11.36 -8.06 -1.04
C THR K 76 10.24 -9.05 -0.79
N HIS K 77 10.49 -10.34 -1.03
CA HIS K 77 9.45 -11.32 -0.89
C HIS K 77 9.77 -12.33 0.21
N ALA K 78 10.65 -11.96 1.12
CA ALA K 78 11.03 -12.83 2.23
C ALA K 78 10.77 -12.17 3.56
N CYS K 79 11.17 -10.92 3.68
CA CYS K 79 11.12 -10.17 4.91
C CYS K 79 10.14 -9.01 4.84
N VAL K 80 9.65 -8.59 5.99
CA VAL K 80 8.74 -7.47 6.07
C VAL K 80 9.57 -6.21 6.39
N PRO K 81 9.00 -5.00 6.32
CA PRO K 81 9.64 -3.77 6.76
C PRO K 81 9.94 -3.90 8.23
N THR K 82 10.94 -3.21 8.73
CA THR K 82 11.26 -3.33 10.14
C THR K 82 10.28 -2.59 11.01
N ASP K 83 10.30 -2.91 12.30
CA ASP K 83 9.42 -2.32 13.29
C ASP K 83 9.75 -0.84 13.45
N PRO K 84 8.82 0.09 13.17
CA PRO K 84 9.03 1.52 13.24
C PRO K 84 9.25 2.02 14.67
N ASN K 85 8.89 1.21 15.66
CA ASN K 85 9.03 1.60 17.05
C ASN K 85 9.24 0.41 17.95
N PRO K 86 10.40 -0.25 17.90
CA PRO K 86 10.71 -1.46 18.62
C PRO K 86 10.79 -1.11 20.08
N GLN K 87 10.54 -2.09 20.94
CA GLN K 87 10.64 -1.90 22.38
C GLN K 87 11.41 -3.02 23.04
N GLU K 88 12.06 -2.70 24.14
CA GLU K 88 12.81 -3.66 24.93
C GLU K 88 12.52 -3.50 26.40
N ILE K 89 12.20 -4.61 27.05
CA ILE K 89 11.90 -4.53 28.48
C ILE K 89 12.89 -5.29 29.34
N VAL K 90 13.52 -4.60 30.26
CA VAL K 90 14.50 -5.25 31.12
C VAL K 90 13.79 -5.98 32.25
N LEU K 91 14.17 -7.23 32.49
CA LEU K 91 13.55 -8.00 33.55
C LEU K 91 14.44 -7.92 34.79
N GLY K 92 13.96 -7.32 35.84
CA GLY K 92 14.84 -7.17 36.97
C GLY K 92 15.09 -8.50 37.66
N ASN K 93 16.31 -8.70 38.11
CA ASN K 93 16.71 -9.87 38.88
C ASN K 93 16.32 -11.20 38.24
N VAL K 94 16.53 -11.32 36.94
CA VAL K 94 16.26 -12.57 36.25
C VAL K 94 17.55 -13.18 35.75
N THR K 95 17.80 -14.42 36.14
CA THR K 95 18.99 -15.11 35.68
C THR K 95 18.53 -16.16 34.69
N GLU K 96 19.13 -16.16 33.52
CA GLU K 96 18.74 -17.08 32.46
C GLU K 96 19.93 -17.81 31.87
N ASN K 97 19.80 -19.11 31.68
CA ASN K 97 20.89 -19.86 31.07
C ASN K 97 20.85 -19.85 29.57
N PHE K 98 21.88 -19.28 28.98
CA PHE K 98 21.96 -19.16 27.54
C PHE K 98 23.00 -20.12 27.03
N ASN K 99 22.80 -20.68 25.85
CA ASN K 99 23.82 -21.55 25.26
C ASN K 99 23.86 -21.35 23.77
N MET K 100 24.87 -20.65 23.30
CA MET K 100 24.96 -20.28 21.92
C MET K 100 25.21 -21.46 21.02
N TRP K 101 25.66 -22.58 21.56
CA TRP K 101 25.97 -23.69 20.71
C TRP K 101 24.82 -24.67 20.56
N LYS K 102 23.69 -24.37 21.21
CA LYS K 102 22.49 -25.19 21.16
C LYS K 102 21.31 -24.34 20.72
N ASN K 103 21.62 -23.21 20.11
CA ASN K 103 20.63 -22.23 19.73
C ASN K 103 20.01 -22.51 18.36
N ASN K 104 18.73 -22.87 18.32
CA ASN K 104 18.08 -23.26 17.06
C ASN K 104 17.83 -22.11 16.11
N MET K 105 18.04 -20.88 16.56
CA MET K 105 17.83 -19.71 15.71
C MET K 105 18.86 -19.77 14.59
N VAL K 106 19.96 -20.47 14.85
CA VAL K 106 21.04 -20.64 13.94
C VAL K 106 20.61 -21.48 12.78
N GLU K 107 19.81 -22.51 13.02
CA GLU K 107 19.44 -23.39 11.96
C GLU K 107 18.54 -22.67 11.01
N GLN K 108 17.68 -21.82 11.55
CA GLN K 108 16.82 -21.11 10.64
C GLN K 108 17.59 -20.12 9.82
N MET K 109 18.56 -19.42 10.43
CA MET K 109 19.28 -18.49 9.62
C MET K 109 20.07 -19.22 8.55
N HIS K 110 20.62 -20.39 8.89
CA HIS K 110 21.40 -21.16 7.96
C HIS K 110 20.54 -21.53 6.77
N GLU K 111 19.33 -22.02 7.02
CA GLU K 111 18.49 -22.39 5.90
C GLU K 111 18.02 -21.20 5.08
N ASP K 112 17.75 -20.05 5.71
CA ASP K 112 17.30 -18.93 4.91
C ASP K 112 18.40 -18.44 3.98
N ILE K 113 19.64 -18.44 4.45
CA ILE K 113 20.73 -17.98 3.62
C ILE K 113 21.00 -18.96 2.53
N ILE K 114 20.92 -20.26 2.77
CA ILE K 114 21.13 -21.15 1.67
C ILE K 114 20.12 -20.89 0.58
N SER K 115 18.85 -20.72 0.95
CA SER K 115 17.87 -20.45 -0.10
C SER K 115 18.19 -19.15 -0.82
N LEU K 116 18.61 -18.13 -0.09
CA LEU K 116 18.93 -16.85 -0.71
C LEU K 116 19.98 -17.05 -1.77
N TRP K 117 21.03 -17.78 -1.45
CA TRP K 117 22.10 -18.02 -2.40
C TRP K 117 21.65 -18.87 -3.59
N ASP K 118 20.90 -19.95 -3.35
CA ASP K 118 20.51 -20.82 -4.45
C ASP K 118 19.55 -20.16 -5.43
N GLN K 119 18.80 -19.18 -4.96
CA GLN K 119 17.87 -18.41 -5.78
C GLN K 119 18.53 -17.24 -6.49
N SER K 120 19.82 -17.05 -6.28
CA SER K 120 20.54 -15.91 -6.80
C SER K 120 21.85 -16.21 -7.50
N LEU K 121 22.86 -16.58 -6.72
CA LEU K 121 24.17 -16.81 -7.30
C LEU K 121 24.25 -18.19 -7.86
N LYS K 122 23.59 -18.36 -8.98
CA LYS K 122 23.49 -19.62 -9.63
C LYS K 122 24.75 -19.93 -10.43
N PRO K 123 25.36 -21.10 -10.24
CA PRO K 123 26.52 -21.57 -10.95
C PRO K 123 26.11 -22.00 -12.31
N CYS K 124 27.05 -22.01 -13.21
CA CYS K 124 26.83 -22.52 -14.55
C CYS K 124 26.74 -24.03 -14.53
N VAL K 125 27.63 -24.64 -13.76
CA VAL K 125 27.59 -26.10 -13.59
C VAL K 125 27.56 -26.44 -12.13
N LYS K 126 26.55 -27.17 -11.70
CA LYS K 126 26.48 -27.57 -10.30
C LYS K 126 26.58 -29.08 -10.25
N LEU K 127 27.65 -29.58 -9.65
CA LEU K 127 27.89 -31.00 -9.61
C LEU K 127 27.91 -31.53 -8.19
N THR K 128 26.95 -32.41 -7.86
CA THR K 128 26.89 -32.94 -6.51
C THR K 128 26.81 -34.46 -6.53
N PRO K 129 27.28 -35.18 -5.51
CA PRO K 129 27.17 -36.61 -5.39
C PRO K 129 25.76 -37.01 -5.06
N LEU K 130 25.39 -38.21 -5.49
CA LEU K 130 24.13 -38.83 -5.14
C LEU K 130 24.33 -40.30 -4.82
N CYS K 131 24.15 -40.64 -3.54
CA CYS K 131 24.42 -42.00 -3.08
C CYS K 131 23.14 -42.70 -2.70
N CYS K 212 27.12 -43.87 -5.43
CA CYS K 212 27.54 -42.48 -5.40
C CYS K 212 27.88 -41.97 -6.78
N ASN K 213 26.84 -41.64 -7.52
CA ASN K 213 26.92 -41.11 -8.87
C ASN K 213 26.86 -39.61 -8.79
N THR K 214 26.93 -38.91 -9.91
CA THR K 214 26.82 -37.47 -9.80
C THR K 214 25.60 -36.93 -10.49
N SER K 215 25.02 -35.93 -9.86
CA SER K 215 23.87 -35.21 -10.37
C SER K 215 24.35 -33.87 -10.89
N VAL K 216 24.09 -33.60 -12.17
CA VAL K 216 24.61 -32.37 -12.75
C VAL K 216 23.57 -31.45 -13.35
N ILE K 217 23.62 -30.21 -12.93
CA ILE K 217 22.75 -29.17 -13.43
C ILE K 217 23.49 -28.14 -14.25
N THR K 218 23.03 -27.90 -15.47
CA THR K 218 23.65 -26.88 -16.32
C THR K 218 22.63 -25.76 -16.49
N GLN K 219 23.03 -24.54 -16.19
CA GLN K 219 22.14 -23.39 -16.26
C GLN K 219 22.92 -22.11 -16.47
N ALA K 220 22.25 -21.02 -16.85
CA ALA K 220 22.92 -19.72 -17.06
C ALA K 220 23.47 -19.07 -15.81
N CYS K 221 24.56 -18.32 -16.01
CA CYS K 221 25.19 -17.49 -14.98
C CYS K 221 25.14 -16.01 -15.28
N PRO K 222 24.02 -15.33 -15.11
CA PRO K 222 23.95 -13.91 -15.34
C PRO K 222 24.76 -13.33 -14.21
N LYS K 223 25.38 -12.19 -14.41
CA LYS K 223 26.05 -11.58 -13.28
C LYS K 223 25.04 -10.73 -12.58
N VAL K 224 25.11 -10.70 -11.26
CA VAL K 224 24.20 -9.89 -10.50
C VAL K 224 24.94 -9.08 -9.48
N SER K 225 24.35 -7.97 -9.04
CA SER K 225 24.93 -7.22 -7.96
C SER K 225 24.73 -8.02 -6.69
N PHE K 226 25.71 -8.05 -5.81
CA PHE K 226 25.56 -8.85 -4.59
C PHE K 226 26.23 -8.20 -3.40
N GLU K 227 25.39 -7.68 -2.50
CA GLU K 227 25.78 -6.99 -1.27
C GLU K 227 24.75 -7.25 -0.16
N PRO K 228 25.14 -7.66 1.05
CA PRO K 228 24.23 -7.99 2.15
C PRO K 228 23.46 -6.83 2.77
N ILE K 229 22.26 -7.15 3.26
CA ILE K 229 21.36 -6.27 3.99
C ILE K 229 21.20 -6.87 5.35
N PRO K 230 21.34 -6.14 6.45
CA PRO K 230 21.17 -6.72 7.75
C PRO K 230 19.75 -7.20 7.89
N ILE K 231 19.59 -8.45 8.32
CA ILE K 231 18.26 -9.02 8.50
C ILE K 231 17.92 -9.20 9.97
N HIS K 232 16.74 -8.74 10.36
CA HIS K 232 16.30 -8.86 11.74
C HIS K 232 15.40 -10.06 11.89
N TYR K 233 15.64 -10.93 12.87
CA TYR K 233 14.73 -12.05 13.05
C TYR K 233 13.73 -11.70 14.10
N CYS K 234 12.47 -12.01 13.85
CA CYS K 234 11.41 -11.62 14.77
C CYS K 234 10.53 -12.78 15.22
N ALA K 235 10.16 -12.76 16.50
CA ALA K 235 9.29 -13.78 17.03
C ALA K 235 7.86 -13.66 16.51
N PRO K 236 7.19 -14.76 16.18
CA PRO K 236 5.80 -14.84 15.78
C PRO K 236 4.93 -14.68 17.01
N ALA K 237 3.66 -14.41 16.80
CA ALA K 237 2.76 -14.30 17.94
C ALA K 237 2.81 -15.53 18.80
N GLY K 238 2.85 -15.30 20.11
CA GLY K 238 2.90 -16.37 21.10
C GLY K 238 4.33 -16.61 21.61
N PHE K 239 5.30 -16.03 20.94
CA PHE K 239 6.71 -16.20 21.31
C PHE K 239 7.43 -14.91 21.61
N ALA K 240 8.50 -15.02 22.37
CA ALA K 240 9.31 -13.85 22.68
C ALA K 240 10.77 -14.20 22.67
N ILE K 241 11.63 -13.21 22.46
CA ILE K 241 13.05 -13.45 22.46
C ILE K 241 13.74 -12.81 23.64
N LEU K 242 14.49 -13.60 24.37
CA LEU K 242 15.21 -13.04 25.48
C LEU K 242 16.60 -12.71 25.01
N LYS K 243 17.07 -11.56 25.42
CA LYS K 243 18.38 -11.11 25.05
C LYS K 243 19.29 -10.96 26.23
N CYS K 244 20.50 -11.51 26.11
CA CYS K 244 21.47 -11.37 27.18
C CYS K 244 22.26 -10.09 27.01
N ASN K 245 22.18 -9.20 27.99
CA ASN K 245 22.82 -7.91 27.87
C ASN K 245 24.15 -7.81 28.60
N SER K 246 24.66 -8.91 29.12
CA SER K 246 25.95 -8.85 29.76
C SER K 246 27.01 -8.58 28.72
N LYS K 247 28.00 -7.77 29.08
CA LYS K 247 29.06 -7.42 28.13
C LYS K 247 30.20 -8.44 28.15
N THR K 248 30.12 -9.37 29.09
CA THR K 248 31.13 -10.39 29.27
C THR K 248 30.58 -11.79 29.05
N PHE K 249 29.39 -11.88 28.49
CA PHE K 249 28.80 -13.18 28.31
C PHE K 249 29.65 -14.06 27.39
N ASN K 250 29.96 -15.27 27.89
CA ASN K 250 30.88 -16.17 27.21
C ASN K 250 30.23 -17.21 26.32
N GLY K 251 28.94 -17.17 26.16
CA GLY K 251 28.25 -18.11 25.30
C GLY K 251 27.59 -19.30 25.97
N SER K 252 27.92 -19.64 27.22
CA SER K 252 27.21 -20.78 27.83
C SER K 252 26.84 -20.62 29.30
N GLY K 253 27.27 -19.54 29.92
CA GLY K 253 26.95 -19.38 31.33
C GLY K 253 25.58 -18.72 31.51
N PRO K 254 25.21 -18.43 32.76
CA PRO K 254 24.03 -17.73 33.12
C PRO K 254 24.21 -16.30 32.72
N CYS K 255 23.14 -15.63 32.39
CA CYS K 255 23.18 -14.22 32.12
C CYS K 255 22.33 -13.54 33.16
N THR K 256 22.88 -12.53 33.83
CA THR K 256 22.15 -11.89 34.92
C THR K 256 21.47 -10.59 34.56
N ASN K 257 21.57 -10.20 33.31
CA ASN K 257 20.91 -9.01 32.82
C ASN K 257 20.17 -9.37 31.54
N VAL K 258 18.90 -9.66 31.66
CA VAL K 258 18.13 -10.17 30.56
C VAL K 258 16.95 -9.29 30.23
N SER K 259 16.81 -8.98 28.96
CA SER K 259 15.69 -8.17 28.49
C SER K 259 14.88 -8.90 27.44
N THR K 260 13.63 -8.48 27.27
CA THR K 260 12.78 -9.12 26.27
C THR K 260 12.52 -8.22 25.07
N VAL K 261 12.72 -8.80 23.88
CA VAL K 261 12.51 -8.11 22.61
C VAL K 261 11.68 -8.96 21.64
N GLN K 262 11.11 -8.32 20.61
CA GLN K 262 10.49 -9.13 19.57
C GLN K 262 11.48 -9.44 18.46
N CYS K 263 12.34 -8.48 18.14
CA CYS K 263 13.27 -8.66 17.03
C CYS K 263 14.72 -8.53 17.45
N THR K 264 15.59 -9.26 16.75
CA THR K 264 17.02 -9.22 16.95
C THR K 264 17.58 -8.01 16.25
N HIS K 265 18.86 -7.71 16.49
CA HIS K 265 19.50 -6.65 15.74
C HIS K 265 19.63 -7.16 14.34
N GLY K 266 19.87 -6.29 13.39
CA GLY K 266 19.98 -6.83 12.05
C GLY K 266 21.33 -7.47 11.86
N ILE K 267 21.34 -8.64 11.25
CA ILE K 267 22.58 -9.34 10.97
C ILE K 267 22.83 -9.45 9.49
N ARG K 268 23.96 -8.93 9.02
CA ARG K 268 24.30 -9.10 7.62
C ARG K 268 24.82 -10.51 7.43
N PRO K 269 24.28 -11.30 6.49
CA PRO K 269 24.66 -12.65 6.23
C PRO K 269 25.93 -12.73 5.43
N VAL K 270 27.01 -12.31 6.02
CA VAL K 270 28.25 -12.36 5.30
C VAL K 270 28.79 -13.76 5.41
N VAL K 271 29.13 -14.34 4.27
CA VAL K 271 29.67 -15.68 4.23
C VAL K 271 31.16 -15.61 3.98
N SER K 272 31.95 -16.05 4.94
CA SER K 272 33.41 -16.01 4.88
C SER K 272 33.99 -17.10 5.75
N THR K 273 35.29 -17.32 5.60
CA THR K 273 36.04 -18.26 6.40
C THR K 273 37.22 -17.52 7.00
N GLN K 274 37.85 -18.06 8.05
CA GLN K 274 39.02 -17.47 8.74
C GLN K 274 38.76 -16.15 9.48
N LEU K 275 38.32 -15.13 8.76
CA LEU K 275 38.02 -13.83 9.35
C LEU K 275 36.57 -13.48 9.10
N LEU K 276 35.88 -13.13 10.17
CA LEU K 276 34.50 -12.74 10.11
C LEU K 276 34.47 -11.29 9.73
N LEU K 277 33.64 -10.97 8.76
CA LEU K 277 33.55 -9.61 8.31
C LEU K 277 32.22 -9.00 8.63
N ASN K 278 32.24 -7.71 8.86
CA ASN K 278 31.08 -6.88 9.15
C ASN K 278 30.32 -7.43 10.37
N GLY K 279 29.03 -7.63 10.31
CA GLY K 279 28.39 -8.11 11.54
C GLY K 279 28.57 -7.08 12.66
N SER K 280 28.99 -7.51 13.87
CA SER K 280 29.16 -6.55 14.96
C SER K 280 30.34 -6.81 15.91
N LEU K 281 30.70 -5.73 16.63
CA LEU K 281 31.78 -5.69 17.61
C LEU K 281 31.32 -5.80 19.04
N ALA K 282 32.24 -6.27 19.89
CA ALA K 282 32.07 -6.41 21.33
C ALA K 282 32.06 -5.03 21.97
N GLU K 283 31.34 -4.88 23.09
CA GLU K 283 31.22 -3.59 23.75
C GLU K 283 32.47 -3.03 24.42
N GLU K 284 33.26 -3.88 25.08
CA GLU K 284 34.42 -3.37 25.80
C GLU K 284 35.75 -4.03 25.50
N GLU K 285 35.76 -5.35 25.45
CA GLU K 285 36.99 -6.13 25.37
C GLU K 285 36.86 -7.23 24.37
N ILE K 286 37.98 -7.77 23.93
CA ILE K 286 37.88 -8.90 23.04
C ILE K 286 37.39 -10.09 23.85
N VAL K 287 36.35 -10.74 23.37
CA VAL K 287 35.81 -11.87 24.09
C VAL K 287 36.00 -13.14 23.31
N ILE K 288 36.61 -14.12 23.95
CA ILE K 288 36.87 -15.37 23.28
C ILE K 288 35.88 -16.43 23.74
N ARG K 289 35.10 -16.96 22.81
CA ARG K 289 34.06 -17.91 23.14
C ARG K 289 34.26 -19.28 22.51
N SER K 290 34.17 -20.32 23.31
CA SER K 290 34.30 -21.68 22.81
C SER K 290 33.51 -22.65 23.65
N GLU K 291 32.82 -23.59 23.00
CA GLU K 291 32.01 -24.57 23.73
C GLU K 291 32.85 -25.31 24.74
N ASN K 292 34.05 -25.67 24.33
CA ASN K 292 35.04 -26.30 25.19
C ASN K 292 36.40 -25.80 24.78
N ILE K 293 36.89 -24.81 25.51
CA ILE K 293 38.13 -24.13 25.16
C ILE K 293 39.33 -25.07 25.18
N THR K 294 39.20 -26.24 25.81
CA THR K 294 40.29 -27.18 25.87
C THR K 294 40.18 -28.46 25.01
N ASP K 295 39.14 -28.68 24.16
CA ASP K 295 39.15 -30.00 23.48
C ASP K 295 39.82 -30.09 22.11
N ASN K 296 40.34 -28.99 21.60
CA ASN K 296 41.01 -28.91 20.31
C ASN K 296 40.11 -29.26 19.12
N ALA K 297 38.79 -29.29 19.30
CA ALA K 297 37.91 -29.66 18.21
C ALA K 297 36.74 -28.71 18.10
N LYS K 298 36.93 -27.50 18.53
CA LYS K 298 35.90 -26.50 18.45
C LYS K 298 36.47 -25.25 17.88
N THR K 299 35.65 -24.53 17.15
CA THR K 299 36.05 -23.26 16.62
C THR K 299 35.98 -22.27 17.75
N ILE K 300 37.02 -21.50 17.91
CA ILE K 300 37.07 -20.48 18.91
C ILE K 300 36.67 -19.21 18.24
N ILE K 301 35.64 -18.57 18.73
CA ILE K 301 35.19 -17.36 18.09
C ILE K 301 35.69 -16.19 18.87
N VAL K 302 36.48 -15.36 18.22
CA VAL K 302 37.05 -14.22 18.87
C VAL K 302 36.34 -12.98 18.40
N GLN K 303 35.62 -12.31 19.29
CA GLN K 303 34.90 -11.13 18.87
C GLN K 303 35.69 -9.91 19.26
N LEU K 304 35.98 -9.06 18.29
CA LEU K 304 36.79 -7.90 18.54
C LEU K 304 35.95 -6.76 19.04
N ASN K 305 36.55 -5.87 19.82
CA ASN K 305 35.91 -4.66 20.31
C ASN K 305 36.27 -3.42 19.47
N GLU K 306 36.97 -3.65 18.37
CA GLU K 306 37.39 -2.65 17.41
C GLU K 306 37.52 -3.35 16.07
N ALA K 307 37.04 -2.73 14.99
CA ALA K 307 37.18 -3.36 13.68
C ALA K 307 38.51 -3.04 13.06
N VAL K 308 39.00 -3.96 12.23
CA VAL K 308 40.20 -3.69 11.45
C VAL K 308 39.82 -3.61 9.99
N GLU K 309 40.04 -2.48 9.36
CA GLU K 309 39.62 -2.36 7.97
C GLU K 309 40.47 -3.19 7.03
N ILE K 310 39.81 -3.85 6.09
CA ILE K 310 40.44 -4.59 5.02
C ILE K 310 39.89 -4.11 3.67
N ASN K 311 40.78 -3.60 2.82
CA ASN K 311 40.37 -3.04 1.54
C ASN K 311 40.84 -3.88 0.37
N CYS K 312 39.91 -4.54 -0.31
CA CYS K 312 40.26 -5.47 -1.36
C CYS K 312 39.88 -4.97 -2.74
N THR K 313 40.80 -5.09 -3.68
CA THR K 313 40.48 -4.62 -5.01
C THR K 313 41.27 -5.18 -6.17
N ARG K 314 40.64 -5.08 -7.32
CA ARG K 314 41.19 -5.37 -8.63
C ARG K 314 40.91 -4.14 -9.53
N PRO K 315 41.80 -3.13 -9.55
CA PRO K 315 41.54 -1.80 -10.08
C PRO K 315 41.54 -1.55 -11.59
N ASN K 316 40.78 -2.35 -12.34
CA ASN K 316 40.59 -2.10 -13.77
C ASN K 316 41.87 -1.89 -14.58
N ASN K 317 42.88 -2.71 -14.40
CA ASN K 317 44.10 -2.51 -15.16
C ASN K 317 44.74 -3.83 -15.47
N ASN K 318 43.89 -4.84 -15.53
CA ASN K 318 44.34 -6.19 -15.68
C ASN K 318 44.37 -6.71 -17.10
N THR K 319 45.24 -7.70 -17.29
CA THR K 319 45.44 -8.44 -18.53
C THR K 319 45.05 -9.89 -18.39
N ARG K 320 45.31 -10.65 -19.44
CA ARG K 320 45.00 -12.08 -19.43
C ARG K 320 46.27 -12.86 -19.69
N LYS K 321 46.37 -14.05 -19.10
CA LYS K 321 47.54 -14.88 -19.31
C LYS K 321 47.11 -16.23 -19.84
N SER K 322 47.91 -16.77 -20.76
CA SER K 322 47.63 -18.07 -21.34
C SER K 322 48.88 -18.69 -21.92
N ILE K 323 48.77 -19.96 -22.27
CA ILE K 323 49.83 -20.73 -22.89
C ILE K 323 49.24 -22.05 -23.39
N ASN K 340 47.51 -10.96 -14.42
CA ASN K 340 46.30 -11.55 -14.97
C ASN K 340 45.07 -10.82 -14.47
N ILE K 341 43.90 -11.25 -14.93
CA ILE K 341 42.61 -10.74 -14.46
C ILE K 341 42.28 -11.35 -13.14
N ARG K 342 42.64 -12.60 -12.95
CA ARG K 342 42.36 -13.26 -11.69
C ARG K 342 43.50 -12.97 -10.73
N GLN K 343 43.59 -11.71 -10.35
CA GLN K 343 44.60 -11.22 -9.47
C GLN K 343 44.10 -9.98 -8.80
N ALA K 344 44.12 -9.99 -7.49
CA ALA K 344 43.63 -8.89 -6.69
C ALA K 344 44.41 -8.84 -5.41
N HIS K 345 44.30 -7.74 -4.69
CA HIS K 345 45.02 -7.66 -3.43
C HIS K 345 44.19 -7.01 -2.35
N CYS K 346 44.54 -7.32 -1.10
CA CYS K 346 43.87 -6.70 0.04
C CYS K 346 44.82 -6.01 0.99
N ASN K 347 44.50 -4.78 1.35
CA ASN K 347 45.33 -4.00 2.27
C ASN K 347 44.74 -3.92 3.66
N ILE K 348 45.54 -4.34 4.63
CA ILE K 348 45.20 -4.37 6.04
C ILE K 348 46.08 -3.42 6.82
N SER K 349 45.49 -2.57 7.66
CA SER K 349 46.34 -1.66 8.42
C SER K 349 47.27 -2.45 9.29
N LYS K 350 48.57 -2.21 9.16
CA LYS K 350 49.51 -2.99 9.95
C LYS K 350 49.39 -2.68 11.41
N ALA K 351 49.25 -1.40 11.71
CA ALA K 351 49.20 -1.03 13.10
C ALA K 351 47.99 -1.61 13.77
N ARG K 352 46.85 -1.61 13.08
CA ARG K 352 45.70 -2.12 13.78
C ARG K 352 45.80 -3.62 13.94
N TRP K 353 46.32 -4.32 12.93
CA TRP K 353 46.40 -5.75 13.04
C TRP K 353 47.30 -6.18 14.17
N ASN K 354 48.46 -5.54 14.30
CA ASN K 354 49.37 -5.97 15.35
C ASN K 354 48.80 -5.62 16.73
N GLU K 355 48.12 -4.49 16.85
CA GLU K 355 47.54 -4.14 18.13
C GLU K 355 46.45 -5.14 18.50
N THR K 356 45.70 -5.55 17.48
CA THR K 356 44.61 -6.49 17.65
C THR K 356 45.14 -7.81 18.14
N LEU K 357 46.22 -8.30 17.55
CA LEU K 357 46.76 -9.54 18.03
C LEU K 357 47.27 -9.38 19.44
N GLY K 358 47.90 -8.26 19.78
CA GLY K 358 48.39 -8.15 21.13
C GLY K 358 47.26 -8.28 22.16
N GLN K 359 46.10 -7.71 21.86
CA GLN K 359 44.97 -7.83 22.77
C GLN K 359 44.43 -9.28 22.81
N ILE K 360 44.42 -9.97 21.67
CA ILE K 360 43.96 -11.35 21.61
C ILE K 360 44.88 -12.21 22.43
N VAL K 361 46.18 -11.97 22.27
CA VAL K 361 47.16 -12.71 22.99
C VAL K 361 47.00 -12.50 24.45
N ALA K 362 46.75 -11.28 24.91
CA ALA K 362 46.58 -11.10 26.33
C ALA K 362 45.45 -11.99 26.86
N LYS K 363 44.36 -12.10 26.11
CA LYS K 363 43.29 -12.96 26.61
C LYS K 363 43.67 -14.45 26.52
N LEU K 364 44.39 -14.83 25.47
CA LEU K 364 44.80 -16.21 25.36
C LEU K 364 45.80 -16.55 26.46
N GLU K 365 46.67 -15.61 26.81
CA GLU K 365 47.64 -15.80 27.86
C GLU K 365 46.91 -16.08 29.15
N GLU K 366 45.84 -15.36 29.44
CA GLU K 366 45.13 -15.63 30.68
C GLU K 366 44.60 -17.05 30.71
N GLN K 367 44.07 -17.51 29.57
CA GLN K 367 43.58 -18.89 29.47
C GLN K 367 44.69 -19.94 29.53
N PHE K 368 45.84 -19.63 28.96
CA PHE K 368 46.98 -20.52 28.88
C PHE K 368 48.24 -19.84 29.45
N PRO K 369 48.31 -19.60 30.78
CA PRO K 369 49.27 -18.75 31.48
C PRO K 369 50.73 -19.15 31.47
N ASN K 370 51.04 -20.40 31.19
CA ASN K 370 52.44 -20.78 31.20
C ASN K 370 52.94 -21.12 29.80
N LYS K 371 52.19 -20.72 28.78
CA LYS K 371 52.59 -21.10 27.43
C LYS K 371 52.77 -19.96 26.46
N THR K 372 53.58 -20.24 25.45
CA THR K 372 53.86 -19.33 24.34
C THR K 372 52.68 -19.31 23.39
N ILE K 373 52.27 -18.12 22.93
CA ILE K 373 51.17 -18.09 21.98
C ILE K 373 51.68 -17.92 20.56
N ILE K 374 51.40 -18.89 19.71
CA ILE K 374 51.90 -18.84 18.34
C ILE K 374 50.78 -18.74 17.34
N PHE K 375 50.86 -17.78 16.47
CA PHE K 375 49.88 -17.69 15.40
C PHE K 375 50.53 -18.19 14.16
N ASN K 376 49.91 -19.18 13.56
CA ASN K 376 50.47 -19.80 12.39
C ASN K 376 49.48 -19.80 11.22
N HIS K 377 49.95 -20.19 10.07
CA HIS K 377 49.12 -20.29 8.89
C HIS K 377 48.24 -21.51 9.02
N SER K 378 47.33 -21.70 8.09
CA SER K 378 46.40 -22.81 8.14
C SER K 378 47.09 -24.16 7.89
N SER K 379 46.45 -25.25 8.32
CA SER K 379 47.06 -26.59 8.22
C SER K 379 46.86 -27.40 6.96
N GLY K 380 45.93 -27.04 6.11
CA GLY K 380 45.69 -27.83 4.90
C GLY K 380 44.22 -28.16 4.75
N GLY K 381 43.88 -28.70 3.59
CA GLY K 381 42.49 -29.02 3.29
C GLY K 381 42.01 -28.20 2.12
N ASP K 382 40.71 -28.18 1.93
CA ASP K 382 40.08 -27.51 0.83
C ASP K 382 40.49 -26.02 0.85
N PRO K 383 40.73 -25.38 -0.31
CA PRO K 383 41.11 -23.98 -0.45
C PRO K 383 40.25 -23.01 0.31
N GLU K 384 38.97 -23.28 0.48
CA GLU K 384 38.07 -22.39 1.20
C GLU K 384 38.40 -22.29 2.69
N ILE K 385 39.15 -23.24 3.19
CA ILE K 385 39.57 -23.27 4.57
C ILE K 385 40.96 -22.75 4.66
N VAL K 386 41.80 -23.19 3.73
CA VAL K 386 43.20 -22.85 3.75
C VAL K 386 43.43 -21.36 3.57
N THR K 387 42.71 -20.74 2.64
CA THR K 387 42.80 -19.31 2.38
C THR K 387 41.57 -18.65 2.93
N HIS K 388 41.55 -17.32 2.97
CA HIS K 388 40.34 -16.65 3.38
C HIS K 388 39.45 -16.74 2.18
N SER K 389 38.23 -16.28 2.26
CA SER K 389 37.31 -16.29 1.12
C SER K 389 36.18 -15.32 1.40
N PHE K 390 35.63 -14.72 0.37
CA PHE K 390 34.47 -13.84 0.56
C PHE K 390 33.86 -13.58 -0.78
N ASN K 391 32.70 -12.96 -0.84
CA ASN K 391 32.14 -12.72 -2.16
C ASN K 391 31.59 -11.33 -2.38
N CYS K 392 32.15 -10.66 -3.38
CA CYS K 392 31.71 -9.33 -3.79
C CYS K 392 31.10 -9.44 -5.17
N GLY K 393 29.81 -9.18 -5.33
CA GLY K 393 29.30 -9.48 -6.67
C GLY K 393 29.49 -10.98 -6.84
N GLY K 394 30.14 -11.40 -7.91
CA GLY K 394 30.40 -12.82 -8.18
C GLY K 394 31.89 -13.18 -8.01
N GLU K 395 32.64 -12.29 -7.40
CA GLU K 395 34.08 -12.45 -7.21
C GLU K 395 34.38 -13.10 -5.88
N PHE K 396 35.01 -14.29 -5.86
CA PHE K 396 35.17 -15.02 -4.60
C PHE K 396 36.45 -14.84 -3.76
N PHE K 397 37.37 -14.02 -4.24
CA PHE K 397 38.57 -13.66 -3.48
C PHE K 397 39.21 -14.67 -2.55
N TYR K 398 39.94 -15.61 -3.07
CA TYR K 398 40.63 -16.53 -2.17
C TYR K 398 41.91 -15.83 -1.80
N CYS K 399 42.10 -15.53 -0.51
CA CYS K 399 43.25 -14.72 -0.12
C CYS K 399 44.21 -15.42 0.84
N ASN K 400 45.48 -15.25 0.59
CA ASN K 400 46.52 -15.84 1.41
C ASN K 400 46.77 -15.01 2.65
N THR K 401 46.40 -15.54 3.82
CA THR K 401 46.45 -14.88 5.11
C THR K 401 47.70 -15.19 5.89
N THR K 402 48.64 -15.87 5.25
CA THR K 402 49.90 -16.17 5.91
C THR K 402 50.49 -14.90 6.52
N PRO K 403 50.54 -13.72 5.83
CA PRO K 403 51.09 -12.47 6.32
C PRO K 403 50.46 -11.97 7.62
N LEU K 404 49.28 -12.48 7.96
CA LEU K 404 48.63 -12.05 9.17
C LEU K 404 48.94 -12.95 10.35
N PHE K 405 49.23 -14.22 10.07
CA PHE K 405 49.41 -15.21 11.13
C PHE K 405 50.73 -15.95 11.00
N ASN K 406 51.81 -15.27 11.32
CA ASN K 406 53.15 -15.84 11.25
C ASN K 406 54.01 -15.31 12.38
N SER K 407 53.59 -15.53 13.63
CA SER K 407 54.33 -14.92 14.74
C SER K 407 54.30 -15.63 16.07
N THR K 408 55.37 -15.43 16.85
CA THR K 408 55.43 -16.01 18.18
C THR K 408 55.40 -14.97 19.28
N TRP K 409 54.42 -15.06 20.17
CA TRP K 409 54.22 -14.07 21.20
C TRP K 409 54.68 -14.45 22.59
N ASN K 410 55.55 -13.60 23.11
CA ASN K 410 56.10 -13.68 24.45
C ASN K 410 55.30 -12.79 25.37
N ASN K 411 54.51 -13.38 26.24
CA ASN K 411 53.61 -12.61 27.06
C ASN K 411 52.74 -11.86 26.05
N THR K 412 52.73 -10.52 26.06
CA THR K 412 51.88 -9.80 25.13
C THR K 412 52.62 -8.97 24.07
N ARG K 413 53.93 -9.16 23.95
CA ARG K 413 54.68 -8.37 22.98
C ARG K 413 55.72 -9.19 22.24
N THR K 414 55.83 -8.97 20.94
CA THR K 414 56.83 -9.66 20.16
C THR K 414 57.23 -8.91 18.93
N ASP K 415 57.92 -9.61 18.06
CA ASP K 415 58.39 -9.10 16.80
C ASP K 415 57.69 -9.92 15.70
N ASP K 416 58.42 -10.31 14.66
CA ASP K 416 57.89 -11.04 13.50
C ASP K 416 56.94 -10.22 12.63
N TYR K 417 56.79 -8.94 12.94
CA TYR K 417 56.08 -7.96 12.13
C TYR K 417 56.95 -6.71 12.14
N PRO K 418 58.13 -6.71 11.49
CA PRO K 418 59.18 -5.70 11.63
C PRO K 418 58.67 -4.31 11.34
N THR K 419 59.17 -3.33 12.09
CA THR K 419 58.76 -1.95 11.93
C THR K 419 59.44 -1.27 10.75
N GLY K 420 59.12 -1.75 9.55
CA GLY K 420 59.71 -1.25 8.29
C GLY K 420 59.18 0.12 7.86
N GLY K 421 58.03 0.51 8.40
CA GLY K 421 57.39 1.78 8.07
C GLY K 421 56.32 1.72 6.97
N GLU K 422 56.16 0.57 6.30
CA GLU K 422 55.15 0.46 5.24
C GLU K 422 53.74 0.65 5.76
N GLN K 423 53.48 0.11 6.95
CA GLN K 423 52.18 0.18 7.63
C GLN K 423 51.01 -0.47 6.88
N ASN K 424 51.32 -1.33 5.91
CA ASN K 424 50.31 -2.02 5.13
C ASN K 424 50.64 -3.49 4.94
N ILE K 425 49.82 -4.35 5.49
CA ILE K 425 50.02 -5.76 5.30
C ILE K 425 49.22 -6.07 4.05
N THR K 426 49.82 -6.71 3.07
CA THR K 426 49.05 -6.95 1.88
C THR K 426 48.86 -8.42 1.65
N LEU K 427 47.66 -8.79 1.23
CA LEU K 427 47.37 -10.17 0.94
C LEU K 427 47.26 -10.34 -0.55
N GLN K 428 47.71 -11.47 -1.05
CA GLN K 428 47.52 -11.80 -2.46
C GLN K 428 46.25 -12.61 -2.63
N CYS K 429 45.38 -12.15 -3.51
CA CYS K 429 44.10 -12.81 -3.73
C CYS K 429 43.87 -13.28 -5.15
N ARG K 430 43.12 -14.37 -5.29
CA ARG K 430 42.74 -14.86 -6.61
C ARG K 430 41.26 -15.00 -6.74
N ILE K 431 40.78 -14.86 -7.94
CA ILE K 431 39.39 -15.07 -8.19
C ILE K 431 39.28 -16.42 -8.81
N LYS K 432 38.44 -17.27 -8.27
CA LYS K 432 38.32 -18.60 -8.81
C LYS K 432 36.96 -18.81 -9.44
N GLN K 433 36.89 -19.71 -10.40
CA GLN K 433 35.62 -20.05 -11.02
C GLN K 433 35.07 -21.36 -10.52
N ILE K 434 35.94 -22.31 -10.15
CA ILE K 434 35.42 -23.59 -9.67
C ILE K 434 35.65 -23.66 -8.19
N ILE K 435 34.57 -23.71 -7.44
CA ILE K 435 34.69 -23.66 -6.01
C ILE K 435 33.96 -24.80 -5.32
N ASN K 436 34.34 -25.08 -4.08
CA ASN K 436 33.61 -26.05 -3.29
C ASN K 436 32.47 -25.31 -2.63
N MET K 437 31.29 -25.88 -2.66
CA MET K 437 30.16 -25.18 -2.06
C MET K 437 30.13 -25.28 -0.56
N TRP K 438 29.68 -24.22 0.12
CA TRP K 438 29.55 -24.26 1.57
C TRP K 438 28.23 -24.84 2.05
N GLN K 439 27.23 -24.87 1.19
CA GLN K 439 25.91 -25.32 1.55
C GLN K 439 25.68 -26.82 1.45
N GLY K 440 26.69 -27.56 1.02
CA GLY K 440 26.58 -29.00 0.88
C GLY K 440 27.79 -29.56 0.17
N VAL K 441 27.91 -30.86 0.08
CA VAL K 441 29.07 -31.42 -0.59
C VAL K 441 28.85 -31.30 -2.08
N GLY K 442 29.84 -30.79 -2.79
CA GLY K 442 29.75 -30.65 -4.24
C GLY K 442 30.58 -29.49 -4.73
N LYS K 443 30.71 -29.41 -6.04
CA LYS K 443 31.50 -28.37 -6.69
C LYS K 443 30.64 -27.56 -7.61
N ALA K 444 31.03 -26.34 -7.84
CA ALA K 444 30.28 -25.58 -8.79
C ALA K 444 31.13 -24.62 -9.57
N MET K 445 30.77 -24.44 -10.84
CA MET K 445 31.47 -23.51 -11.69
C MET K 445 30.67 -22.26 -11.92
N TYR K 446 31.35 -21.12 -11.78
CA TYR K 446 30.80 -19.82 -12.05
C TYR K 446 31.48 -19.20 -13.25
N ALA K 447 30.77 -18.33 -13.93
CA ALA K 447 31.32 -17.65 -15.08
C ALA K 447 32.54 -16.79 -14.68
N PRO K 448 33.52 -16.56 -15.60
CA PRO K 448 34.73 -15.75 -15.43
C PRO K 448 34.45 -14.31 -15.00
N PRO K 449 35.45 -13.60 -14.43
CA PRO K 449 35.44 -12.26 -13.84
C PRO K 449 35.06 -11.09 -14.73
N ILE K 450 34.58 -10.04 -14.06
CA ILE K 450 34.22 -8.74 -14.63
C ILE K 450 35.49 -7.97 -15.02
N ARG K 451 35.51 -7.37 -16.21
CA ARG K 451 36.69 -6.68 -16.74
C ARG K 451 37.03 -5.30 -16.16
N GLY K 452 36.13 -4.71 -15.39
CA GLY K 452 36.32 -3.37 -14.83
C GLY K 452 36.89 -3.45 -13.41
N GLN K 453 36.55 -2.47 -12.57
CA GLN K 453 37.07 -2.47 -11.20
C GLN K 453 36.16 -3.12 -10.20
N ILE K 454 36.75 -3.94 -9.36
CA ILE K 454 36.07 -4.57 -8.23
C ILE K 454 36.62 -3.99 -6.95
N ARG K 455 35.73 -3.48 -6.11
CA ARG K 455 36.14 -2.90 -4.84
C ARG K 455 35.29 -3.41 -3.70
N CYS K 456 35.96 -3.84 -2.63
CA CYS K 456 35.28 -4.29 -1.43
C CYS K 456 35.92 -3.56 -0.25
N SER K 457 35.11 -3.08 0.70
CA SER K 457 35.63 -2.42 1.90
C SER K 457 34.97 -3.04 3.09
N SER K 458 35.69 -3.88 3.80
CA SER K 458 35.08 -4.63 4.89
C SER K 458 35.71 -4.39 6.24
N ASN K 459 34.94 -4.68 7.28
CA ASN K 459 35.39 -4.57 8.65
C ASN K 459 35.74 -5.93 9.25
N ILE K 460 36.98 -6.18 9.62
CA ILE K 460 37.21 -7.47 10.25
C ILE K 460 36.70 -7.26 11.64
N THR K 461 35.73 -8.08 12.05
CA THR K 461 35.12 -7.93 13.36
C THR K 461 35.39 -9.10 14.26
N GLY K 462 35.89 -10.18 13.70
CA GLY K 462 36.21 -11.32 14.52
C GLY K 462 37.00 -12.36 13.79
N LEU K 463 37.57 -13.25 14.54
CA LEU K 463 38.41 -14.31 14.00
C LEU K 463 37.88 -15.69 14.35
N LEU K 464 38.11 -16.65 13.47
CA LEU K 464 37.77 -18.01 13.78
C LEU K 464 39.05 -18.79 13.91
N LEU K 465 39.38 -19.18 15.12
CA LEU K 465 40.64 -19.88 15.37
C LEU K 465 40.46 -21.27 15.87
N THR K 466 41.41 -22.13 15.59
CA THR K 466 41.38 -23.44 16.20
C THR K 466 42.71 -23.68 16.89
N ARG K 467 42.72 -24.60 17.85
CA ARG K 467 43.96 -24.94 18.51
C ARG K 467 44.62 -26.20 18.08
N ASP K 468 45.93 -26.12 18.10
CA ASP K 468 46.86 -27.21 17.94
C ASP K 468 47.34 -27.59 19.33
N GLY K 469 46.78 -28.68 19.83
CA GLY K 469 47.06 -29.20 21.15
C GLY K 469 47.85 -30.49 21.00
N GLY K 470 47.70 -31.41 21.94
CA GLY K 470 48.46 -32.64 21.84
C GLY K 470 49.38 -32.90 23.02
N ARG K 471 49.76 -34.16 23.17
CA ARG K 471 50.60 -34.59 24.28
C ARG K 471 52.03 -34.05 24.25
N ASP K 472 52.53 -33.64 23.09
CA ASP K 472 53.88 -33.12 22.96
C ASP K 472 53.98 -31.60 22.90
N GLN K 473 52.92 -30.89 23.29
CA GLN K 473 53.00 -29.43 23.23
C GLN K 473 53.70 -28.89 24.45
N ASN K 474 55.02 -28.97 24.41
CA ASN K 474 55.85 -28.66 25.56
C ASN K 474 56.13 -27.18 25.77
N GLY K 475 55.10 -26.51 26.27
CA GLY K 475 55.16 -25.08 26.61
C GLY K 475 54.63 -24.09 25.57
N THR K 476 54.02 -24.58 24.50
CA THR K 476 53.48 -23.69 23.48
C THR K 476 52.07 -24.08 23.10
N GLU K 477 51.33 -23.13 22.57
CA GLU K 477 50.01 -23.38 22.01
C GLU K 477 49.96 -22.77 20.62
N THR K 478 49.46 -23.50 19.62
CA THR K 478 49.42 -22.86 18.31
C THR K 478 48.01 -22.65 17.82
N PHE K 479 47.77 -21.45 17.39
CA PHE K 479 46.49 -21.03 16.90
C PHE K 479 46.53 -20.85 15.42
N ARG K 480 45.56 -21.42 14.74
CA ARG K 480 45.50 -21.29 13.29
C ARG K 480 44.12 -20.84 12.88
N PRO K 481 43.97 -20.12 11.78
CA PRO K 481 42.71 -19.76 11.20
C PRO K 481 41.91 -20.99 10.83
N GLY K 482 40.62 -20.94 11.08
CA GLY K 482 39.68 -22.02 10.76
C GLY K 482 38.41 -21.50 10.12
N GLY K 483 37.29 -22.07 10.52
CA GLY K 483 36.01 -21.72 9.92
C GLY K 483 35.65 -22.71 8.84
N GLY K 484 34.68 -22.34 8.01
CA GLY K 484 34.13 -23.23 6.99
C GLY K 484 32.76 -23.73 7.37
N ASN K 485 32.46 -23.65 8.65
CA ASN K 485 31.17 -24.06 9.12
C ASN K 485 30.38 -22.79 9.25
N MET K 486 29.46 -22.56 8.34
CA MET K 486 28.79 -21.28 8.32
C MET K 486 27.92 -21.09 9.56
N ARG K 487 27.64 -22.17 10.28
CA ARG K 487 26.88 -22.04 11.48
C ARG K 487 27.70 -21.29 12.52
N ASP K 488 29.03 -21.38 12.47
CA ASP K 488 29.84 -20.68 13.45
C ASP K 488 29.74 -19.21 13.16
N ASN K 489 29.67 -18.89 11.87
CA ASN K 489 29.60 -17.48 11.56
C ASN K 489 28.31 -16.91 12.12
N TRP K 490 27.22 -17.65 12.01
CA TRP K 490 25.97 -17.14 12.52
C TRP K 490 25.85 -17.17 14.03
N ARG K 491 26.49 -18.12 14.69
CA ARG K 491 26.47 -18.14 16.15
C ARG K 491 27.14 -16.90 16.70
N SER K 492 28.15 -16.39 16.00
CA SER K 492 28.88 -15.23 16.48
C SER K 492 27.99 -14.00 16.61
N GLU K 493 26.83 -13.98 15.95
CA GLU K 493 25.91 -12.86 16.06
C GLU K 493 24.67 -13.21 16.91
N LEU K 494 24.21 -14.47 16.83
CA LEU K 494 22.99 -14.89 17.51
C LEU K 494 23.18 -15.38 18.94
N TYR K 495 24.41 -15.42 19.41
CA TYR K 495 24.72 -15.89 20.77
C TYR K 495 23.98 -15.19 21.90
N LYS K 496 23.50 -13.98 21.68
CA LYS K 496 22.80 -13.27 22.73
C LYS K 496 21.33 -13.56 22.78
N TYR K 497 20.78 -14.33 21.83
CA TYR K 497 19.34 -14.48 21.81
C TYR K 497 18.81 -15.87 22.06
N LYS K 498 17.70 -15.93 22.78
CA LYS K 498 17.01 -17.18 23.06
C LYS K 498 15.51 -17.08 22.81
N VAL K 499 14.89 -18.09 22.21
CA VAL K 499 13.44 -18.04 21.97
C VAL K 499 12.69 -18.82 23.03
N VAL K 500 11.71 -18.17 23.65
CA VAL K 500 10.94 -18.82 24.69
C VAL K 500 9.43 -18.71 24.48
N LYS K 501 8.70 -19.58 25.15
CA LYS K 501 7.24 -19.57 25.14
C LYS K 501 6.77 -19.41 26.56
N ILE K 502 5.55 -18.95 26.74
CA ILE K 502 5.02 -18.75 28.08
C ILE K 502 4.09 -19.88 28.48
N GLU K 503 4.31 -20.39 29.71
CA GLU K 503 3.50 -21.45 30.29
C GLU K 503 2.89 -20.95 31.61
N PRO K 504 1.75 -20.26 31.56
CA PRO K 504 1.13 -19.53 32.65
C PRO K 504 0.45 -20.37 33.71
N LEU K 505 0.32 -21.66 33.50
CA LEU K 505 -0.40 -22.45 34.48
C LEU K 505 0.56 -23.14 35.42
N GLY K 506 0.50 -22.77 36.70
CA GLY K 506 1.43 -23.34 37.67
C GLY K 506 0.74 -23.82 38.93
N ILE K 507 1.48 -24.57 39.72
CA ILE K 507 1.01 -25.10 40.99
C ILE K 507 1.92 -24.80 42.14
N ALA K 508 1.37 -24.41 43.27
CA ALA K 508 2.14 -24.17 44.48
C ALA K 508 1.30 -24.58 45.65
N PRO K 509 1.87 -24.97 46.80
CA PRO K 509 1.14 -25.27 48.00
C PRO K 509 0.59 -24.02 48.63
N THR K 510 -0.55 -24.16 49.28
CA THR K 510 -1.23 -23.13 50.03
C THR K 510 -1.73 -23.55 51.37
N ALA K 511 -2.34 -22.61 52.06
CA ALA K 511 -2.96 -22.90 53.35
C ALA K 511 -4.48 -22.93 53.27
N CYS K 512 -5.07 -22.65 52.11
CA CYS K 512 -6.53 -22.65 51.99
C CYS K 512 -7.06 -24.01 51.57
N LYS K 513 -8.32 -24.25 51.85
CA LYS K 513 -8.98 -25.47 51.39
C LYS K 513 -10.26 -25.14 50.62
N ARG K 514 -10.55 -25.94 49.60
CA ARG K 514 -11.81 -25.81 48.87
C ARG K 514 -12.97 -26.34 49.69
N ARG K 515 -14.08 -25.61 49.72
CA ARG K 515 -15.25 -26.16 50.38
C ARG K 515 -15.90 -27.23 49.54
N VAL K 516 -16.18 -28.38 50.13
CA VAL K 516 -16.81 -29.47 49.42
C VAL K 516 -17.98 -30.02 50.24
N GLU L 1 19.88 -23.77 -31.23
CA GLU L 1 21.08 -23.35 -31.94
C GLU L 1 20.86 -22.08 -32.74
N LEU L 2 21.94 -21.34 -32.94
CA LEU L 2 21.88 -20.07 -33.64
C LEU L 2 22.66 -20.10 -34.94
N GLU L 3 21.96 -19.84 -36.04
CA GLU L 3 22.57 -19.87 -37.36
C GLU L 3 23.49 -18.71 -37.66
N LEU L 4 24.53 -18.99 -38.43
CA LEU L 4 25.50 -18.01 -38.91
C LEU L 4 25.59 -18.00 -40.43
N THR L 5 25.30 -16.86 -41.03
CA THR L 5 25.29 -16.69 -42.48
C THR L 5 26.47 -15.85 -42.96
N GLN L 6 27.19 -16.33 -43.96
CA GLN L 6 28.33 -15.59 -44.47
C GLN L 6 28.02 -15.03 -45.85
N SER L 7 28.99 -14.32 -46.41
CA SER L 7 28.89 -13.75 -47.75
C SER L 7 28.99 -14.96 -48.68
N PRO L 8 28.74 -14.83 -49.98
CA PRO L 8 28.84 -15.92 -50.93
C PRO L 8 30.23 -16.50 -50.95
N ALA L 9 30.33 -17.80 -51.08
CA ALA L 9 31.64 -18.42 -51.20
C ALA L 9 32.17 -18.19 -52.60
N THR L 10 33.49 -18.25 -52.74
CA THR L 10 34.23 -18.06 -53.97
C THR L 10 34.29 -16.58 -54.25
N LEU L 11 35.05 -15.90 -53.41
CA LEU L 11 35.23 -14.48 -53.57
C LEU L 11 36.52 -14.33 -54.32
N SER L 12 36.45 -13.88 -55.55
CA SER L 12 37.66 -13.82 -56.31
C SER L 12 38.38 -12.54 -55.96
N VAL L 13 39.52 -12.70 -55.30
CA VAL L 13 40.32 -11.58 -54.83
C VAL L 13 41.73 -11.82 -55.34
N SER L 14 42.28 -10.90 -56.09
CA SER L 14 43.60 -11.17 -56.62
C SER L 14 44.64 -11.12 -55.49
N PRO L 15 45.70 -11.93 -55.53
CA PRO L 15 46.77 -11.82 -54.57
C PRO L 15 47.27 -10.39 -54.59
N GLY L 16 47.50 -9.84 -53.40
CA GLY L 16 47.94 -8.47 -53.18
C GLY L 16 46.77 -7.53 -52.85
N GLU L 17 45.54 -7.97 -53.10
CA GLU L 17 44.35 -7.18 -52.82
C GLU L 17 43.86 -7.43 -51.41
N ARG L 18 43.03 -6.53 -50.91
CA ARG L 18 42.48 -6.74 -49.58
C ARG L 18 41.14 -7.47 -49.68
N ALA L 19 41.06 -8.65 -49.08
CA ALA L 19 39.84 -9.46 -49.15
C ALA L 19 38.89 -9.03 -48.06
N THR L 20 37.58 -9.06 -48.33
CA THR L 20 36.61 -8.78 -47.26
C THR L 20 35.66 -9.96 -47.14
N LEU L 21 35.56 -10.47 -45.93
CA LEU L 21 34.76 -11.59 -45.53
C LEU L 21 33.80 -11.13 -44.43
N SER L 22 32.66 -11.77 -44.28
CA SER L 22 31.75 -11.32 -43.22
C SER L 22 30.89 -12.43 -42.68
N CYS L 23 30.26 -12.15 -41.54
CA CYS L 23 29.37 -13.12 -40.89
C CYS L 23 28.23 -12.44 -40.14
N ARG L 24 27.03 -12.93 -40.38
CA ARG L 24 25.80 -12.47 -39.76
C ARG L 24 25.17 -13.53 -38.87
N ALA L 25 24.94 -13.17 -37.63
CA ALA L 25 24.33 -14.11 -36.72
C ALA L 25 22.82 -13.90 -36.68
N SER L 26 22.08 -14.96 -36.42
CA SER L 26 20.63 -14.87 -36.26
C SER L 26 20.24 -14.16 -34.96
N GLU L 27 21.20 -14.05 -34.05
CA GLU L 27 21.06 -13.46 -32.74
C GLU L 27 22.37 -12.79 -32.34
N SER L 28 22.30 -11.83 -31.44
CA SER L 28 23.47 -11.10 -30.98
C SER L 28 24.49 -11.98 -30.28
N VAL L 29 25.74 -11.62 -30.51
CA VAL L 29 26.94 -12.22 -29.98
C VAL L 29 27.78 -11.15 -29.26
N SER L 30 28.13 -11.36 -28.00
CA SER L 30 28.89 -10.35 -27.25
C SER L 30 30.37 -10.42 -27.52
N SER L 31 30.73 -10.16 -28.77
CA SER L 31 32.09 -10.25 -29.30
C SER L 31 32.71 -11.63 -29.03
N ASP L 32 31.85 -12.64 -29.15
CA ASP L 32 32.04 -14.08 -28.95
C ASP L 32 32.08 -14.92 -30.22
N LEU L 33 32.54 -14.36 -31.33
CA LEU L 33 32.71 -15.16 -32.53
C LEU L 33 34.16 -15.59 -32.69
N ALA L 34 34.39 -16.52 -33.58
CA ALA L 34 35.76 -16.89 -33.94
C ALA L 34 35.87 -17.20 -35.41
N TRP L 35 37.06 -16.95 -35.95
CA TRP L 35 37.31 -17.28 -37.35
C TRP L 35 38.34 -18.38 -37.47
N TYR L 36 38.08 -19.32 -38.38
CA TYR L 36 38.99 -20.43 -38.63
C TYR L 36 39.37 -20.63 -40.11
N GLN L 37 40.62 -21.04 -40.39
CA GLN L 37 41.08 -21.27 -41.78
C GLN L 37 41.18 -22.72 -42.18
N GLN L 38 40.37 -23.17 -43.11
CA GLN L 38 40.48 -24.56 -43.49
C GLN L 38 40.99 -24.76 -44.91
N LYS L 39 41.96 -25.64 -45.03
CA LYS L 39 42.50 -26.04 -46.31
C LYS L 39 42.24 -27.53 -46.41
N PRO L 40 42.12 -28.12 -47.61
CA PRO L 40 41.90 -29.54 -47.75
C PRO L 40 43.01 -30.32 -47.07
N GLY L 41 42.61 -31.29 -46.25
CA GLY L 41 43.57 -32.14 -45.55
C GLY L 41 44.21 -31.48 -44.33
N GLN L 42 43.81 -30.25 -44.02
CA GLN L 42 44.40 -29.52 -42.91
C GLN L 42 43.42 -29.25 -41.79
N ALA L 43 43.95 -29.01 -40.59
CA ALA L 43 43.11 -28.63 -39.48
C ALA L 43 42.58 -27.22 -39.72
N PRO L 44 41.35 -26.90 -39.30
CA PRO L 44 40.74 -25.60 -39.39
C PRO L 44 41.25 -24.67 -38.32
N ARG L 45 42.48 -24.22 -38.48
CA ARG L 45 43.21 -23.38 -37.53
C ARG L 45 42.50 -22.10 -37.10
N LEU L 46 42.56 -21.78 -35.80
CA LEU L 46 41.97 -20.55 -35.27
C LEU L 46 42.79 -19.37 -35.69
N LEU L 47 42.12 -18.38 -36.21
CA LEU L 47 42.77 -17.18 -36.68
C LEU L 47 42.43 -16.02 -35.77
N ILE L 48 41.15 -15.89 -35.47
CA ILE L 48 40.72 -14.79 -34.62
C ILE L 48 39.93 -15.33 -33.46
N TYR L 49 40.36 -14.91 -32.28
CA TYR L 49 39.82 -15.25 -30.99
C TYR L 49 38.88 -14.15 -30.52
N GLY L 50 37.63 -14.47 -30.40
CA GLY L 50 36.64 -13.49 -30.03
C GLY L 50 36.44 -12.67 -31.27
N ALA L 51 35.73 -11.57 -31.17
CA ALA L 51 35.55 -10.81 -32.39
C ALA L 51 36.86 -10.31 -33.01
N SER L 52 37.87 -9.95 -32.20
CA SER L 52 39.07 -9.33 -32.78
C SER L 52 40.48 -9.74 -32.32
N THR L 53 40.69 -10.72 -31.44
CA THR L 53 42.06 -10.98 -31.02
C THR L 53 42.80 -11.93 -31.95
N ARG L 54 43.98 -11.56 -32.38
CA ARG L 54 44.67 -12.51 -33.25
C ARG L 54 45.12 -13.71 -32.45
N ALA L 55 44.88 -14.89 -33.00
CA ALA L 55 45.28 -16.14 -32.38
C ALA L 55 46.79 -16.30 -32.51
N THR L 56 47.38 -17.12 -31.68
CA THR L 56 48.81 -17.30 -31.74
C THR L 56 49.31 -17.71 -33.12
N GLY L 57 50.33 -16.97 -33.58
CA GLY L 57 50.97 -17.23 -34.86
C GLY L 57 50.27 -16.59 -36.05
N VAL L 58 49.23 -15.82 -35.79
CA VAL L 58 48.47 -15.18 -36.84
C VAL L 58 49.13 -13.85 -37.22
N PRO L 59 49.43 -13.61 -38.51
CA PRO L 59 50.09 -12.43 -39.03
C PRO L 59 49.17 -11.23 -38.95
N ALA L 60 49.77 -10.04 -38.95
CA ALA L 60 49.06 -8.75 -38.88
C ALA L 60 48.05 -8.59 -40.02
N ARG L 61 48.34 -9.25 -41.11
CA ARG L 61 47.55 -9.23 -42.34
C ARG L 61 46.13 -9.70 -42.11
N PHE L 62 45.94 -10.60 -41.14
CA PHE L 62 44.63 -11.19 -40.95
C PHE L 62 43.96 -10.63 -39.69
N SER L 63 42.89 -9.84 -39.85
CA SER L 63 42.27 -9.23 -38.68
C SER L 63 40.81 -8.86 -38.92
N GLY L 64 40.09 -8.52 -37.85
CA GLY L 64 38.69 -8.14 -37.99
C GLY L 64 38.09 -7.70 -36.67
N SER L 65 36.81 -7.33 -36.72
CA SER L 65 36.06 -6.83 -35.57
C SER L 65 34.56 -6.84 -35.82
N GLY L 66 33.77 -6.63 -34.77
CA GLY L 66 32.34 -6.52 -34.94
C GLY L 66 31.60 -6.53 -33.62
N SER L 67 30.28 -6.50 -33.70
CA SER L 67 29.44 -6.47 -32.50
C SER L 67 28.02 -6.89 -32.84
N GLY L 68 27.21 -7.16 -31.82
CA GLY L 68 25.82 -7.47 -32.11
C GLY L 68 25.78 -8.72 -32.94
N ALA L 69 25.13 -8.67 -34.08
CA ALA L 69 25.08 -9.85 -34.92
C ALA L 69 25.83 -9.63 -36.24
N GLU L 70 26.58 -8.52 -36.35
CA GLU L 70 27.27 -8.15 -37.59
C GLU L 70 28.79 -8.06 -37.45
N PHE L 71 29.50 -9.03 -38.04
CA PHE L 71 30.94 -9.07 -37.90
C PHE L 71 31.68 -9.05 -39.24
N THR L 72 32.84 -8.38 -39.27
CA THR L 72 33.66 -8.28 -40.50
C THR L 72 35.11 -8.72 -40.32
N LEU L 73 35.58 -9.45 -41.32
CA LEU L 73 36.94 -9.94 -41.43
C LEU L 73 37.65 -9.44 -42.69
N THR L 74 38.85 -8.90 -42.55
CA THR L 74 39.57 -8.53 -43.76
C THR L 74 40.96 -9.11 -43.79
N ILE L 75 41.45 -9.31 -45.01
CA ILE L 75 42.81 -9.80 -45.15
C ILE L 75 43.62 -8.82 -45.97
N SER L 76 44.63 -8.21 -45.37
CA SER L 76 45.45 -7.23 -46.08
C SER L 76 46.50 -7.94 -46.89
N SER L 77 46.84 -7.39 -48.06
CA SER L 77 47.92 -7.96 -48.85
C SER L 77 47.72 -9.45 -49.01
N LEU L 78 46.56 -9.87 -49.49
CA LEU L 78 46.24 -11.29 -49.57
C LEU L 78 47.30 -12.08 -50.29
N GLN L 79 47.73 -13.17 -49.66
CA GLN L 79 48.77 -14.05 -50.16
C GLN L 79 48.21 -15.30 -50.77
N SER L 80 49.00 -16.01 -51.59
CA SER L 80 48.54 -17.28 -52.17
C SER L 80 48.27 -18.30 -51.05
N GLU L 81 48.92 -18.06 -49.92
CA GLU L 81 48.87 -18.84 -48.71
C GLU L 81 47.53 -18.73 -48.02
N ASP L 82 46.78 -17.68 -48.34
CA ASP L 82 45.53 -17.41 -47.68
C ASP L 82 44.32 -17.96 -48.44
N PHE L 83 44.54 -18.67 -49.54
CA PHE L 83 43.35 -19.13 -50.26
C PHE L 83 42.84 -20.42 -49.67
N ALA L 84 41.90 -20.21 -48.76
CA ALA L 84 41.26 -21.17 -47.88
C ALA L 84 39.83 -20.76 -47.62
N VAL L 85 39.06 -21.64 -46.96
CA VAL L 85 37.69 -21.27 -46.59
C VAL L 85 37.66 -20.84 -45.16
N TYR L 86 37.09 -19.66 -44.95
CA TYR L 86 37.04 -19.10 -43.62
C TYR L 86 35.71 -19.26 -42.95
N TYR L 87 35.73 -19.97 -41.82
CA TYR L 87 34.53 -20.30 -41.08
C TYR L 87 34.29 -19.39 -39.92
N CYS L 88 33.03 -19.10 -39.71
CA CYS L 88 32.52 -18.30 -38.61
C CYS L 88 31.92 -19.20 -37.52
N GLN L 89 32.34 -19.01 -36.26
CA GLN L 89 31.79 -19.79 -35.13
C GLN L 89 31.30 -18.92 -33.98
N GLN L 90 30.14 -19.26 -33.42
CA GLN L 90 29.50 -18.55 -32.31
C GLN L 90 29.47 -19.27 -30.96
N TYR L 91 29.97 -18.57 -29.91
CA TYR L 91 30.05 -19.17 -28.56
C TYR L 91 29.14 -18.65 -27.46
N ASN L 92 28.25 -17.69 -27.69
CA ASN L 92 27.47 -17.21 -26.54
C ASN L 92 26.25 -18.08 -26.31
N ASN L 93 26.54 -19.31 -25.92
CA ASN L 93 25.58 -20.35 -25.73
C ASN L 93 25.83 -21.10 -24.46
N TRP L 94 24.85 -21.08 -23.58
CA TRP L 94 24.99 -21.80 -22.34
C TRP L 94 23.62 -22.34 -21.93
N PRO L 95 23.42 -23.66 -21.88
CA PRO L 95 24.33 -24.77 -22.11
C PRO L 95 24.91 -24.67 -23.51
N PRO L 96 26.12 -25.18 -23.75
CA PRO L 96 26.76 -25.15 -25.02
C PRO L 96 25.90 -25.78 -26.08
N ARG L 97 25.83 -25.09 -27.19
CA ARG L 97 25.12 -25.44 -28.40
C ARG L 97 25.79 -24.57 -29.43
N TYR L 98 27.09 -24.74 -29.54
CA TYR L 98 27.91 -23.86 -30.35
C TYR L 98 27.66 -24.15 -31.79
N THR L 99 27.73 -23.11 -32.60
CA THR L 99 27.47 -23.31 -34.02
C THR L 99 28.51 -22.74 -34.95
N PHE L 100 28.55 -23.33 -36.13
CA PHE L 100 29.37 -22.87 -37.21
C PHE L 100 28.54 -22.57 -38.42
N GLY L 101 29.03 -21.65 -39.23
CA GLY L 101 28.43 -21.31 -40.51
C GLY L 101 29.03 -22.18 -41.60
N GLN L 102 28.88 -21.77 -42.87
CA GLN L 102 29.40 -22.62 -43.95
C GLN L 102 30.77 -22.15 -44.41
N GLY L 103 31.02 -20.88 -44.22
CA GLY L 103 32.30 -20.27 -44.56
C GLY L 103 32.41 -19.82 -45.99
N THR L 104 33.35 -18.92 -46.23
CA THR L 104 33.57 -18.47 -47.60
C THR L 104 34.98 -18.71 -48.04
N ARG L 105 35.06 -19.31 -49.22
CA ARG L 105 36.32 -19.61 -49.88
C ARG L 105 36.79 -18.46 -50.72
N LEU L 106 38.08 -18.18 -50.68
CA LEU L 106 38.64 -17.17 -51.56
C LEU L 106 39.12 -17.88 -52.81
N GLU L 107 39.10 -17.17 -53.94
CA GLU L 107 39.53 -17.72 -55.22
C GLU L 107 40.40 -16.76 -56.03
N ILE L 108 41.20 -17.31 -56.93
CA ILE L 108 42.03 -16.48 -57.80
C ILE L 108 41.38 -16.40 -59.17
N LYS L 109 41.06 -15.20 -59.61
CA LYS L 109 40.34 -15.07 -60.89
C LYS L 109 41.13 -15.55 -62.10
N ARG L 110 40.44 -16.38 -62.89
CA ARG L 110 40.89 -16.94 -64.15
C ARG L 110 39.67 -17.00 -65.06
N ALA M 1 -2.48 -5.81 37.12
CA ALA M 1 -2.73 -5.47 35.73
C ALA M 1 -2.51 -6.67 34.86
N VAL M 2 -2.28 -6.44 33.56
CA VAL M 2 -2.03 -7.54 32.65
C VAL M 2 -0.65 -7.50 32.01
N GLY M 3 0.09 -6.41 32.18
CA GLY M 3 1.41 -6.27 31.57
C GLY M 3 2.53 -6.71 32.51
N LEU M 4 2.17 -7.23 33.65
CA LEU M 4 3.15 -7.63 34.62
C LEU M 4 3.92 -8.78 34.04
N GLY M 5 5.20 -8.83 34.35
CA GLY M 5 6.03 -9.92 33.86
C GLY M 5 6.61 -9.57 32.51
N ALA M 6 6.20 -8.42 31.97
CA ALA M 6 6.57 -7.91 30.65
C ALA M 6 5.95 -8.73 29.54
N PHE M 7 4.88 -9.46 29.85
CA PHE M 7 4.18 -10.19 28.81
C PHE M 7 2.74 -10.53 29.16
N ILE M 8 1.96 -10.79 28.13
CA ILE M 8 0.60 -11.18 28.38
C ILE M 8 0.72 -12.58 28.91
N LEU M 9 -0.06 -12.89 29.94
CA LEU M 9 -0.08 -14.16 30.66
C LEU M 9 1.07 -14.22 31.68
N GLY M 10 1.63 -13.04 31.98
CA GLY M 10 2.60 -12.75 33.04
C GLY M 10 1.90 -11.98 34.15
N PHE M 11 0.58 -12.09 34.14
CA PHE M 11 -0.39 -11.37 34.95
C PHE M 11 -0.08 -11.33 36.41
N LEU M 12 0.39 -12.42 36.98
CA LEU M 12 0.56 -12.46 38.41
C LEU M 12 1.82 -11.76 38.91
N GLY M 13 2.69 -11.26 38.05
CA GLY M 13 3.86 -10.56 38.60
C GLY M 13 5.11 -10.46 37.74
N ALA M 14 6.05 -9.67 38.22
CA ALA M 14 7.31 -9.48 37.52
C ALA M 14 8.14 -10.73 37.60
N ALA M 15 8.84 -11.05 36.54
CA ALA M 15 9.73 -12.16 36.66
C ALA M 15 10.82 -11.67 37.57
N GLY M 16 11.31 -12.52 38.45
CA GLY M 16 12.39 -12.16 39.35
C GLY M 16 11.88 -11.78 40.74
N SER M 17 10.58 -11.51 40.88
CA SER M 17 10.02 -11.20 42.18
C SER M 17 9.79 -12.50 42.90
N THR M 18 9.70 -12.47 44.22
CA THR M 18 9.38 -13.73 44.85
C THR M 18 7.91 -13.96 44.67
N MET M 19 7.48 -15.18 44.87
CA MET M 19 6.08 -15.53 44.73
C MET M 19 5.21 -14.72 45.66
N GLY M 20 5.66 -14.58 46.90
CA GLY M 20 4.96 -13.82 47.92
C GLY M 20 4.89 -12.35 47.58
N ALA M 21 6.03 -11.77 47.20
CA ALA M 21 6.05 -10.36 46.87
C ALA M 21 5.16 -10.06 45.69
N ALA M 22 5.14 -10.94 44.71
CA ALA M 22 4.33 -10.72 43.54
C ALA M 22 2.86 -10.68 43.89
N SER M 23 2.43 -11.56 44.80
CA SER M 23 1.04 -11.60 45.19
C SER M 23 0.64 -10.30 45.88
N MET M 24 1.49 -9.81 46.77
CA MET M 24 1.16 -8.57 47.45
C MET M 24 1.10 -7.40 46.49
N ALA M 25 2.03 -7.35 45.54
CA ALA M 25 2.05 -6.27 44.57
C ALA M 25 0.81 -6.29 43.71
N LEU M 26 0.34 -7.48 43.37
CA LEU M 26 -0.83 -7.64 42.54
C LEU M 26 -2.04 -7.06 43.24
N THR M 27 -2.18 -7.33 44.53
CA THR M 27 -3.32 -6.80 45.29
C THR M 27 -3.32 -5.29 45.29
N VAL M 28 -2.15 -4.69 45.50
CA VAL M 28 -2.11 -3.24 45.53
C VAL M 28 -2.48 -2.69 44.18
N GLN M 29 -1.93 -3.25 43.12
CA GLN M 29 -2.25 -2.70 41.83
C GLN M 29 -3.71 -2.88 41.51
N ALA M 30 -4.31 -4.00 41.92
CA ALA M 30 -5.72 -4.19 41.65
C ALA M 30 -6.55 -3.11 42.31
N ARG M 31 -6.19 -2.72 43.52
CA ARG M 31 -6.96 -1.66 44.15
C ARG M 31 -6.85 -0.36 43.40
N LEU M 32 -5.67 -0.05 42.91
CA LEU M 32 -5.49 1.20 42.19
C LEU M 32 -6.25 1.20 40.87
N LEU M 33 -6.26 0.07 40.18
CA LEU M 33 -6.94 0.02 38.91
C LEU M 33 -8.45 0.19 39.08
N LEU M 34 -9.03 -0.39 40.13
CA LEU M 34 -10.45 -0.23 40.36
C LEU M 34 -10.80 1.14 40.94
N SER M 35 -9.90 1.75 41.74
CA SER M 35 -10.24 3.06 42.29
C SER M 35 -10.36 4.05 41.15
N GLY M 36 -9.58 3.78 40.09
CA GLY M 36 -9.58 4.54 38.85
C GLY M 36 -8.67 5.73 38.89
N ILE M 37 -8.00 5.93 40.01
CA ILE M 37 -7.14 7.07 40.18
C ILE M 37 -5.78 6.78 39.55
N GLN M 52 5.62 10.11 10.36
CA GLN M 52 5.20 9.18 11.39
C GLN M 52 4.24 8.17 10.80
N HIS M 53 4.06 8.27 9.50
CA HIS M 53 3.22 7.36 8.75
C HIS M 53 3.95 6.85 7.53
N MET M 54 4.11 5.54 7.51
CA MET M 54 4.83 4.78 6.51
C MET M 54 4.14 3.41 6.41
N LEU M 55 4.41 2.63 5.36
CA LEU M 55 3.80 1.29 5.24
C LEU M 55 4.01 0.39 6.44
N GLN M 56 5.18 0.45 7.07
CA GLN M 56 5.46 -0.45 8.17
C GLN M 56 4.53 -0.24 9.35
N LEU M 57 3.79 0.86 9.39
CA LEU M 57 2.88 1.04 10.48
C LEU M 57 1.71 0.08 10.30
N THR M 58 1.33 -0.20 9.05
CA THR M 58 0.24 -1.11 8.74
C THR M 58 0.66 -2.51 9.04
N VAL M 59 1.86 -2.83 8.62
CA VAL M 59 2.35 -4.19 8.79
C VAL M 59 2.52 -4.54 10.24
N TRP M 60 3.13 -3.66 11.00
CA TRP M 60 3.32 -3.96 12.38
C TRP M 60 2.04 -3.80 13.17
N GLY M 61 1.11 -2.94 12.73
CA GLY M 61 -0.15 -2.84 13.44
C GLY M 61 -0.84 -4.20 13.40
N ILE M 62 -0.80 -4.87 12.24
CA ILE M 62 -1.39 -6.19 12.14
C ILE M 62 -0.66 -7.19 13.00
N LYS M 63 0.67 -7.16 13.00
CA LYS M 63 1.39 -8.14 13.81
C LYS M 63 1.05 -7.96 15.29
N GLN M 64 0.92 -6.72 15.75
CA GLN M 64 0.59 -6.46 17.14
C GLN M 64 -0.80 -6.95 17.47
N LEU M 65 -1.75 -6.73 16.56
CA LEU M 65 -3.09 -7.21 16.84
C LEU M 65 -3.10 -8.72 16.86
N GLN M 66 -2.36 -9.38 16.00
CA GLN M 66 -2.41 -10.83 16.02
C GLN M 66 -1.91 -11.34 17.36
N ALA M 67 -0.86 -10.73 17.90
CA ALA M 67 -0.37 -11.18 19.19
C ALA M 67 -1.38 -10.99 20.30
N ARG M 68 -2.11 -9.87 20.26
CA ARG M 68 -3.08 -9.57 21.29
C ARG M 68 -4.32 -10.44 21.19
N VAL M 69 -4.78 -10.68 19.96
CA VAL M 69 -5.95 -11.50 19.77
C VAL M 69 -5.65 -12.92 20.19
N LEU M 70 -4.48 -13.41 19.83
CA LEU M 70 -4.11 -14.75 20.21
C LEU M 70 -4.04 -14.90 21.70
N ALA M 71 -3.44 -13.94 22.41
CA ALA M 71 -3.38 -14.09 23.84
C ALA M 71 -4.76 -14.13 24.45
N VAL M 72 -5.70 -13.35 23.92
CA VAL M 72 -7.05 -13.39 24.45
C VAL M 72 -7.70 -14.73 24.19
N GLU M 73 -7.55 -15.27 22.99
CA GLU M 73 -8.14 -16.55 22.70
C GLU M 73 -7.58 -17.65 23.59
N ARG M 74 -6.27 -17.61 23.85
CA ARG M 74 -5.67 -18.62 24.70
C ARG M 74 -6.16 -18.45 26.13
N TYR M 75 -6.25 -17.21 26.58
CA TYR M 75 -6.73 -16.97 27.91
C TYR M 75 -8.11 -17.54 28.11
N LEU M 76 -9.03 -17.22 27.19
CA LEU M 76 -10.38 -17.68 27.38
C LEU M 76 -10.45 -19.19 27.29
N ARG M 77 -9.68 -19.80 26.40
CA ARG M 77 -9.73 -21.23 26.30
C ARG M 77 -9.31 -21.86 27.60
N ASP M 78 -8.21 -21.40 28.17
CA ASP M 78 -7.72 -22.02 29.38
C ASP M 78 -8.68 -21.79 30.53
N GLN M 79 -9.33 -20.64 30.58
CA GLN M 79 -10.26 -20.41 31.65
C GLN M 79 -11.39 -21.43 31.63
N GLN M 80 -11.78 -21.91 30.45
CA GLN M 80 -12.79 -22.95 30.42
C GLN M 80 -12.20 -24.35 30.61
N LEU M 81 -10.98 -24.58 30.13
CA LEU M 81 -10.41 -25.92 30.24
C LEU M 81 -10.18 -26.31 31.67
N LEU M 82 -9.86 -25.34 32.50
CA LEU M 82 -9.58 -25.57 33.90
C LEU M 82 -10.79 -26.04 34.67
N GLY M 83 -11.96 -26.01 34.06
CA GLY M 83 -13.13 -26.52 34.72
C GLY M 83 -13.00 -27.99 34.97
N ILE M 84 -12.13 -28.67 34.25
CA ILE M 84 -11.91 -30.09 34.42
C ILE M 84 -11.41 -30.43 35.83
N TRP M 85 -10.78 -29.46 36.52
CA TRP M 85 -10.29 -29.62 37.89
C TRP M 85 -11.16 -28.87 38.90
N GLY M 86 -12.26 -28.30 38.40
CA GLY M 86 -13.13 -27.48 39.22
C GLY M 86 -12.64 -26.04 39.38
N CYS M 87 -11.75 -25.58 38.49
CA CYS M 87 -11.19 -24.24 38.62
C CYS M 87 -11.55 -23.35 37.44
N SER M 88 -12.72 -23.54 36.83
CA SER M 88 -13.00 -22.67 35.69
C SER M 88 -13.27 -21.26 36.13
N GLY M 89 -12.91 -20.33 35.24
CA GLY M 89 -13.18 -18.93 35.47
C GLY M 89 -12.30 -18.31 36.54
N LYS M 90 -11.14 -18.90 36.80
CA LYS M 90 -10.32 -18.37 37.87
C LYS M 90 -8.88 -18.16 37.53
N ILE M 91 -8.35 -17.16 38.17
CA ILE M 91 -6.93 -16.86 38.18
C ILE M 91 -6.30 -17.60 39.35
N ILE M 92 -6.93 -17.54 40.51
CA ILE M 92 -6.41 -18.27 41.65
C ILE M 92 -7.47 -19.21 42.11
N CYS M 93 -7.16 -20.48 42.18
CA CYS M 93 -8.13 -21.46 42.57
C CYS M 93 -7.77 -21.96 43.96
N CYS M 94 -8.44 -22.98 44.43
CA CYS M 94 -8.15 -23.60 45.70
C CYS M 94 -8.73 -24.99 45.52
N THR M 95 -8.02 -26.03 45.94
CA THR M 95 -8.48 -27.40 45.73
C THR M 95 -8.53 -28.15 47.04
N ASN M 96 -8.91 -29.41 46.99
CA ASN M 96 -8.94 -30.22 48.18
C ASN M 96 -7.93 -31.36 48.09
N VAL M 97 -6.89 -31.20 47.26
CA VAL M 97 -5.87 -32.21 47.14
C VAL M 97 -4.70 -31.87 48.06
N PRO M 98 -4.32 -32.72 49.02
CA PRO M 98 -3.23 -32.51 49.94
C PRO M 98 -1.93 -32.36 49.20
N TRP M 99 -1.00 -31.60 49.77
CA TRP M 99 0.31 -31.41 49.17
C TRP M 99 1.17 -32.66 49.10
N ASN M 100 0.96 -33.65 49.95
CA ASN M 100 1.69 -34.91 49.86
C ASN M 100 3.18 -34.86 50.23
N ASP M 101 3.67 -33.73 50.73
CA ASP M 101 5.04 -33.55 51.25
C ASP M 101 6.23 -33.86 50.34
N SER M 102 6.32 -35.06 49.81
CA SER M 102 7.43 -35.52 48.99
C SER M 102 7.67 -34.69 47.75
N TRP M 103 6.62 -34.09 47.22
CA TRP M 103 6.76 -33.29 46.03
C TRP M 103 7.68 -32.11 46.33
N SER M 104 7.61 -31.57 47.55
CA SER M 104 8.45 -30.49 48.00
C SER M 104 8.46 -30.46 49.49
N ASN M 105 9.66 -30.42 50.04
CA ASN M 105 9.89 -30.45 51.47
C ASN M 105 9.96 -29.06 52.09
N LYS M 106 9.65 -28.03 51.30
CA LYS M 106 9.72 -26.67 51.82
C LYS M 106 8.39 -26.27 52.46
N THR M 107 8.45 -25.34 53.40
CA THR M 107 7.24 -24.85 54.06
C THR M 107 6.59 -23.78 53.25
N ILE M 108 5.38 -23.38 53.64
CA ILE M 108 4.69 -22.36 52.90
C ILE M 108 5.47 -21.07 52.90
N ASN M 109 6.04 -20.70 54.03
CA ASN M 109 6.76 -19.45 54.05
C ASN M 109 8.06 -19.58 53.29
N GLU M 110 8.73 -20.71 53.36
CA GLU M 110 9.98 -20.79 52.63
C GLU M 110 9.79 -20.62 51.13
N ILE M 111 8.72 -21.21 50.60
CA ILE M 111 8.48 -21.13 49.18
C ILE M 111 8.02 -19.76 48.79
N TRP M 112 7.01 -19.26 49.48
CA TRP M 112 6.45 -18.00 49.08
C TRP M 112 7.36 -16.80 49.35
N ASP M 113 8.14 -16.85 50.42
CA ASP M 113 8.98 -15.71 50.72
C ASP M 113 10.26 -15.65 49.92
N ASN M 114 10.92 -16.79 49.67
CA ASN M 114 12.22 -16.72 49.02
C ASN M 114 12.31 -17.13 47.56
N MET M 115 11.37 -17.89 47.02
CA MET M 115 11.52 -18.36 45.66
C MET M 115 10.73 -17.54 44.68
N THR M 116 11.21 -17.50 43.45
CA THR M 116 10.41 -16.89 42.38
C THR M 116 9.65 -17.99 41.70
N TRP M 117 8.84 -17.63 40.72
CA TRP M 117 8.02 -18.66 40.12
C TRP M 117 8.76 -19.63 39.27
N MET M 118 9.82 -19.20 38.59
CA MET M 118 10.53 -20.13 37.74
C MET M 118 11.27 -21.14 38.58
N GLN M 119 11.83 -20.68 39.70
CA GLN M 119 12.57 -21.58 40.56
C GLN M 119 11.64 -22.59 41.13
N TRP M 120 10.45 -22.15 41.49
CA TRP M 120 9.51 -23.08 42.01
C TRP M 120 9.15 -24.13 40.99
N GLU M 121 8.88 -23.73 39.76
CA GLU M 121 8.50 -24.74 38.80
C GLU M 121 9.63 -25.74 38.61
N LYS M 122 10.87 -25.28 38.64
CA LYS M 122 12.02 -26.19 38.51
C LYS M 122 12.09 -27.16 39.68
N GLU M 123 11.67 -26.71 40.87
CA GLU M 123 11.72 -27.52 42.07
C GLU M 123 10.74 -28.70 41.97
N ILE M 124 9.60 -28.48 41.35
CA ILE M 124 8.58 -29.54 41.26
C ILE M 124 8.19 -30.00 39.86
N ASP M 125 8.99 -29.85 38.82
CA ASP M 125 8.46 -30.25 37.51
C ASP M 125 8.51 -31.73 37.25
N ASN M 126 8.97 -32.51 38.22
CA ASN M 126 8.95 -33.94 38.08
C ASN M 126 7.64 -34.49 38.63
N TYR M 127 6.81 -33.61 39.18
CA TYR M 127 5.57 -34.03 39.76
C TYR M 127 4.32 -33.42 39.15
N THR M 128 4.44 -32.50 38.20
CA THR M 128 3.23 -31.83 37.78
C THR M 128 2.31 -32.70 36.96
N GLN M 129 2.82 -33.73 36.30
CA GLN M 129 1.88 -34.53 35.53
C GLN M 129 1.10 -35.41 36.49
N HIS M 130 1.75 -35.77 37.60
CA HIS M 130 1.13 -36.57 38.62
C HIS M 130 0.07 -35.74 39.33
N ILE M 131 0.42 -34.51 39.66
CA ILE M 131 -0.50 -33.64 40.37
C ILE M 131 -1.69 -33.35 39.49
N TYR M 132 -1.48 -33.07 38.20
CA TYR M 132 -2.61 -32.80 37.35
C TYR M 132 -3.57 -33.98 37.36
N THR M 133 -3.05 -35.20 37.33
CA THR M 133 -3.91 -36.35 37.39
C THR M 133 -4.69 -36.37 38.70
N LEU M 134 -4.04 -36.08 39.81
CA LEU M 134 -4.77 -36.11 41.07
C LEU M 134 -5.87 -35.06 41.11
N LEU M 135 -5.62 -33.90 40.53
CA LEU M 135 -6.63 -32.86 40.55
C LEU M 135 -7.86 -33.29 39.78
N GLU M 136 -7.67 -33.95 38.63
CA GLU M 136 -8.80 -34.41 37.86
C GLU M 136 -9.61 -35.44 38.63
N VAL M 137 -8.92 -36.34 39.31
CA VAL M 137 -9.62 -37.36 40.04
C VAL M 137 -10.45 -36.76 41.14
N SER M 138 -9.91 -35.79 41.87
CA SER M 138 -10.68 -35.18 42.92
C SER M 138 -11.93 -34.53 42.37
N GLN M 139 -11.84 -33.82 41.24
CA GLN M 139 -13.03 -33.19 40.71
C GLN M 139 -14.08 -34.18 40.32
N ILE M 140 -13.68 -35.32 39.78
CA ILE M 140 -14.68 -36.30 39.41
C ILE M 140 -15.40 -36.80 40.64
N GLN M 141 -14.66 -37.09 41.70
CA GLN M 141 -15.32 -37.56 42.90
C GLN M 141 -16.23 -36.50 43.48
N GLN M 142 -15.85 -35.22 43.41
CA GLN M 142 -16.71 -34.18 43.96
C GLN M 142 -18.01 -34.09 43.21
N GLU M 143 -17.97 -34.20 41.88
CA GLU M 143 -19.19 -34.13 41.10
C GLU M 143 -20.10 -35.29 41.39
N LYS M 144 -19.50 -36.47 41.54
CA LYS M 144 -20.27 -37.66 41.80
C LYS M 144 -20.97 -37.51 43.14
N ASN M 145 -20.25 -37.02 44.14
CA ASN M 145 -20.85 -36.92 45.44
C ASN M 145 -22.01 -35.94 45.44
N GLU M 146 -21.86 -34.82 44.73
CA GLU M 146 -22.94 -33.86 44.75
C GLU M 146 -24.20 -34.39 44.11
N GLN M 147 -24.06 -35.11 42.99
CA GLN M 147 -25.26 -35.62 42.36
C GLN M 147 -25.90 -36.72 43.17
N GLU M 148 -25.12 -37.48 43.94
CA GLU M 148 -25.69 -38.50 44.81
C GLU M 148 -26.48 -37.85 45.95
N LEU M 149 -25.99 -36.72 46.45
CA LEU M 149 -26.68 -36.01 47.52
C LEU M 149 -28.00 -35.43 47.03
N LEU M 150 -28.04 -34.99 45.77
CA LEU M 150 -29.24 -34.39 45.22
C LEU M 150 -30.28 -35.41 44.75
N GLU M 151 -30.84 -36.13 45.71
CA GLU M 151 -31.86 -37.13 45.47
C GLU M 151 -32.68 -37.42 46.72
N LYS N 21 39.14 -52.52 21.11
CA LYS N 21 39.26 -51.74 19.89
C LYS N 21 39.09 -52.58 18.66
N LYS N 22 38.59 -51.99 17.60
CA LYS N 22 38.53 -52.70 16.34
C LYS N 22 39.96 -52.75 15.88
N VAL N 23 40.46 -53.86 15.36
CA VAL N 23 41.85 -53.82 14.93
C VAL N 23 41.94 -54.15 13.44
N VAL N 24 42.60 -53.27 12.71
CA VAL N 24 42.80 -53.40 11.28
C VAL N 24 44.27 -53.47 10.95
N LEU N 25 44.70 -54.49 10.23
CA LEU N 25 46.11 -54.56 9.88
C LEU N 25 46.29 -54.40 8.38
N GLY N 26 47.19 -53.51 8.02
CA GLY N 26 47.57 -53.26 6.64
C GLY N 26 49.03 -53.60 6.48
N LYS N 27 49.60 -53.30 5.32
CA LYS N 27 50.99 -53.59 5.10
C LYS N 27 51.65 -52.40 4.46
N LYS N 28 52.95 -52.26 4.65
CA LYS N 28 53.65 -51.14 4.07
C LYS N 28 53.38 -51.03 2.58
N GLY N 29 52.98 -49.83 2.17
CA GLY N 29 52.66 -49.49 0.78
C GLY N 29 51.17 -49.57 0.43
N ASP N 30 50.36 -50.17 1.30
CA ASP N 30 48.93 -50.30 1.04
C ASP N 30 48.10 -49.09 1.43
N THR N 31 46.80 -49.18 1.17
CA THR N 31 45.87 -48.14 1.55
C THR N 31 44.83 -48.74 2.47
N VAL N 32 44.56 -48.06 3.58
CA VAL N 32 43.56 -48.55 4.52
C VAL N 32 42.46 -47.56 4.78
N GLU N 33 41.24 -48.06 4.80
CA GLU N 33 40.12 -47.21 5.14
C GLU N 33 39.63 -47.52 6.54
N LEU N 34 39.71 -46.55 7.42
CA LEU N 34 39.25 -46.71 8.79
C LEU N 34 37.95 -45.94 8.86
N THR N 35 36.94 -46.38 9.62
CA THR N 35 35.72 -45.59 9.59
C THR N 35 35.07 -45.23 10.89
N CYS N 36 34.36 -44.10 10.85
CA CYS N 36 33.47 -43.69 11.92
C CYS N 36 32.05 -43.69 11.37
N THR N 37 31.04 -43.95 12.19
CA THR N 37 29.68 -43.86 11.65
C THR N 37 28.68 -43.10 12.52
N ALA N 38 27.51 -42.81 11.97
CA ALA N 38 26.45 -42.15 12.73
C ALA N 38 25.07 -42.68 12.36
N SER N 39 24.12 -42.59 13.31
CA SER N 39 22.74 -42.99 13.01
C SER N 39 22.04 -41.94 12.17
N GLN N 40 22.48 -40.71 12.29
CA GLN N 40 21.99 -39.60 11.50
C GLN N 40 22.82 -39.63 10.24
N LYS N 41 22.20 -39.39 9.11
CA LYS N 41 22.97 -39.48 7.89
C LYS N 41 23.65 -38.19 7.41
N LYS N 42 23.03 -37.03 7.62
CA LYS N 42 23.59 -35.81 7.02
C LYS N 42 23.96 -34.68 7.95
N SER N 43 24.83 -33.79 7.44
CA SER N 43 25.30 -32.58 8.12
C SER N 43 25.91 -32.84 9.49
N ILE N 44 26.80 -33.82 9.52
CA ILE N 44 27.48 -34.21 10.74
C ILE N 44 28.94 -33.83 10.77
N GLN N 45 29.32 -33.16 11.85
CA GLN N 45 30.69 -32.80 12.10
C GLN N 45 31.39 -33.94 12.79
N PHE N 46 32.59 -34.25 12.31
CA PHE N 46 33.40 -35.28 12.89
C PHE N 46 34.86 -34.91 12.79
N HIS N 47 35.65 -35.55 13.62
CA HIS N 47 37.10 -35.42 13.61
C HIS N 47 37.81 -36.73 13.78
N TRP N 48 38.99 -36.83 13.20
CA TRP N 48 39.88 -37.95 13.48
C TRP N 48 41.15 -37.46 14.11
N LYS N 49 41.50 -38.09 15.22
CA LYS N 49 42.73 -37.79 15.96
C LYS N 49 43.55 -39.03 16.25
N ASN N 50 44.84 -38.85 16.43
CA ASN N 50 45.65 -39.98 16.84
C ASN N 50 45.65 -40.09 18.37
N SER N 51 46.41 -41.04 18.88
CA SER N 51 46.50 -41.36 20.30
C SER N 51 47.18 -40.29 21.16
N ASN N 52 47.84 -39.33 20.51
CA ASN N 52 48.53 -38.24 21.15
C ASN N 52 47.72 -36.98 20.99
N GLN N 53 46.47 -37.17 20.59
CA GLN N 53 45.47 -36.14 20.35
C GLN N 53 45.84 -35.13 19.28
N ILE N 54 46.48 -35.57 18.20
CA ILE N 54 46.79 -34.68 17.11
C ILE N 54 45.78 -34.89 16.03
N LYS N 55 45.17 -33.81 15.56
CA LYS N 55 44.18 -33.91 14.50
C LYS N 55 44.78 -34.33 13.20
N ILE N 56 44.06 -35.17 12.49
CA ILE N 56 44.48 -35.60 11.19
C ILE N 56 43.55 -35.01 10.16
N LEU N 57 42.26 -35.35 10.30
CA LEU N 57 41.19 -34.94 9.38
C LEU N 57 39.98 -34.41 10.10
N GLY N 58 39.20 -33.58 9.43
CA GLY N 58 37.90 -33.22 10.01
C GLY N 58 36.98 -32.48 9.06
N ASN N 59 35.72 -32.42 9.45
CA ASN N 59 34.67 -31.80 8.65
C ASN N 59 34.17 -30.45 9.14
N GLN N 60 34.45 -29.41 8.39
CA GLN N 60 33.99 -28.09 8.75
C GLN N 60 32.91 -27.68 7.78
N GLY N 61 31.66 -27.74 8.18
CA GLY N 61 30.64 -27.47 7.20
C GLY N 61 30.67 -28.60 6.18
N SER N 62 30.95 -28.26 4.92
CA SER N 62 31.01 -29.21 3.83
C SER N 62 32.45 -29.47 3.39
N PHE N 63 33.41 -28.86 4.09
CA PHE N 63 34.80 -28.89 3.65
C PHE N 63 35.67 -29.85 4.44
N LEU N 64 36.65 -30.43 3.78
CA LEU N 64 37.59 -31.29 4.48
C LEU N 64 38.79 -30.49 4.92
N THR N 65 39.14 -30.62 6.19
CA THR N 65 40.29 -29.93 6.72
C THR N 65 41.31 -30.93 7.16
N LYS N 66 42.54 -30.47 7.30
CA LYS N 66 43.57 -31.33 7.82
C LYS N 66 44.20 -30.72 9.04
N GLY N 67 44.69 -31.56 9.93
CA GLY N 67 45.36 -31.08 11.12
C GLY N 67 46.86 -31.04 10.91
N PRO N 68 47.64 -30.65 11.91
CA PRO N 68 49.09 -30.57 11.89
C PRO N 68 49.70 -31.94 12.14
N SER N 69 49.43 -32.86 11.23
CA SER N 69 49.87 -34.24 11.38
C SER N 69 50.81 -34.75 10.32
N LYS N 70 51.50 -35.82 10.68
CA LYS N 70 52.45 -36.52 9.83
C LYS N 70 51.76 -37.17 8.63
N LEU N 71 50.44 -37.31 8.73
CA LEU N 71 49.64 -37.91 7.69
C LEU N 71 49.01 -36.89 6.75
N ASN N 72 49.33 -35.61 6.82
CA ASN N 72 48.61 -34.72 5.92
C ASN N 72 48.74 -35.01 4.43
N ASP N 73 49.86 -35.55 3.99
CA ASP N 73 50.00 -35.82 2.58
C ASP N 73 49.58 -37.21 2.18
N ARG N 74 49.03 -37.97 3.12
CA ARG N 74 48.57 -39.32 2.84
C ARG N 74 47.11 -39.54 3.23
N ALA N 75 46.62 -38.82 4.23
CA ALA N 75 45.26 -38.98 4.71
C ALA N 75 44.26 -38.27 3.80
N ASP N 76 43.11 -38.90 3.57
CA ASP N 76 42.01 -38.34 2.78
C ASP N 76 40.65 -38.84 3.24
N SER N 77 39.56 -38.38 2.60
CA SER N 77 38.22 -38.86 2.97
C SER N 77 37.23 -38.81 1.80
N ARG N 78 36.36 -39.79 1.72
CA ARG N 78 35.37 -39.79 0.65
C ARG N 78 34.18 -38.92 0.99
N ARG N 79 34.28 -37.67 0.57
CA ARG N 79 33.33 -36.61 0.91
C ARG N 79 31.90 -36.96 0.54
N SER N 80 31.72 -37.71 -0.53
CA SER N 80 30.39 -38.08 -0.98
C SER N 80 29.64 -38.95 0.01
N LEU N 81 30.34 -39.59 0.93
CA LEU N 81 29.71 -40.49 1.89
C LEU N 81 29.35 -39.79 3.17
N TRP N 82 29.70 -38.52 3.31
CA TRP N 82 29.46 -37.88 4.57
C TRP N 82 27.97 -37.75 4.82
N ASP N 83 27.18 -37.67 3.78
CA ASP N 83 25.75 -37.51 3.96
C ASP N 83 25.04 -38.86 4.04
N GLN N 84 25.83 -39.92 4.14
CA GLN N 84 25.34 -41.26 4.34
C GLN N 84 25.63 -41.70 5.77
N GLY N 85 26.15 -40.79 6.61
CA GLY N 85 26.51 -41.12 7.97
C GLY N 85 27.79 -41.96 8.03
N ASN N 86 28.66 -41.82 7.04
CA ASN N 86 29.89 -42.59 6.99
C ASN N 86 31.05 -41.64 6.79
N PHE N 87 31.95 -41.61 7.74
CA PHE N 87 33.02 -40.63 7.73
C PHE N 87 34.40 -41.32 7.76
N PRO N 88 34.86 -41.91 6.66
CA PRO N 88 36.10 -42.63 6.56
C PRO N 88 37.32 -41.77 6.59
N LEU N 89 38.40 -42.37 7.05
CA LEU N 89 39.75 -41.84 6.97
C LEU N 89 40.55 -42.80 6.16
N ILE N 90 41.16 -42.30 5.12
CA ILE N 90 41.90 -43.17 4.25
C ILE N 90 43.36 -42.85 4.29
N ILE N 91 44.19 -43.82 4.65
CA ILE N 91 45.62 -43.52 4.65
C ILE N 91 46.27 -44.23 3.51
N LYS N 92 46.78 -43.44 2.57
CA LYS N 92 47.39 -43.96 1.37
C LYS N 92 48.86 -44.21 1.65
N ASN N 93 49.45 -45.19 0.97
CA ASN N 93 50.88 -45.43 1.14
C ASN N 93 51.31 -45.59 2.60
N LEU N 94 50.74 -46.58 3.28
CA LEU N 94 51.04 -46.87 4.68
C LEU N 94 52.46 -47.21 4.97
N LYS N 95 52.92 -46.74 6.13
CA LYS N 95 54.25 -47.00 6.65
C LYS N 95 54.18 -47.64 8.04
N ILE N 96 55.24 -48.29 8.49
CA ILE N 96 55.21 -48.90 9.81
C ILE N 96 54.99 -47.86 10.92
N GLU N 97 55.46 -46.65 10.69
CA GLU N 97 55.33 -45.53 11.59
C GLU N 97 53.88 -45.06 11.81
N ASP N 98 52.95 -45.55 10.97
CA ASP N 98 51.56 -45.18 11.07
C ASP N 98 50.81 -46.08 12.02
N SER N 99 51.46 -47.14 12.53
CA SER N 99 50.70 -48.01 13.41
C SER N 99 50.36 -47.17 14.63
N ASP N 100 49.09 -47.14 15.00
CA ASP N 100 48.63 -46.32 16.12
C ASP N 100 47.18 -46.60 16.48
N THR N 101 46.68 -45.92 17.49
CA THR N 101 45.25 -45.96 17.76
C THR N 101 44.63 -44.70 17.19
N TYR N 102 43.63 -44.89 16.35
CA TYR N 102 42.97 -43.77 15.72
C TYR N 102 41.61 -43.57 16.36
N ILE N 103 41.34 -42.33 16.71
CA ILE N 103 40.14 -41.99 17.43
C ILE N 103 39.14 -41.20 16.64
N CYS N 104 37.93 -41.71 16.60
CA CYS N 104 36.85 -41.02 15.96
C CYS N 104 36.12 -40.18 16.94
N GLU N 105 35.75 -38.99 16.53
CA GLU N 105 34.84 -38.19 17.32
C GLU N 105 33.72 -37.79 16.41
N VAL N 106 32.54 -38.34 16.63
CA VAL N 106 31.41 -38.04 15.76
C VAL N 106 30.31 -37.55 16.62
N GLU N 107 29.77 -36.38 16.37
CA GLU N 107 28.72 -35.94 17.27
C GLU N 107 29.22 -36.04 18.72
N ASP N 108 28.51 -36.79 19.58
CA ASP N 108 28.87 -36.95 20.98
C ASP N 108 29.73 -38.18 21.30
N GLN N 109 29.58 -39.23 20.50
CA GLN N 109 30.23 -40.52 20.73
C GLN N 109 31.64 -40.63 20.19
N LYS N 110 32.42 -41.52 20.79
CA LYS N 110 33.76 -41.76 20.30
C LYS N 110 33.93 -43.20 19.91
N GLU N 111 34.83 -43.46 18.98
CA GLU N 111 35.12 -44.84 18.55
C GLU N 111 36.62 -45.04 18.43
N GLU N 112 37.10 -46.23 18.72
CA GLU N 112 38.54 -46.45 18.52
C GLU N 112 38.86 -47.66 17.69
N VAL N 113 39.76 -47.43 16.75
CA VAL N 113 40.27 -48.46 15.89
C VAL N 113 41.77 -48.44 15.91
N GLN N 114 42.36 -49.59 16.04
CA GLN N 114 43.80 -49.70 16.03
C GLN N 114 44.26 -50.09 14.67
N LEU N 115 45.26 -49.38 14.18
CA LEU N 115 45.84 -49.67 12.90
C LEU N 115 47.21 -50.23 13.06
N LEU N 116 47.43 -51.38 12.49
CA LEU N 116 48.73 -51.98 12.53
C LEU N 116 49.27 -52.03 11.12
N VAL N 117 50.57 -51.85 10.94
CA VAL N 117 51.13 -51.95 9.60
C VAL N 117 52.33 -52.90 9.63
N GLN O 1 49.68 -26.11 -25.62
CA GLN O 1 50.96 -26.71 -25.94
C GLN O 1 50.74 -28.15 -26.32
N VAL O 2 49.47 -28.50 -26.39
CA VAL O 2 48.99 -29.83 -26.68
C VAL O 2 48.84 -30.25 -28.13
N GLN O 3 49.36 -31.42 -28.39
CA GLN O 3 49.26 -32.07 -29.67
C GLN O 3 48.15 -33.08 -29.59
N LEU O 4 47.29 -33.14 -30.59
CA LEU O 4 46.22 -34.12 -30.55
C LEU O 4 46.40 -35.17 -31.61
N LEU O 5 46.46 -36.42 -31.18
CA LEU O 5 46.65 -37.52 -32.10
C LEU O 5 45.40 -38.33 -32.27
N GLU O 6 44.89 -38.36 -33.48
CA GLU O 6 43.67 -39.10 -33.79
C GLU O 6 43.96 -40.59 -33.91
N SER O 7 42.92 -41.39 -33.77
CA SER O 7 43.01 -42.82 -33.92
C SER O 7 42.80 -43.22 -35.39
N GLY O 8 42.59 -44.51 -35.63
CA GLY O 8 42.47 -45.01 -37.00
C GLY O 8 41.09 -44.77 -37.59
N ALA O 9 40.99 -44.98 -38.90
CA ALA O 9 39.74 -44.85 -39.66
C ALA O 9 38.85 -46.03 -39.41
N GLU O 10 37.54 -45.83 -39.59
CA GLU O 10 36.55 -46.88 -39.40
C GLU O 10 35.48 -46.92 -40.47
N VAL O 11 34.94 -48.11 -40.70
CA VAL O 11 33.81 -48.27 -41.59
C VAL O 11 32.76 -49.10 -40.87
N LYS O 12 31.54 -48.59 -40.71
CA LYS O 12 30.54 -49.36 -39.97
C LYS O 12 29.20 -49.55 -40.68
N LYS O 13 28.57 -50.67 -40.44
CA LYS O 13 27.23 -50.82 -40.99
C LYS O 13 26.29 -49.89 -40.22
N PRO O 14 25.30 -49.26 -40.85
CA PRO O 14 24.33 -48.42 -40.19
C PRO O 14 23.67 -49.16 -39.04
N GLY O 15 23.46 -48.44 -37.95
CA GLY O 15 22.88 -48.93 -36.72
C GLY O 15 23.95 -49.24 -35.68
N SER O 16 25.20 -49.42 -36.11
CA SER O 16 26.31 -49.71 -35.21
C SER O 16 26.84 -48.44 -34.59
N SER O 17 27.70 -48.58 -33.58
CA SER O 17 28.35 -47.40 -33.02
C SER O 17 29.83 -47.40 -33.34
N VAL O 18 30.41 -46.22 -33.33
CA VAL O 18 31.84 -46.08 -33.57
C VAL O 18 32.50 -45.39 -32.42
N LYS O 19 33.63 -45.94 -31.99
CA LYS O 19 34.40 -45.34 -30.93
C LYS O 19 35.63 -44.67 -31.54
N VAL O 20 35.71 -43.37 -31.37
CA VAL O 20 36.78 -42.57 -31.94
C VAL O 20 37.53 -41.93 -30.79
N SER O 21 38.84 -41.90 -30.83
CA SER O 21 39.54 -41.29 -29.72
C SER O 21 40.71 -40.47 -30.14
N CYS O 22 41.14 -39.58 -29.24
CA CYS O 22 42.29 -38.73 -29.45
C CYS O 22 43.23 -38.74 -28.26
N LYS O 23 44.50 -38.90 -28.52
CA LYS O 23 45.44 -38.83 -27.42
C LYS O 23 46.00 -37.43 -27.32
N ALA O 24 45.92 -36.84 -26.14
CA ALA O 24 46.42 -35.50 -25.94
C ALA O 24 47.79 -35.60 -25.31
N SER O 25 48.76 -34.89 -25.84
CA SER O 25 50.06 -34.94 -25.21
C SER O 25 50.83 -33.63 -25.25
N GLY O 26 51.83 -33.52 -24.37
CA GLY O 26 52.70 -32.34 -24.28
C GLY O 26 52.38 -31.39 -23.12
N ASP O 27 51.23 -31.57 -22.49
CA ASP O 27 50.83 -30.75 -21.35
C ASP O 27 49.85 -31.51 -20.46
N THR O 28 49.44 -30.87 -19.38
CA THR O 28 48.48 -31.45 -18.46
C THR O 28 47.13 -31.62 -19.10
N PHE O 29 46.60 -32.83 -19.05
CA PHE O 29 45.32 -33.15 -19.68
C PHE O 29 44.18 -32.32 -19.11
N ILE O 30 44.17 -32.20 -17.80
CA ILE O 30 43.12 -31.53 -17.05
C ILE O 30 43.02 -30.05 -17.36
N ARG O 31 44.05 -29.46 -17.93
CA ARG O 31 43.96 -28.04 -18.20
C ARG O 31 43.39 -27.77 -19.58
N TYR O 32 43.01 -28.82 -20.31
CA TYR O 32 42.45 -28.58 -21.62
C TYR O 32 41.02 -29.05 -21.72
N SER O 33 40.21 -28.23 -22.36
CA SER O 33 38.83 -28.61 -22.61
C SER O 33 38.79 -29.17 -24.00
N PHE O 34 37.92 -30.14 -24.25
CA PHE O 34 37.93 -30.70 -25.59
C PHE O 34 36.58 -30.76 -26.26
N THR O 35 36.60 -30.59 -27.56
CA THR O 35 35.42 -30.67 -28.38
C THR O 35 35.58 -31.62 -29.50
N TRP O 36 34.45 -32.02 -30.06
CA TRP O 36 34.44 -32.82 -31.26
C TRP O 36 33.70 -32.12 -32.37
N VAL O 37 34.28 -32.25 -33.57
CA VAL O 37 33.81 -31.72 -34.84
C VAL O 37 33.67 -32.80 -35.91
N ARG O 38 32.55 -32.73 -36.64
CA ARG O 38 32.21 -33.66 -37.71
C ARG O 38 32.30 -33.04 -39.10
N GLN O 39 33.38 -33.31 -39.82
CA GLN O 39 33.53 -32.72 -41.14
C GLN O 39 32.93 -33.63 -42.20
N ALA O 40 31.61 -33.61 -42.29
CA ALA O 40 30.92 -34.43 -43.28
C ALA O 40 31.31 -33.88 -44.65
N PRO O 41 31.48 -34.71 -45.70
CA PRO O 41 31.85 -34.24 -47.02
C PRO O 41 30.83 -33.23 -47.51
N GLY O 42 31.32 -32.12 -48.03
CA GLY O 42 30.47 -31.07 -48.58
C GLY O 42 29.87 -30.14 -47.54
N GLN O 43 30.16 -30.38 -46.27
CA GLN O 43 29.61 -29.60 -45.17
C GLN O 43 30.64 -28.73 -44.48
N GLY O 44 30.20 -27.97 -43.48
CA GLY O 44 31.10 -27.16 -42.70
C GLY O 44 31.52 -27.93 -41.45
N LEU O 45 32.06 -27.22 -40.47
CA LEU O 45 32.58 -27.86 -39.28
C LEU O 45 31.51 -28.14 -38.25
N GLU O 46 30.64 -29.10 -38.51
CA GLU O 46 29.55 -29.32 -37.55
C GLU O 46 30.07 -29.61 -36.15
N TRP O 47 29.56 -28.88 -35.16
CA TRP O 47 29.98 -29.10 -33.77
C TRP O 47 29.16 -30.23 -33.19
N MET O 48 29.79 -31.18 -32.52
CA MET O 48 29.03 -32.27 -31.93
C MET O 48 28.83 -32.07 -30.45
N GLY O 49 29.88 -31.57 -29.80
CA GLY O 49 29.83 -31.43 -28.35
C GLY O 49 31.16 -31.07 -27.72
N ARG O 50 31.11 -30.83 -26.40
CA ARG O 50 32.27 -30.45 -25.58
C ARG O 50 32.30 -31.16 -24.24
N ILE O 51 33.50 -31.51 -23.80
CA ILE O 51 33.75 -32.10 -22.49
C ILE O 51 34.66 -31.24 -21.62
N ILE O 52 34.25 -31.10 -20.37
CA ILE O 52 35.00 -30.37 -19.37
C ILE O 52 35.68 -31.42 -18.53
N THR O 53 36.99 -31.32 -18.36
CA THR O 53 37.73 -32.34 -17.67
C THR O 53 37.86 -32.23 -16.15
N ILE O 54 37.55 -31.08 -15.55
CA ILE O 54 37.58 -31.00 -14.09
C ILE O 54 36.25 -31.45 -13.56
N LEU O 55 35.22 -30.84 -14.08
CA LEU O 55 33.91 -31.24 -13.73
C LEU O 55 33.61 -32.14 -14.87
N ASP O 56 33.53 -33.43 -14.64
CA ASP O 56 33.45 -34.31 -15.78
C ASP O 56 32.04 -34.32 -16.31
N VAL O 57 31.80 -33.32 -17.14
CA VAL O 57 30.50 -33.10 -17.71
C VAL O 57 30.67 -32.89 -19.19
N ALA O 58 29.61 -33.07 -19.94
CA ALA O 58 29.70 -32.79 -21.35
C ALA O 58 28.38 -32.29 -21.85
N HIS O 59 28.45 -31.54 -22.92
CA HIS O 59 27.26 -31.00 -23.52
C HIS O 59 27.28 -31.33 -24.99
N TYR O 60 26.10 -31.59 -25.54
CA TYR O 60 26.04 -32.01 -26.93
C TYR O 60 25.06 -31.21 -27.75
N ALA O 61 25.31 -31.15 -29.04
CA ALA O 61 24.38 -30.50 -29.94
C ALA O 61 23.05 -31.27 -29.82
N PRO O 62 21.88 -30.61 -29.72
CA PRO O 62 20.57 -31.21 -29.51
C PRO O 62 20.20 -32.40 -30.38
N HIS O 63 20.57 -32.41 -31.65
CA HIS O 63 20.18 -33.53 -32.48
C HIS O 63 20.96 -34.81 -32.22
N LEU O 64 22.04 -34.71 -31.48
CA LEU O 64 22.82 -35.87 -31.17
C LEU O 64 22.68 -36.25 -29.70
N GLN O 65 21.81 -35.61 -28.93
CA GLN O 65 21.82 -35.93 -27.51
C GLN O 65 21.48 -37.40 -27.20
N GLY O 66 20.67 -38.05 -28.01
CA GLY O 66 20.38 -39.44 -27.74
C GLY O 66 21.35 -40.37 -28.48
N ARG O 67 22.32 -39.79 -29.20
CA ARG O 67 23.27 -40.55 -30.00
C ARG O 67 24.74 -40.43 -29.60
N VAL O 68 25.15 -39.31 -29.03
CA VAL O 68 26.59 -39.14 -28.78
C VAL O 68 26.96 -39.03 -27.32
N THR O 69 28.03 -39.73 -26.97
CA THR O 69 28.64 -39.64 -25.66
C THR O 69 30.09 -39.21 -25.77
N ILE O 70 30.46 -38.19 -25.01
CA ILE O 70 31.86 -37.76 -24.98
C ILE O 70 32.38 -37.99 -23.58
N THR O 71 33.47 -38.73 -23.50
CA THR O 71 34.09 -39.05 -22.23
C THR O 71 35.58 -38.93 -22.31
N ALA O 72 36.26 -39.23 -21.22
CA ALA O 72 37.71 -39.14 -21.21
C ALA O 72 38.33 -40.07 -20.18
N ASP O 73 39.57 -40.47 -20.46
CA ASP O 73 40.35 -41.25 -19.51
C ASP O 73 41.52 -40.41 -19.05
N LYS O 74 41.38 -39.93 -17.83
CA LYS O 74 42.33 -38.99 -17.25
C LYS O 74 43.71 -39.59 -17.05
N SER O 75 43.80 -40.93 -17.01
CA SER O 75 45.08 -41.56 -16.77
C SER O 75 45.89 -41.80 -18.05
N THR O 76 45.23 -41.69 -19.21
CA THR O 76 45.90 -41.96 -20.49
C THR O 76 45.83 -40.75 -21.39
N SER O 77 45.38 -39.63 -20.82
CA SER O 77 45.18 -38.36 -21.50
C SER O 77 44.41 -38.57 -22.78
N THR O 78 43.35 -39.36 -22.72
CA THR O 78 42.63 -39.66 -23.94
C THR O 78 41.17 -39.23 -23.93
N VAL O 79 40.79 -38.58 -25.01
CA VAL O 79 39.43 -38.11 -25.19
C VAL O 79 38.68 -39.12 -26.05
N TYR O 80 37.49 -39.51 -25.63
CA TYR O 80 36.74 -40.49 -26.41
C TYR O 80 35.37 -40.02 -26.86
N LEU O 81 35.02 -40.44 -28.05
CA LEU O 81 33.72 -40.20 -28.63
C LEU O 81 33.02 -41.47 -29.01
N GLU O 82 31.81 -41.66 -28.55
CA GLU O 82 31.08 -42.80 -29.06
C GLU O 82 29.81 -42.31 -29.69
N LEU O 83 29.65 -42.63 -30.95
CA LEU O 83 28.45 -42.22 -31.67
C LEU O 83 27.68 -43.46 -32.06
N ARG O 84 26.41 -43.54 -31.66
CA ARG O 84 25.59 -44.70 -31.93
C ARG O 84 24.52 -44.45 -32.97
N ASN O 85 23.90 -45.55 -33.41
CA ASN O 85 22.86 -45.50 -34.43
C ASN O 85 23.35 -44.81 -35.69
N LEU O 86 24.52 -45.23 -36.17
CA LEU O 86 25.11 -44.62 -37.35
C LEU O 86 24.28 -44.74 -38.58
N ARG O 87 24.33 -43.67 -39.37
CA ARG O 87 23.64 -43.51 -40.64
C ARG O 87 24.66 -43.04 -41.67
N SER O 88 24.35 -43.12 -42.95
CA SER O 88 25.30 -42.64 -43.98
C SER O 88 25.51 -41.14 -43.90
N ASP O 89 24.58 -40.46 -43.24
CA ASP O 89 24.59 -39.02 -43.01
C ASP O 89 25.72 -38.63 -42.09
N ASP O 90 26.27 -39.61 -41.37
CA ASP O 90 27.32 -39.40 -40.41
C ASP O 90 28.67 -39.62 -41.03
N THR O 91 28.73 -39.85 -42.35
CA THR O 91 30.03 -40.03 -42.94
C THR O 91 30.74 -38.73 -42.74
N ALA O 92 31.92 -38.78 -42.15
CA ALA O 92 32.65 -37.56 -41.87
C ALA O 92 34.03 -37.82 -41.42
N VAL O 93 34.83 -36.78 -41.46
CA VAL O 93 36.08 -36.87 -40.79
C VAL O 93 35.87 -36.29 -39.40
N TYR O 94 36.09 -37.09 -38.38
CA TYR O 94 35.84 -36.66 -37.03
C TYR O 94 37.10 -36.26 -36.35
N PHE O 95 37.03 -35.25 -35.52
CA PHE O 95 38.22 -34.87 -34.79
C PHE O 95 38.06 -34.10 -33.54
N CYS O 96 39.10 -34.22 -32.75
CA CYS O 96 39.21 -33.51 -31.50
C CYS O 96 39.84 -32.18 -31.67
N ALA O 97 39.44 -31.31 -30.80
CA ALA O 97 40.06 -30.03 -30.72
C ALA O 97 39.99 -29.52 -29.31
N GLY O 98 40.84 -28.59 -28.94
CA GLY O 98 40.72 -28.06 -27.59
C GLY O 98 41.38 -26.74 -27.31
N VAL O 99 41.23 -26.33 -26.05
CA VAL O 99 41.76 -25.06 -25.55
C VAL O 99 42.48 -25.17 -24.23
N TYR O 100 43.39 -24.23 -23.97
CA TYR O 100 44.06 -24.16 -22.68
C TYR O 100 43.32 -23.28 -21.69
N GLU O 101 43.02 -23.86 -20.54
CA GLU O 101 42.33 -23.23 -19.43
C GLU O 101 43.32 -22.84 -18.35
N GLY O 102 43.48 -21.54 -18.11
CA GLY O 102 44.52 -21.11 -17.20
C GLY O 102 44.35 -21.63 -15.81
N GLU O 103 45.35 -22.37 -15.33
CA GLU O 103 45.37 -22.92 -13.99
C GLU O 103 44.04 -23.55 -13.62
N ALA O 104 43.49 -24.31 -14.56
CA ALA O 104 42.23 -24.97 -14.31
C ALA O 104 42.30 -25.88 -13.09
N ASP O 105 43.45 -26.49 -12.87
CA ASP O 105 43.68 -27.42 -11.77
C ASP O 105 43.39 -26.80 -10.40
N GLU O 106 43.60 -25.49 -10.31
CA GLU O 106 43.47 -24.75 -9.06
C GLU O 106 42.13 -24.06 -8.96
N GLY O 107 41.24 -24.31 -9.92
CA GLY O 107 39.93 -23.70 -9.95
C GLY O 107 39.83 -22.39 -10.75
N GLU O 108 40.80 -22.10 -11.60
CA GLU O 108 40.79 -20.88 -12.40
C GLU O 108 40.27 -21.05 -13.82
N TYR O 109 39.65 -22.18 -14.10
CA TYR O 109 39.12 -22.54 -15.42
C TYR O 109 38.36 -21.39 -16.10
N ASP O 110 38.73 -21.07 -17.38
CA ASP O 110 38.19 -19.98 -18.23
C ASP O 110 36.92 -20.32 -19.01
N ASN O 111 36.76 -21.59 -19.35
CA ASN O 111 35.65 -22.14 -20.14
C ASN O 111 35.57 -21.61 -21.58
N ASN O 112 36.70 -21.61 -22.28
CA ASN O 112 36.78 -21.13 -23.67
C ASN O 112 36.29 -22.11 -24.73
N GLY O 113 35.63 -21.62 -25.78
CA GLY O 113 35.24 -22.45 -26.92
C GLY O 113 36.08 -22.17 -28.18
N PHE O 114 37.11 -21.35 -28.02
CA PHE O 114 37.93 -20.88 -29.13
C PHE O 114 39.06 -21.86 -29.38
N LEU O 115 38.85 -22.79 -30.30
CA LEU O 115 39.72 -23.95 -30.45
C LEU O 115 41.05 -23.70 -31.11
N LYS O 116 42.13 -24.07 -30.43
CA LYS O 116 43.47 -23.82 -30.92
C LYS O 116 44.21 -25.07 -31.31
N HIS O 117 43.92 -26.15 -30.61
CA HIS O 117 44.63 -27.39 -30.81
C HIS O 117 43.73 -28.31 -31.54
N TRP O 118 44.16 -28.79 -32.71
CA TRP O 118 43.30 -29.67 -33.52
C TRP O 118 44.04 -30.93 -33.94
N GLY O 119 43.31 -32.05 -34.01
CA GLY O 119 43.90 -33.30 -34.51
C GLY O 119 43.88 -33.32 -36.04
N GLN O 120 44.45 -34.37 -36.65
CA GLN O 120 44.51 -34.46 -38.11
C GLN O 120 43.24 -34.94 -38.83
N GLY O 121 42.30 -35.50 -38.11
CA GLY O 121 41.06 -36.02 -38.68
C GLY O 121 40.97 -37.54 -38.82
N THR O 122 39.89 -38.14 -38.30
CA THR O 122 39.63 -39.57 -38.37
C THR O 122 38.49 -39.83 -39.33
N LEU O 123 38.72 -40.57 -40.39
CA LEU O 123 37.61 -40.79 -41.30
C LEU O 123 36.75 -41.96 -40.89
N VAL O 124 35.45 -41.69 -40.76
CA VAL O 124 34.49 -42.72 -40.44
C VAL O 124 33.42 -42.73 -41.53
N THR O 125 33.21 -43.91 -42.09
CA THR O 125 32.23 -44.09 -43.16
C THR O 125 31.30 -45.23 -42.82
N VAL O 126 30.33 -45.50 -43.67
CA VAL O 126 29.45 -46.62 -43.40
C VAL O 126 29.42 -47.60 -44.57
N THR O 127 28.93 -48.81 -44.31
CA THR O 127 28.83 -49.83 -45.34
C THR O 127 27.65 -50.80 -45.14
#